data_7ZAI
#
_entry.id   7ZAI
#
_cell.length_a   1.00
_cell.length_b   1.00
_cell.length_c   1.00
_cell.angle_alpha   90.00
_cell.angle_beta   90.00
_cell.angle_gamma   90.00
#
_symmetry.space_group_name_H-M   'P 1'
#
loop_
_entity.id
_entity.type
_entity.pdbx_description
1 polymer '16S rRNA'
2 polymer '30S ribosomal protein S3Ae'
3 polymer '30S ribosomal protein S2'
4 polymer 'Zn-ribbon RNA-binding protein involved in translation'
5 polymer '30S ribosomal protein S4'
6 polymer '30S ribosomal protein S4e'
7 polymer '30S ribosomal protein S5'
8 polymer '30S ribosomal protein S6e'
9 polymer '30S ribosomal protein S7'
10 polymer '30S ribosomal protein S8'
11 polymer '30S ribosomal protein S8e'
12 polymer '30S ribosomal protein S9'
13 polymer '30S ribosomal protein S10'
14 polymer '30S ribosomal protein S11'
15 polymer '30S ribosomal protein S12'
16 polymer '30S ribosomal protein S13'
17 polymer '30S ribosomal protein S14 type Z'
18 polymer '30S ribosomal protein S15'
19 polymer '30S ribosomal protein S17'
20 polymer '30S ribosomal protein S17e'
21 polymer '30S ribosomal protein S19'
22 polymer '30S ribosomal protein S19e'
23 polymer '30S ribosomal protein S24e'
24 polymer '30S ribosomal protein S27e'
25 polymer '30S ribosomal protein S28e'
26 polymer '30S ribosomal protein S27ae'
27 polymer '30S ribosomal protein S3'
28 polymer '50S ribosomal protein L41e'
29 polymer '50S ribosomal protein L7Ae'
30 polymer mRNA
31 polymer tRNA-MET
32 polymer 'Translation initiation factor 1A'
33 non-polymer 'MAGNESIUM ION'
34 non-polymer 'ZINC ION'
35 non-polymer METHIONINE
36 water water
#
loop_
_entity_poly.entity_id
_entity_poly.type
_entity_poly.pdbx_seq_one_letter_code
_entity_poly.pdbx_strand_id
1 'polyribonucleotide'
;AUUC(4AC)GG(OMU)UGAUCCUGCCGGAGGCCACUGCUAUGGGGGUC(4AC)GACUAAGCCA(OMU)GCGAGUCAAGGG
GGCGUCCCUUCUGGGACGCCACCGGCGGACGGCUCAGUAACACGUCGGUAAC(OMC)UACCCUCGGGAGGGGGAUAACCC
CGGGAAACUGGGGCUAAUCCCCCAUAGGCCUGGGGUACUGGAAGGUCCCCAGGCCGAAAGGGAGCCGUAAGGCUCCGCCC
GAGGAUGGGCCGGCGGC(LHH)GAUUAGGUAGUUGGUGGGGUAACGGCCCACCAAGC(4AC)GAAGAUCGGUACGGGC
(4AC)GUGAGAGCGGGAGCC(4AC)GGAGAUGGACACUGAGACACGGGUCCAGGCCCUACGGGGCGCAGCAGGCGCGA
(A2M)ACCUC(4AC)GCAAUGCGGGAAAC(4AC)GCGACGGGGGGACCCCCAGUGCCGUGCCUCUGGCACGGCUUUUCCG
GAGUGUAAAAAGCUCCGGGAAUAAGG(OMG)CUG(OMG)GCAAGGC(4AC)GGUGGCAGCCGCCGCGGUAAUACCGGCGG
CC(4AC)GAGUGGU(OMG)GCCACUAUUAUUGGG(5MC)CUAAAGCGGC(4AC)GUAGCCGGGCCCGUAAGUCCCUGGCG
AAAUCCCACGGCUCAAC(4AC)GUGGGGCUCGCUGGGGAUACUGCGGGCCUUGGGAC(4AC)GGGAGAGGC(4AC)GGGG
GUACCCCCGGGGUAGG(OMG)GUGAAAUCCUAUAAUCCCGGGG(OMG)GACCGCCAGUGG(5MC)GAAGGCGCC(4AC)G
GCUGGAACGGGUC(4AC)GACGGUGAGGGC(4AC)GAAGGCCAGGGGAGCGAAC(4AC)GGAUUAGAUACCCGGGUAGUC
(OMC)(OMU)GGCUGUAAAGGA(OMU)GCGGGCUAGGUGUCGGGCGAGCUUCGAGCUCGCCCGGUGC(4AC)G(OMU)AG
GGAAGC(4AC)GUUAAG(OMC)C(4AC)GC(4AC)GCCUGGGGAGUACGGC(4AC)GCAA(OMG)G(5MC)UGAAACUUA
AAGGAAUUGGCGGGGGAGCACUACAAGG(OMG)GUGGAGCGUGCGGUUUAAUU(OMG)GAU(B8H)CAACGCCGGGAACC
UCAC(4AC)GGGGGCGACGGCAGGAUGAAGGCCAGGCUGAAGGUCUUGCCGGACGCGCCGAGAGGAGGUGCAUGGC
(5MC)GC(4AC)GUCAGCU(OMC)GUA(OMC)(LHH)GUGAGGCGUCCACUUAAGUGUGGUAAC(OMG)AGCGAGACCCG
CGCCCCCAGUUGCCAGUCCCUCCCGCUCGGGAGGGAGGCACUCUGGGGGGACUGCCGGCGAUAAGC(4AC)GGAGGAAGG
GGCGGGCGACGGUAGGUCAG(OMU)AUGCCC(4AC)GAAACCCCCGGGCUACA(5MC)GCGCGCUACAAUGGGCGGGACA
AUGGGUGC(4AC)GACCC(4AC)GAAAGGGGGAGGUAAUCCCCUAAACCCGCCCUCAGUUCGGAUCGCGGGCUGCAACUC
GCCCGCGUGAAGCUGGAAUCCCUAGUACCCGCGCGUCAUCAUCGCGCGGCGAAUACGUCCCUGCUCCUUGCACACAC
(5MC)G(OMC)CCG(OMU)CACUCCACCCGAGCGGGGCCUAGGUGAGGCCCGAUCUCCUUCGGGAGGUCGGGUCGAGCCU
AGGCUCCGUGAGGGGGGAGAAGUCG(UR3)A(6MZ)CAAGGUAGC(4AC)GUAGGGG(MA6)(MA6)CCUACGG(5MC)U
(5MC)GAUCAC(5MC)UCCU
;
2
2 'polypeptide(L)'
;MAAKRRVSAAKDKWKLKQWYVIYAPDFFGGVEVGLTPADDPEKVLNRVVEVTLKDITGDFLKGHVKLYFQVYDVKGQNAY
TKFKGMKLARSYIRSLVRRRTTRIDGIFNITTKDGYKLRVMAMVIAARRIQTSQERAIRKIMQEIIYKKAEELNFKDFVL
EAVNGKIAAEIAKEAKKIYPLKKAEIRKIKVLGEPEVAA
;
A
3 'polypeptide(L)'
;MADEYLVPLDQYLAAGVHIGTQQKTKDMKKFIYRVRQDGLYVLDVRKTDERLKVAGKFLARFDPQSILAVSVRLYGQKPV
KKFGEVTGARAIPGRFLPGTMTNPAVKNFFEPDVIIITDPRADHQAMKEAIEIGIPIVALVDTENLLSYVDLAIPTNNKG
RKALALIYWILAREILYNRGEISSREEFKIPVEEFEMKIVRR
;
B
4 'polypeptide(L)' MAENVELKFEIPVCTSCGREITPREHATHFVCPNCGEAIIWRCETCRLLAKPYKCPKCGWEGP C
5 'polypeptide(L)'
;MGDPKRQRKKYETPPHPWIKERLDRERVLMDKYELKNKKELWKHETQLKNFRRRARRLLAARGKQAEIEREQLLARLKRL
GLLPEDAVLDDVLSLTIEDILERRLQTIVYKKGLARTMRQARQLIVHGHIEVNGQIIRSPSYLVLKEEEDTITYARTSPF
ANPQHPERMMIEKAKQGGEA
;
D
6 'polypeptide(L)'
;MARKGPKRHLKRLAAPTSWYIERKAYKWAVRPRPGPHNMRTSIPLLYIVRDYLGYAKTAREARKILNEGKFLVDGRVRKD
YKFPVGIMDVVSIPETGEHYRVLPNRIGKLILHPISEEEANIKPLRIRNKRMVKGAKIQLNFHDGTNHLIPLSEKDNYFT
SYTVLMKVPEREILEVLPFEKGAYVFVTQGKNVARKGRIVEIKKFPMGWPDVVTIEDEEGELFDTLKEYAFVVGRDKPRI
SLP
;
E
7 'polypeptide(L)'
;MSQEWKEYAKRVLDEWQPKTKLGMLVKEGQITDIHEIFRKGYQIKEPEIIDVLLPEVNARENQEILDIALTVRMTDSGRR
VRFRVLAAVGNRDGYVGLGIGHGREVGIAIRKAINYAKLNIIEIKRGCGSWECRCRRPHSVPFTVEGKEGSVRVKLIPGP
RGLGLVIGDVGKKILRLAGIQDVWSQTLGETRTTVNFAKAVFNALYNTNKVVVTPEMIERYGIVVGRAMPASFTLE
;
F
8 'polypeptide(L)'
;MATFKLVISDPKTGIAKQIEITGPEAEKLIGKRIGDQIPVKELGINLNELFGKEFPEDVKMEIRGGTDKDGFPMRPDIHG
PRRVRILLSKGPGFRPKEKGERRKKTVRGNTISPEIVQVNVKLVY
;
G
9 'polypeptide(L)'
;MAKPLSERFFIPHEIKVMGRWSTEDVEVRDPSLKPYINLEPRLLPHTHGRHAKKHFGKANVHIVERLINKIMRSGGSHYK
VAGHFMRREHRSLNSKKVKAYEVVKEAFKIIEKRTGKNPIQVLVWAIENAAPREDTTSVMFGGIRYHVAVDISPMRRLDV
ALRNIALGASAKCYRTKMSFAEALAEEIILAANKDPKSYAYSKKLEIERIAESSR
;
H
10 'polypeptide(L)'
;MTLLDPLANALSHITNSERVGKREVYIKPASKLIGEVLRVMQKYGYIGEFEFIDDGRAGVYRVQLLGKINKAGAIKPRFP
VKARDYERWEKRFLPAFEFGILIVSTSQGVMSHKEAREKGIGGRLIAYVY
;
I
11 'polypeptide(L)'
;MAIWQGRSLRKPSGGRIVLARKKRKRELGREPSNTRVAEQDKRKIIRTYGGNKKVRLTAAAYANVFDKSGKGRKVRIIRV
IENPANRQFARRNIITKGAIIETEIGKAKVTSRPGQDGVVNAILLEE
;
J
12 'polypeptide(L)'
;MRIIQTTGKRKTAIARAVIREGKGRVRINGKPVELVEPEIARFTILEPLILAGEEIWNSVDIDVKVQGGGFMGQAEAARI
AIARALVEWTGDMNLKEKFIKYDRTMLVGDPRRTEPHKPNRSTKGPRAKRQKSYR
;
K
13 'polypeptide(L)'
;MQKARIKLASTNVRSLEEVANQIKQIAERTGVRMSGPIPLPTKRIRIVTRKSPDGEGSATFDRWELRIHKRLIDIEADER
AMRQIMRIRVPEDVTIEIELIS
;
L
14 'polypeptide(L)'
;MSEEQVNIKKKEKWGIAHIYSSYNNTIIHITDITGAETISRWSGGMVVKADRDEPSPYAAMLAARRAAEEALEKGIVGVH
IRVRAPGGSKSKTPGPGAQAAIRALARAGLKIGRVEDVTPIPHDGTRPKGGRRGRRV
;
M
15 'polypeptide(L)'
;MPGKKAPNGEFAGRKLKLKRKKFRWSDIRYKRRVLRLKEKSDPLEGAPQARGIVLEKIAVEAKQPNSGMRKAVRVQLIKN
GKVVTAFCPGDGAIKFIDEHDEVIIEGIGGPKGGSMGDIPGIRYKVVKVNRVSLKELVKGRKEKPRR
;
N
16 'polypeptide(L)'
;MADFRHIVRVAGVDLDGNKQLRWALTAIKGVGINFATMVCRVAGLDPFMKAGYLTDEQVKKIEEILQDPVAHGIPRWAVN
RPKDYETGRDLHLITAKLDMAIREDIMRLRRIRAYRGIRHELGLPVRGQRTRSNFRRGQTVGVSRKKK
;
O
17 'polypeptide(L)' MAKADYNKRKPRKFGKGARRCIRCGQYGPIIRIHGLMLCRHCFREVAPKLGFRKYE P
18 'polypeptide(L)'
;MARMHARKRGKSGSKRPPRTAPPIWLEYTVEDIENLVVKLRKEGYSTAMIGTILRDQYGIPTVKLFRDPDNPNRKLTITR
ILEKHGLAPEIPEDLMFLIKRAVNLRKHLEQHPKDLHSMRGLQLIESKIRRLVKYYKRKGKLPKDWRYDPEQAKLLVR
;
Q
19 'polypeptide(L)'
;MVRDIGLRIQPPAEKCDDPKCPWHGHLKIHGRVFEGIVVSDKPRKTVTVERQYYHYLKKYERYELRRSRIHAHNPPCINA
KVGDRVLIAETRPLSKTKHFVVVAVLERAEERR
;
R
20 'polypeptide(L)' MGKIRQGFIKRVARELFNKYPNEFTRDFEHNKKKVEELTNVTSKKIRNRIAGYITKLVRMKEEGKIL S
21 'polypeptide(L)'
;MARKEFRYRGYTLEQLMNMSLEELAKLLPARQRRSLKRGLTPEQKKLLRKIRLAKKGKYNKPIRTHCRDMIVLPEMVGLT
IYVHNGKEFVPVEIKPEMIGHYLGEFAPTRKRVQHGAPGIGATRSSMFVAVK
;
T
22 'polypeptide(L)'
;MATVYDVPGDLLVERVAQRLKEIPEIKPPEWAPFVKTGRHKERLPEQEDWWYYRVASILRRVYLDGPVGIERLRTYYGGR
KNRGHAPERFYKAGGSIIRKALQQLEAAGFVEKVPGKGRVITPKGRSFLDKIATELKKELEEIIPELKKY
;
U
23 'polypeptide(L)'
;MEIKITEVKENKLIGRKEIYFEIYHPGEPTPSRKDVKGKLVAMLDLNPETTVIQYIRSYFGSYKSKGYAKYYYDKDRMLY
IEPEYILIRDGIIEKKEGE
;
V
24 'polypeptide(L)' MALPRNVIPMPRSRFLRVKCIDCGNEQIVFSHPATRVRCNVCGATLVEPTGGKGIIRAKILEVLE W
25 'polypeptide(L)' MAEDEGYPAEVIEIIGRTGTTGDVTQVKVRILEGRDKGRVIRRNVRGPVRVGDILILRETEREAREIKSRR X
26 'polypeptide(L)' MGQKWKLYIVKDGKVIRKNKFCPRCGPGVFMADHGDRWACGRCGYTEWKKK Y
27 'polypeptide(L)'
;MAIERYFIREAVKEMLIDEFLEKELRRAGYGGLDIKKTPLGTKVIIFAANPGYVIGRGGRRIRELTRILERQFGLENPQI
DVQEIKNPYLNAKVQAVRIAQALERGIHFRRAAYAAMRAIMSNGARGVEIRISGKLTGERAKSVRFYQGYLAKVGNPAET
LVSKGYAQALLKLGVIGVKVAIMPPDARLPDEIEIIEKPVEEEVSSNEAE
;
Z
28 'polypeptide(L)' MKRRPRKWKKKGRMRWKWIKKRIRRLKRQRKKERGL 0
29 'polypeptide(L)'
;MAKPSYVKFEVPKELAEKALQAVEIARDTGKIRKGTNETTKAVERGQAKLVIIAEDVDPEEIVAHLPPLCEEKEIPYIYV
PSKKELGAAAGIEVAAASVAIIEPGKARDLVEEIAMKVRELMK
;
3
30 'polyribonucleotide' UUUGGAGGUGAUUUAAAUGCCAAAG 5
31 'polyribonucleotide'
;AGCGGGG(4SU)GGAGCAGCCUGG(H2U)AGCUCGUCGGG(OMC)UCAUAACCCGAAGAUCGUCGG(5MU)(PSU)CAAA
UCCGGCCCCCGCUACCA
;
4
32 'polypeptide(L)'
;MGSSSHHHHHHSSGLVPRGSHMPKKERKVEGDEVIRVPLPEGNQLFGVVEQALGAGWMDVRCEDGKIRRCRIPGKLRRRV
WIRVGDLVIVQPWPVQSDKRGDIVYRYTQTQVDWLLRKGKITQEFLTGGSLLVE
;
6
#
# COMPACT_ATOMS: atom_id res chain seq x y z
N ALA B 9 48.38 -73.63 -12.71
CA ALA B 9 47.39 -74.68 -12.54
C ALA B 9 46.13 -74.39 -13.34
N ALA B 10 45.76 -73.11 -13.42
CA ALA B 10 44.58 -72.73 -14.20
C ALA B 10 44.82 -72.96 -15.68
N LYS B 11 45.96 -72.52 -16.20
CA LYS B 11 46.27 -72.74 -17.61
C LYS B 11 46.39 -74.23 -17.92
N ASP B 12 46.70 -75.04 -16.91
CA ASP B 12 46.65 -76.49 -17.09
C ASP B 12 45.24 -76.96 -17.40
N LYS B 13 44.25 -76.37 -16.73
CA LYS B 13 42.86 -76.77 -16.97
C LYS B 13 42.39 -76.33 -18.35
N TRP B 14 42.89 -75.19 -18.83
CA TRP B 14 42.53 -74.73 -20.17
C TRP B 14 43.05 -75.65 -21.26
N LYS B 15 44.20 -76.29 -21.05
CA LYS B 15 44.77 -77.19 -22.05
C LYS B 15 43.97 -78.46 -22.24
N LEU B 16 43.07 -78.79 -21.33
CA LEU B 16 42.27 -80.00 -21.45
C LEU B 16 41.09 -79.85 -22.39
N LYS B 17 40.81 -78.64 -22.87
CA LYS B 17 39.65 -78.39 -23.70
C LYS B 17 39.98 -78.61 -25.17
N GLN B 18 39.04 -79.20 -25.89
CA GLN B 18 39.11 -79.38 -27.33
C GLN B 18 38.03 -78.58 -28.02
N TRP B 19 38.24 -78.31 -29.31
CA TRP B 19 37.34 -77.48 -30.10
C TRP B 19 36.44 -78.35 -30.96
N TYR B 20 35.16 -78.00 -31.01
CA TYR B 20 34.17 -78.71 -31.81
C TYR B 20 33.60 -77.75 -32.85
N VAL B 21 33.32 -78.29 -34.03
CA VAL B 21 32.79 -77.52 -35.14
C VAL B 21 31.27 -77.64 -35.15
N ILE B 22 30.58 -76.52 -35.34
CA ILE B 22 29.12 -76.46 -35.31
C ILE B 22 28.60 -76.32 -36.72
N TYR B 23 27.57 -77.10 -37.05
CA TYR B 23 26.98 -77.10 -38.38
C TYR B 23 25.52 -76.64 -38.32
N ALA B 24 25.10 -75.96 -39.37
CA ALA B 24 23.71 -75.53 -39.49
C ALA B 24 22.81 -76.74 -39.71
N PRO B 25 21.51 -76.61 -39.41
CA PRO B 25 20.60 -77.73 -39.64
C PRO B 25 20.55 -78.14 -41.10
N ASP B 26 19.92 -79.29 -41.35
CA ASP B 26 20.04 -79.94 -42.64
C ASP B 26 19.42 -79.12 -43.77
N PHE B 27 18.23 -78.56 -43.54
CA PHE B 27 17.52 -77.88 -44.62
C PHE B 27 17.98 -76.45 -44.83
N PHE B 28 18.92 -75.96 -44.04
CA PHE B 28 19.56 -74.68 -44.29
C PHE B 28 20.87 -74.80 -45.07
N GLY B 29 21.28 -76.02 -45.40
CA GLY B 29 22.51 -76.27 -46.15
C GLY B 29 23.55 -77.05 -45.36
N GLY B 30 23.46 -77.04 -44.04
CA GLY B 30 24.41 -77.75 -43.21
C GLY B 30 25.83 -77.22 -43.31
N VAL B 31 25.98 -75.90 -43.35
CA VAL B 31 27.31 -75.28 -43.47
C VAL B 31 27.89 -75.02 -42.09
N GLU B 32 29.20 -74.80 -42.04
CA GLU B 32 29.90 -74.53 -40.79
C GLU B 32 29.57 -73.12 -40.31
N VAL B 33 29.36 -72.95 -39.01
CA VAL B 33 28.96 -71.67 -38.44
C VAL B 33 29.86 -71.22 -37.30
N GLY B 34 30.72 -72.09 -36.77
CA GLY B 34 31.63 -71.66 -35.73
C GLY B 34 32.24 -72.84 -35.00
N LEU B 35 33.02 -72.51 -33.97
CA LEU B 35 33.71 -73.49 -33.15
C LEU B 35 33.48 -73.16 -31.69
N THR B 36 33.48 -74.20 -30.85
CA THR B 36 33.28 -74.01 -29.41
C THR B 36 34.18 -74.94 -28.61
N PRO B 37 34.72 -74.48 -27.49
CA PRO B 37 35.58 -75.32 -26.67
C PRO B 37 34.84 -76.03 -25.56
N ALA B 38 35.31 -77.24 -25.26
CA ALA B 38 34.78 -78.04 -24.17
C ALA B 38 35.73 -79.20 -23.90
N ASP B 39 35.76 -79.65 -22.65
CA ASP B 39 36.63 -80.76 -22.28
C ASP B 39 35.93 -82.10 -22.43
N ASP B 40 34.66 -82.16 -22.04
CA ASP B 40 33.87 -83.38 -22.17
C ASP B 40 32.82 -83.20 -23.25
N PRO B 41 32.78 -84.08 -24.26
CA PRO B 41 31.85 -83.86 -25.39
C PRO B 41 30.39 -83.85 -24.98
N GLU B 42 30.03 -84.48 -23.86
CA GLU B 42 28.65 -84.47 -23.41
C GLU B 42 28.19 -83.07 -23.02
N LYS B 43 29.09 -82.21 -22.57
CA LYS B 43 28.73 -80.87 -22.15
C LYS B 43 28.33 -79.97 -23.30
N VAL B 44 28.57 -80.37 -24.55
CA VAL B 44 28.24 -79.51 -25.69
C VAL B 44 26.77 -79.57 -26.04
N LEU B 45 26.03 -80.56 -25.54
CA LEU B 45 24.62 -80.70 -25.88
C LEU B 45 23.82 -79.51 -25.34
N ASN B 46 22.78 -79.14 -26.07
CA ASN B 46 21.81 -78.11 -25.73
C ASN B 46 22.37 -76.69 -25.79
N ARG B 47 23.59 -76.51 -26.26
CA ARG B 47 24.10 -75.16 -26.46
C ARG B 47 23.43 -74.52 -27.67
N VAL B 48 23.30 -73.20 -27.63
CA VAL B 48 22.56 -72.45 -28.63
C VAL B 48 23.48 -71.41 -29.26
N VAL B 49 23.40 -71.28 -30.59
CA VAL B 49 24.19 -70.32 -31.34
C VAL B 49 23.25 -69.51 -32.23
N GLU B 50 23.53 -68.21 -32.33
CA GLU B 50 22.70 -67.28 -33.09
C GLU B 50 23.47 -66.80 -34.32
N VAL B 51 22.85 -66.91 -35.49
CA VAL B 51 23.47 -66.45 -36.73
C VAL B 51 22.45 -65.67 -37.56
N THR B 52 22.95 -64.77 -38.39
CA THR B 52 22.07 -63.98 -39.24
C THR B 52 21.85 -64.69 -40.58
N LEU B 53 20.73 -64.38 -41.21
CA LEU B 53 20.39 -65.01 -42.48
C LEU B 53 21.37 -64.60 -43.58
N LYS B 54 21.98 -63.42 -43.47
CA LYS B 54 22.96 -63.00 -44.46
C LYS B 54 24.19 -63.91 -44.44
N ASP B 55 24.59 -64.38 -43.25
CA ASP B 55 25.74 -65.28 -43.17
C ASP B 55 25.46 -66.61 -43.87
N ILE B 56 24.24 -67.12 -43.75
CA ILE B 56 23.89 -68.37 -44.42
C ILE B 56 23.91 -68.18 -45.93
N THR B 57 23.05 -67.31 -46.43
CA THR B 57 23.03 -66.94 -47.85
C THR B 57 23.40 -65.47 -47.96
N GLY B 58 24.44 -65.18 -48.72
CA GLY B 58 24.94 -63.81 -48.79
C GLY B 58 24.06 -62.85 -49.57
N ASP B 59 23.39 -61.95 -48.86
CA ASP B 59 22.66 -60.85 -49.48
C ASP B 59 22.43 -59.78 -48.43
N PHE B 60 22.90 -58.57 -48.71
CA PHE B 60 22.93 -57.50 -47.72
C PHE B 60 21.55 -56.95 -47.37
N LEU B 61 20.48 -57.53 -47.92
CA LEU B 61 19.14 -57.10 -47.55
C LEU B 61 18.69 -57.73 -46.23
N LYS B 62 18.87 -59.04 -46.09
CA LYS B 62 18.37 -59.76 -44.92
C LYS B 62 19.44 -59.91 -43.85
N GLY B 63 20.03 -58.78 -43.44
CA GLY B 63 20.98 -58.79 -42.36
C GLY B 63 20.38 -58.59 -40.99
N HIS B 64 19.07 -58.39 -40.90
CA HIS B 64 18.38 -58.17 -39.63
C HIS B 64 17.55 -59.35 -39.19
N VAL B 65 17.69 -60.51 -39.84
CA VAL B 65 16.99 -61.72 -39.45
C VAL B 65 17.96 -62.59 -38.68
N LYS B 66 17.55 -63.06 -37.51
CA LYS B 66 18.41 -63.83 -36.62
C LYS B 66 17.78 -65.18 -36.36
N LEU B 67 18.59 -66.24 -36.46
CA LEU B 67 18.16 -67.62 -36.32
C LEU B 67 18.94 -68.27 -35.19
N TYR B 68 18.25 -69.13 -34.43
CA TYR B 68 18.87 -69.80 -33.30
C TYR B 68 18.93 -71.30 -33.57
N PHE B 69 20.12 -71.87 -33.41
CA PHE B 69 20.35 -73.30 -33.64
C PHE B 69 20.83 -73.93 -32.34
N GLN B 70 20.28 -75.09 -32.00
CA GLN B 70 20.58 -75.76 -30.75
C GLN B 70 21.21 -77.12 -31.04
N VAL B 71 22.34 -77.39 -30.38
CA VAL B 71 23.05 -78.65 -30.58
C VAL B 71 22.25 -79.79 -29.98
N TYR B 72 22.10 -80.88 -30.73
CA TYR B 72 21.37 -82.05 -30.26
C TYR B 72 22.16 -83.34 -30.33
N ASP B 73 23.26 -83.39 -31.08
CA ASP B 73 24.02 -84.62 -31.24
C ASP B 73 25.47 -84.30 -31.59
N VAL B 74 26.39 -85.06 -31.02
CA VAL B 74 27.82 -84.85 -31.22
C VAL B 74 28.44 -86.17 -31.68
N LYS B 75 29.21 -86.11 -32.77
CA LYS B 75 29.92 -87.27 -33.28
C LYS B 75 31.32 -86.84 -33.68
N GLY B 76 32.33 -87.43 -33.04
CA GLY B 76 33.70 -87.01 -33.28
C GLY B 76 33.96 -85.61 -32.82
N GLN B 77 34.42 -84.74 -33.71
CA GLN B 77 34.64 -83.33 -33.41
C GLN B 77 33.58 -82.44 -34.04
N ASN B 78 32.45 -83.00 -34.43
CA ASN B 78 31.39 -82.27 -35.11
C ASN B 78 30.15 -82.22 -34.24
N ALA B 79 29.44 -81.09 -34.29
CA ALA B 79 28.20 -80.90 -33.56
C ALA B 79 27.11 -80.51 -34.55
N TYR B 80 25.95 -81.15 -34.44
CA TYR B 80 24.83 -80.91 -35.34
C TYR B 80 23.67 -80.29 -34.58
N THR B 81 22.93 -79.44 -35.27
CA THR B 81 21.97 -78.54 -34.63
C THR B 81 20.57 -78.74 -35.18
N LYS B 82 19.60 -78.17 -34.48
CA LYS B 82 18.20 -78.13 -34.88
C LYS B 82 17.71 -76.69 -34.85
N PHE B 83 16.64 -76.43 -35.58
CA PHE B 83 16.04 -75.11 -35.57
C PHE B 83 15.22 -74.91 -34.30
N LYS B 84 15.35 -73.75 -33.68
CA LYS B 84 14.67 -73.44 -32.43
C LYS B 84 13.77 -72.21 -32.52
N GLY B 85 14.24 -71.15 -33.15
CA GLY B 85 13.46 -69.93 -33.22
C GLY B 85 14.13 -68.91 -34.13
N MET B 86 13.34 -67.90 -34.48
CA MET B 86 13.79 -66.81 -35.33
C MET B 86 13.27 -65.50 -34.76
N LYS B 87 14.01 -64.43 -34.96
CA LYS B 87 13.61 -63.11 -34.47
C LYS B 87 14.21 -62.03 -35.36
N LEU B 88 13.53 -60.89 -35.41
CA LEU B 88 14.04 -59.72 -36.10
C LEU B 88 14.81 -58.84 -35.13
N ALA B 89 15.80 -58.12 -35.66
CA ALA B 89 16.63 -57.27 -34.83
C ALA B 89 15.80 -56.16 -34.18
N ARG B 90 16.11 -55.86 -32.92
CA ARG B 90 15.32 -54.90 -32.17
C ARG B 90 15.40 -53.51 -32.79
N SER B 91 16.59 -53.10 -33.20
CA SER B 91 16.75 -51.77 -33.78
C SER B 91 15.98 -51.63 -35.09
N TYR B 92 15.75 -52.75 -35.78
CA TYR B 92 14.99 -52.70 -37.03
C TYR B 92 13.53 -52.39 -36.78
N ILE B 93 12.86 -53.25 -35.99
CA ILE B 93 11.44 -53.03 -35.71
C ILE B 93 11.21 -51.77 -34.90
N ARG B 94 12.23 -51.27 -34.19
CA ARG B 94 12.05 -50.03 -33.46
C ARG B 94 11.99 -48.84 -34.39
N SER B 95 12.53 -48.96 -35.60
CA SER B 95 12.50 -47.86 -36.56
C SER B 95 11.24 -47.87 -37.42
N LEU B 96 10.42 -48.92 -37.33
CA LEU B 96 9.18 -48.97 -38.10
C LEU B 96 8.02 -48.28 -37.38
N VAL B 97 8.05 -48.27 -36.06
CA VAL B 97 6.95 -47.71 -35.28
C VAL B 97 7.15 -46.20 -35.15
N ARG B 98 6.23 -45.43 -35.71
CA ARG B 98 6.28 -43.98 -35.71
C ARG B 98 4.92 -43.44 -35.30
N ARG B 99 4.89 -42.17 -34.91
CA ARG B 99 3.62 -41.52 -34.63
C ARG B 99 2.86 -41.31 -35.93
N ARG B 100 1.53 -41.19 -35.80
CA ARG B 100 0.61 -41.05 -36.91
C ARG B 100 0.60 -42.26 -37.83
N THR B 101 0.95 -43.42 -37.30
CA THR B 101 0.76 -44.70 -37.97
C THR B 101 0.11 -45.66 -36.98
N THR B 102 -0.23 -46.85 -37.46
CA THR B 102 -0.89 -47.85 -36.63
C THR B 102 -0.12 -49.15 -36.71
N ARG B 103 0.17 -49.74 -35.55
CA ARG B 103 0.86 -51.02 -35.45
C ARG B 103 -0.15 -52.09 -35.06
N ILE B 104 -0.18 -53.18 -35.81
CA ILE B 104 -1.12 -54.27 -35.59
C ILE B 104 -0.33 -55.54 -35.37
N ASP B 105 -0.60 -56.22 -34.26
CA ASP B 105 0.11 -57.43 -33.87
C ASP B 105 -0.86 -58.59 -33.75
N GLY B 106 -0.36 -59.79 -34.05
CA GLY B 106 -1.13 -61.00 -33.88
C GLY B 106 -0.25 -62.16 -33.49
N ILE B 107 -0.62 -62.89 -32.45
CA ILE B 107 0.15 -64.01 -31.93
C ILE B 107 -0.71 -65.26 -32.02
N PHE B 108 -0.19 -66.30 -32.66
CA PHE B 108 -0.98 -67.48 -32.96
C PHE B 108 -0.22 -68.76 -32.60
N ASN B 109 -0.96 -69.73 -32.07
CA ASN B 109 -0.44 -71.07 -31.81
C ASN B 109 -0.92 -71.99 -32.92
N ILE B 110 0.02 -72.66 -33.59
CA ILE B 110 -0.33 -73.50 -34.74
C ILE B 110 0.33 -74.86 -34.61
N THR B 111 -0.22 -75.82 -35.35
CA THR B 111 0.35 -77.14 -35.50
C THR B 111 0.52 -77.42 -36.99
N THR B 112 1.73 -77.75 -37.41
CA THR B 112 2.00 -77.99 -38.81
C THR B 112 1.43 -79.34 -39.23
N LYS B 113 1.62 -79.68 -40.50
CA LYS B 113 1.07 -80.94 -41.02
C LYS B 113 1.68 -82.14 -40.31
N ASP B 114 2.99 -82.13 -40.12
CA ASP B 114 3.67 -83.22 -39.42
C ASP B 114 3.87 -82.92 -37.94
N GLY B 115 2.79 -82.52 -37.26
CA GLY B 115 2.75 -82.52 -35.81
C GLY B 115 3.80 -81.72 -35.07
N TYR B 116 4.07 -80.49 -35.52
CA TYR B 116 4.97 -79.58 -34.82
C TYR B 116 4.17 -78.46 -34.20
N LYS B 117 4.50 -78.10 -32.96
CA LYS B 117 3.83 -77.01 -32.25
C LYS B 117 4.67 -75.74 -32.38
N LEU B 118 4.07 -74.68 -32.92
CA LEU B 118 4.77 -73.44 -33.15
C LEU B 118 3.97 -72.27 -32.59
N ARG B 119 4.67 -71.23 -32.17
CA ARG B 119 4.05 -69.95 -31.85
C ARG B 119 4.64 -68.88 -32.76
N VAL B 120 3.77 -68.13 -33.42
CA VAL B 120 4.15 -67.21 -34.49
C VAL B 120 3.62 -65.82 -34.16
N MET B 121 4.47 -64.81 -34.29
CA MET B 121 4.10 -63.41 -34.09
C MET B 121 4.33 -62.65 -35.39
N ALA B 122 3.27 -62.05 -35.90
CA ALA B 122 3.30 -61.24 -37.12
C ALA B 122 2.98 -59.79 -36.79
N MET B 123 3.41 -58.89 -37.68
CA MET B 123 3.21 -57.47 -37.45
C MET B 123 2.91 -56.77 -38.76
N VAL B 124 2.03 -55.76 -38.70
CA VAL B 124 1.65 -54.96 -39.84
C VAL B 124 1.66 -53.49 -39.45
N ILE B 125 2.17 -52.64 -40.33
CA ILE B 125 2.22 -51.20 -40.11
C ILE B 125 1.33 -50.54 -41.15
N ALA B 126 0.38 -49.74 -40.70
CA ALA B 126 -0.54 -49.03 -41.58
C ALA B 126 0.00 -47.64 -41.89
N ALA B 127 -0.49 -47.06 -43.00
CA ALA B 127 0.03 -45.78 -43.45
C ALA B 127 -0.37 -44.64 -42.51
N ARG B 128 -1.56 -44.72 -41.92
CA ARG B 128 -2.07 -43.66 -41.06
C ARG B 128 -2.76 -44.28 -39.86
N ARG B 129 -3.34 -43.43 -39.02
CA ARG B 129 -4.21 -43.89 -37.96
C ARG B 129 -5.49 -44.45 -38.55
N ILE B 130 -5.94 -45.59 -38.04
CA ILE B 130 -7.15 -46.25 -38.53
C ILE B 130 -8.02 -46.62 -37.35
N GLN B 131 -9.28 -46.92 -37.65
CA GLN B 131 -10.23 -47.29 -36.62
C GLN B 131 -9.99 -48.71 -36.13
N THR B 132 -10.48 -49.01 -34.92
CA THR B 132 -10.18 -50.28 -34.28
C THR B 132 -10.82 -51.45 -35.01
N SER B 133 -12.00 -51.24 -35.60
CA SER B 133 -12.65 -52.30 -36.36
C SER B 133 -11.80 -52.74 -37.56
N GLN B 134 -11.14 -51.78 -38.22
CA GLN B 134 -10.24 -52.13 -39.31
C GLN B 134 -9.05 -52.94 -38.79
N GLU B 135 -8.56 -52.62 -37.60
CA GLU B 135 -7.50 -53.42 -37.00
C GLU B 135 -7.96 -54.85 -36.77
N ARG B 136 -9.19 -55.01 -36.26
CA ARG B 136 -9.71 -56.36 -36.04
C ARG B 136 -9.82 -57.13 -37.35
N ALA B 137 -10.30 -56.46 -38.41
CA ALA B 137 -10.42 -57.14 -39.70
C ALA B 137 -9.06 -57.58 -40.22
N ILE B 138 -8.05 -56.71 -40.12
CA ILE B 138 -6.72 -57.07 -40.58
C ILE B 138 -6.16 -58.24 -39.77
N ARG B 139 -6.35 -58.22 -38.46
CA ARG B 139 -5.87 -59.31 -37.61
C ARG B 139 -6.54 -60.63 -37.99
N LYS B 140 -7.84 -60.58 -38.28
CA LYS B 140 -8.55 -61.78 -38.71
C LYS B 140 -8.00 -62.32 -40.02
N ILE B 141 -7.69 -61.43 -40.97
CA ILE B 141 -7.09 -61.86 -42.23
C ILE B 141 -5.77 -62.56 -41.98
N MET B 142 -4.92 -61.97 -41.12
CA MET B 142 -3.64 -62.58 -40.79
C MET B 142 -3.84 -63.98 -40.21
N GLN B 143 -4.79 -64.12 -39.29
CA GLN B 143 -5.04 -65.42 -38.67
C GLN B 143 -5.46 -66.46 -39.71
N GLU B 144 -6.36 -66.09 -40.61
CA GLU B 144 -6.83 -67.04 -41.60
C GLU B 144 -5.68 -67.50 -42.50
N ILE B 145 -4.87 -66.56 -42.97
CA ILE B 145 -3.78 -66.93 -43.87
C ILE B 145 -2.79 -67.84 -43.15
N ILE B 146 -2.43 -67.52 -41.91
CA ILE B 146 -1.45 -68.32 -41.20
C ILE B 146 -1.98 -69.71 -40.92
N TYR B 147 -3.25 -69.83 -40.52
CA TYR B 147 -3.83 -71.15 -40.28
C TYR B 147 -3.82 -71.99 -41.55
N LYS B 148 -4.19 -71.39 -42.68
CA LYS B 148 -4.21 -72.15 -43.93
C LYS B 148 -2.80 -72.62 -44.29
N LYS B 149 -1.81 -71.74 -44.17
CA LYS B 149 -0.44 -72.13 -44.47
C LYS B 149 0.04 -73.25 -43.57
N ALA B 150 -0.26 -73.16 -42.27
CA ALA B 150 0.16 -74.20 -41.34
C ALA B 150 -0.49 -75.53 -41.68
N GLU B 151 -1.78 -75.52 -42.03
CA GLU B 151 -2.45 -76.76 -42.38
C GLU B 151 -1.88 -77.37 -43.64
N GLU B 152 -1.44 -76.52 -44.58
CA GLU B 152 -1.02 -77.03 -45.89
C GLU B 152 0.40 -77.59 -45.87
N LEU B 153 1.34 -76.90 -45.24
CA LEU B 153 2.76 -77.16 -45.43
C LEU B 153 3.34 -78.01 -44.29
N ASN B 154 4.54 -78.54 -44.54
CA ASN B 154 5.32 -79.23 -43.53
C ASN B 154 6.16 -78.24 -42.73
N PHE B 155 6.90 -78.76 -41.77
CA PHE B 155 7.66 -77.91 -40.85
C PHE B 155 8.74 -77.13 -41.59
N LYS B 156 9.58 -77.82 -42.36
CA LYS B 156 10.71 -77.16 -43.02
C LYS B 156 10.23 -76.16 -44.06
N ASP B 157 9.23 -76.53 -44.85
CA ASP B 157 8.69 -75.61 -45.85
C ASP B 157 8.07 -74.39 -45.19
N PHE B 158 7.35 -74.59 -44.08
CA PHE B 158 6.77 -73.46 -43.37
C PHE B 158 7.85 -72.51 -42.87
N VAL B 159 8.92 -73.05 -42.28
CA VAL B 159 9.98 -72.20 -41.76
C VAL B 159 10.66 -71.44 -42.89
N LEU B 160 10.94 -72.11 -44.00
CA LEU B 160 11.58 -71.45 -45.12
C LEU B 160 10.72 -70.33 -45.68
N GLU B 161 9.42 -70.59 -45.84
CA GLU B 161 8.54 -69.54 -46.34
C GLU B 161 8.42 -68.39 -45.37
N ALA B 162 8.40 -68.67 -44.07
CA ALA B 162 8.29 -67.59 -43.09
C ALA B 162 9.54 -66.71 -43.09
N VAL B 163 10.72 -67.32 -43.21
CA VAL B 163 11.94 -66.50 -43.17
C VAL B 163 12.23 -65.83 -44.51
N ASN B 164 11.75 -66.39 -45.62
CA ASN B 164 12.02 -65.77 -46.92
C ASN B 164 11.17 -64.55 -47.16
N GLY B 165 9.93 -64.53 -46.64
CA GLY B 165 9.05 -63.41 -46.82
C GLY B 165 7.83 -63.66 -47.68
N LYS B 166 7.57 -64.90 -48.08
CA LYS B 166 6.42 -65.20 -48.92
C LYS B 166 5.11 -64.97 -48.16
N ILE B 167 5.06 -65.44 -46.92
CA ILE B 167 3.83 -65.32 -46.12
C ILE B 167 3.49 -63.84 -45.91
N ALA B 168 4.49 -63.02 -45.61
CA ALA B 168 4.25 -61.60 -45.40
C ALA B 168 3.73 -60.94 -46.68
N ALA B 169 4.29 -61.32 -47.84
CA ALA B 169 3.82 -60.75 -49.10
C ALA B 169 2.37 -61.12 -49.35
N GLU B 170 2.00 -62.37 -49.11
CA GLU B 170 0.61 -62.78 -49.28
C GLU B 170 -0.31 -62.03 -48.33
N ILE B 171 0.13 -61.86 -47.08
CA ILE B 171 -0.68 -61.13 -46.10
C ILE B 171 -0.90 -59.69 -46.56
N ALA B 172 0.16 -59.04 -47.03
CA ALA B 172 0.02 -57.66 -47.48
C ALA B 172 -0.92 -57.55 -48.68
N LYS B 173 -0.77 -58.46 -49.64
CA LYS B 173 -1.65 -58.41 -50.81
C LYS B 173 -3.11 -58.60 -50.40
N GLU B 174 -3.37 -59.50 -49.45
CA GLU B 174 -4.75 -59.72 -49.03
C GLU B 174 -5.28 -58.57 -48.20
N ALA B 175 -4.42 -57.93 -47.41
CA ALA B 175 -4.88 -56.90 -46.48
C ALA B 175 -4.94 -55.51 -47.10
N LYS B 176 -4.43 -55.33 -48.32
CA LYS B 176 -4.58 -54.03 -48.98
C LYS B 176 -6.04 -53.63 -49.14
N LYS B 177 -6.95 -54.61 -49.14
CA LYS B 177 -8.36 -54.31 -49.37
C LYS B 177 -9.01 -53.61 -48.19
N ILE B 178 -8.40 -53.65 -47.01
CA ILE B 178 -8.94 -52.95 -45.84
C ILE B 178 -8.32 -51.57 -45.72
N TYR B 179 -7.00 -51.46 -45.89
CA TYR B 179 -6.31 -50.18 -45.81
C TYR B 179 -4.94 -50.34 -46.44
N PRO B 180 -4.43 -49.31 -47.12
CA PRO B 180 -3.06 -49.39 -47.64
C PRO B 180 -2.05 -49.58 -46.52
N LEU B 181 -1.02 -50.37 -46.81
CA LEU B 181 -0.02 -50.74 -45.83
C LEU B 181 1.33 -50.12 -46.17
N LYS B 182 2.23 -50.15 -45.19
CA LYS B 182 3.61 -49.73 -45.39
C LYS B 182 4.58 -50.89 -45.25
N LYS B 183 4.36 -51.79 -44.29
CA LYS B 183 5.21 -52.96 -44.11
C LYS B 183 4.37 -54.10 -43.56
N ALA B 184 4.86 -55.31 -43.77
CA ALA B 184 4.22 -56.52 -43.22
C ALA B 184 5.30 -57.55 -42.99
N GLU B 185 5.41 -58.07 -41.76
CA GLU B 185 6.51 -58.95 -41.42
C GLU B 185 6.01 -60.08 -40.53
N ILE B 186 6.75 -61.19 -40.57
CA ILE B 186 6.65 -62.23 -39.55
C ILE B 186 7.69 -61.89 -38.49
N ARG B 187 7.23 -61.38 -37.35
CA ARG B 187 8.15 -60.78 -36.38
C ARG B 187 8.93 -61.83 -35.62
N LYS B 188 8.33 -62.95 -35.27
CA LYS B 188 9.01 -63.89 -34.39
C LYS B 188 8.42 -65.28 -34.55
N ILE B 189 9.27 -66.29 -34.40
CA ILE B 189 8.83 -67.69 -34.40
C ILE B 189 9.56 -68.42 -33.27
N LYS B 190 8.82 -69.21 -32.50
CA LYS B 190 9.43 -70.09 -31.52
C LYS B 190 8.80 -71.47 -31.58
N VAL B 191 9.63 -72.51 -31.56
CA VAL B 191 9.12 -73.87 -31.56
C VAL B 191 8.83 -74.26 -30.11
N LEU B 192 7.73 -75.01 -29.91
CA LEU B 192 7.28 -75.39 -28.58
C LEU B 192 7.42 -76.88 -28.33
N GLY B 193 7.07 -77.72 -29.31
CA GLY B 193 7.20 -79.15 -29.19
C GLY B 193 7.46 -79.77 -30.54
N GLU B 194 7.79 -81.04 -30.52
CA GLU B 194 8.10 -81.80 -31.72
C GLU B 194 7.37 -83.13 -31.68
N PRO B 195 7.16 -83.77 -32.83
CA PRO B 195 6.37 -85.00 -32.86
C PRO B 195 7.03 -86.10 -32.04
N GLU B 196 6.18 -86.96 -31.47
CA GLU B 196 6.65 -88.09 -30.68
C GLU B 196 6.98 -89.27 -31.58
N GLU C 4 -17.26 -0.74 -72.02
CA GLU C 4 -17.63 -1.93 -71.26
C GLU C 4 -16.72 -2.09 -70.04
N TYR C 5 -15.50 -2.55 -70.27
CA TYR C 5 -14.52 -2.78 -69.22
C TYR C 5 -13.36 -1.81 -69.39
N LEU C 6 -12.75 -1.44 -68.26
CA LEU C 6 -11.60 -0.55 -68.32
C LEU C 6 -10.44 -1.19 -69.07
N VAL C 7 -10.21 -2.48 -68.83
CA VAL C 7 -9.23 -3.27 -69.59
C VAL C 7 -9.84 -4.62 -69.92
N PRO C 8 -9.35 -5.28 -70.96
CA PRO C 8 -9.85 -6.62 -71.28
C PRO C 8 -9.63 -7.59 -70.13
N LEU C 9 -10.59 -8.51 -69.95
CA LEU C 9 -10.52 -9.47 -68.86
C LEU C 9 -9.29 -10.35 -68.94
N ASP C 10 -8.72 -10.53 -70.13
CA ASP C 10 -7.49 -11.30 -70.26
C ASP C 10 -6.36 -10.63 -69.49
N GLN C 11 -6.28 -9.30 -69.54
CA GLN C 11 -5.26 -8.59 -68.78
C GLN C 11 -5.47 -8.77 -67.28
N TYR C 12 -6.72 -8.67 -66.82
CA TYR C 12 -7.03 -8.92 -65.42
C TYR C 12 -6.53 -10.30 -65.00
N LEU C 13 -6.87 -11.33 -65.77
CA LEU C 13 -6.51 -12.69 -65.39
C LEU C 13 -5.01 -12.91 -65.47
N ALA C 14 -4.35 -12.30 -66.45
CA ALA C 14 -2.90 -12.42 -66.55
C ALA C 14 -2.20 -11.78 -65.36
N ALA C 15 -2.69 -10.63 -64.90
CA ALA C 15 -2.08 -9.98 -63.74
C ALA C 15 -2.33 -10.74 -62.43
N GLY C 16 -3.25 -11.69 -62.42
CA GLY C 16 -3.54 -12.43 -61.21
C GLY C 16 -4.44 -11.72 -60.23
N VAL C 17 -5.30 -10.82 -60.71
CA VAL C 17 -6.18 -10.06 -59.83
C VAL C 17 -7.19 -10.97 -59.16
N HIS C 18 -7.65 -12.02 -59.86
CA HIS C 18 -8.74 -12.86 -59.38
C HIS C 18 -8.30 -13.90 -58.37
N ILE C 19 -7.00 -14.03 -58.08
CA ILE C 19 -6.50 -15.10 -57.22
C ILE C 19 -6.65 -14.68 -55.76
N GLY C 20 -7.34 -15.50 -54.99
CA GLY C 20 -7.53 -15.26 -53.57
C GLY C 20 -6.54 -16.04 -52.72
N THR C 21 -6.98 -16.38 -51.51
CA THR C 21 -6.16 -17.15 -50.58
C THR C 21 -6.93 -18.37 -50.11
N GLN C 22 -6.37 -19.05 -49.11
CA GLN C 22 -6.90 -20.32 -48.63
C GLN C 22 -8.04 -20.10 -47.64
N GLN C 23 -8.22 -18.86 -47.18
CA GLN C 23 -9.21 -18.55 -46.16
C GLN C 23 -10.27 -17.62 -46.72
N LYS C 24 -11.39 -17.55 -46.00
CA LYS C 24 -12.53 -16.74 -46.42
C LYS C 24 -13.13 -16.04 -45.22
N THR C 25 -14.00 -15.08 -45.48
CA THR C 25 -14.73 -14.37 -44.45
C THR C 25 -16.19 -14.26 -44.87
N LYS C 26 -17.08 -14.20 -43.88
CA LYS C 26 -18.51 -14.20 -44.18
C LYS C 26 -18.93 -12.97 -44.97
N ASP C 27 -18.41 -11.80 -44.60
CA ASP C 27 -18.84 -10.57 -45.24
C ASP C 27 -18.16 -10.32 -46.59
N MET C 28 -17.19 -11.14 -46.95
CA MET C 28 -16.55 -11.04 -48.26
C MET C 28 -17.22 -11.93 -49.31
N LYS C 29 -18.22 -12.72 -48.93
CA LYS C 29 -18.78 -13.68 -49.87
C LYS C 29 -19.62 -13.02 -50.95
N LYS C 30 -19.98 -11.74 -50.79
CA LYS C 30 -20.67 -11.04 -51.85
C LYS C 30 -19.79 -10.85 -53.09
N PHE C 31 -18.47 -10.96 -52.94
CA PHE C 31 -17.55 -10.80 -54.05
C PHE C 31 -16.97 -12.11 -54.56
N ILE C 32 -17.07 -13.18 -53.78
CA ILE C 32 -16.44 -14.45 -54.14
C ILE C 32 -17.22 -15.09 -55.27
N TYR C 33 -16.50 -15.56 -56.29
CA TYR C 33 -17.08 -16.18 -57.48
C TYR C 33 -17.28 -17.68 -57.30
N ARG C 34 -16.24 -18.40 -56.88
CA ARG C 34 -16.33 -19.84 -56.66
C ARG C 34 -15.10 -20.27 -55.87
N VAL C 35 -15.07 -21.56 -55.52
CA VAL C 35 -13.95 -22.17 -54.83
C VAL C 35 -13.45 -23.34 -55.66
N ARG C 36 -12.14 -23.41 -55.85
CA ARG C 36 -11.56 -24.47 -56.67
C ARG C 36 -11.35 -25.74 -55.83
N GLN C 37 -10.99 -26.82 -56.50
CA GLN C 37 -10.86 -28.13 -55.87
C GLN C 37 -9.72 -28.20 -54.86
N ASP C 38 -8.79 -27.26 -54.88
CA ASP C 38 -7.68 -27.26 -53.94
C ASP C 38 -7.95 -26.41 -52.71
N GLY C 39 -9.18 -25.93 -52.53
CA GLY C 39 -9.52 -25.12 -51.38
C GLY C 39 -9.14 -23.66 -51.47
N LEU C 40 -8.91 -23.14 -52.68
CA LEU C 40 -8.53 -21.76 -52.87
C LEU C 40 -9.70 -20.99 -53.48
N TYR C 41 -9.95 -19.78 -52.97
CA TYR C 41 -11.10 -18.99 -53.38
C TYR C 41 -10.74 -18.05 -54.51
N VAL C 42 -11.73 -17.73 -55.34
CA VAL C 42 -11.54 -16.91 -56.53
C VAL C 42 -12.49 -15.72 -56.44
N LEU C 43 -11.98 -14.55 -56.83
CA LEU C 43 -12.76 -13.32 -56.81
C LEU C 43 -13.42 -13.07 -58.16
N ASP C 44 -14.55 -12.39 -58.12
CA ASP C 44 -15.26 -11.99 -59.33
C ASP C 44 -14.64 -10.71 -59.87
N VAL C 45 -14.34 -10.70 -61.18
CA VAL C 45 -13.63 -9.58 -61.77
C VAL C 45 -14.56 -8.45 -62.22
N ARG C 46 -15.80 -8.75 -62.58
CA ARG C 46 -16.73 -7.70 -62.97
C ARG C 46 -17.02 -6.76 -61.80
N LYS C 47 -17.17 -7.32 -60.60
CA LYS C 47 -17.34 -6.49 -59.41
C LYS C 47 -16.14 -5.56 -59.23
N THR C 48 -14.93 -6.08 -59.48
CA THR C 48 -13.74 -5.25 -59.35
C THR C 48 -13.78 -4.09 -60.33
N ASP C 49 -14.17 -4.34 -61.58
CA ASP C 49 -14.23 -3.27 -62.56
C ASP C 49 -15.25 -2.20 -62.17
N GLU C 50 -16.44 -2.64 -61.73
CA GLU C 50 -17.47 -1.68 -61.34
C GLU C 50 -17.01 -0.83 -60.16
N ARG C 51 -16.42 -1.49 -59.15
CA ARG C 51 -15.94 -0.75 -57.99
C ARG C 51 -14.80 0.19 -58.34
N LEU C 52 -13.94 -0.19 -59.29
CA LEU C 52 -12.89 0.70 -59.73
C LEU C 52 -13.46 1.94 -60.40
N LYS C 53 -14.48 1.77 -61.24
CA LYS C 53 -15.10 2.94 -61.86
C LYS C 53 -15.71 3.86 -60.80
N VAL C 54 -16.42 3.28 -59.83
CA VAL C 54 -17.04 4.10 -58.79
C VAL C 54 -15.99 4.81 -57.97
N ALA C 55 -14.90 4.12 -57.61
CA ALA C 55 -13.84 4.73 -56.82
C ALA C 55 -13.15 5.84 -57.60
N GLY C 56 -12.96 5.66 -58.90
CA GLY C 56 -12.40 6.72 -59.71
C GLY C 56 -13.28 7.95 -59.72
N LYS C 57 -14.59 7.76 -59.83
CA LYS C 57 -15.50 8.90 -59.76
C LYS C 57 -15.42 9.57 -58.38
N PHE C 58 -15.34 8.78 -57.32
CA PHE C 58 -15.41 9.32 -55.96
C PHE C 58 -14.19 10.15 -55.63
N LEU C 59 -12.99 9.65 -55.94
CA LEU C 59 -11.76 10.29 -55.51
C LEU C 59 -11.44 11.56 -56.28
N ALA C 60 -12.11 11.81 -57.41
CA ALA C 60 -11.80 12.97 -58.22
C ALA C 60 -12.36 14.27 -57.66
N ARG C 61 -13.28 14.20 -56.70
CA ARG C 61 -13.91 15.40 -56.17
C ARG C 61 -13.12 16.04 -55.03
N PHE C 62 -12.10 15.38 -54.52
CA PHE C 62 -11.32 15.93 -53.42
C PHE C 62 -10.20 16.82 -53.94
N ASP C 63 -9.67 17.65 -53.06
CA ASP C 63 -8.50 18.44 -53.40
C ASP C 63 -7.31 17.51 -53.61
N PRO C 64 -6.52 17.70 -54.67
CA PRO C 64 -5.51 16.70 -55.02
C PRO C 64 -4.49 16.43 -53.92
N GLN C 65 -4.11 17.45 -53.15
CA GLN C 65 -3.05 17.27 -52.17
C GLN C 65 -3.58 16.81 -50.81
N SER C 66 -4.88 16.57 -50.68
CA SER C 66 -5.46 16.09 -49.44
C SER C 66 -5.75 14.60 -49.45
N ILE C 67 -5.11 13.85 -50.33
CA ILE C 67 -5.30 12.40 -50.44
C ILE C 67 -4.05 11.71 -49.94
N LEU C 68 -4.23 10.65 -49.15
CA LEU C 68 -3.12 9.90 -48.58
C LEU C 68 -3.24 8.44 -48.98
N ALA C 69 -2.13 7.86 -49.44
CA ALA C 69 -2.05 6.45 -49.79
C ALA C 69 -0.87 5.81 -49.08
N VAL C 70 -1.09 4.66 -48.46
CA VAL C 70 -0.09 3.99 -47.63
C VAL C 70 0.04 2.54 -48.05
N SER C 71 1.24 1.98 -47.84
CA SER C 71 1.49 0.57 -48.13
C SER C 71 2.72 0.12 -47.34
N VAL C 72 2.50 -0.74 -46.35
CA VAL C 72 3.61 -1.32 -45.61
C VAL C 72 4.29 -2.40 -46.43
N ARG C 73 3.51 -3.21 -47.14
CA ARG C 73 4.07 -4.33 -47.90
C ARG C 73 5.08 -3.86 -48.92
N LEU C 74 6.15 -4.65 -49.08
CA LEU C 74 7.22 -4.29 -49.99
C LEU C 74 6.75 -4.19 -51.44
N TYR C 75 5.93 -5.13 -51.87
CA TYR C 75 5.48 -5.14 -53.26
C TYR C 75 4.58 -3.97 -53.62
N GLY C 76 4.01 -3.29 -52.62
CA GLY C 76 3.14 -2.16 -52.88
C GLY C 76 3.77 -0.80 -52.72
N GLN C 77 5.05 -0.72 -52.37
CA GLN C 77 5.67 0.58 -52.11
C GLN C 77 5.89 1.37 -53.38
N LYS C 78 6.40 0.72 -54.43
CA LYS C 78 6.56 1.41 -55.71
C LYS C 78 5.24 1.87 -56.31
N PRO C 79 4.19 1.04 -56.38
CA PRO C 79 2.93 1.54 -56.96
C PRO C 79 2.36 2.76 -56.28
N VAL C 80 2.37 2.83 -54.94
CA VAL C 80 1.80 3.99 -54.28
C VAL C 80 2.67 5.22 -54.51
N LYS C 81 3.99 5.04 -54.58
CA LYS C 81 4.86 6.17 -54.88
C LYS C 81 4.58 6.72 -56.27
N LYS C 82 4.47 5.85 -57.27
CA LYS C 82 4.18 6.32 -58.62
C LYS C 82 2.79 6.94 -58.70
N PHE C 83 1.82 6.35 -57.98
CA PHE C 83 0.46 6.89 -57.96
C PHE C 83 0.44 8.30 -57.38
N GLY C 84 1.16 8.52 -56.28
CA GLY C 84 1.24 9.85 -55.72
C GLY C 84 1.95 10.82 -56.64
N GLU C 85 2.97 10.34 -57.36
CA GLU C 85 3.67 11.21 -58.31
C GLU C 85 2.74 11.65 -59.44
N VAL C 86 1.94 10.73 -59.97
CA VAL C 86 1.11 11.05 -61.12
C VAL C 86 -0.05 11.96 -60.74
N THR C 87 -0.78 11.63 -59.68
CA THR C 87 -1.98 12.35 -59.32
C THR C 87 -1.75 13.54 -58.41
N GLY C 88 -0.56 13.65 -57.81
CA GLY C 88 -0.29 14.72 -56.87
C GLY C 88 -0.69 14.45 -55.44
N ALA C 89 -1.08 13.22 -55.12
CA ALA C 89 -1.43 12.87 -53.75
C ALA C 89 -0.19 12.52 -52.95
N ARG C 90 -0.30 12.64 -51.63
CA ARG C 90 0.81 12.27 -50.76
C ARG C 90 0.86 10.75 -50.57
N ALA C 91 2.07 10.21 -50.51
CA ALA C 91 2.27 8.77 -50.40
C ALA C 91 3.27 8.49 -49.28
N ILE C 92 2.99 7.46 -48.49
CA ILE C 92 3.87 7.03 -47.41
C ILE C 92 4.15 5.55 -47.59
N PRO C 93 5.28 5.20 -48.20
CA PRO C 93 5.69 3.80 -48.27
C PRO C 93 6.59 3.40 -47.11
N GLY C 94 6.42 2.15 -46.68
CA GLY C 94 7.21 1.64 -45.59
C GLY C 94 6.51 1.75 -44.25
N ARG C 95 7.28 1.93 -43.18
CA ARG C 95 6.71 2.00 -41.85
C ARG C 95 5.93 3.29 -41.67
N PHE C 96 4.74 3.18 -41.09
CA PHE C 96 3.92 4.33 -40.73
C PHE C 96 4.26 4.75 -39.31
N LEU C 97 4.82 5.94 -39.16
CA LEU C 97 5.23 6.40 -37.84
C LEU C 97 4.00 6.68 -36.98
N PRO C 98 3.86 6.02 -35.83
CA PRO C 98 2.68 6.25 -34.99
C PRO C 98 2.60 7.71 -34.54
N GLY C 99 1.38 8.21 -34.47
CA GLY C 99 1.16 9.61 -34.14
C GLY C 99 1.22 10.57 -35.30
N THR C 100 1.36 10.07 -36.52
CA THR C 100 1.44 10.95 -37.68
C THR C 100 0.17 11.76 -37.86
N MET C 101 -0.98 11.19 -37.50
CA MET C 101 -2.25 11.87 -37.66
C MET C 101 -2.89 12.30 -36.34
N THR C 102 -2.31 11.94 -35.19
CA THR C 102 -2.90 12.30 -33.91
C THR C 102 -2.00 13.15 -33.03
N ASN C 103 -0.72 13.30 -33.37
CA ASN C 103 0.23 14.04 -32.53
C ASN C 103 0.70 15.29 -33.25
N PRO C 104 0.17 16.46 -32.92
CA PRO C 104 0.59 17.69 -33.62
C PRO C 104 2.05 18.05 -33.40
N ALA C 105 2.70 17.51 -32.37
CA ALA C 105 4.10 17.84 -32.10
C ALA C 105 5.07 17.13 -33.03
N VAL C 106 4.62 16.08 -33.73
CA VAL C 106 5.50 15.36 -34.65
C VAL C 106 5.86 16.27 -35.82
N LYS C 107 7.08 16.10 -36.34
CA LYS C 107 7.58 16.98 -37.39
C LYS C 107 6.75 16.88 -38.66
N ASN C 108 6.33 15.67 -39.02
CA ASN C 108 5.58 15.44 -40.26
C ASN C 108 4.09 15.24 -39.99
N PHE C 109 3.53 15.98 -39.04
CA PHE C 109 2.11 15.91 -38.75
C PHE C 109 1.30 16.32 -39.98
N PHE C 110 0.26 15.55 -40.27
CA PHE C 110 -0.53 15.77 -41.49
C PHE C 110 -1.91 15.16 -41.30
N GLU C 111 -2.95 15.89 -41.70
CA GLU C 111 -4.32 15.42 -41.62
C GLU C 111 -4.95 15.40 -43.00
N PRO C 112 -5.19 14.23 -43.59
CA PRO C 112 -5.79 14.17 -44.92
C PRO C 112 -7.31 14.29 -44.83
N ASP C 113 -7.95 14.27 -46.00
CA ASP C 113 -9.40 14.23 -46.09
C ASP C 113 -9.94 12.86 -46.47
N VAL C 114 -9.10 12.02 -47.08
CA VAL C 114 -9.47 10.65 -47.44
C VAL C 114 -8.19 9.84 -47.51
N ILE C 115 -8.29 8.56 -47.18
CA ILE C 115 -7.11 7.69 -47.13
C ILE C 115 -7.40 6.44 -47.94
N ILE C 116 -6.34 5.87 -48.52
CA ILE C 116 -6.42 4.62 -49.28
C ILE C 116 -5.53 3.60 -48.58
N ILE C 117 -6.11 2.46 -48.22
CA ILE C 117 -5.41 1.41 -47.48
C ILE C 117 -5.14 0.26 -48.44
N THR C 118 -3.86 -0.11 -48.57
CA THR C 118 -3.50 -1.21 -49.45
C THR C 118 -3.93 -2.55 -48.85
N ASP C 119 -3.70 -2.75 -47.56
CA ASP C 119 -4.09 -3.98 -46.89
C ASP C 119 -4.47 -3.69 -45.44
N PRO C 120 -5.74 -3.88 -45.07
CA PRO C 120 -6.15 -3.57 -43.69
C PRO C 120 -5.40 -4.36 -42.64
N ARG C 121 -4.97 -5.59 -42.95
CA ARG C 121 -4.23 -6.38 -41.98
C ARG C 121 -2.83 -5.81 -41.74
N ALA C 122 -2.11 -5.51 -42.81
CA ALA C 122 -0.75 -5.01 -42.67
C ALA C 122 -0.71 -3.56 -42.21
N ASP C 123 -1.59 -2.73 -42.74
CA ASP C 123 -1.65 -1.31 -42.39
C ASP C 123 -2.62 -1.04 -41.25
N HIS C 124 -2.46 -1.78 -40.15
CA HIS C 124 -3.44 -1.66 -39.06
C HIS C 124 -3.25 -0.35 -38.29
N GLN C 125 -2.02 0.12 -38.13
CA GLN C 125 -1.78 1.36 -37.40
C GLN C 125 -2.41 2.55 -38.12
N ALA C 126 -2.22 2.63 -39.44
CA ALA C 126 -2.78 3.73 -40.20
C ALA C 126 -4.30 3.72 -40.14
N MET C 127 -4.91 2.55 -40.28
CA MET C 127 -6.36 2.45 -40.19
C MET C 127 -6.86 2.85 -38.81
N LYS C 128 -6.16 2.39 -37.77
CA LYS C 128 -6.56 2.73 -36.41
C LYS C 128 -6.52 4.23 -36.18
N GLU C 129 -5.49 4.91 -36.69
CA GLU C 129 -5.42 6.35 -36.53
C GLU C 129 -6.46 7.05 -37.41
N ALA C 130 -6.77 6.50 -38.58
CA ALA C 130 -7.76 7.11 -39.45
C ALA C 130 -9.16 7.04 -38.85
N ILE C 131 -9.44 6.00 -38.07
CA ILE C 131 -10.75 5.88 -37.43
C ILE C 131 -10.97 7.04 -36.47
N GLU C 132 -9.91 7.48 -35.78
CA GLU C 132 -10.08 8.43 -34.70
C GLU C 132 -10.35 9.85 -35.21
N ILE C 133 -10.10 10.13 -36.49
CA ILE C 133 -10.28 11.48 -37.01
C ILE C 133 -11.46 11.60 -37.96
N GLY C 134 -12.24 10.53 -38.13
CA GLY C 134 -13.50 10.63 -38.85
C GLY C 134 -13.44 10.98 -40.32
N ILE C 135 -12.56 10.33 -41.08
CA ILE C 135 -12.46 10.56 -42.52
C ILE C 135 -12.90 9.30 -43.26
N PRO C 136 -13.38 9.40 -44.50
CA PRO C 136 -13.74 8.20 -45.25
C PRO C 136 -12.52 7.33 -45.53
N ILE C 137 -12.75 6.02 -45.61
CA ILE C 137 -11.69 5.04 -45.80
C ILE C 137 -11.98 4.23 -47.04
N VAL C 138 -11.00 4.13 -47.93
CA VAL C 138 -11.05 3.29 -49.12
C VAL C 138 -9.96 2.24 -48.99
N ALA C 139 -10.33 0.98 -49.17
CA ALA C 139 -9.38 -0.11 -48.96
C ALA C 139 -9.52 -1.16 -50.04
N LEU C 140 -8.41 -1.81 -50.37
CA LEU C 140 -8.40 -2.98 -51.24
C LEU C 140 -8.44 -4.22 -50.36
N VAL C 141 -9.45 -5.06 -50.57
CA VAL C 141 -9.73 -6.17 -49.67
C VAL C 141 -9.62 -7.48 -50.42
N ASP C 142 -9.03 -8.47 -49.78
CA ASP C 142 -8.92 -9.83 -50.31
C ASP C 142 -9.96 -10.72 -49.64
N THR C 143 -9.97 -11.99 -50.02
CA THR C 143 -10.95 -12.93 -49.46
C THR C 143 -10.76 -13.15 -47.97
N GLU C 144 -9.63 -12.75 -47.42
CA GLU C 144 -9.31 -12.96 -46.01
C GLU C 144 -9.70 -11.79 -45.12
N ASN C 145 -9.77 -10.59 -45.67
CA ASN C 145 -9.97 -9.39 -44.86
C ASN C 145 -11.42 -9.28 -44.39
N LEU C 146 -11.61 -8.47 -43.35
CA LEU C 146 -12.92 -8.06 -42.89
C LEU C 146 -13.20 -6.64 -43.37
N LEU C 147 -14.50 -6.32 -43.48
CA LEU C 147 -14.92 -5.01 -43.96
C LEU C 147 -15.24 -4.05 -42.83
N SER C 148 -14.71 -4.29 -41.63
CA SER C 148 -14.97 -3.41 -40.51
C SER C 148 -14.31 -2.06 -40.75
N TYR C 149 -15.09 -0.99 -40.58
CA TYR C 149 -14.63 0.39 -40.74
C TYR C 149 -14.12 0.69 -42.15
N VAL C 150 -14.67 0.02 -43.16
CA VAL C 150 -14.33 0.30 -44.55
C VAL C 150 -15.57 0.93 -45.20
N ASP C 151 -15.40 2.14 -45.71
CA ASP C 151 -16.52 2.88 -46.29
C ASP C 151 -16.70 2.61 -47.77
N LEU C 152 -15.64 2.23 -48.47
CA LEU C 152 -15.71 1.86 -49.89
C LEU C 152 -14.68 0.78 -50.13
N ALA C 153 -15.13 -0.37 -50.64
CA ALA C 153 -14.28 -1.55 -50.77
C ALA C 153 -14.02 -1.86 -52.23
N ILE C 154 -12.79 -2.25 -52.53
CA ILE C 154 -12.40 -2.67 -53.88
C ILE C 154 -11.87 -4.10 -53.80
N PRO C 155 -12.62 -5.10 -54.26
CA PRO C 155 -12.19 -6.50 -54.13
C PRO C 155 -11.11 -6.83 -55.14
N THR C 156 -9.96 -7.27 -54.65
CA THR C 156 -8.84 -7.63 -55.52
C THR C 156 -7.81 -8.38 -54.70
N ASN C 157 -6.87 -9.00 -55.41
CA ASN C 157 -5.70 -9.56 -54.76
C ASN C 157 -4.74 -8.44 -54.39
N ASN C 158 -4.47 -8.28 -53.09
CA ASN C 158 -3.64 -7.19 -52.61
C ASN C 158 -2.29 -7.66 -52.11
N LYS C 159 -1.79 -8.78 -52.63
CA LYS C 159 -0.48 -9.28 -52.26
C LYS C 159 0.46 -9.52 -53.43
N GLY C 160 -0.06 -9.59 -54.66
CA GLY C 160 0.78 -9.79 -55.82
C GLY C 160 1.43 -8.51 -56.29
N ARG C 161 2.47 -8.67 -57.12
CA ARG C 161 3.19 -7.52 -57.63
C ARG C 161 2.46 -6.91 -58.83
N LYS C 162 2.22 -7.72 -59.85
CA LYS C 162 1.53 -7.24 -61.04
C LYS C 162 0.12 -6.78 -60.71
N ALA C 163 -0.55 -7.46 -59.78
CA ALA C 163 -1.91 -7.07 -59.43
C ALA C 163 -1.96 -5.66 -58.86
N LEU C 164 -1.08 -5.38 -57.88
CA LEU C 164 -1.05 -4.03 -57.29
C LEU C 164 -0.67 -2.99 -58.33
N ALA C 165 0.33 -3.30 -59.17
CA ALA C 165 0.73 -2.35 -60.20
C ALA C 165 -0.44 -2.00 -61.10
N LEU C 166 -1.14 -3.01 -61.59
CA LEU C 166 -2.26 -2.78 -62.50
C LEU C 166 -3.38 -2.00 -61.81
N ILE C 167 -3.69 -2.35 -60.56
CA ILE C 167 -4.78 -1.67 -59.86
C ILE C 167 -4.49 -0.19 -59.71
N TYR C 168 -3.26 0.14 -59.28
CA TYR C 168 -2.95 1.56 -59.09
C TYR C 168 -2.85 2.30 -60.42
N TRP C 169 -2.36 1.65 -61.47
CA TRP C 169 -2.34 2.29 -62.78
C TRP C 169 -3.76 2.64 -63.24
N ILE C 170 -4.68 1.69 -63.11
CA ILE C 170 -6.06 1.92 -63.51
C ILE C 170 -6.68 3.05 -62.69
N LEU C 171 -6.44 3.04 -61.38
CA LEU C 171 -7.04 4.05 -60.52
C LEU C 171 -6.53 5.44 -60.86
N ALA C 172 -5.22 5.57 -61.09
CA ALA C 172 -4.67 6.87 -61.46
C ALA C 172 -5.24 7.37 -62.77
N ARG C 173 -5.34 6.48 -63.77
CA ARG C 173 -5.92 6.90 -65.04
C ARG C 173 -7.37 7.34 -64.87
N GLU C 174 -8.13 6.62 -64.06
CA GLU C 174 -9.54 6.98 -63.86
C GLU C 174 -9.67 8.34 -63.17
N ILE C 175 -8.83 8.61 -62.17
CA ILE C 175 -8.89 9.90 -61.49
C ILE C 175 -8.56 11.02 -62.47
N LEU C 176 -7.50 10.85 -63.25
CA LEU C 176 -7.13 11.89 -64.21
C LEU C 176 -8.23 12.13 -65.23
N TYR C 177 -8.85 11.05 -65.72
CA TYR C 177 -9.93 11.21 -66.69
C TYR C 177 -11.13 11.91 -66.08
N ASN C 178 -11.49 11.56 -64.85
CA ASN C 178 -12.69 12.14 -64.24
C ASN C 178 -12.50 13.61 -63.90
N ARG C 179 -11.30 14.02 -63.48
CA ARG C 179 -11.10 15.42 -63.15
C ARG C 179 -10.75 16.27 -64.36
N GLY C 180 -10.72 15.69 -65.56
CA GLY C 180 -10.67 16.45 -66.79
C GLY C 180 -9.29 16.84 -67.27
N GLU C 181 -8.23 16.26 -66.71
CA GLU C 181 -6.88 16.59 -67.17
C GLU C 181 -6.48 15.86 -68.44
N ILE C 182 -7.20 14.82 -68.83
CA ILE C 182 -7.00 14.16 -70.12
C ILE C 182 -8.36 14.04 -70.78
N SER C 183 -8.42 14.31 -72.08
CA SER C 183 -9.69 14.37 -72.78
C SER C 183 -10.24 12.99 -73.14
N SER C 184 -9.43 11.94 -73.06
CA SER C 184 -9.91 10.60 -73.37
C SER C 184 -9.04 9.59 -72.62
N ARG C 185 -9.56 8.37 -72.52
CA ARG C 185 -8.85 7.32 -71.80
C ARG C 185 -7.54 6.96 -72.49
N GLU C 186 -7.49 7.09 -73.81
CA GLU C 186 -6.32 6.66 -74.56
C GLU C 186 -5.13 7.61 -74.39
N GLU C 187 -5.37 8.86 -74.01
CA GLU C 187 -4.29 9.84 -73.97
C GLU C 187 -3.29 9.54 -72.87
N PHE C 188 -3.64 8.67 -71.92
CA PHE C 188 -2.76 8.36 -70.79
C PHE C 188 -1.65 7.46 -71.29
N LYS C 189 -0.55 8.08 -71.72
CA LYS C 189 0.56 7.36 -72.31
C LYS C 189 1.68 7.16 -71.28
N ILE C 190 1.43 6.21 -70.37
CA ILE C 190 2.41 5.78 -69.39
C ILE C 190 2.33 4.27 -69.28
N PRO C 191 3.42 3.53 -69.48
CA PRO C 191 3.34 2.07 -69.43
C PRO C 191 3.03 1.57 -68.03
N VAL C 192 2.36 0.41 -67.99
CA VAL C 192 2.04 -0.21 -66.71
C VAL C 192 3.30 -0.69 -66.01
N GLU C 193 4.32 -1.09 -66.77
CA GLU C 193 5.55 -1.59 -66.18
C GLU C 193 6.25 -0.54 -65.33
N GLU C 194 5.94 0.73 -65.54
CA GLU C 194 6.56 1.80 -64.76
C GLU C 194 6.06 1.85 -63.32
N PHE C 195 4.99 1.13 -63.00
CA PHE C 195 4.41 1.14 -61.66
C PHE C 195 4.93 0.02 -60.76
N GLU C 196 5.48 -1.05 -61.33
CA GLU C 196 5.79 -2.23 -60.54
C GLU C 196 7.26 -2.29 -60.15
N MET C 197 7.51 -2.90 -59.00
CA MET C 197 8.85 -3.13 -58.51
C MET C 197 9.59 -4.12 -59.41
N LYS C 198 10.85 -3.83 -59.67
CA LYS C 198 11.68 -4.67 -60.53
C LYS C 198 12.46 -5.68 -59.70
N ILE C 199 12.78 -6.81 -60.33
CA ILE C 199 13.46 -7.92 -59.67
C ILE C 199 12.69 -8.39 -58.46
N LEU D 7 -34.29 30.26 -34.19
CA LEU D 7 -34.40 28.92 -34.76
C LEU D 7 -33.30 28.00 -34.24
N LYS D 8 -33.63 26.72 -34.07
CA LYS D 8 -32.70 25.73 -33.55
C LYS D 8 -32.03 25.01 -34.72
N PHE D 9 -31.10 24.12 -34.40
CA PHE D 9 -30.34 23.36 -35.38
C PHE D 9 -30.81 21.92 -35.40
N GLU D 10 -30.56 21.24 -36.51
CA GLU D 10 -30.98 19.86 -36.69
C GLU D 10 -29.84 18.91 -36.36
N ILE D 11 -30.19 17.74 -35.84
CA ILE D 11 -29.22 16.72 -35.45
C ILE D 11 -29.08 15.73 -36.60
N PRO D 12 -27.87 15.40 -37.02
CA PRO D 12 -27.71 14.43 -38.12
C PRO D 12 -28.19 13.05 -37.73
N VAL D 13 -28.61 12.29 -38.75
CA VAL D 13 -29.22 10.98 -38.56
C VAL D 13 -28.52 9.97 -39.47
N CYS D 14 -28.21 8.80 -38.92
CA CYS D 14 -27.53 7.77 -39.68
C CYS D 14 -28.38 7.30 -40.85
N THR D 15 -27.75 7.08 -42.00
CA THR D 15 -28.48 6.67 -43.20
C THR D 15 -28.97 5.23 -43.09
N SER D 16 -28.19 4.36 -42.46
CA SER D 16 -28.54 2.95 -42.40
C SER D 16 -29.62 2.69 -41.36
N CYS D 17 -29.33 3.00 -40.09
CA CYS D 17 -30.22 2.65 -38.99
C CYS D 17 -31.20 3.75 -38.60
N GLY D 18 -30.95 4.99 -38.98
CA GLY D 18 -31.86 6.08 -38.67
C GLY D 18 -31.72 6.69 -37.30
N ARG D 19 -30.74 6.27 -36.51
CA ARG D 19 -30.56 6.84 -35.19
C ARG D 19 -29.71 8.10 -35.26
N GLU D 20 -29.75 8.87 -34.17
CA GLU D 20 -29.00 10.12 -34.12
C GLU D 20 -27.53 9.87 -33.80
N ILE D 21 -26.70 10.85 -34.13
CA ILE D 21 -25.27 10.78 -33.88
C ILE D 21 -24.96 11.46 -32.55
N THR D 22 -24.30 10.75 -31.65
CA THR D 22 -23.93 11.28 -30.36
C THR D 22 -22.76 12.26 -30.51
N PRO D 23 -22.55 13.13 -29.52
CA PRO D 23 -21.56 14.22 -29.71
C PRO D 23 -20.14 13.76 -30.01
N ARG D 24 -19.66 12.66 -29.44
CA ARG D 24 -18.24 12.34 -29.53
C ARG D 24 -17.97 10.93 -30.06
N GLU D 25 -18.86 10.38 -30.87
CA GLU D 25 -18.61 9.04 -31.40
C GLU D 25 -17.85 9.12 -32.72
N HIS D 26 -17.33 7.96 -33.15
CA HIS D 26 -16.53 7.87 -34.37
C HIS D 26 -17.43 7.62 -35.57
N ALA D 27 -18.21 8.64 -35.92
CA ALA D 27 -19.07 8.59 -37.09
C ALA D 27 -18.34 9.18 -38.30
N THR D 28 -19.01 9.15 -39.46
CA THR D 28 -18.43 9.76 -40.64
C THR D 28 -19.54 10.19 -41.59
N HIS D 29 -19.20 11.08 -42.51
CA HIS D 29 -20.13 11.55 -43.52
C HIS D 29 -19.37 11.94 -44.77
N PHE D 30 -19.99 11.70 -45.92
CA PHE D 30 -19.35 11.99 -47.20
C PHE D 30 -20.40 12.01 -48.30
N VAL D 31 -20.05 12.65 -49.42
CA VAL D 31 -20.98 12.67 -50.54
C VAL D 31 -21.07 11.28 -51.18
N CYS D 32 -22.17 11.06 -51.89
CA CYS D 32 -22.41 9.76 -52.50
C CYS D 32 -21.32 9.46 -53.52
N PRO D 33 -20.65 8.31 -53.44
CA PRO D 33 -19.58 8.01 -54.41
C PRO D 33 -20.05 7.95 -55.85
N ASN D 34 -21.28 7.50 -56.09
CA ASN D 34 -21.72 7.27 -57.46
C ASN D 34 -22.21 8.56 -58.12
N CYS D 35 -23.12 9.28 -57.46
CA CYS D 35 -23.71 10.48 -58.03
C CYS D 35 -23.17 11.77 -57.44
N GLY D 36 -22.82 11.79 -56.15
CA GLY D 36 -22.29 13.00 -55.55
C GLY D 36 -23.30 14.06 -55.23
N GLU D 37 -24.59 13.72 -55.21
CA GLU D 37 -25.64 14.70 -54.96
C GLU D 37 -26.21 14.63 -53.55
N ALA D 38 -26.04 13.53 -52.84
CA ALA D 38 -26.56 13.37 -51.50
C ALA D 38 -25.40 13.14 -50.53
N ILE D 39 -25.70 13.26 -49.25
CA ILE D 39 -24.71 13.10 -48.18
C ILE D 39 -25.07 11.86 -47.38
N ILE D 40 -24.09 10.97 -47.21
CA ILE D 40 -24.25 9.73 -46.46
C ILE D 40 -23.63 9.92 -45.10
N TRP D 41 -24.38 9.55 -44.06
CA TRP D 41 -23.90 9.52 -42.68
C TRP D 41 -23.85 8.08 -42.21
N ARG D 42 -22.76 7.71 -41.52
CA ARG D 42 -22.63 6.39 -40.94
C ARG D 42 -22.21 6.53 -39.49
N CYS D 43 -22.96 5.88 -38.60
CA CYS D 43 -22.66 5.88 -37.18
C CYS D 43 -21.61 4.81 -36.87
N GLU D 44 -21.09 4.87 -35.64
CA GLU D 44 -19.99 4.00 -35.25
C GLU D 44 -20.39 2.53 -35.30
N THR D 45 -21.59 2.20 -34.81
CA THR D 45 -22.03 0.81 -34.79
C THR D 45 -22.19 0.26 -36.21
N CYS D 46 -22.77 1.05 -37.11
CA CYS D 46 -22.94 0.58 -38.48
C CYS D 46 -21.61 0.39 -39.18
N ARG D 47 -20.65 1.28 -38.94
CA ARG D 47 -19.31 1.11 -39.51
C ARG D 47 -18.63 -0.14 -38.95
N LEU D 48 -18.77 -0.38 -37.65
CA LEU D 48 -18.09 -1.51 -37.03
C LEU D 48 -18.61 -2.83 -37.57
N LEU D 49 -19.92 -2.94 -37.79
CA LEU D 49 -20.53 -4.18 -38.24
C LEU D 49 -20.66 -4.29 -39.75
N ALA D 50 -20.17 -3.29 -40.50
CA ALA D 50 -20.19 -3.30 -41.95
C ALA D 50 -21.61 -3.42 -42.50
N LYS D 51 -22.51 -2.63 -41.96
CA LYS D 51 -23.88 -2.60 -42.45
C LYS D 51 -23.94 -1.89 -43.80
N PRO D 52 -24.66 -2.43 -44.77
CA PRO D 52 -24.78 -1.76 -46.06
C PRO D 52 -25.61 -0.49 -45.97
N TYR D 53 -25.34 0.43 -46.89
CA TYR D 53 -26.10 1.68 -47.01
C TYR D 53 -26.50 1.88 -48.47
N LYS D 54 -27.55 2.66 -48.67
CA LYS D 54 -28.12 2.88 -49.99
C LYS D 54 -28.34 4.37 -50.22
N CYS D 55 -27.93 4.85 -51.38
CA CYS D 55 -28.07 6.27 -51.69
C CYS D 55 -29.54 6.62 -51.89
N PRO D 56 -30.01 7.75 -51.34
CA PRO D 56 -31.42 8.13 -51.51
C PRO D 56 -31.76 8.67 -52.89
N LYS D 57 -30.77 9.01 -53.72
CA LYS D 57 -31.04 9.62 -55.02
C LYS D 57 -30.83 8.63 -56.16
N CYS D 58 -29.63 8.05 -56.28
CA CYS D 58 -29.32 7.17 -57.40
C CYS D 58 -29.58 5.71 -57.11
N GLY D 59 -29.71 5.33 -55.84
CA GLY D 59 -29.96 3.95 -55.48
C GLY D 59 -28.72 3.07 -55.42
N TRP D 60 -27.55 3.59 -55.74
CA TRP D 60 -26.33 2.81 -55.59
C TRP D 60 -26.10 2.52 -54.11
N GLU D 61 -25.65 1.31 -53.82
CA GLU D 61 -25.60 0.85 -52.45
C GLU D 61 -24.31 0.10 -52.16
N GLY D 62 -24.00 -0.02 -50.87
CA GLY D 62 -22.93 -0.86 -50.40
C GLY D 62 -21.69 -0.11 -50.01
N PRO D 63 -21.04 -0.55 -48.92
CA PRO D 63 -19.72 -0.05 -48.52
C PRO D 63 -18.62 -0.61 -49.40
N GLY E 2 -52.65 0.37 22.35
CA GLY E 2 -51.88 1.36 21.62
C GLY E 2 -51.41 2.50 22.50
N ASP E 3 -51.17 3.66 21.89
CA ASP E 3 -50.73 4.82 22.63
C ASP E 3 -51.61 6.02 22.32
N PRO E 4 -51.86 6.89 23.28
CA PRO E 4 -52.63 8.11 23.00
C PRO E 4 -51.79 9.14 22.26
N LYS E 5 -52.46 10.20 21.84
CA LYS E 5 -51.82 11.25 21.05
C LYS E 5 -50.75 11.98 21.85
N ARG E 6 -49.63 12.25 21.19
CA ARG E 6 -48.57 13.11 21.73
C ARG E 6 -48.36 14.27 20.77
N GLN E 7 -48.38 15.49 21.31
CA GLN E 7 -48.22 16.67 20.47
C GLN E 7 -46.80 16.76 19.95
N ARG E 8 -46.66 17.11 18.67
CA ARG E 8 -45.39 17.04 17.96
C ARG E 8 -44.89 18.43 17.60
N LYS E 9 -43.59 18.53 17.35
CA LYS E 9 -42.99 19.79 16.97
C LYS E 9 -43.52 20.25 15.62
N LYS E 10 -43.57 21.56 15.42
CA LYS E 10 -44.07 22.15 14.19
C LYS E 10 -42.97 22.57 13.24
N TYR E 11 -41.72 22.23 13.52
CA TYR E 11 -40.59 22.60 12.68
C TYR E 11 -39.62 21.44 12.58
N GLU E 12 -38.72 21.53 11.60
CA GLU E 12 -37.75 20.48 11.32
C GLU E 12 -36.33 21.05 11.40
N THR E 13 -35.42 20.25 11.95
CA THR E 13 -34.03 20.61 12.14
C THR E 13 -33.18 20.10 10.98
N PRO E 14 -32.02 20.70 10.75
CA PRO E 14 -31.20 20.30 9.60
C PRO E 14 -30.70 18.88 9.75
N PRO E 15 -30.51 18.16 8.63
CA PRO E 15 -29.95 16.80 8.72
C PRO E 15 -28.52 16.75 9.23
N HIS E 16 -27.73 17.79 9.02
CA HIS E 16 -26.35 17.84 9.46
C HIS E 16 -26.13 19.24 10.04
N PRO E 17 -25.59 19.35 11.25
CA PRO E 17 -25.54 20.66 11.90
C PRO E 17 -24.46 21.58 11.37
N TRP E 18 -23.41 21.06 10.74
CA TRP E 18 -22.25 21.88 10.35
C TRP E 18 -21.98 21.71 8.85
N ILE E 19 -22.70 22.48 8.03
CA ILE E 19 -22.44 22.58 6.61
C ILE E 19 -22.20 24.05 6.28
N LYS E 20 -21.05 24.34 5.67
CA LYS E 20 -20.59 25.72 5.58
C LYS E 20 -21.54 26.58 4.76
N GLU E 21 -21.98 26.08 3.60
CA GLU E 21 -22.84 26.86 2.73
C GLU E 21 -24.17 27.18 3.41
N ARG E 22 -24.79 26.18 4.03
CA ARG E 22 -26.06 26.40 4.71
C ARG E 22 -25.90 27.38 5.87
N LEU E 23 -24.80 27.26 6.62
CA LEU E 23 -24.55 28.19 7.71
C LEU E 23 -24.44 29.62 7.21
N ASP E 24 -23.73 29.83 6.11
CA ASP E 24 -23.59 31.18 5.56
C ASP E 24 -24.95 31.74 5.12
N ARG E 25 -25.72 30.94 4.39
CA ARG E 25 -27.01 31.42 3.89
C ARG E 25 -27.94 31.78 5.04
N GLU E 26 -28.04 30.89 6.04
CA GLU E 26 -28.92 31.14 7.17
C GLU E 26 -28.44 32.32 7.99
N ARG E 27 -27.13 32.52 8.12
CA ARG E 27 -26.62 33.68 8.84
C ARG E 27 -27.00 34.97 8.14
N VAL E 28 -26.91 35.00 6.82
CA VAL E 28 -27.33 36.17 6.07
C VAL E 28 -28.80 36.49 6.34
N LEU E 29 -29.65 35.45 6.29
CA LEU E 29 -31.08 35.67 6.53
C LEU E 29 -31.33 36.18 7.95
N MET E 30 -30.68 35.56 8.94
CA MET E 30 -30.87 35.95 10.33
C MET E 30 -30.47 37.39 10.56
N ASP E 31 -29.34 37.82 9.97
CA ASP E 31 -28.93 39.21 10.11
C ASP E 31 -29.92 40.15 9.44
N LYS E 32 -30.40 39.80 8.25
CA LYS E 32 -31.25 40.73 7.52
C LYS E 32 -32.59 40.93 8.21
N TYR E 33 -33.22 39.85 8.69
CA TYR E 33 -34.58 39.97 9.20
C TYR E 33 -34.66 40.03 10.73
N GLU E 34 -33.53 39.98 11.43
CA GLU E 34 -33.48 40.20 12.88
C GLU E 34 -34.36 39.22 13.63
N LEU E 35 -34.08 37.92 13.44
CA LEU E 35 -34.77 36.88 14.18
C LEU E 35 -33.97 36.52 15.43
N LYS E 36 -34.67 35.96 16.42
CA LYS E 36 -34.02 35.71 17.70
C LYS E 36 -33.13 34.48 17.66
N ASN E 37 -33.62 33.36 17.13
CA ASN E 37 -32.86 32.13 17.13
C ASN E 37 -33.15 31.36 15.85
N LYS E 38 -32.38 30.30 15.62
CA LYS E 38 -32.50 29.54 14.38
C LYS E 38 -33.85 28.87 14.25
N LYS E 39 -34.37 28.33 15.35
CA LYS E 39 -35.61 27.56 15.27
C LYS E 39 -36.74 28.37 14.66
N GLU E 40 -36.84 29.65 15.06
CA GLU E 40 -37.84 30.53 14.47
C GLU E 40 -37.73 30.51 12.95
N LEU E 41 -36.53 30.76 12.42
CA LEU E 41 -36.32 30.66 10.98
C LEU E 41 -36.79 29.32 10.46
N TRP E 42 -36.34 28.23 11.10
CA TRP E 42 -36.71 26.90 10.63
C TRP E 42 -38.21 26.75 10.56
N LYS E 43 -38.93 27.33 11.53
CA LYS E 43 -40.37 27.25 11.53
C LYS E 43 -40.93 27.70 10.18
N HIS E 44 -40.53 28.90 9.75
CA HIS E 44 -41.05 29.42 8.49
C HIS E 44 -40.68 28.51 7.34
N GLU E 45 -39.44 27.99 7.34
CA GLU E 45 -39.05 27.07 6.29
C GLU E 45 -40.02 25.93 6.18
N THR E 46 -40.38 25.31 7.32
CA THR E 46 -41.28 24.18 7.28
C THR E 46 -42.59 24.57 6.61
N GLN E 47 -43.12 25.76 6.95
CA GLN E 47 -44.35 26.22 6.32
C GLN E 47 -44.22 26.16 4.81
N LEU E 48 -43.15 26.77 4.28
CA LEU E 48 -42.94 26.76 2.84
C LEU E 48 -43.00 25.34 2.31
N LYS E 49 -42.23 24.45 2.93
CA LYS E 49 -42.16 23.08 2.43
C LYS E 49 -43.54 22.45 2.36
N ASN E 50 -44.35 22.66 3.39
CA ASN E 50 -45.67 22.04 3.40
C ASN E 50 -46.46 22.46 2.19
N PHE E 51 -46.46 23.76 1.87
CA PHE E 51 -47.18 24.23 0.69
C PHE E 51 -46.72 23.46 -0.54
N ARG E 52 -45.40 23.37 -0.72
CA ARG E 52 -44.89 22.67 -1.90
C ARG E 52 -45.34 21.22 -1.90
N ARG E 53 -45.28 20.57 -0.73
CA ARG E 53 -45.67 19.17 -0.69
C ARG E 53 -47.15 18.98 -1.01
N ARG E 54 -47.97 20.01 -0.78
CA ARG E 54 -49.36 19.90 -1.16
C ARG E 54 -49.53 20.11 -2.66
N ALA E 55 -48.70 20.97 -3.26
CA ALA E 55 -48.82 21.22 -4.70
C ALA E 55 -48.36 20.01 -5.50
N ARG E 56 -47.30 19.35 -5.05
CA ARG E 56 -46.78 18.18 -5.76
C ARG E 56 -47.79 17.04 -5.73
N ARG E 57 -48.47 16.84 -4.61
CA ARG E 57 -49.42 15.74 -4.50
C ARG E 57 -50.67 15.98 -5.35
N LEU E 58 -51.09 17.25 -5.49
CA LEU E 58 -52.33 17.54 -6.21
C LEU E 58 -52.11 17.59 -7.73
N LEU E 59 -50.88 17.83 -8.18
CA LEU E 59 -50.61 17.81 -9.61
C LEU E 59 -50.83 16.42 -10.19
N ALA E 60 -50.43 15.39 -9.45
CA ALA E 60 -50.52 14.01 -9.91
C ALA E 60 -51.80 13.32 -9.47
N ALA E 61 -52.86 14.08 -9.20
CA ALA E 61 -54.11 13.53 -8.71
C ALA E 61 -55.27 13.88 -9.64
N ARG E 62 -56.36 13.14 -9.49
CA ARG E 62 -57.57 13.39 -10.25
C ARG E 62 -58.75 12.84 -9.46
N GLY E 63 -59.93 13.40 -9.74
CA GLY E 63 -61.12 13.03 -8.99
C GLY E 63 -61.93 14.24 -8.58
N LYS E 64 -62.84 14.06 -7.64
CA LYS E 64 -63.71 15.15 -7.21
C LYS E 64 -63.13 15.91 -6.02
N GLN E 65 -62.56 15.21 -5.04
CA GLN E 65 -61.98 15.88 -3.89
C GLN E 65 -60.72 16.64 -4.26
N ALA E 66 -59.98 16.15 -5.26
CA ALA E 66 -58.73 16.79 -5.64
C ALA E 66 -58.96 18.20 -6.14
N GLU E 67 -60.00 18.42 -6.94
CA GLU E 67 -60.29 19.76 -7.43
C GLU E 67 -60.65 20.71 -6.28
N ILE E 68 -61.44 20.23 -5.33
CA ILE E 68 -61.81 21.05 -4.18
C ILE E 68 -60.56 21.45 -3.40
N GLU E 69 -59.67 20.49 -3.13
CA GLU E 69 -58.48 20.82 -2.37
C GLU E 69 -57.55 21.75 -3.16
N ARG E 70 -57.50 21.57 -4.48
CA ARG E 70 -56.67 22.44 -5.31
C ARG E 70 -57.14 23.89 -5.25
N GLU E 71 -58.45 24.10 -5.43
CA GLU E 71 -58.96 25.47 -5.36
C GLU E 71 -58.82 26.04 -3.95
N GLN E 72 -58.99 25.21 -2.92
CA GLN E 72 -58.81 25.70 -1.55
C GLN E 72 -57.38 26.14 -1.31
N LEU E 73 -56.40 25.37 -1.80
CA LEU E 73 -55.00 25.74 -1.64
C LEU E 73 -54.71 27.05 -2.34
N LEU E 74 -55.20 27.21 -3.57
CA LEU E 74 -54.94 28.46 -4.29
C LEU E 74 -55.57 29.66 -3.57
N ALA E 75 -56.81 29.49 -3.11
CA ALA E 75 -57.49 30.60 -2.43
C ALA E 75 -56.78 30.96 -1.14
N ARG E 76 -56.35 29.97 -0.37
CA ARG E 76 -55.63 30.26 0.86
C ARG E 76 -54.32 30.97 0.58
N LEU E 77 -53.58 30.51 -0.43
CA LEU E 77 -52.29 31.14 -0.73
C LEU E 77 -52.45 32.58 -1.15
N LYS E 78 -53.45 32.88 -1.99
CA LYS E 78 -53.58 34.27 -2.41
C LYS E 78 -54.34 35.12 -1.40
N ARG E 79 -54.96 34.51 -0.39
CA ARG E 79 -55.52 35.30 0.70
C ARG E 79 -54.43 35.85 1.60
N LEU E 80 -53.35 35.09 1.78
CA LEU E 80 -52.21 35.55 2.57
C LEU E 80 -51.39 36.62 1.87
N GLY E 81 -51.63 36.87 0.58
CA GLY E 81 -50.85 37.83 -0.16
C GLY E 81 -49.56 37.28 -0.74
N LEU E 82 -49.43 35.96 -0.86
CA LEU E 82 -48.24 35.35 -1.41
C LEU E 82 -48.31 35.15 -2.92
N LEU E 83 -49.49 35.23 -3.51
CA LEU E 83 -49.66 35.03 -4.94
C LEU E 83 -50.57 36.11 -5.50
N PRO E 84 -50.41 36.46 -6.77
CA PRO E 84 -51.35 37.40 -7.41
C PRO E 84 -52.71 36.74 -7.60
N GLU E 85 -53.68 37.56 -8.03
CA GLU E 85 -55.05 37.08 -8.14
C GLU E 85 -55.26 36.16 -9.34
N ASP E 86 -54.33 36.11 -10.27
CA ASP E 86 -54.46 35.30 -11.47
C ASP E 86 -53.43 34.19 -11.56
N ALA E 87 -52.93 33.74 -10.42
CA ALA E 87 -51.93 32.68 -10.41
C ALA E 87 -52.57 31.32 -10.63
N VAL E 88 -51.76 30.36 -11.06
CA VAL E 88 -52.20 28.99 -11.26
C VAL E 88 -51.39 28.08 -10.35
N LEU E 89 -51.68 26.78 -10.38
CA LEU E 89 -51.06 25.86 -9.43
C LEU E 89 -49.54 25.82 -9.60
N ASP E 90 -49.07 25.83 -10.84
CA ASP E 90 -47.62 25.73 -11.09
C ASP E 90 -46.86 26.82 -10.36
N ASP E 91 -47.43 28.02 -10.24
CA ASP E 91 -46.74 29.13 -9.61
C ASP E 91 -46.43 28.87 -8.15
N VAL E 92 -47.08 27.88 -7.54
CA VAL E 92 -46.75 27.54 -6.15
C VAL E 92 -45.31 27.06 -6.05
N LEU E 93 -44.81 26.35 -7.06
CA LEU E 93 -43.50 25.74 -6.95
C LEU E 93 -42.35 26.74 -7.10
N SER E 94 -42.63 28.02 -7.27
CA SER E 94 -41.59 29.03 -7.41
C SER E 94 -41.51 29.98 -6.22
N LEU E 95 -42.20 29.68 -5.13
CA LEU E 95 -42.09 30.50 -3.93
C LEU E 95 -40.76 30.27 -3.24
N THR E 96 -40.28 31.29 -2.55
CA THR E 96 -39.01 31.23 -1.84
C THR E 96 -39.22 31.54 -0.36
N ILE E 97 -38.15 31.34 0.42
CA ILE E 97 -38.23 31.61 1.85
C ILE E 97 -38.40 33.10 2.11
N GLU E 98 -37.81 33.95 1.27
CA GLU E 98 -37.95 35.39 1.46
C GLU E 98 -39.38 35.85 1.28
N ASP E 99 -40.16 35.16 0.45
CA ASP E 99 -41.56 35.54 0.25
C ASP E 99 -42.35 35.44 1.54
N ILE E 100 -42.12 34.39 2.32
CA ILE E 100 -42.83 34.23 3.58
C ILE E 100 -42.35 35.24 4.61
N LEU E 101 -41.05 35.48 4.66
CA LEU E 101 -40.50 36.39 5.68
C LEU E 101 -41.00 37.82 5.49
N GLU E 102 -41.39 38.18 4.27
CA GLU E 102 -41.92 39.51 4.03
C GLU E 102 -43.29 39.72 4.63
N ARG E 103 -43.98 38.65 5.02
CA ARG E 103 -45.33 38.75 5.57
C ARG E 103 -45.36 38.83 7.08
N ARG E 104 -44.20 38.74 7.75
CA ARG E 104 -44.17 38.86 9.20
C ARG E 104 -44.62 40.25 9.62
N LEU E 105 -45.27 40.33 10.78
CA LEU E 105 -45.74 41.61 11.27
C LEU E 105 -44.60 42.57 11.53
N GLN E 106 -43.47 42.07 12.02
CA GLN E 106 -42.30 42.91 12.24
C GLN E 106 -41.83 43.57 10.95
N THR E 107 -41.68 42.78 9.89
CA THR E 107 -41.23 43.31 8.61
C THR E 107 -42.22 44.34 8.08
N ILE E 108 -43.52 44.02 8.13
CA ILE E 108 -44.52 44.92 7.56
C ILE E 108 -44.55 46.23 8.34
N VAL E 109 -44.42 46.17 9.66
CA VAL E 109 -44.34 47.39 10.45
C VAL E 109 -43.12 48.20 10.03
N TYR E 110 -41.99 47.54 9.78
CA TYR E 110 -40.81 48.27 9.33
C TYR E 110 -41.01 48.87 7.94
N LYS E 111 -41.60 48.12 7.01
CA LYS E 111 -41.72 48.60 5.64
C LYS E 111 -42.73 49.74 5.53
N LYS E 112 -43.77 49.71 6.36
CA LYS E 112 -44.79 50.76 6.32
C LYS E 112 -44.27 52.09 6.84
N GLY E 113 -43.09 52.12 7.45
CA GLY E 113 -42.54 53.34 7.98
C GLY E 113 -42.92 53.67 9.40
N LEU E 114 -43.55 52.74 10.13
CA LEU E 114 -43.86 52.98 11.53
C LEU E 114 -42.62 52.95 12.42
N ALA E 115 -41.50 52.42 11.93
CA ALA E 115 -40.27 52.34 12.70
C ALA E 115 -39.08 52.63 11.81
N ARG E 116 -37.97 52.98 12.44
CA ARG E 116 -36.73 53.24 11.72
C ARG E 116 -35.90 52.00 11.46
N THR E 117 -36.07 50.96 12.28
CA THR E 117 -35.24 49.78 12.21
C THR E 117 -36.10 48.55 12.49
N MET E 118 -35.57 47.38 12.11
CA MET E 118 -36.27 46.13 12.40
C MET E 118 -36.38 45.90 13.90
N ARG E 119 -35.29 46.14 14.64
CA ARG E 119 -35.31 45.91 16.08
C ARG E 119 -36.30 46.85 16.77
N GLN E 120 -36.35 48.10 16.33
CA GLN E 120 -37.33 49.02 16.90
C GLN E 120 -38.75 48.54 16.62
N ALA E 121 -38.99 47.99 15.42
CA ALA E 121 -40.30 47.45 15.12
C ALA E 121 -40.65 46.30 16.05
N ARG E 122 -39.69 45.41 16.31
CA ARG E 122 -39.93 44.31 17.23
C ARG E 122 -40.26 44.82 18.62
N GLN E 123 -39.52 45.80 19.10
CA GLN E 123 -39.81 46.36 20.43
C GLN E 123 -41.19 47.01 20.47
N LEU E 124 -41.54 47.74 19.41
CA LEU E 124 -42.86 48.35 19.36
C LEU E 124 -43.97 47.32 19.42
N ILE E 125 -43.80 46.21 18.70
CA ILE E 125 -44.82 45.16 18.71
C ILE E 125 -44.91 44.53 20.10
N VAL E 126 -43.77 44.20 20.71
CA VAL E 126 -43.79 43.46 21.96
C VAL E 126 -44.39 44.28 23.09
N HIS E 127 -44.08 45.59 23.13
CA HIS E 127 -44.60 46.42 24.20
C HIS E 127 -46.05 46.84 23.99
N GLY E 128 -46.63 46.57 22.83
CA GLY E 128 -48.05 46.80 22.62
C GLY E 128 -48.41 48.18 22.11
N HIS E 129 -47.67 48.66 21.11
CA HIS E 129 -47.93 49.96 20.52
C HIS E 129 -48.55 49.87 19.13
N ILE E 130 -48.80 48.67 18.63
CA ILE E 130 -49.27 48.47 17.26
C ILE E 130 -50.63 47.80 17.30
N GLU E 131 -51.60 48.35 16.57
CA GLU E 131 -52.90 47.76 16.44
C GLU E 131 -53.16 47.35 14.99
N VAL E 132 -53.74 46.17 14.83
CA VAL E 132 -54.08 45.58 13.54
C VAL E 132 -55.59 45.41 13.51
N ASN E 133 -56.27 46.19 12.67
CA ASN E 133 -57.72 46.09 12.50
C ASN E 133 -58.45 46.28 13.83
N GLY E 134 -57.98 47.22 14.63
CA GLY E 134 -58.60 47.52 15.90
C GLY E 134 -58.25 46.59 17.04
N GLN E 135 -57.27 45.71 16.87
CA GLN E 135 -56.87 44.74 17.87
C GLN E 135 -55.37 44.83 18.08
N ILE E 136 -54.96 44.73 19.34
CA ILE E 136 -53.54 44.76 19.70
C ILE E 136 -53.00 43.34 19.66
N ILE E 137 -51.91 43.14 18.91
CA ILE E 137 -51.24 41.85 18.81
C ILE E 137 -49.79 42.06 19.21
N ARG E 138 -49.25 41.13 20.01
CA ARG E 138 -47.88 41.24 20.52
C ARG E 138 -46.98 40.12 20.04
N SER E 139 -47.32 39.47 18.93
CA SER E 139 -46.47 38.41 18.38
C SER E 139 -45.78 38.91 17.13
N PRO E 140 -44.47 39.15 17.16
CA PRO E 140 -43.80 39.68 15.97
C PRO E 140 -43.80 38.75 14.77
N SER E 141 -44.07 37.46 14.95
CA SER E 141 -44.03 36.50 13.86
C SER E 141 -45.40 36.25 13.23
N TYR E 142 -46.44 36.96 13.65
CA TYR E 142 -47.76 36.78 13.08
C TYR E 142 -47.77 37.17 11.61
N LEU E 143 -48.38 36.34 10.77
CA LEU E 143 -48.45 36.58 9.34
C LEU E 143 -49.69 37.40 9.02
N VAL E 144 -49.50 38.48 8.26
CA VAL E 144 -50.56 39.45 8.01
C VAL E 144 -51.30 39.08 6.74
N LEU E 145 -52.63 39.01 6.83
CA LEU E 145 -53.46 38.79 5.65
C LEU E 145 -53.49 40.04 4.79
N LYS E 146 -53.74 39.84 3.49
CA LYS E 146 -53.77 40.96 2.56
C LYS E 146 -54.93 41.90 2.85
N GLU E 147 -56.08 41.35 3.26
CA GLU E 147 -57.27 42.16 3.45
C GLU E 147 -57.15 43.17 4.58
N GLU E 148 -56.23 42.94 5.52
CA GLU E 148 -56.11 43.79 6.70
C GLU E 148 -54.79 44.55 6.76
N GLU E 149 -54.02 44.52 5.68
CA GLU E 149 -52.68 45.10 5.72
C GLU E 149 -52.72 46.61 5.92
N ASP E 150 -53.66 47.28 5.27
CA ASP E 150 -53.72 48.74 5.33
C ASP E 150 -54.27 49.28 6.64
N THR E 151 -54.95 48.47 7.44
CA THR E 151 -55.47 48.91 8.72
C THR E 151 -54.52 48.60 9.87
N ILE E 152 -53.25 48.99 9.73
CA ILE E 152 -52.22 48.75 10.72
C ILE E 152 -51.68 50.09 11.15
N THR E 153 -51.84 50.44 12.43
CA THR E 153 -51.44 51.76 12.89
C THR E 153 -50.92 51.67 14.33
N TYR E 154 -50.57 52.82 14.88
CA TYR E 154 -50.30 52.90 16.31
C TYR E 154 -51.59 52.67 17.08
N ALA E 155 -51.47 52.02 18.24
CA ALA E 155 -52.62 51.85 19.11
C ALA E 155 -53.14 53.21 19.56
N ARG E 156 -54.46 53.34 19.59
CA ARG E 156 -55.07 54.63 19.90
C ARG E 156 -54.83 55.09 21.33
N THR E 157 -54.32 54.21 22.19
CA THR E 157 -53.98 54.57 23.56
C THR E 157 -52.49 54.70 23.77
N SER E 158 -51.68 54.46 22.76
CA SER E 158 -50.23 54.48 22.89
C SER E 158 -49.72 55.92 22.96
N PRO E 159 -48.58 56.13 23.65
CA PRO E 159 -47.95 57.45 23.60
C PRO E 159 -47.57 57.87 22.19
N PHE E 160 -47.22 56.93 21.32
CA PHE E 160 -46.82 57.24 19.96
C PHE E 160 -47.97 57.74 19.11
N ALA E 161 -49.22 57.59 19.56
CA ALA E 161 -50.36 58.09 18.80
C ALA E 161 -50.57 59.58 19.04
N ASN E 162 -49.49 60.33 18.90
CA ASN E 162 -49.47 61.78 19.09
C ASN E 162 -48.30 62.33 18.29
N PRO E 163 -48.56 63.12 17.25
CA PRO E 163 -47.47 63.57 16.37
C PRO E 163 -46.42 64.43 17.05
N GLN E 164 -46.68 64.92 18.26
CA GLN E 164 -45.73 65.74 18.99
C GLN E 164 -44.81 64.93 19.89
N HIS E 165 -44.96 63.61 19.92
CA HIS E 165 -44.12 62.80 20.78
C HIS E 165 -42.67 62.85 20.30
N PRO E 166 -41.71 63.02 21.21
CA PRO E 166 -40.31 63.16 20.78
C PRO E 166 -39.80 61.98 19.97
N GLU E 167 -40.20 60.76 20.33
CA GLU E 167 -39.66 59.60 19.63
C GLU E 167 -40.31 59.42 18.27
N ARG E 168 -41.60 59.74 18.14
CA ARG E 168 -42.26 59.63 16.83
C ARG E 168 -41.68 60.61 15.84
N MET E 169 -41.36 61.83 16.29
CA MET E 169 -40.78 62.82 15.38
C MET E 169 -39.43 62.35 14.85
N MET E 170 -38.65 61.65 15.67
CA MET E 170 -37.42 61.06 15.18
C MET E 170 -37.68 59.99 14.13
N ILE E 171 -38.74 59.20 14.31
CA ILE E 171 -39.08 58.17 13.33
C ILE E 171 -39.48 58.82 12.01
N GLU E 172 -40.32 59.86 12.06
CA GLU E 172 -40.75 60.54 10.85
C GLU E 172 -39.60 61.20 10.11
N LYS E 173 -38.51 61.52 10.81
CA LYS E 173 -37.38 62.20 10.19
C LYS E 173 -36.72 61.37 9.10
N ALA E 174 -36.86 60.05 9.15
CA ALA E 174 -36.24 59.17 8.16
C ALA E 174 -36.94 59.27 6.81
N ALA F 2 -68.82 -4.00 32.59
CA ALA F 2 -69.97 -4.78 33.02
C ALA F 2 -69.55 -6.18 33.44
N ARG F 3 -68.80 -6.28 34.54
CA ARG F 3 -68.37 -7.59 35.02
C ARG F 3 -69.51 -8.35 35.68
N LYS F 4 -70.30 -7.66 36.51
CA LYS F 4 -71.30 -8.33 37.33
C LYS F 4 -72.73 -7.92 37.05
N GLY F 5 -72.97 -6.89 36.26
CA GLY F 5 -74.31 -6.43 36.01
C GLY F 5 -74.41 -5.29 35.03
N PRO F 6 -75.61 -4.73 34.90
CA PRO F 6 -75.85 -3.71 33.87
C PRO F 6 -75.05 -2.44 34.10
N LYS F 7 -74.77 -1.74 33.01
CA LYS F 7 -74.08 -0.46 33.07
C LYS F 7 -75.06 0.67 33.36
N ARG F 8 -74.59 1.68 34.08
CA ARG F 8 -75.42 2.82 34.46
C ARG F 8 -74.86 4.15 33.94
N HIS F 9 -73.66 4.15 33.37
CA HIS F 9 -73.00 5.39 32.98
C HIS F 9 -72.76 5.40 31.47
N LEU F 10 -72.27 6.54 30.99
CA LEU F 10 -71.99 6.72 29.57
C LEU F 10 -71.00 7.86 29.41
N LYS F 11 -69.83 7.56 28.85
CA LYS F 11 -68.84 8.60 28.58
C LYS F 11 -69.26 9.45 27.38
N ARG F 12 -68.74 10.67 27.35
CA ARG F 12 -69.02 11.58 26.25
C ARG F 12 -68.47 11.06 24.92
N LEU F 13 -67.28 10.46 24.96
CA LEU F 13 -66.63 9.99 23.73
C LEU F 13 -67.35 8.79 23.12
N ALA F 14 -68.15 8.07 23.90
CA ALA F 14 -68.85 6.89 23.41
C ALA F 14 -70.32 7.15 23.14
N ALA F 15 -70.72 8.42 23.10
CA ALA F 15 -72.12 8.75 22.87
C ALA F 15 -72.54 8.38 21.45
N PRO F 16 -73.83 8.15 21.22
CA PRO F 16 -74.29 7.83 19.87
C PRO F 16 -73.94 8.94 18.89
N THR F 17 -73.64 8.55 17.66
CA THR F 17 -73.11 9.48 16.68
C THR F 17 -74.18 10.34 16.02
N SER F 18 -75.44 10.16 16.37
CA SER F 18 -76.51 10.97 15.78
C SER F 18 -76.91 12.16 16.64
N TRP F 19 -76.22 12.41 17.74
CA TRP F 19 -76.54 13.55 18.58
C TRP F 19 -75.73 14.78 18.17
N TYR F 20 -76.27 15.95 18.47
CA TYR F 20 -75.52 17.20 18.35
C TYR F 20 -75.00 17.55 19.74
N ILE F 21 -73.75 17.18 20.00
CA ILE F 21 -73.17 17.28 21.33
C ILE F 21 -71.68 17.56 21.18
N GLU F 22 -71.10 18.25 22.16
CA GLU F 22 -69.67 18.50 22.18
C GLU F 22 -69.00 17.40 22.99
N ARG F 23 -68.17 16.59 22.34
CA ARG F 23 -67.68 15.35 22.93
C ARG F 23 -66.50 15.54 23.86
N LYS F 24 -65.86 16.71 23.88
CA LYS F 24 -64.70 16.94 24.72
C LYS F 24 -64.92 17.98 25.80
N ALA F 25 -66.11 18.57 25.88
CA ALA F 25 -66.34 19.62 26.87
C ALA F 25 -66.39 19.05 28.28
N TYR F 26 -66.95 17.86 28.47
CA TYR F 26 -67.07 17.27 29.78
C TYR F 26 -66.76 15.78 29.70
N LYS F 27 -66.92 15.09 30.82
CA LYS F 27 -66.56 13.69 30.90
C LYS F 27 -67.76 12.78 30.66
N TRP F 28 -68.91 13.11 31.24
CA TRP F 28 -70.06 12.23 31.25
C TRP F 28 -71.16 12.76 30.34
N ALA F 29 -72.05 11.86 29.95
CA ALA F 29 -73.26 12.18 29.21
C ALA F 29 -74.44 11.45 29.85
N VAL F 30 -75.65 11.90 29.51
CA VAL F 30 -76.85 11.29 30.07
C VAL F 30 -77.09 9.95 29.41
N ARG F 31 -77.12 8.88 30.20
CA ARG F 31 -77.48 7.57 29.68
C ARG F 31 -78.98 7.49 29.55
N PRO F 32 -79.51 7.28 28.35
CA PRO F 32 -80.97 7.31 28.17
C PRO F 32 -81.66 6.13 28.85
N ARG F 33 -82.87 6.39 29.31
CA ARG F 33 -83.76 5.40 29.89
C ARG F 33 -84.33 4.50 28.79
N PRO F 34 -84.62 3.24 29.11
CA PRO F 34 -85.39 2.42 28.16
C PRO F 34 -86.74 3.06 27.87
N GLY F 35 -87.17 2.95 26.62
CA GLY F 35 -88.41 3.58 26.21
C GLY F 35 -88.84 3.27 24.80
N PRO F 36 -89.43 4.26 24.12
CA PRO F 36 -90.08 4.02 22.82
C PRO F 36 -89.15 3.55 21.70
N HIS F 37 -88.13 4.34 21.36
CA HIS F 37 -87.29 4.00 20.22
C HIS F 37 -86.04 3.27 20.71
N ASN F 38 -85.10 3.01 19.82
CA ASN F 38 -83.82 2.42 20.19
C ASN F 38 -82.78 3.51 20.36
N MET F 39 -81.55 3.09 20.68
CA MET F 39 -80.47 4.05 20.95
C MET F 39 -80.11 4.85 19.71
N ARG F 40 -80.06 4.23 18.54
CA ARG F 40 -79.53 4.88 17.36
C ARG F 40 -80.47 5.92 16.76
N THR F 41 -81.73 5.97 17.19
CA THR F 41 -82.71 6.86 16.57
C THR F 41 -83.44 7.72 17.59
N SER F 42 -82.79 8.07 18.69
CA SER F 42 -83.47 8.85 19.73
C SER F 42 -82.43 9.61 20.54
N ILE F 43 -82.90 10.59 21.29
CA ILE F 43 -82.04 11.44 22.11
C ILE F 43 -82.77 11.76 23.41
N PRO F 44 -82.06 11.89 24.54
CA PRO F 44 -82.74 12.26 25.79
C PRO F 44 -83.36 13.64 25.73
N LEU F 45 -84.44 13.82 26.49
CA LEU F 45 -85.20 15.06 26.46
C LEU F 45 -84.41 16.23 27.03
N LEU F 46 -83.45 15.96 27.92
CA LEU F 46 -82.68 17.03 28.53
C LEU F 46 -81.91 17.82 27.49
N TYR F 47 -81.31 17.13 26.52
CA TYR F 47 -80.57 17.82 25.48
C TYR F 47 -81.46 18.66 24.59
N ILE F 48 -82.70 18.23 24.35
CA ILE F 48 -83.63 19.07 23.60
C ILE F 48 -83.96 20.33 24.39
N VAL F 49 -84.22 20.19 25.69
CA VAL F 49 -84.59 21.36 26.49
C VAL F 49 -83.42 22.33 26.61
N ARG F 50 -82.22 21.81 26.82
CA ARG F 50 -81.08 22.66 27.16
C ARG F 50 -80.24 23.06 25.95
N ASP F 51 -79.78 22.08 25.17
CA ASP F 51 -78.80 22.38 24.13
C ASP F 51 -79.44 22.80 22.82
N TYR F 52 -80.56 22.18 22.44
CA TYR F 52 -81.19 22.49 21.16
C TYR F 52 -81.95 23.80 21.22
N LEU F 53 -82.96 23.88 22.07
CA LEU F 53 -83.81 25.07 22.12
C LEU F 53 -83.18 26.18 22.96
N GLY F 54 -82.36 25.82 23.94
CA GLY F 54 -81.69 26.82 24.75
C GLY F 54 -82.54 27.50 25.79
N TYR F 55 -83.65 26.90 26.21
CA TYR F 55 -84.48 27.50 27.24
C TYR F 55 -83.85 27.44 28.62
N ALA F 56 -82.82 26.61 28.82
CA ALA F 56 -82.15 26.50 30.10
C ALA F 56 -80.65 26.49 29.87
N LYS F 57 -79.91 26.98 30.88
CA LYS F 57 -78.46 27.01 30.80
C LYS F 57 -77.81 25.84 31.51
N THR F 58 -78.33 25.48 32.68
CA THR F 58 -77.80 24.37 33.47
C THR F 58 -78.84 23.26 33.54
N ALA F 59 -78.37 22.08 33.93
CA ALA F 59 -79.27 20.94 34.05
C ALA F 59 -80.27 21.13 35.18
N ARG F 60 -79.87 21.80 36.26
CA ARG F 60 -80.76 21.95 37.40
C ARG F 60 -82.01 22.75 37.05
N GLU F 61 -81.85 23.85 36.32
CA GLU F 61 -83.01 24.63 35.94
C GLU F 61 -83.77 24.02 34.77
N ALA F 62 -83.16 23.11 34.03
CA ALA F 62 -83.90 22.35 33.03
C ALA F 62 -84.87 21.39 33.69
N ARG F 63 -84.46 20.75 34.79
CA ARG F 63 -85.35 19.82 35.50
C ARG F 63 -86.51 20.56 36.14
N LYS F 64 -86.30 21.80 36.58
CA LYS F 64 -87.39 22.56 37.17
C LYS F 64 -88.46 22.89 36.13
N ILE F 65 -88.04 23.15 34.89
CA ILE F 65 -89.00 23.39 33.82
C ILE F 65 -89.80 22.13 33.53
N LEU F 66 -89.13 20.98 33.45
CA LEU F 66 -89.82 19.74 33.09
C LEU F 66 -90.82 19.34 34.17
N ASN F 67 -90.45 19.47 35.44
CA ASN F 67 -91.35 19.08 36.52
C ASN F 67 -92.62 19.89 36.57
N GLU F 68 -92.65 21.06 35.94
CA GLU F 68 -93.85 21.87 35.89
C GLU F 68 -94.76 21.50 34.72
N GLY F 69 -94.39 20.48 33.94
CA GLY F 69 -95.21 20.03 32.84
C GLY F 69 -95.33 21.00 31.68
N LYS F 70 -94.22 21.61 31.29
CA LYS F 70 -94.21 22.56 30.19
C LYS F 70 -93.99 21.92 28.83
N PHE F 71 -93.65 20.63 28.77
CA PHE F 71 -93.31 19.97 27.53
C PHE F 71 -94.25 18.80 27.26
N LEU F 72 -94.70 18.71 26.02
CA LEU F 72 -95.56 17.63 25.56
C LEU F 72 -94.85 16.85 24.46
N VAL F 73 -94.84 15.54 24.58
CA VAL F 73 -94.32 14.66 23.53
C VAL F 73 -95.46 13.75 23.10
N ASP F 74 -95.88 13.87 21.84
CA ASP F 74 -97.05 13.16 21.32
C ASP F 74 -98.29 13.45 22.15
N GLY F 75 -98.42 14.69 22.60
CA GLY F 75 -99.58 15.11 23.35
C GLY F 75 -99.64 14.66 24.79
N ARG F 76 -98.57 14.08 25.32
CA ARG F 76 -98.54 13.62 26.70
C ARG F 76 -97.41 14.32 27.45
N VAL F 77 -97.68 14.69 28.70
CA VAL F 77 -96.69 15.38 29.51
C VAL F 77 -95.60 14.42 29.92
N ARG F 78 -94.34 14.81 29.71
CA ARG F 78 -93.19 14.01 30.11
C ARG F 78 -92.39 14.81 31.13
N LYS F 79 -92.11 14.19 32.28
CA LYS F 79 -91.33 14.84 33.31
C LYS F 79 -89.93 14.28 33.46
N ASP F 80 -89.68 13.05 32.98
CA ASP F 80 -88.37 12.43 33.13
C ASP F 80 -87.39 13.07 32.15
N TYR F 81 -86.24 13.50 32.66
CA TYR F 81 -85.24 14.12 31.80
C TYR F 81 -84.43 13.10 31.02
N LYS F 82 -84.60 11.81 31.30
CA LYS F 82 -83.94 10.75 30.55
C LYS F 82 -84.81 10.17 29.45
N PHE F 83 -86.00 10.72 29.24
CA PHE F 83 -86.94 10.13 28.29
C PHE F 83 -86.40 10.24 26.87
N PRO F 84 -86.43 9.16 26.09
CA PRO F 84 -85.92 9.22 24.72
C PRO F 84 -86.97 9.75 23.75
N VAL F 85 -86.54 10.65 22.87
CA VAL F 85 -87.39 11.24 21.83
C VAL F 85 -86.81 10.84 20.49
N GLY F 86 -87.66 10.34 19.59
CA GLY F 86 -87.17 9.74 18.37
C GLY F 86 -87.82 10.17 17.07
N ILE F 87 -87.62 9.37 16.02
CA ILE F 87 -88.05 9.74 14.68
C ILE F 87 -89.56 9.84 14.62
N MET F 88 -90.05 10.85 13.91
CA MET F 88 -91.45 11.14 13.63
C MET F 88 -92.22 11.57 14.87
N ASP F 89 -91.55 11.84 15.99
CA ASP F 89 -92.25 12.34 17.16
C ASP F 89 -92.63 13.80 16.98
N VAL F 90 -93.54 14.27 17.82
CA VAL F 90 -93.99 15.66 17.82
C VAL F 90 -93.70 16.24 19.18
N VAL F 91 -92.97 17.36 19.21
CA VAL F 91 -92.66 18.07 20.44
C VAL F 91 -93.45 19.37 20.44
N SER F 92 -94.26 19.57 21.46
CA SER F 92 -95.15 20.73 21.54
C SER F 92 -94.87 21.51 22.82
N ILE F 93 -94.75 22.81 22.69
CA ILE F 93 -94.72 23.73 23.82
C ILE F 93 -95.95 24.63 23.73
N PRO F 94 -96.98 24.35 24.52
CA PRO F 94 -98.24 25.09 24.38
C PRO F 94 -98.17 26.51 24.94
N GLU F 95 -97.34 26.71 25.98
CA GLU F 95 -97.22 28.03 26.56
C GLU F 95 -96.61 29.03 25.58
N THR F 96 -95.63 28.62 24.79
CA THR F 96 -95.12 29.42 23.68
C THR F 96 -95.84 29.11 22.37
N GLY F 97 -96.64 28.05 22.33
CA GLY F 97 -97.38 27.70 21.13
C GLY F 97 -96.53 27.33 19.94
N GLU F 98 -95.53 26.47 20.13
CA GLU F 98 -94.67 26.05 19.03
C GLU F 98 -94.61 24.53 18.97
N HIS F 99 -94.39 24.02 17.77
CA HIS F 99 -94.43 22.58 17.52
C HIS F 99 -93.29 22.20 16.58
N TYR F 100 -92.73 21.03 16.81
CA TYR F 100 -91.62 20.52 16.01
C TYR F 100 -91.82 19.04 15.74
N ARG F 101 -91.24 18.57 14.64
CA ARG F 101 -91.15 17.15 14.34
C ARG F 101 -89.68 16.75 14.28
N VAL F 102 -89.36 15.59 14.84
CA VAL F 102 -87.98 15.13 14.94
C VAL F 102 -87.65 14.32 13.69
N LEU F 103 -86.62 14.73 12.97
CA LEU F 103 -86.28 14.07 11.72
C LEU F 103 -84.77 13.93 11.58
N PRO F 104 -84.30 12.90 10.88
CA PRO F 104 -82.87 12.78 10.62
C PRO F 104 -82.39 13.79 9.59
N ASN F 105 -81.11 14.14 9.70
CA ASN F 105 -80.50 15.11 8.81
C ASN F 105 -80.08 14.43 7.51
N ARG F 106 -79.43 15.20 6.64
CA ARG F 106 -78.86 14.62 5.42
C ARG F 106 -77.61 13.81 5.72
N ILE F 107 -76.99 14.01 6.88
CA ILE F 107 -75.82 13.24 7.29
C ILE F 107 -76.13 12.27 8.43
N GLY F 108 -77.38 12.19 8.86
CA GLY F 108 -77.77 11.21 9.85
C GLY F 108 -77.94 11.73 11.26
N LYS F 109 -78.07 13.03 11.46
CA LYS F 109 -78.23 13.60 12.78
C LYS F 109 -79.67 14.09 12.98
N LEU F 110 -80.10 14.12 14.24
CA LEU F 110 -81.46 14.48 14.56
C LEU F 110 -81.62 16.00 14.60
N ILE F 111 -82.68 16.50 13.98
CA ILE F 111 -83.00 17.91 13.94
C ILE F 111 -84.49 18.10 14.18
N LEU F 112 -84.86 19.32 14.57
CA LEU F 112 -86.24 19.70 14.82
C LEU F 112 -86.74 20.54 13.65
N HIS F 113 -87.83 20.08 13.03
CA HIS F 113 -88.42 20.73 11.87
C HIS F 113 -89.72 21.38 12.28
N PRO F 114 -89.85 22.71 12.18
CA PRO F 114 -91.10 23.37 12.58
C PRO F 114 -92.27 22.91 11.73
N ILE F 115 -93.43 22.76 12.37
CA ILE F 115 -94.65 22.33 11.71
C ILE F 115 -95.82 23.19 12.20
N SER F 116 -96.93 23.10 11.47
CA SER F 116 -98.13 23.82 11.84
C SER F 116 -98.85 23.14 13.00
N GLU F 117 -99.74 23.89 13.64
CA GLU F 117 -100.48 23.36 14.78
C GLU F 117 -101.41 22.23 14.37
N GLU F 118 -102.06 22.36 13.21
CA GLU F 118 -102.99 21.34 12.76
C GLU F 118 -102.28 20.02 12.50
N GLU F 119 -101.11 20.07 11.88
CA GLU F 119 -100.36 18.86 11.60
C GLU F 119 -99.82 18.21 12.88
N ALA F 120 -99.78 18.95 13.98
CA ALA F 120 -99.22 18.42 15.22
C ALA F 120 -100.09 17.36 15.87
N ASN F 121 -101.31 17.14 15.38
CA ASN F 121 -102.20 16.17 16.01
C ASN F 121 -102.09 14.77 15.43
N ILE F 122 -101.32 14.57 14.35
CA ILE F 122 -101.22 13.28 13.70
C ILE F 122 -99.78 12.80 13.74
N LYS F 123 -99.60 11.50 13.88
CA LYS F 123 -98.29 10.88 13.90
C LYS F 123 -98.30 9.65 13.00
N PRO F 124 -97.35 9.51 12.09
CA PRO F 124 -97.27 8.29 11.28
C PRO F 124 -96.52 7.19 12.01
N LEU F 125 -97.04 5.96 11.89
CA LEU F 125 -96.44 4.79 12.54
C LEU F 125 -96.28 3.71 11.50
N ARG F 126 -95.07 3.15 11.43
CA ARG F 126 -94.82 2.04 10.50
C ARG F 126 -95.16 0.72 11.18
N ILE F 127 -95.93 -0.11 10.50
CA ILE F 127 -96.30 -1.42 11.03
C ILE F 127 -95.06 -2.31 10.97
N ARG F 128 -94.50 -2.60 12.13
CA ARG F 128 -93.27 -3.38 12.20
C ARG F 128 -93.55 -4.87 12.34
N ASN F 129 -94.63 -5.25 13.03
CA ASN F 129 -94.97 -6.66 13.15
C ASN F 129 -96.47 -6.79 13.44
N LYS F 130 -96.96 -8.01 13.30
CA LYS F 130 -98.38 -8.29 13.37
C LYS F 130 -98.58 -9.72 13.84
N ARG F 131 -99.42 -9.91 14.86
CA ARG F 131 -99.56 -11.23 15.45
C ARG F 131 -100.97 -11.46 15.94
N MET F 132 -101.28 -12.74 16.21
CA MET F 132 -102.54 -13.13 16.82
C MET F 132 -102.41 -13.12 18.33
N VAL F 133 -103.48 -12.74 19.02
CA VAL F 133 -103.49 -12.66 20.47
C VAL F 133 -104.80 -13.24 20.99
N LYS F 134 -104.77 -13.63 22.27
CA LYS F 134 -105.83 -14.40 22.89
C LYS F 134 -107.18 -13.70 22.74
N GLY F 135 -108.24 -14.50 22.65
CA GLY F 135 -109.53 -14.01 22.23
C GLY F 135 -109.65 -13.88 20.73
N ALA F 136 -108.66 -14.33 19.98
CA ALA F 136 -108.63 -14.23 18.52
C ALA F 136 -108.74 -12.76 18.07
N LYS F 137 -107.74 -11.98 18.45
CA LYS F 137 -107.64 -10.60 17.99
C LYS F 137 -106.28 -10.39 17.33
N ILE F 138 -106.12 -9.28 16.61
CA ILE F 138 -104.87 -8.99 15.93
C ILE F 138 -104.17 -7.85 16.65
N GLN F 139 -102.90 -8.05 16.97
CA GLN F 139 -102.09 -7.01 17.59
C GLN F 139 -101.07 -6.51 16.59
N LEU F 140 -101.02 -5.19 16.41
CA LEU F 140 -100.06 -4.51 15.55
C LEU F 140 -98.98 -3.90 16.42
N ASN F 141 -97.72 -4.15 16.07
CA ASN F 141 -96.56 -3.60 16.76
C ASN F 141 -95.89 -2.61 15.83
N PHE F 142 -95.80 -1.35 16.26
CA PHE F 142 -95.31 -0.26 15.44
C PHE F 142 -93.81 -0.06 15.64
N HIS F 143 -93.24 0.85 14.84
CA HIS F 143 -91.80 1.03 14.82
C HIS F 143 -91.27 1.70 16.08
N ASP F 144 -92.11 2.42 16.82
CA ASP F 144 -91.69 3.06 18.05
C ASP F 144 -92.06 2.25 19.29
N GLY F 145 -92.45 0.99 19.12
CA GLY F 145 -92.70 0.11 20.24
C GLY F 145 -94.13 0.06 20.74
N THR F 146 -95.00 0.96 20.29
CA THR F 146 -96.37 0.97 20.77
C THR F 146 -97.18 -0.12 20.06
N ASN F 147 -98.36 -0.41 20.60
CA ASN F 147 -99.17 -1.53 20.14
C ASN F 147 -100.60 -1.08 19.92
N HIS F 148 -101.31 -1.83 19.08
CA HIS F 148 -102.73 -1.56 18.85
C HIS F 148 -103.46 -2.87 18.58
N LEU F 149 -104.76 -2.86 18.83
CA LEU F 149 -105.61 -4.04 18.67
C LEU F 149 -106.67 -3.81 17.61
N ILE F 150 -106.87 -4.81 16.75
CA ILE F 150 -107.94 -4.75 15.76
C ILE F 150 -108.69 -6.07 15.74
N PRO F 151 -109.95 -6.07 15.31
CA PRO F 151 -110.74 -7.31 15.28
C PRO F 151 -110.30 -8.22 14.14
N LEU F 152 -110.80 -9.45 14.18
CA LEU F 152 -110.45 -10.44 13.17
C LEU F 152 -111.05 -10.12 11.81
N SER F 153 -112.04 -9.22 11.76
CA SER F 153 -112.70 -8.90 10.50
C SER F 153 -111.81 -8.11 9.55
N GLU F 154 -110.97 -7.23 10.07
CA GLU F 154 -110.13 -6.36 9.25
C GLU F 154 -108.72 -6.88 9.09
N LYS F 155 -108.51 -8.19 9.23
CA LYS F 155 -107.15 -8.74 9.19
C LYS F 155 -106.50 -8.53 7.83
N ASP F 156 -107.26 -8.27 6.78
CA ASP F 156 -106.72 -8.12 5.44
C ASP F 156 -106.46 -6.67 5.05
N ASN F 157 -106.73 -5.72 5.95
CA ASN F 157 -106.47 -4.31 5.67
C ASN F 157 -105.12 -3.85 6.19
N TYR F 158 -104.35 -4.72 6.83
CA TYR F 158 -103.09 -4.33 7.44
C TYR F 158 -102.03 -5.39 7.18
N PHE F 159 -100.86 -4.94 6.74
CA PHE F 159 -99.71 -5.81 6.56
C PHE F 159 -98.46 -5.07 7.00
N THR F 160 -97.38 -5.81 7.20
CA THR F 160 -96.14 -5.19 7.61
C THR F 160 -95.64 -4.23 6.53
N SER F 161 -94.95 -3.18 6.97
CA SER F 161 -94.39 -2.08 6.19
C SER F 161 -95.44 -1.06 5.78
N TYR F 162 -96.72 -1.28 6.09
CA TYR F 162 -97.70 -0.23 5.87
C TYR F 162 -97.51 0.88 6.90
N THR F 163 -98.12 2.02 6.62
CA THR F 163 -98.09 3.16 7.53
C THR F 163 -99.49 3.51 7.98
N VAL F 164 -99.65 3.78 9.27
CA VAL F 164 -100.92 4.16 9.86
C VAL F 164 -100.78 5.57 10.41
N LEU F 165 -101.71 6.45 10.04
CA LEU F 165 -101.74 7.81 10.57
C LEU F 165 -102.62 7.80 11.82
N MET F 166 -102.01 8.03 12.98
CA MET F 166 -102.70 7.93 14.25
C MET F 166 -102.90 9.32 14.84
N LYS F 167 -104.10 9.56 15.36
CA LYS F 167 -104.39 10.83 16.02
C LYS F 167 -104.01 10.73 17.49
N VAL F 168 -103.14 11.64 17.94
CA VAL F 168 -102.61 11.61 19.30
C VAL F 168 -103.23 12.75 20.10
N PRO F 169 -103.37 12.62 21.43
CA PRO F 169 -103.00 11.45 22.23
C PRO F 169 -104.11 10.41 22.35
N GLU F 170 -105.22 10.63 21.64
CA GLU F 170 -106.35 9.70 21.72
C GLU F 170 -106.02 8.33 21.15
N ARG F 171 -105.00 8.25 20.29
CA ARG F 171 -104.61 6.98 19.62
C ARG F 171 -105.73 6.32 18.78
N GLU F 172 -106.30 7.10 17.86
CA GLU F 172 -107.42 6.70 17.03
C GLU F 172 -106.97 6.68 15.57
N ILE F 173 -107.20 5.55 14.90
CA ILE F 173 -106.75 5.40 13.52
C ILE F 173 -107.63 6.24 12.60
N LEU F 174 -107.02 6.86 11.60
CA LEU F 174 -107.78 7.62 10.62
C LEU F 174 -107.33 7.44 9.17
N GLU F 175 -106.29 6.65 8.89
CA GLU F 175 -105.82 6.47 7.52
C GLU F 175 -104.81 5.34 7.49
N VAL F 176 -104.83 4.58 6.40
CA VAL F 176 -103.88 3.51 6.16
C VAL F 176 -103.23 3.73 4.80
N LEU F 177 -101.91 3.72 4.76
CA LEU F 177 -101.16 3.94 3.52
C LEU F 177 -100.45 2.66 3.12
N PRO F 178 -100.84 2.02 2.02
CA PRO F 178 -100.23 0.75 1.64
C PRO F 178 -98.82 0.94 1.08
N PHE F 179 -98.06 -0.16 1.12
CA PHE F 179 -96.71 -0.21 0.58
C PHE F 179 -96.77 -0.93 -0.76
N GLU F 180 -96.57 -0.19 -1.84
CA GLU F 180 -96.68 -0.73 -3.19
C GLU F 180 -95.97 0.21 -4.15
N LYS F 181 -95.94 -0.18 -5.43
CA LYS F 181 -95.34 0.68 -6.44
C LYS F 181 -96.11 1.98 -6.56
N GLY F 182 -95.38 3.09 -6.65
CA GLY F 182 -95.98 4.40 -6.75
C GLY F 182 -96.19 5.11 -5.43
N ALA F 183 -95.95 4.46 -4.31
CA ALA F 183 -96.09 5.10 -3.01
C ALA F 183 -94.94 6.06 -2.76
N TYR F 184 -95.18 7.05 -1.91
CA TYR F 184 -94.18 8.05 -1.59
C TYR F 184 -93.47 7.68 -0.29
N VAL F 185 -92.14 7.64 -0.32
CA VAL F 185 -91.36 7.16 0.79
C VAL F 185 -90.27 8.16 1.16
N PHE F 186 -89.82 8.05 2.41
CA PHE F 186 -88.79 8.88 3.01
C PHE F 186 -87.80 7.95 3.70
N VAL F 187 -86.51 8.11 3.40
CA VAL F 187 -85.49 7.19 3.89
C VAL F 187 -84.99 7.65 5.26
N THR F 188 -84.89 6.71 6.20
CA THR F 188 -84.56 7.04 7.58
C THR F 188 -83.14 6.65 8.00
N GLN F 189 -82.51 5.68 7.35
CA GLN F 189 -81.17 5.26 7.71
C GLN F 189 -80.37 4.96 6.47
N GLY F 190 -79.09 4.69 6.67
CA GLY F 190 -78.22 4.26 5.60
C GLY F 190 -77.51 5.41 4.92
N LYS F 191 -76.89 5.08 3.78
CA LYS F 191 -76.14 6.07 3.03
C LYS F 191 -77.06 7.12 2.39
N ASN F 192 -78.25 6.70 1.97
CA ASN F 192 -79.21 7.57 1.31
C ASN F 192 -80.22 8.17 2.28
N VAL F 193 -79.83 8.42 3.53
CA VAL F 193 -80.76 8.93 4.52
C VAL F 193 -81.26 10.30 4.11
N ALA F 194 -82.52 10.58 4.43
CA ALA F 194 -83.23 11.84 4.23
C ALA F 194 -83.61 12.12 2.79
N ARG F 195 -83.31 11.22 1.85
CA ARG F 195 -83.83 11.35 0.50
C ARG F 195 -85.24 10.79 0.41
N LYS F 196 -86.03 11.34 -0.50
CA LYS F 196 -87.44 10.98 -0.60
C LYS F 196 -87.82 10.78 -2.06
N GLY F 197 -88.85 9.97 -2.28
CA GLY F 197 -89.29 9.71 -3.64
C GLY F 197 -90.42 8.70 -3.78
N ARG F 198 -90.44 7.98 -4.90
CA ARG F 198 -91.49 7.03 -5.21
C ARG F 198 -90.89 5.66 -5.48
N ILE F 199 -91.64 4.62 -5.09
CA ILE F 199 -91.19 3.24 -5.24
C ILE F 199 -91.34 2.80 -6.69
N VAL F 200 -90.34 2.09 -7.20
CA VAL F 200 -90.33 1.61 -8.56
C VAL F 200 -90.32 0.08 -8.62
N GLU F 201 -89.50 -0.55 -7.77
CA GLU F 201 -89.32 -2.00 -7.85
C GLU F 201 -88.99 -2.55 -6.47
N ILE F 202 -89.26 -3.84 -6.30
CA ILE F 202 -88.99 -4.57 -5.07
C ILE F 202 -88.34 -5.90 -5.45
N LYS F 203 -87.30 -6.29 -4.72
CA LYS F 203 -86.56 -7.51 -4.99
C LYS F 203 -86.43 -8.33 -3.71
N LYS F 204 -86.31 -9.65 -3.85
CA LYS F 204 -86.23 -10.56 -2.73
C LYS F 204 -85.10 -11.56 -2.95
N PHE F 205 -84.63 -12.13 -1.85
CA PHE F 205 -83.45 -13.00 -1.85
C PHE F 205 -83.72 -14.20 -0.97
N PRO F 206 -83.02 -15.31 -1.20
CA PRO F 206 -83.24 -16.51 -0.40
C PRO F 206 -82.50 -16.48 0.93
N MET F 207 -82.95 -17.36 1.83
CA MET F 207 -82.25 -17.65 3.09
C MET F 207 -82.14 -16.43 4.00
N GLY F 208 -83.21 -15.64 4.07
CA GLY F 208 -83.32 -14.64 5.12
C GLY F 208 -82.55 -13.37 4.93
N TRP F 209 -81.93 -13.15 3.78
CA TRP F 209 -81.31 -11.86 3.52
C TRP F 209 -82.40 -10.80 3.34
N PRO F 210 -82.19 -9.59 3.83
CA PRO F 210 -83.22 -8.55 3.71
C PRO F 210 -83.44 -8.15 2.26
N ASP F 211 -84.63 -7.65 1.99
CA ASP F 211 -85.04 -7.28 0.65
C ASP F 211 -84.79 -5.80 0.38
N VAL F 212 -84.68 -5.45 -0.90
CA VAL F 212 -84.22 -4.15 -1.35
C VAL F 212 -85.30 -3.51 -2.21
N VAL F 213 -85.38 -2.18 -2.16
CA VAL F 213 -86.33 -1.42 -2.97
C VAL F 213 -85.58 -0.36 -3.75
N THR F 214 -86.15 0.02 -4.89
CA THR F 214 -85.61 1.06 -5.76
C THR F 214 -86.55 2.26 -5.75
N ILE F 215 -85.99 3.46 -5.67
CA ILE F 215 -86.75 4.69 -5.48
C ILE F 215 -86.30 5.70 -6.53
N GLU F 216 -87.27 6.40 -7.11
CA GLU F 216 -87.02 7.50 -8.03
C GLU F 216 -87.37 8.81 -7.36
N ASP F 217 -86.46 9.77 -7.38
CA ASP F 217 -86.66 11.04 -6.71
C ASP F 217 -87.30 12.04 -7.69
N GLU F 218 -87.37 13.31 -7.27
CA GLU F 218 -88.03 14.32 -8.09
C GLU F 218 -87.26 14.57 -9.38
N GLU F 219 -85.93 14.57 -9.32
CA GLU F 219 -85.11 14.83 -10.48
C GLU F 219 -85.05 13.65 -11.44
N GLY F 220 -85.60 12.50 -11.07
CA GLY F 220 -85.63 11.35 -11.95
C GLY F 220 -84.49 10.38 -11.80
N GLU F 221 -83.72 10.47 -10.72
CA GLU F 221 -82.62 9.54 -10.48
C GLU F 221 -83.11 8.35 -9.67
N LEU F 222 -82.50 7.19 -9.91
CA LEU F 222 -82.87 5.96 -9.26
C LEU F 222 -81.81 5.58 -8.23
N PHE F 223 -82.23 5.17 -7.05
CA PHE F 223 -81.31 4.68 -6.04
C PHE F 223 -81.96 3.56 -5.24
N ASP F 224 -81.13 2.67 -4.71
CA ASP F 224 -81.59 1.51 -3.97
C ASP F 224 -81.39 1.70 -2.48
N THR F 225 -82.20 1.00 -1.69
CA THR F 225 -82.01 0.97 -0.25
C THR F 225 -82.75 -0.24 0.32
N LEU F 226 -82.55 -0.48 1.61
CA LEU F 226 -83.26 -1.57 2.27
C LEU F 226 -84.74 -1.24 2.41
N LYS F 227 -85.57 -2.28 2.34
CA LYS F 227 -87.01 -2.08 2.44
C LYS F 227 -87.40 -1.51 3.79
N GLU F 228 -86.78 -2.00 4.86
CA GLU F 228 -87.13 -1.56 6.20
C GLU F 228 -86.69 -0.13 6.50
N TYR F 229 -85.84 0.46 5.67
CA TYR F 229 -85.43 1.84 5.83
C TYR F 229 -86.35 2.81 5.08
N ALA F 230 -87.32 2.30 4.32
CA ALA F 230 -88.22 3.13 3.53
C ALA F 230 -89.50 3.34 4.33
N PHE F 231 -89.84 4.60 4.58
CA PHE F 231 -90.97 4.97 5.41
C PHE F 231 -92.04 5.59 4.52
N VAL F 232 -93.19 4.92 4.41
CA VAL F 232 -94.27 5.40 3.55
C VAL F 232 -94.93 6.62 4.19
N VAL F 233 -95.10 7.68 3.41
CA VAL F 233 -95.67 8.92 3.91
C VAL F 233 -96.81 9.44 3.05
N GLY F 234 -97.21 8.73 2.00
CA GLY F 234 -98.32 9.20 1.19
C GLY F 234 -98.59 8.29 0.02
N ARG F 235 -99.66 8.61 -0.70
CA ARG F 235 -100.03 7.84 -1.89
C ARG F 235 -99.18 8.24 -3.08
N ASP F 236 -99.29 9.50 -3.49
CA ASP F 236 -98.44 10.07 -4.53
C ASP F 236 -97.86 11.41 -4.13
N LYS F 237 -98.35 12.03 -3.07
CA LYS F 237 -97.78 13.22 -2.47
C LYS F 237 -97.65 13.01 -0.96
N PRO F 238 -96.68 13.65 -0.33
CA PRO F 238 -96.55 13.51 1.12
C PRO F 238 -97.78 14.03 1.84
N ARG F 239 -98.15 13.34 2.92
CA ARG F 239 -99.23 13.78 3.79
C ARG F 239 -98.76 14.65 4.93
N ILE F 240 -97.45 14.78 5.13
CA ILE F 240 -96.88 15.58 6.21
C ILE F 240 -95.76 16.44 5.64
N SER F 241 -95.44 17.50 6.36
CA SER F 241 -94.39 18.43 5.92
C SER F 241 -93.02 17.79 6.13
N LEU F 242 -92.19 17.84 5.10
CA LEU F 242 -90.83 17.33 5.17
C LEU F 242 -89.86 18.38 4.66
N PRO F 243 -88.65 18.43 5.22
CA PRO F 243 -87.65 19.41 4.77
C PRO F 243 -86.97 18.99 3.48
N SER G 2 -20.40 38.96 -19.42
CA SER G 2 -20.35 38.55 -20.82
C SER G 2 -19.47 39.49 -21.63
N GLN G 3 -19.47 40.77 -21.25
CA GLN G 3 -18.69 41.77 -21.98
C GLN G 3 -17.20 41.49 -21.88
N GLU G 4 -16.74 41.05 -20.72
CA GLU G 4 -15.32 40.71 -20.56
C GLU G 4 -14.93 39.57 -21.48
N TRP G 5 -15.78 38.56 -21.58
CA TRP G 5 -15.40 37.35 -22.31
C TRP G 5 -15.41 37.55 -23.82
N LYS G 6 -16.24 38.46 -24.33
CA LYS G 6 -16.18 38.78 -25.76
C LYS G 6 -14.82 39.33 -26.14
N GLU G 7 -14.33 40.33 -25.39
CA GLU G 7 -13.03 40.89 -25.70
C GLU G 7 -11.91 39.92 -25.38
N TYR G 8 -12.10 39.06 -24.38
CA TYR G 8 -11.10 38.03 -24.09
C TYR G 8 -10.96 37.07 -25.26
N ALA G 9 -12.09 36.63 -25.82
CA ALA G 9 -12.05 35.74 -26.99
C ALA G 9 -11.45 36.46 -28.18
N LYS G 10 -11.77 37.74 -28.37
CA LYS G 10 -11.17 38.50 -29.46
C LYS G 10 -9.65 38.59 -29.30
N ARG G 11 -9.17 38.83 -28.08
CA ARG G 11 -7.74 38.89 -27.84
C ARG G 11 -7.07 37.56 -28.12
N VAL G 12 -7.69 36.47 -27.68
CA VAL G 12 -7.11 35.15 -27.89
C VAL G 12 -7.07 34.82 -29.38
N LEU G 13 -8.11 35.20 -30.12
CA LEU G 13 -8.23 34.79 -31.51
C LEU G 13 -7.11 35.38 -32.37
N ASP G 14 -6.73 36.63 -32.12
CA ASP G 14 -5.78 37.32 -33.01
C ASP G 14 -4.37 36.77 -32.89
N GLU G 15 -3.94 36.39 -31.68
CA GLU G 15 -2.55 35.99 -31.44
C GLU G 15 -2.36 34.49 -31.44
N TRP G 16 -3.35 33.74 -31.91
CA TRP G 16 -3.33 32.28 -31.89
C TRP G 16 -2.94 31.76 -33.26
N GLN G 17 -2.00 30.82 -33.30
CA GLN G 17 -1.58 30.18 -34.54
C GLN G 17 -2.06 28.74 -34.54
N PRO G 18 -3.12 28.41 -35.26
CA PRO G 18 -3.67 27.04 -35.20
C PRO G 18 -2.70 26.03 -35.81
N LYS G 19 -2.78 24.80 -35.30
CA LYS G 19 -1.92 23.71 -35.74
C LYS G 19 -2.70 22.57 -36.38
N THR G 20 -4.01 22.53 -36.21
CA THR G 20 -4.83 21.44 -36.71
C THR G 20 -5.87 21.96 -37.69
N LYS G 21 -6.57 21.03 -38.32
CA LYS G 21 -7.57 21.37 -39.33
C LYS G 21 -8.75 22.11 -38.70
N LEU G 22 -9.25 21.60 -37.58
CA LEU G 22 -10.38 22.24 -36.90
C LEU G 22 -9.98 23.63 -36.38
N GLY G 23 -8.75 23.75 -35.88
CA GLY G 23 -8.28 25.06 -35.47
C GLY G 23 -8.23 26.04 -36.62
N MET G 24 -7.83 25.56 -37.81
CA MET G 24 -7.85 26.41 -38.99
C MET G 24 -9.28 26.82 -39.36
N LEU G 25 -10.22 25.88 -39.27
CA LEU G 25 -11.62 26.22 -39.56
C LEU G 25 -12.14 27.29 -38.61
N VAL G 26 -11.81 27.18 -37.32
CA VAL G 26 -12.26 28.17 -36.36
C VAL G 26 -11.57 29.52 -36.62
N LYS G 27 -10.28 29.49 -36.94
CA LYS G 27 -9.53 30.72 -37.12
C LYS G 27 -10.05 31.54 -38.30
N GLU G 28 -10.40 30.87 -39.39
CA GLU G 28 -10.85 31.55 -40.60
C GLU G 28 -12.31 31.97 -40.55
N GLY G 29 -13.01 31.65 -39.47
CA GLY G 29 -14.39 32.07 -39.33
C GLY G 29 -15.40 31.20 -40.03
N GLN G 30 -15.01 30.04 -40.54
CA GLN G 30 -15.96 29.12 -41.15
C GLN G 30 -16.79 28.36 -40.12
N ILE G 31 -16.35 28.35 -38.86
CA ILE G 31 -17.14 27.81 -37.76
C ILE G 31 -17.29 28.92 -36.72
N THR G 32 -18.52 29.26 -36.38
CA THR G 32 -18.80 30.40 -35.52
C THR G 32 -19.60 30.05 -34.27
N ASP G 33 -20.07 28.81 -34.13
CA ASP G 33 -20.88 28.43 -32.99
C ASP G 33 -20.31 27.17 -32.34
N ILE G 34 -20.54 27.05 -31.03
CA ILE G 34 -19.99 25.92 -30.28
C ILE G 34 -20.61 24.61 -30.75
N HIS G 35 -21.90 24.63 -31.11
CA HIS G 35 -22.59 23.40 -31.43
C HIS G 35 -22.12 22.77 -32.74
N GLU G 36 -21.33 23.48 -33.54
CA GLU G 36 -20.95 22.98 -34.85
C GLU G 36 -19.73 22.07 -34.83
N ILE G 37 -19.09 21.88 -33.67
CA ILE G 37 -17.93 21.00 -33.59
C ILE G 37 -18.27 19.62 -33.06
N PHE G 38 -19.54 19.32 -32.84
CA PHE G 38 -19.95 18.04 -32.29
C PHE G 38 -20.68 17.22 -33.35
N ARG G 39 -20.76 15.91 -33.10
CA ARG G 39 -21.55 14.98 -33.89
C ARG G 39 -21.06 14.85 -35.32
N LYS G 40 -19.77 15.03 -35.57
CA LYS G 40 -19.23 14.76 -36.89
C LYS G 40 -17.85 14.12 -36.88
N GLY G 41 -17.39 13.62 -35.75
CA GLY G 41 -16.18 12.83 -35.71
C GLY G 41 -14.88 13.60 -35.69
N TYR G 42 -14.93 14.92 -35.51
CA TYR G 42 -13.69 15.70 -35.44
C TYR G 42 -12.89 15.30 -34.20
N GLN G 43 -11.58 15.52 -34.27
CA GLN G 43 -10.72 15.39 -33.11
C GLN G 43 -10.39 16.78 -32.57
N ILE G 44 -10.42 16.92 -31.26
CA ILE G 44 -10.21 18.21 -30.59
C ILE G 44 -8.92 18.10 -29.81
N LYS G 45 -7.89 18.84 -30.23
CA LYS G 45 -6.58 18.75 -29.64
C LYS G 45 -5.99 20.10 -29.22
N GLU G 46 -6.65 21.21 -29.55
CA GLU G 46 -6.15 22.54 -29.20
C GLU G 46 -7.11 23.20 -28.22
N PRO G 47 -6.66 23.55 -27.01
CA PRO G 47 -7.58 24.17 -26.04
C PRO G 47 -8.11 25.53 -26.47
N GLU G 48 -7.44 26.21 -27.40
CA GLU G 48 -7.88 27.54 -27.81
C GLU G 48 -9.24 27.52 -28.49
N ILE G 49 -9.64 26.39 -29.05
CA ILE G 49 -10.94 26.29 -29.71
C ILE G 49 -12.06 26.58 -28.71
N ILE G 50 -11.99 25.94 -27.54
CA ILE G 50 -13.00 26.15 -26.51
C ILE G 50 -12.93 27.58 -25.97
N ASP G 51 -11.71 28.10 -25.84
CA ASP G 51 -11.56 29.48 -25.37
C ASP G 51 -12.22 30.47 -26.31
N VAL G 52 -12.12 30.24 -27.62
CA VAL G 52 -12.74 31.14 -28.58
C VAL G 52 -14.26 30.94 -28.61
N LEU G 53 -14.72 29.69 -28.59
CA LEU G 53 -16.15 29.44 -28.78
C LEU G 53 -16.95 29.47 -27.48
N LEU G 54 -16.33 29.11 -26.37
CA LEU G 54 -16.98 29.14 -25.05
C LEU G 54 -16.09 29.87 -24.06
N PRO G 55 -15.96 31.19 -24.21
CA PRO G 55 -14.98 31.92 -23.38
C PRO G 55 -15.31 31.89 -21.89
N GLU G 56 -16.54 31.65 -21.50
CA GLU G 56 -16.92 31.76 -20.09
C GLU G 56 -16.47 30.59 -19.24
N VAL G 57 -15.89 29.54 -19.83
CA VAL G 57 -15.35 28.45 -19.02
C VAL G 57 -14.07 28.84 -18.30
N ASN G 58 -13.53 30.02 -18.57
CA ASN G 58 -12.37 30.54 -17.86
C ASN G 58 -12.74 31.35 -16.63
N ALA G 59 -14.03 31.60 -16.40
CA ALA G 59 -14.46 32.28 -15.20
C ALA G 59 -14.19 31.43 -13.97
N ARG G 60 -13.86 32.08 -12.87
CA ARG G 60 -13.50 31.36 -11.66
C ARG G 60 -14.69 30.58 -11.09
N GLU G 61 -15.90 31.06 -11.34
CA GLU G 61 -17.10 30.38 -10.85
C GLU G 61 -17.52 29.20 -11.72
N ASN G 62 -16.92 29.05 -12.90
CA ASN G 62 -17.26 27.97 -13.81
C ASN G 62 -16.24 26.84 -13.78
N GLN G 63 -15.36 26.83 -12.79
CA GLN G 63 -14.35 25.80 -12.64
C GLN G 63 -14.43 25.21 -11.24
N GLU G 64 -14.14 23.93 -11.12
CA GLU G 64 -14.25 23.22 -9.85
C GLU G 64 -13.11 22.24 -9.73
N ILE G 65 -12.41 22.27 -8.59
CA ILE G 65 -11.39 21.29 -8.29
C ILE G 65 -12.05 20.19 -7.47
N LEU G 66 -12.31 19.06 -8.11
CA LEU G 66 -13.07 18.00 -7.44
C LEU G 66 -12.24 17.33 -6.36
N ASP G 67 -11.00 16.94 -6.68
CA ASP G 67 -10.17 16.32 -5.65
C ASP G 67 -8.67 16.43 -5.92
N ILE G 68 -7.89 16.29 -4.86
CA ILE G 68 -6.43 16.30 -4.93
C ILE G 68 -5.91 15.12 -4.13
N ALA G 69 -4.99 14.36 -4.72
CA ALA G 69 -4.37 13.23 -4.03
C ALA G 69 -2.90 13.18 -4.37
N LEU G 70 -2.12 12.53 -3.51
CA LEU G 70 -0.70 12.31 -3.75
C LEU G 70 -0.40 10.82 -3.65
N THR G 71 0.36 10.32 -4.62
CA THR G 71 0.63 8.91 -4.78
C THR G 71 2.14 8.67 -4.81
N VAL G 72 2.54 7.46 -4.45
CA VAL G 72 3.93 7.17 -4.12
C VAL G 72 4.44 6.04 -5.01
N ARG G 73 5.66 6.20 -5.51
CA ARG G 73 6.39 5.15 -6.21
C ARG G 73 7.64 4.83 -5.42
N MET G 74 7.90 3.54 -5.22
CA MET G 74 8.96 3.09 -4.32
C MET G 74 10.25 2.83 -5.08
N THR G 75 11.37 3.34 -4.56
CA THR G 75 12.68 3.16 -5.17
C THR G 75 13.71 2.94 -4.07
N ASP G 76 14.87 2.42 -4.47
CA ASP G 76 15.93 2.16 -3.51
C ASP G 76 16.50 3.43 -2.89
N SER G 77 16.17 4.59 -3.45
CA SER G 77 16.56 5.87 -2.89
C SER G 77 15.39 6.61 -2.27
N GLY G 78 14.33 5.89 -1.91
CA GLY G 78 13.22 6.46 -1.18
C GLY G 78 11.93 6.49 -1.98
N ARG G 79 11.06 7.40 -1.59
CA ARG G 79 9.73 7.49 -2.17
C ARG G 79 9.64 8.68 -3.11
N ARG G 80 9.13 8.44 -4.31
CA ARG G 80 8.87 9.49 -5.29
C ARG G 80 7.39 9.85 -5.23
N VAL G 81 7.09 11.12 -5.01
CA VAL G 81 5.72 11.58 -4.79
C VAL G 81 5.21 12.25 -6.06
N ARG G 82 3.93 12.03 -6.35
CA ARG G 82 3.29 12.54 -7.55
C ARG G 82 1.90 13.03 -7.17
N PHE G 83 1.43 14.06 -7.85
CA PHE G 83 0.14 14.65 -7.54
C PHE G 83 -0.88 14.33 -8.64
N ARG G 84 -2.07 13.93 -8.23
CA ARG G 84 -3.18 13.69 -9.15
C ARG G 84 -4.31 14.64 -8.77
N VAL G 85 -4.80 15.40 -9.74
CA VAL G 85 -5.85 16.39 -9.53
C VAL G 85 -7.00 16.07 -10.47
N LEU G 86 -8.21 16.03 -9.93
CA LEU G 86 -9.42 15.80 -10.70
C LEU G 86 -10.25 17.08 -10.68
N ALA G 87 -10.57 17.60 -11.88
CA ALA G 87 -11.21 18.89 -12.03
C ALA G 87 -12.28 18.83 -13.11
N ALA G 88 -13.14 19.85 -13.12
CA ALA G 88 -14.25 19.92 -14.07
C ALA G 88 -14.53 21.38 -14.43
N VAL G 89 -15.08 21.58 -15.63
CA VAL G 89 -15.46 22.90 -16.12
C VAL G 89 -16.82 22.81 -16.80
N GLY G 90 -17.45 23.96 -16.96
CA GLY G 90 -18.73 24.03 -17.66
C GLY G 90 -19.16 25.47 -17.81
N ASN G 91 -20.21 25.67 -18.60
CA ASN G 91 -20.76 27.00 -18.84
C ASN G 91 -22.08 27.23 -18.11
N ARG G 92 -22.48 26.28 -17.24
CA ARG G 92 -23.72 26.37 -16.48
C ARG G 92 -24.96 26.43 -17.37
N ASP G 93 -24.81 26.20 -18.68
CA ASP G 93 -25.98 26.16 -19.56
C ASP G 93 -26.16 24.78 -20.18
N GLY G 94 -25.22 24.29 -20.97
CA GLY G 94 -25.46 23.00 -21.58
C GLY G 94 -24.25 22.15 -21.86
N TYR G 95 -23.07 22.58 -21.43
CA TYR G 95 -21.82 21.94 -21.80
C TYR G 95 -20.99 21.72 -20.55
N VAL G 96 -20.29 20.59 -20.50
CA VAL G 96 -19.53 20.24 -19.31
C VAL G 96 -18.36 19.34 -19.71
N GLY G 97 -17.27 19.45 -18.97
CA GLY G 97 -16.09 18.64 -19.23
C GLY G 97 -15.39 18.26 -17.95
N LEU G 98 -14.72 17.10 -17.97
CA LEU G 98 -14.08 16.53 -16.80
C LEU G 98 -12.67 16.11 -17.17
N GLY G 99 -11.71 16.29 -16.26
CA GLY G 99 -10.32 16.02 -16.59
C GLY G 99 -9.46 15.65 -15.40
N ILE G 100 -8.35 14.99 -15.70
CA ILE G 100 -7.37 14.54 -14.73
C ILE G 100 -5.99 15.00 -15.17
N GLY G 101 -5.20 15.51 -14.23
CA GLY G 101 -3.84 15.93 -14.53
C GLY G 101 -2.87 15.47 -13.46
N HIS G 102 -1.63 15.21 -13.90
CA HIS G 102 -0.56 14.78 -13.02
C HIS G 102 0.59 15.78 -13.09
N GLY G 103 1.35 15.84 -12.01
CA GLY G 103 2.49 16.75 -11.98
C GLY G 103 3.35 16.50 -10.77
N ARG G 104 4.56 17.05 -10.81
CA ARG G 104 5.48 16.93 -9.69
C ARG G 104 5.10 17.85 -8.54
N GLU G 105 4.40 18.95 -8.83
CA GLU G 105 3.88 19.84 -7.81
C GLU G 105 2.44 20.19 -8.15
N VAL G 106 1.76 20.77 -7.17
CA VAL G 106 0.30 20.91 -7.24
C VAL G 106 -0.12 21.83 -8.36
N GLY G 107 0.60 22.95 -8.55
CA GLY G 107 0.20 23.92 -9.55
C GLY G 107 0.21 23.35 -10.96
N ILE G 108 1.25 22.59 -11.29
CA ILE G 108 1.36 21.99 -12.62
C ILE G 108 0.20 21.02 -12.84
N ALA G 109 -0.10 20.20 -11.83
CA ALA G 109 -1.19 19.24 -11.95
C ALA G 109 -2.53 19.95 -12.13
N ILE G 110 -2.75 21.04 -11.39
CA ILE G 110 -3.99 21.79 -11.53
C ILE G 110 -4.12 22.37 -12.94
N ARG G 111 -3.03 22.95 -13.45
CA ARG G 111 -3.08 23.52 -14.79
C ARG G 111 -3.40 22.46 -15.83
N LYS G 112 -2.72 21.30 -15.75
CA LYS G 112 -2.96 20.25 -16.73
C LYS G 112 -4.36 19.66 -16.60
N ALA G 113 -4.86 19.53 -15.37
CA ALA G 113 -6.21 19.00 -15.19
C ALA G 113 -7.26 19.94 -15.77
N ILE G 114 -7.09 21.25 -15.56
CA ILE G 114 -8.00 22.20 -16.19
C ILE G 114 -7.90 22.11 -17.70
N ASN G 115 -6.68 21.94 -18.22
CA ASN G 115 -6.50 21.89 -19.66
C ASN G 115 -7.19 20.68 -20.28
N TYR G 116 -7.09 19.51 -19.62
CA TYR G 116 -7.70 18.31 -20.19
C TYR G 116 -9.21 18.33 -20.07
N ALA G 117 -9.76 19.04 -19.10
CA ALA G 117 -11.21 19.12 -18.97
C ALA G 117 -11.83 19.80 -20.18
N LYS G 118 -11.16 20.80 -20.73
CA LYS G 118 -11.68 21.49 -21.91
C LYS G 118 -11.75 20.57 -23.11
N LEU G 119 -10.76 19.69 -23.26
CA LEU G 119 -10.73 18.82 -24.43
C LEU G 119 -11.77 17.71 -24.37
N ASN G 120 -12.26 17.36 -23.18
CA ASN G 120 -13.26 16.32 -23.02
C ASN G 120 -14.67 16.87 -22.91
N ILE G 121 -14.94 18.04 -23.48
CA ILE G 121 -16.22 18.70 -23.26
C ILE G 121 -17.31 18.00 -24.07
N ILE G 122 -18.51 17.93 -23.48
CA ILE G 122 -19.67 17.32 -24.12
C ILE G 122 -20.88 18.22 -23.90
N GLU G 123 -21.91 17.99 -24.71
CA GLU G 123 -23.19 18.67 -24.59
C GLU G 123 -24.28 17.64 -24.29
N ILE G 124 -25.30 18.09 -23.57
CA ILE G 124 -26.30 17.21 -22.99
C ILE G 124 -27.69 17.71 -23.37
N LYS G 125 -28.71 17.03 -22.84
CA LYS G 125 -30.10 17.39 -23.02
C LYS G 125 -30.74 17.60 -21.66
N ARG G 126 -31.64 18.58 -21.57
CA ARG G 126 -32.31 18.90 -20.33
C ARG G 126 -33.81 19.04 -20.57
N GLY G 127 -34.58 18.90 -19.50
CA GLY G 127 -36.02 18.99 -19.62
C GLY G 127 -36.68 18.81 -18.28
N CYS G 128 -37.93 18.38 -18.33
CA CYS G 128 -38.72 18.12 -17.11
C CYS G 128 -39.59 16.90 -17.36
N GLY G 129 -39.34 15.83 -16.61
CA GLY G 129 -40.09 14.61 -16.80
C GLY G 129 -40.62 13.99 -15.52
N SER G 130 -40.78 14.79 -14.48
CA SER G 130 -41.26 14.27 -13.20
C SER G 130 -42.78 14.14 -13.20
N TRP G 131 -43.26 13.12 -12.49
CA TRP G 131 -44.70 12.87 -12.43
C TRP G 131 -45.44 14.00 -11.71
N GLU G 132 -44.79 14.65 -10.74
CA GLU G 132 -45.43 15.69 -9.95
C GLU G 132 -44.92 17.08 -10.27
N CYS G 133 -44.38 17.27 -11.47
CA CYS G 133 -44.03 18.60 -11.97
C CYS G 133 -43.95 18.49 -13.48
N ARG G 134 -44.87 19.12 -14.18
CA ARG G 134 -44.92 19.06 -15.64
C ARG G 134 -44.95 20.50 -16.14
N CYS G 135 -43.78 21.10 -16.25
CA CYS G 135 -43.65 22.54 -16.47
C CYS G 135 -42.97 22.88 -17.79
N ARG G 136 -42.40 21.91 -18.49
CA ARG G 136 -41.73 22.13 -19.78
C ARG G 136 -40.56 23.09 -19.68
N ARG G 137 -39.83 23.07 -18.58
CA ARG G 137 -38.70 23.96 -18.47
C ARG G 137 -37.43 23.17 -18.18
N PRO G 138 -36.31 23.55 -18.78
CA PRO G 138 -35.07 22.75 -18.68
C PRO G 138 -34.37 22.92 -17.34
N HIS G 139 -34.97 22.39 -16.28
CA HIS G 139 -34.38 22.47 -14.96
C HIS G 139 -33.92 21.13 -14.40
N SER G 140 -34.13 20.04 -15.12
CA SER G 140 -33.75 18.72 -14.65
C SER G 140 -33.40 17.86 -15.87
N VAL G 141 -33.16 16.58 -15.64
CA VAL G 141 -32.99 15.63 -16.73
C VAL G 141 -34.36 15.32 -17.31
N PRO G 142 -34.49 15.12 -18.61
CA PRO G 142 -35.81 14.85 -19.19
C PRO G 142 -36.36 13.46 -18.86
N PHE G 143 -35.51 12.51 -18.49
CA PHE G 143 -35.96 11.16 -18.15
C PHE G 143 -34.85 10.46 -17.38
N THR G 144 -35.17 9.27 -16.87
CA THR G 144 -34.23 8.52 -16.07
C THR G 144 -33.05 8.06 -16.91
N VAL G 145 -31.84 8.23 -16.37
CA VAL G 145 -30.63 7.79 -17.08
C VAL G 145 -29.70 7.09 -16.09
N GLU G 146 -28.76 6.33 -16.63
CA GLU G 146 -27.84 5.55 -15.82
C GLU G 146 -26.42 5.66 -16.37
N GLY G 147 -25.46 5.49 -15.48
CA GLY G 147 -24.06 5.46 -15.85
C GLY G 147 -23.29 4.61 -14.86
N LYS G 148 -22.08 4.23 -15.25
CA LYS G 148 -21.27 3.41 -14.35
C LYS G 148 -19.79 3.58 -14.66
N GLU G 149 -18.98 3.32 -13.64
CA GLU G 149 -17.53 3.33 -13.78
C GLU G 149 -16.94 2.62 -12.58
N GLY G 150 -15.98 1.73 -12.83
CA GLY G 150 -15.44 0.93 -11.74
C GLY G 150 -16.55 0.10 -11.11
N SER G 151 -16.67 0.21 -9.79
CA SER G 151 -17.75 -0.45 -9.08
C SER G 151 -18.95 0.46 -8.83
N VAL G 152 -18.95 1.68 -9.35
CA VAL G 152 -19.99 2.65 -9.05
C VAL G 152 -21.04 2.62 -10.14
N ARG G 153 -22.31 2.51 -9.73
CA ARG G 153 -23.47 2.65 -10.60
C ARG G 153 -24.28 3.85 -10.13
N VAL G 154 -24.71 4.68 -11.08
CA VAL G 154 -25.45 5.89 -10.76
C VAL G 154 -26.71 5.92 -11.61
N LYS G 155 -27.86 6.20 -10.97
CA LYS G 155 -29.13 6.39 -11.65
C LYS G 155 -29.69 7.75 -11.30
N LEU G 156 -30.01 8.54 -12.32
CA LEU G 156 -30.56 9.89 -12.17
C LEU G 156 -32.02 9.90 -12.58
N ILE G 157 -32.86 10.50 -11.73
CA ILE G 157 -34.32 10.49 -11.82
C ILE G 157 -34.81 11.93 -11.83
N PRO G 158 -35.76 12.28 -12.70
CA PRO G 158 -36.25 13.66 -12.73
C PRO G 158 -36.91 14.08 -11.42
N GLY G 159 -36.81 15.37 -11.11
CA GLY G 159 -37.35 15.90 -9.87
C GLY G 159 -38.19 17.14 -10.07
N PRO G 160 -39.01 17.47 -9.08
CA PRO G 160 -39.84 18.67 -9.18
C PRO G 160 -39.02 19.94 -9.03
N ARG G 161 -39.56 21.03 -9.55
CA ARG G 161 -38.86 22.31 -9.53
C ARG G 161 -38.75 22.82 -8.10
N GLY G 162 -37.55 23.29 -7.74
CA GLY G 162 -37.28 23.77 -6.40
C GLY G 162 -36.91 22.71 -5.39
N LEU G 163 -36.75 21.45 -5.82
CA LEU G 163 -36.43 20.38 -4.89
C LEU G 163 -34.98 20.46 -4.42
N GLY G 164 -34.06 20.80 -5.31
CA GLY G 164 -32.64 20.74 -5.02
C GLY G 164 -32.01 19.50 -5.62
N LEU G 165 -30.71 19.38 -5.39
CA LEU G 165 -29.92 18.27 -5.91
C LEU G 165 -29.75 17.23 -4.80
N VAL G 166 -30.52 16.15 -4.88
CA VAL G 166 -30.47 15.09 -3.85
C VAL G 166 -29.44 14.08 -4.33
N ILE G 167 -28.17 14.40 -4.05
CA ILE G 167 -27.05 13.57 -4.48
C ILE G 167 -25.82 14.02 -3.70
N GLY G 168 -24.81 13.17 -3.66
CA GLY G 168 -23.54 13.52 -3.03
C GLY G 168 -22.94 14.78 -3.62
N ASP G 169 -21.93 15.29 -2.91
CA ASP G 169 -21.37 16.60 -3.23
C ASP G 169 -20.70 16.62 -4.60
N VAL G 170 -19.99 15.55 -4.96
CA VAL G 170 -19.34 15.50 -6.26
C VAL G 170 -20.39 15.60 -7.38
N GLY G 171 -21.46 14.84 -7.24
CA GLY G 171 -22.56 14.95 -8.19
C GLY G 171 -23.19 16.33 -8.18
N LYS G 172 -23.29 16.94 -6.99
CA LYS G 172 -23.83 18.29 -6.92
C LYS G 172 -23.01 19.25 -7.78
N LYS G 173 -21.70 19.24 -7.61
CA LYS G 173 -20.86 20.16 -8.36
C LYS G 173 -20.94 19.90 -9.86
N ILE G 174 -20.86 18.62 -10.25
CA ILE G 174 -20.87 18.31 -11.68
C ILE G 174 -22.20 18.70 -12.31
N LEU G 175 -23.31 18.38 -11.65
CA LEU G 175 -24.62 18.73 -12.20
C LEU G 175 -24.82 20.24 -12.23
N ARG G 176 -24.33 20.96 -11.22
CA ARG G 176 -24.46 22.41 -11.22
C ARG G 176 -23.71 23.03 -12.39
N LEU G 177 -22.51 22.53 -12.68
CA LEU G 177 -21.75 23.09 -13.80
C LEU G 177 -22.43 22.87 -15.14
N ALA G 178 -23.33 21.91 -15.25
CA ALA G 178 -24.02 21.64 -16.51
C ALA G 178 -25.35 22.37 -16.65
N GLY G 179 -25.82 23.01 -15.59
CA GLY G 179 -27.07 23.76 -15.67
C GLY G 179 -28.31 23.01 -15.24
N ILE G 180 -28.20 22.14 -14.23
CA ILE G 180 -29.33 21.36 -13.73
C ILE G 180 -29.56 21.75 -12.28
N GLN G 181 -30.83 21.95 -11.91
CA GLN G 181 -31.17 22.44 -10.59
C GLN G 181 -31.79 21.39 -9.67
N ASP G 182 -32.51 20.41 -10.21
CA ASP G 182 -33.27 19.49 -9.38
C ASP G 182 -33.12 18.06 -9.90
N VAL G 183 -32.92 17.11 -9.00
CA VAL G 183 -32.77 15.71 -9.39
C VAL G 183 -32.90 14.78 -8.18
N TRP G 184 -33.33 13.55 -8.42
CA TRP G 184 -33.23 12.46 -7.47
C TRP G 184 -32.21 11.45 -7.98
N SER G 185 -31.67 10.63 -7.08
CA SER G 185 -30.62 9.72 -7.50
C SER G 185 -30.63 8.44 -6.67
N GLN G 186 -30.01 7.40 -7.24
CA GLN G 186 -29.73 6.17 -6.53
C GLN G 186 -28.36 5.65 -6.94
N THR G 187 -27.64 5.04 -6.00
CA THR G 187 -26.27 4.59 -6.26
C THR G 187 -26.02 3.22 -5.68
N LEU G 188 -25.04 2.54 -6.26
CA LEU G 188 -24.51 1.29 -5.74
C LEU G 188 -22.98 1.33 -5.86
N GLY G 189 -22.31 0.54 -5.04
CA GLY G 189 -20.87 0.47 -5.09
C GLY G 189 -20.19 1.44 -4.15
N GLU G 190 -18.89 1.63 -4.40
CA GLU G 190 -18.02 2.40 -3.52
C GLU G 190 -17.98 3.85 -3.97
N THR G 191 -18.83 4.69 -3.37
CA THR G 191 -18.87 6.10 -3.73
C THR G 191 -17.70 6.89 -3.15
N ARG G 192 -17.00 6.35 -2.14
CA ARG G 192 -15.89 7.07 -1.56
C ARG G 192 -14.67 7.14 -2.48
N THR G 193 -14.68 6.40 -3.58
CA THR G 193 -13.67 6.53 -4.62
C THR G 193 -14.12 7.65 -5.55
N THR G 194 -13.55 8.84 -5.36
CA THR G 194 -14.08 10.04 -5.98
C THR G 194 -14.00 9.99 -7.49
N VAL G 195 -12.91 9.45 -8.03
CA VAL G 195 -12.72 9.44 -9.48
C VAL G 195 -13.83 8.65 -10.16
N ASN G 196 -14.12 7.45 -9.65
CA ASN G 196 -15.14 6.61 -10.26
C ASN G 196 -16.53 7.24 -10.10
N PHE G 197 -16.80 7.87 -8.96
CA PHE G 197 -18.08 8.54 -8.76
C PHE G 197 -18.27 9.65 -9.79
N ALA G 198 -17.25 10.50 -9.97
CA ALA G 198 -17.35 11.58 -10.93
C ALA G 198 -17.52 11.05 -12.34
N LYS G 199 -16.75 10.02 -12.70
CA LYS G 199 -16.85 9.47 -14.05
C LYS G 199 -18.22 8.85 -14.29
N ALA G 200 -18.79 8.19 -13.29
CA ALA G 200 -20.12 7.61 -13.45
C ALA G 200 -21.17 8.69 -13.66
N VAL G 201 -21.11 9.78 -12.89
CA VAL G 201 -22.06 10.87 -13.10
C VAL G 201 -21.89 11.47 -14.50
N PHE G 202 -20.64 11.64 -14.93
CA PHE G 202 -20.37 12.17 -16.26
C PHE G 202 -20.95 11.28 -17.35
N ASN G 203 -20.77 9.96 -17.21
CA ASN G 203 -21.32 9.03 -18.20
C ASN G 203 -22.84 9.04 -18.19
N ALA G 204 -23.45 9.14 -17.02
CA ALA G 204 -24.91 9.23 -16.96
C ALA G 204 -25.41 10.47 -17.69
N LEU G 205 -24.72 11.59 -17.51
CA LEU G 205 -25.10 12.80 -18.24
C LEU G 205 -24.93 12.61 -19.74
N TYR G 206 -23.84 11.94 -20.16
CA TYR G 206 -23.63 11.74 -21.60
C TYR G 206 -24.70 10.85 -22.19
N ASN G 207 -25.19 9.88 -21.44
CA ASN G 207 -26.15 8.92 -21.98
C ASN G 207 -27.52 9.51 -22.25
N THR G 208 -27.73 10.80 -22.01
CA THR G 208 -29.00 11.41 -22.41
C THR G 208 -29.16 11.46 -23.92
N ASN G 209 -28.07 11.35 -24.67
CA ASN G 209 -28.12 11.39 -26.12
C ASN G 209 -28.42 10.03 -26.74
N LYS G 210 -28.42 8.96 -25.97
CA LYS G 210 -28.62 7.62 -26.50
C LYS G 210 -30.07 7.14 -26.42
N VAL G 211 -30.96 7.94 -25.85
CA VAL G 211 -32.35 7.57 -25.73
C VAL G 211 -33.18 8.06 -26.92
N VAL G 212 -33.77 7.13 -27.66
CA VAL G 212 -34.59 7.47 -28.82
C VAL G 212 -35.83 8.25 -28.38
N VAL G 213 -36.19 9.28 -29.15
CA VAL G 213 -37.35 10.09 -28.83
C VAL G 213 -38.13 10.51 -30.09
N THR G 214 -39.39 10.87 -29.89
CA THR G 214 -40.26 11.29 -30.97
C THR G 214 -40.50 12.80 -30.90
N PRO G 215 -40.95 13.42 -32.01
CA PRO G 215 -41.20 14.87 -31.97
C PRO G 215 -42.23 15.29 -30.93
N GLU G 216 -43.20 14.42 -30.62
CA GLU G 216 -44.17 14.76 -29.57
C GLU G 216 -43.48 14.90 -28.22
N MET G 217 -42.51 14.04 -27.93
CA MET G 217 -41.86 14.07 -26.63
C MET G 217 -41.09 15.37 -26.43
N ILE G 218 -40.50 15.91 -27.49
CA ILE G 218 -39.78 17.17 -27.38
C ILE G 218 -40.70 18.27 -26.89
N GLU G 219 -41.90 18.34 -27.47
CA GLU G 219 -42.91 19.28 -26.99
C GLU G 219 -43.36 18.95 -25.58
N ARG G 220 -43.54 17.67 -25.27
CA ARG G 220 -44.14 17.28 -24.00
C ARG G 220 -43.21 17.57 -22.82
N TYR G 221 -41.92 17.27 -22.96
CA TYR G 221 -40.97 17.45 -21.87
C TYR G 221 -40.15 18.72 -21.98
N GLY G 222 -40.35 19.51 -23.04
CA GLY G 222 -39.56 20.72 -23.21
C GLY G 222 -38.08 20.45 -23.33
N ILE G 223 -37.70 19.49 -24.18
CA ILE G 223 -36.31 19.07 -24.29
C ILE G 223 -35.50 20.16 -24.97
N VAL G 224 -34.34 20.50 -24.38
CA VAL G 224 -33.44 21.51 -24.91
C VAL G 224 -32.06 20.87 -25.06
N VAL G 225 -31.45 21.07 -26.23
CA VAL G 225 -30.11 20.56 -26.52
C VAL G 225 -29.16 21.74 -26.58
N GLY G 226 -28.17 21.75 -25.68
CA GLY G 226 -27.23 22.85 -25.66
C GLY G 226 -27.78 24.03 -24.90
N ARG G 227 -27.55 25.24 -25.43
CA ARG G 227 -28.00 26.45 -24.76
C ARG G 227 -29.51 26.54 -24.75
N ALA G 228 -30.04 27.16 -23.69
CA ALA G 228 -31.49 27.33 -23.57
C ALA G 228 -32.04 28.24 -24.66
N MET G 229 -31.33 29.32 -24.99
CA MET G 229 -31.69 30.23 -26.07
C MET G 229 -33.08 30.82 -25.85
N PRO G 230 -33.24 31.76 -24.91
CA PRO G 230 -34.52 32.39 -24.63
C PRO G 230 -35.11 33.11 -25.84
N ALA H 2 -70.73 -23.49 92.73
CA ALA H 2 -71.34 -22.85 91.58
C ALA H 2 -72.27 -21.72 91.99
N THR H 3 -71.95 -20.51 91.56
CA THR H 3 -72.75 -19.33 91.87
C THR H 3 -73.56 -18.94 90.65
N PHE H 4 -74.88 -18.80 90.84
CA PHE H 4 -75.80 -18.49 89.76
C PHE H 4 -76.46 -17.14 90.02
N LYS H 5 -76.47 -16.30 89.00
CA LYS H 5 -77.19 -15.04 89.03
C LYS H 5 -78.52 -15.24 88.31
N LEU H 6 -79.62 -15.16 89.07
CA LEU H 6 -80.92 -15.57 88.59
C LEU H 6 -81.75 -14.34 88.22
N VAL H 7 -82.44 -14.43 87.07
CA VAL H 7 -83.32 -13.38 86.59
C VAL H 7 -84.71 -13.98 86.50
N ILE H 8 -85.60 -13.58 87.41
CA ILE H 8 -86.94 -14.11 87.50
C ILE H 8 -87.89 -13.11 86.89
N SER H 9 -88.66 -13.56 85.90
CA SER H 9 -89.58 -12.70 85.17
C SER H 9 -91.02 -13.06 85.50
N ASP H 10 -91.82 -12.05 85.84
CA ASP H 10 -93.24 -12.24 86.06
C ASP H 10 -93.97 -11.97 84.76
N PRO H 11 -94.49 -13.00 84.08
CA PRO H 11 -95.15 -12.76 82.78
C PRO H 11 -96.43 -11.96 82.88
N LYS H 12 -97.05 -11.90 84.05
CA LYS H 12 -98.34 -11.23 84.19
C LYS H 12 -98.22 -9.73 84.39
N THR H 13 -97.01 -9.21 84.59
CA THR H 13 -96.82 -7.78 84.78
C THR H 13 -95.67 -7.20 83.96
N GLY H 14 -94.76 -8.02 83.45
CA GLY H 14 -93.62 -7.51 82.73
C GLY H 14 -92.50 -7.00 83.62
N ILE H 15 -92.50 -7.35 84.89
CA ILE H 15 -91.50 -6.89 85.85
C ILE H 15 -90.60 -8.06 86.21
N ALA H 16 -89.30 -7.81 86.26
CA ALA H 16 -88.32 -8.84 86.54
C ALA H 16 -87.46 -8.44 87.74
N LYS H 17 -86.94 -9.44 88.43
CA LYS H 17 -86.08 -9.22 89.59
C LYS H 17 -84.85 -10.11 89.48
N GLN H 18 -83.75 -9.64 90.04
CA GLN H 18 -82.47 -10.35 89.97
C GLN H 18 -81.93 -10.59 91.36
N ILE H 19 -81.61 -11.85 91.66
CA ILE H 19 -81.00 -12.23 92.93
C ILE H 19 -79.87 -13.20 92.65
N GLU H 20 -78.98 -13.33 93.62
CA GLU H 20 -77.82 -14.20 93.52
C GLU H 20 -78.03 -15.43 94.39
N ILE H 21 -77.77 -16.61 93.83
CA ILE H 21 -78.00 -17.89 94.49
C ILE H 21 -76.71 -18.70 94.44
N THR H 22 -76.31 -19.26 95.58
CA THR H 22 -75.12 -20.08 95.66
C THR H 22 -75.27 -21.09 96.78
N GLY H 23 -74.43 -22.12 96.74
CA GLY H 23 -74.42 -23.13 97.78
C GLY H 23 -75.18 -24.38 97.40
N PRO H 24 -75.72 -25.06 98.40
CA PRO H 24 -76.48 -26.30 98.12
C PRO H 24 -77.68 -26.08 97.24
N GLU H 25 -78.36 -24.94 97.36
CA GLU H 25 -79.51 -24.67 96.51
C GLU H 25 -79.11 -24.61 95.04
N ALA H 26 -78.00 -23.92 94.74
CA ALA H 26 -77.52 -23.84 93.37
C ALA H 26 -77.05 -25.18 92.85
N GLU H 27 -76.60 -26.08 93.73
CA GLU H 27 -76.20 -27.41 93.29
C GLU H 27 -77.38 -28.21 92.79
N LYS H 28 -78.59 -27.90 93.27
CA LYS H 28 -79.77 -28.62 92.81
C LYS H 28 -80.05 -28.33 91.35
N LEU H 29 -79.83 -27.09 90.91
CA LEU H 29 -80.20 -26.66 89.57
C LEU H 29 -79.28 -27.21 88.48
N ILE H 30 -78.14 -27.77 88.84
CA ILE H 30 -77.14 -28.20 87.86
C ILE H 30 -77.63 -29.52 87.24
N GLY H 31 -77.78 -29.53 85.92
CA GLY H 31 -78.18 -30.74 85.22
C GLY H 31 -79.47 -30.59 84.43
N LYS H 32 -80.22 -29.53 84.70
CA LYS H 32 -81.50 -29.31 84.04
C LYS H 32 -81.30 -28.65 82.68
N ARG H 33 -82.21 -28.97 81.77
CA ARG H 33 -82.17 -28.42 80.41
C ARG H 33 -83.07 -27.19 80.32
N ILE H 34 -83.27 -26.70 79.11
CA ILE H 34 -84.16 -25.57 78.87
C ILE H 34 -85.56 -26.09 78.60
N GLY H 35 -86.52 -25.64 79.39
CA GLY H 35 -87.90 -26.02 79.21
C GLY H 35 -88.45 -27.02 80.20
N ASP H 36 -88.02 -26.98 81.46
CA ASP H 36 -88.54 -27.87 82.50
C ASP H 36 -88.84 -27.05 83.75
N GLN H 37 -89.91 -27.43 84.44
CA GLN H 37 -90.36 -26.68 85.61
C GLN H 37 -89.71 -27.23 86.88
N ILE H 38 -89.74 -26.40 87.92
CA ILE H 38 -89.22 -26.75 89.24
C ILE H 38 -89.86 -25.81 90.26
N PRO H 39 -90.46 -26.34 91.32
CA PRO H 39 -91.11 -25.45 92.30
C PRO H 39 -90.11 -24.52 92.96
N VAL H 40 -90.54 -23.26 93.14
CA VAL H 40 -89.67 -22.26 93.76
C VAL H 40 -89.50 -22.54 95.25
N LYS H 41 -90.53 -23.07 95.91
CA LYS H 41 -90.43 -23.35 97.34
C LYS H 41 -89.34 -24.37 97.63
N GLU H 42 -89.23 -25.39 96.77
CA GLU H 42 -88.17 -26.39 96.95
C GLU H 42 -86.79 -25.75 96.86
N LEU H 43 -86.60 -24.84 95.90
CA LEU H 43 -85.33 -24.13 95.80
C LEU H 43 -85.09 -23.29 97.04
N GLY H 44 -86.12 -22.58 97.50
CA GLY H 44 -86.03 -21.79 98.70
C GLY H 44 -85.81 -20.32 98.41
N ILE H 45 -86.89 -19.55 98.40
CA ILE H 45 -86.86 -18.14 98.02
C ILE H 45 -88.06 -17.44 98.64
N ASN H 46 -87.83 -16.30 99.26
CA ASN H 46 -88.92 -15.47 99.80
C ASN H 46 -89.49 -14.66 98.64
N LEU H 47 -90.33 -15.32 97.84
CA LEU H 47 -90.80 -14.71 96.60
C LEU H 47 -91.64 -13.47 96.87
N ASN H 48 -92.51 -13.53 97.88
CA ASN H 48 -93.40 -12.40 98.15
C ASN H 48 -92.65 -11.17 98.60
N GLU H 49 -91.45 -11.35 99.16
CA GLU H 49 -90.62 -10.20 99.52
C GLU H 49 -89.97 -9.57 98.31
N LEU H 50 -89.64 -10.35 97.28
CA LEU H 50 -88.97 -9.80 96.11
C LEU H 50 -89.87 -8.85 95.35
N PHE H 51 -91.09 -9.27 95.05
CA PHE H 51 -92.00 -8.46 94.25
C PHE H 51 -92.98 -7.65 95.08
N GLY H 52 -93.02 -7.85 96.40
CA GLY H 52 -93.99 -7.18 97.22
C GLY H 52 -95.41 -7.50 96.82
N LYS H 53 -95.68 -8.76 96.48
CA LYS H 53 -97.00 -9.16 96.01
C LYS H 53 -97.28 -10.57 96.50
N GLU H 54 -98.53 -10.83 96.86
CA GLU H 54 -98.94 -12.18 97.23
C GLU H 54 -98.94 -13.07 95.99
N PHE H 55 -98.54 -14.33 96.18
CA PHE H 55 -98.48 -15.28 95.09
C PHE H 55 -99.24 -16.54 95.46
N PRO H 56 -99.82 -17.22 94.48
CA PRO H 56 -100.46 -18.52 94.74
C PRO H 56 -99.42 -19.54 95.17
N GLU H 57 -99.88 -20.50 95.98
CA GLU H 57 -99.00 -21.55 96.45
C GLU H 57 -98.55 -22.43 95.29
N ASP H 58 -97.54 -23.27 95.57
CA ASP H 58 -96.94 -24.22 94.64
C ASP H 58 -96.71 -23.62 93.26
N VAL H 59 -96.36 -22.34 93.19
CA VAL H 59 -95.97 -21.71 91.93
C VAL H 59 -94.60 -22.25 91.57
N LYS H 60 -94.34 -22.41 90.27
CA LYS H 60 -93.07 -22.95 89.83
C LYS H 60 -92.57 -22.18 88.62
N MET H 61 -91.28 -22.32 88.35
CA MET H 61 -90.61 -21.60 87.28
C MET H 61 -89.97 -22.59 86.32
N GLU H 62 -89.82 -22.17 85.07
CA GLU H 62 -89.17 -22.98 84.04
C GLU H 62 -87.96 -22.24 83.50
N ILE H 63 -86.93 -23.01 83.14
CA ILE H 63 -85.69 -22.44 82.65
C ILE H 63 -85.86 -21.99 81.21
N ARG H 64 -85.54 -20.73 80.94
CA ARG H 64 -85.67 -20.16 79.60
C ARG H 64 -84.35 -19.94 78.90
N GLY H 65 -83.33 -19.45 79.59
CA GLY H 65 -82.06 -19.22 78.92
C GLY H 65 -80.96 -18.92 79.91
N GLY H 66 -79.78 -18.63 79.37
CA GLY H 66 -78.66 -18.29 80.24
C GLY H 66 -77.43 -17.91 79.42
N THR H 67 -76.45 -17.39 80.13
CA THR H 67 -75.17 -16.97 79.56
C THR H 67 -74.04 -17.48 80.44
N ASP H 68 -72.93 -17.85 79.81
CA ASP H 68 -71.82 -18.40 80.58
C ASP H 68 -70.95 -17.27 81.13
N LYS H 69 -69.89 -17.67 81.83
CA LYS H 69 -69.01 -16.70 82.48
C LYS H 69 -68.25 -15.85 81.47
N ASP H 70 -68.10 -16.37 80.25
CA ASP H 70 -67.37 -15.65 79.19
C ASP H 70 -68.24 -14.72 78.34
N GLY H 71 -69.55 -14.78 78.51
CA GLY H 71 -70.47 -13.96 77.75
C GLY H 71 -71.17 -14.65 76.60
N PHE H 72 -70.95 -15.95 76.41
CA PHE H 72 -71.61 -16.64 75.31
C PHE H 72 -72.95 -17.20 75.78
N PRO H 73 -74.00 -17.08 74.96
CA PRO H 73 -75.32 -17.53 75.37
C PRO H 73 -75.55 -19.01 75.08
N MET H 74 -76.68 -19.50 75.58
CA MET H 74 -77.11 -20.88 75.38
C MET H 74 -78.14 -20.95 74.26
N ARG H 75 -78.14 -22.07 73.54
CA ARG H 75 -79.04 -22.26 72.42
C ARG H 75 -79.92 -23.48 72.66
N PRO H 76 -81.24 -23.36 72.60
CA PRO H 76 -82.10 -24.48 72.99
C PRO H 76 -81.98 -25.72 72.11
N ASP H 77 -81.49 -25.58 70.89
CA ASP H 77 -81.49 -26.68 69.93
C ASP H 77 -80.20 -27.49 69.92
N ILE H 78 -79.27 -27.21 70.83
CA ILE H 78 -78.00 -27.92 70.90
C ILE H 78 -78.00 -28.75 72.17
N HIS H 79 -77.73 -30.05 72.02
CA HIS H 79 -77.75 -30.98 73.14
C HIS H 79 -76.42 -30.98 73.88
N GLY H 80 -76.49 -31.19 75.19
CA GLY H 80 -75.30 -31.31 76.01
C GLY H 80 -74.84 -29.98 76.55
N PRO H 81 -73.86 -30.02 77.45
CA PRO H 81 -73.32 -28.80 78.07
C PRO H 81 -72.08 -28.23 77.40
N ARG H 82 -71.62 -28.81 76.30
CA ARG H 82 -70.38 -28.37 75.68
C ARG H 82 -70.56 -27.02 75.02
N ARG H 83 -69.43 -26.39 74.69
CA ARG H 83 -69.40 -25.11 74.00
C ARG H 83 -68.89 -25.32 72.58
N VAL H 84 -69.62 -24.79 71.59
CA VAL H 84 -69.33 -25.04 70.19
C VAL H 84 -69.26 -23.72 69.45
N ARG H 85 -68.81 -23.80 68.20
CA ARG H 85 -68.72 -22.65 67.29
C ARG H 85 -69.32 -23.07 65.96
N ILE H 86 -70.46 -22.49 65.61
CA ILE H 86 -71.23 -22.96 64.46
C ILE H 86 -71.66 -21.77 63.60
N LEU H 87 -72.03 -22.08 62.36
CA LEU H 87 -72.50 -21.09 61.40
C LEU H 87 -74.00 -20.90 61.58
N LEU H 88 -74.42 -19.66 61.77
CA LEU H 88 -75.81 -19.33 62.08
C LEU H 88 -76.34 -18.32 61.09
N SER H 89 -77.66 -18.34 60.91
CA SER H 89 -78.36 -17.37 60.09
C SER H 89 -79.43 -16.58 60.84
N LYS H 90 -79.89 -17.07 61.99
CA LYS H 90 -80.86 -16.36 62.82
C LYS H 90 -80.90 -17.04 64.18
N GLY H 91 -81.88 -16.65 65.00
CA GLY H 91 -82.11 -17.29 66.27
C GLY H 91 -81.31 -16.66 67.39
N PRO H 92 -81.44 -17.21 68.60
CA PRO H 92 -80.66 -16.69 69.72
C PRO H 92 -79.16 -16.81 69.47
N GLY H 93 -78.42 -15.78 69.87
CA GLY H 93 -76.99 -15.76 69.67
C GLY H 93 -76.51 -15.12 68.38
N PHE H 94 -77.40 -14.48 67.61
CA PHE H 94 -76.99 -13.85 66.37
C PHE H 94 -78.04 -12.83 65.95
N ARG H 95 -77.60 -11.61 65.64
CA ARG H 95 -78.48 -10.58 65.11
C ARG H 95 -78.07 -10.27 63.68
N PRO H 96 -78.88 -10.62 62.68
CA PRO H 96 -78.41 -10.63 61.29
C PRO H 96 -77.88 -9.31 60.76
N LYS H 97 -78.70 -8.26 60.75
CA LYS H 97 -78.40 -6.90 60.30
C LYS H 97 -78.32 -6.78 58.78
N GLU H 98 -78.43 -7.87 58.02
CA GLU H 98 -78.38 -7.78 56.56
C GLU H 98 -79.16 -8.96 55.98
N LYS H 99 -79.78 -8.73 54.84
CA LYS H 99 -80.63 -9.76 54.23
C LYS H 99 -79.79 -10.96 53.81
N GLY H 100 -80.13 -12.13 54.36
CA GLY H 100 -79.45 -13.35 54.00
C GLY H 100 -78.09 -13.55 54.63
N GLU H 101 -77.70 -12.71 55.58
CA GLU H 101 -76.37 -12.79 56.15
C GLU H 101 -76.27 -13.98 57.10
N ARG H 102 -75.13 -14.66 57.07
CA ARG H 102 -74.81 -15.75 57.97
C ARG H 102 -73.42 -15.52 58.55
N ARG H 103 -73.20 -15.94 59.79
CA ARG H 103 -71.92 -15.71 60.44
C ARG H 103 -71.62 -16.84 61.42
N LYS H 104 -70.34 -17.03 61.70
CA LYS H 104 -69.90 -18.08 62.61
C LYS H 104 -69.79 -17.52 64.02
N LYS H 105 -70.52 -18.13 64.95
CA LYS H 105 -70.61 -17.63 66.32
C LYS H 105 -70.37 -18.77 67.31
N THR H 106 -69.93 -18.39 68.51
CA THR H 106 -69.68 -19.33 69.59
C THR H 106 -70.86 -19.34 70.56
N VAL H 107 -71.34 -20.54 70.88
CA VAL H 107 -72.53 -20.70 71.71
C VAL H 107 -72.33 -21.86 72.68
N ARG H 108 -73.23 -21.93 73.66
CA ARG H 108 -73.30 -23.01 74.63
C ARG H 108 -74.43 -23.97 74.25
N GLY H 109 -74.67 -24.96 75.12
CA GLY H 109 -75.65 -25.97 74.87
C GLY H 109 -76.89 -25.84 75.74
N ASN H 110 -77.59 -26.96 75.92
CA ASN H 110 -78.83 -27.02 76.68
C ASN H 110 -78.59 -27.13 78.19
N THR H 111 -77.78 -28.10 78.61
CA THR H 111 -77.68 -28.43 80.01
C THR H 111 -76.94 -27.36 80.78
N ILE H 112 -77.34 -27.16 82.04
CA ILE H 112 -76.68 -26.19 82.90
C ILE H 112 -75.40 -26.80 83.45
N SER H 113 -74.36 -25.97 83.56
CA SER H 113 -73.05 -26.36 84.02
C SER H 113 -72.49 -25.25 84.90
N PRO H 114 -71.46 -25.54 85.70
CA PRO H 114 -70.95 -24.51 86.62
C PRO H 114 -70.42 -23.27 85.92
N GLU H 115 -70.05 -23.34 84.65
CA GLU H 115 -69.56 -22.15 83.96
C GLU H 115 -70.65 -21.11 83.74
N ILE H 116 -71.91 -21.52 83.72
CA ILE H 116 -73.01 -20.60 83.48
C ILE H 116 -73.17 -19.67 84.67
N VAL H 117 -73.34 -18.37 84.39
CA VAL H 117 -73.48 -17.35 85.41
C VAL H 117 -74.90 -16.81 85.47
N GLN H 118 -75.43 -16.38 84.33
CA GLN H 118 -76.78 -15.84 84.27
C GLN H 118 -77.77 -16.94 83.91
N VAL H 119 -78.92 -16.95 84.59
CA VAL H 119 -79.99 -17.88 84.29
C VAL H 119 -81.31 -17.10 84.26
N ASN H 120 -81.92 -17.02 83.08
CA ASN H 120 -83.19 -16.34 82.89
C ASN H 120 -84.32 -17.36 82.97
N VAL H 121 -85.23 -17.18 83.93
CA VAL H 121 -86.39 -18.02 84.11
C VAL H 121 -87.62 -17.13 84.30
N LYS H 122 -88.78 -17.70 84.04
CA LYS H 122 -90.05 -17.00 84.21
C LYS H 122 -90.98 -17.80 85.10
N LEU H 123 -91.79 -17.09 85.88
CA LEU H 123 -92.74 -17.72 86.77
C LEU H 123 -93.90 -18.32 85.98
N VAL H 124 -94.38 -19.48 86.43
CA VAL H 124 -95.57 -20.11 85.89
C VAL H 124 -96.56 -20.28 87.03
N TYR H 125 -97.62 -19.48 87.02
CA TYR H 125 -98.62 -19.53 88.09
C TYR H 125 -99.32 -20.88 88.07
N ALA I 2 93.30 -9.99 -4.97
CA ALA I 2 92.57 -11.23 -5.18
C ALA I 2 92.35 -11.50 -6.65
N LYS I 3 91.32 -10.88 -7.21
CA LYS I 3 91.02 -11.07 -8.62
C LYS I 3 92.08 -10.37 -9.48
N PRO I 4 92.59 -11.03 -10.52
CA PRO I 4 93.64 -10.41 -11.33
C PRO I 4 93.13 -9.19 -12.07
N LEU I 5 94.05 -8.25 -12.35
CA LEU I 5 93.68 -7.04 -13.08
C LEU I 5 93.18 -7.34 -14.48
N SER I 6 93.67 -8.41 -15.11
CA SER I 6 93.18 -8.77 -16.44
C SER I 6 91.70 -9.13 -16.41
N GLU I 7 91.20 -9.64 -15.28
CA GLU I 7 89.79 -9.93 -15.14
C GLU I 7 88.98 -8.73 -14.69
N ARG I 8 89.57 -7.87 -13.86
CA ARG I 8 88.85 -6.68 -13.41
C ARG I 8 88.56 -5.73 -14.57
N PHE I 9 89.49 -5.60 -15.50
CA PHE I 9 89.32 -4.79 -16.70
C PHE I 9 89.41 -5.71 -17.90
N PHE I 10 88.28 -6.29 -18.27
CA PHE I 10 88.19 -7.23 -19.38
C PHE I 10 87.56 -6.55 -20.58
N ILE I 11 88.24 -6.61 -21.72
CA ILE I 11 87.76 -5.94 -22.93
C ILE I 11 87.41 -6.99 -23.98
N PRO I 12 86.16 -7.11 -24.40
CA PRO I 12 85.80 -8.06 -25.44
C PRO I 12 86.00 -7.47 -26.83
N HIS I 13 86.00 -8.37 -27.83
CA HIS I 13 86.15 -7.97 -29.22
C HIS I 13 85.21 -8.71 -30.17
N GLU I 14 84.39 -9.63 -29.67
CA GLU I 14 83.42 -10.34 -30.49
C GLU I 14 82.08 -10.34 -29.78
N ILE I 15 81.02 -10.53 -30.55
CA ILE I 15 79.67 -10.59 -30.00
C ILE I 15 79.44 -12.02 -29.53
N LYS I 16 79.64 -12.24 -28.24
CA LYS I 16 79.40 -13.53 -27.62
C LYS I 16 78.98 -13.30 -26.17
N VAL I 17 78.31 -14.30 -25.60
CA VAL I 17 77.67 -14.12 -24.30
C VAL I 17 78.70 -13.71 -23.26
N MET I 18 78.52 -12.51 -22.72
CA MET I 18 79.40 -11.94 -21.70
C MET I 18 80.86 -11.90 -22.16
N GLY I 19 81.08 -11.92 -23.47
CA GLY I 19 82.42 -11.87 -24.01
C GLY I 19 83.28 -13.06 -23.72
N ARG I 20 82.70 -14.17 -23.28
CA ARG I 20 83.48 -15.33 -22.88
C ARG I 20 83.03 -16.65 -23.48
N TRP I 21 81.76 -16.83 -23.83
CA TRP I 21 81.28 -18.11 -24.30
C TRP I 21 80.44 -17.94 -25.55
N SER I 22 80.60 -18.86 -26.50
CA SER I 22 79.85 -18.87 -27.74
C SER I 22 78.76 -19.93 -27.68
N THR I 23 77.63 -19.62 -28.31
CA THR I 23 76.49 -20.52 -28.38
C THR I 23 76.26 -21.04 -29.79
N GLU I 24 77.35 -21.23 -30.54
CA GLU I 24 77.24 -21.72 -31.90
C GLU I 24 76.95 -23.21 -31.97
N ASP I 25 77.52 -24.00 -31.06
CA ASP I 25 77.39 -25.44 -31.09
C ASP I 25 76.37 -25.98 -30.10
N VAL I 26 75.61 -25.10 -29.44
CA VAL I 26 74.58 -25.55 -28.52
C VAL I 26 73.36 -26.01 -29.33
N GLU I 27 72.86 -27.20 -29.02
CA GLU I 27 71.72 -27.75 -29.71
C GLU I 27 70.64 -28.14 -28.70
N VAL I 28 69.39 -27.97 -29.10
CA VAL I 28 68.23 -28.27 -28.26
C VAL I 28 67.60 -29.54 -28.81
N ARG I 29 67.59 -30.59 -27.99
CA ARG I 29 67.08 -31.88 -28.43
C ARG I 29 65.56 -31.89 -28.51
N ASP I 30 64.89 -31.28 -27.53
CA ASP I 30 63.44 -31.33 -27.45
C ASP I 30 62.82 -30.51 -28.58
N PRO I 31 61.97 -31.09 -29.41
CA PRO I 31 61.32 -30.31 -30.48
C PRO I 31 60.37 -29.25 -29.96
N SER I 32 59.74 -29.45 -28.80
CA SER I 32 58.77 -28.49 -28.30
C SER I 32 59.43 -27.23 -27.75
N LEU I 33 60.53 -27.38 -27.02
CA LEU I 33 61.22 -26.24 -26.44
C LEU I 33 62.16 -25.55 -27.42
N LYS I 34 62.31 -26.10 -28.63
CA LYS I 34 63.25 -25.53 -29.59
C LYS I 34 62.95 -24.08 -29.94
N PRO I 35 61.71 -23.68 -30.28
CA PRO I 35 61.49 -22.28 -30.67
C PRO I 35 61.33 -21.33 -29.49
N TYR I 36 61.42 -21.80 -28.25
CA TYR I 36 61.24 -20.93 -27.10
C TYR I 36 62.50 -20.73 -26.28
N ILE I 37 63.63 -21.31 -26.69
CA ILE I 37 64.92 -21.08 -26.04
C ILE I 37 65.74 -20.22 -27.00
N ASN I 38 65.86 -18.94 -26.68
CA ASN I 38 66.53 -18.01 -27.57
C ASN I 38 68.03 -18.11 -27.39
N LEU I 39 68.76 -18.33 -28.50
CA LEU I 39 70.20 -18.48 -28.46
C LEU I 39 70.89 -17.60 -29.49
N GLU I 40 70.28 -16.49 -29.86
CA GLU I 40 70.89 -15.60 -30.85
C GLU I 40 72.14 -14.96 -30.26
N PRO I 41 73.12 -14.59 -31.10
CA PRO I 41 74.32 -13.93 -30.57
C PRO I 41 73.98 -12.61 -29.90
N ARG I 42 74.61 -12.38 -28.75
CA ARG I 42 74.33 -11.20 -27.95
C ARG I 42 75.41 -11.07 -26.88
N LEU I 43 75.90 -9.85 -26.68
CA LEU I 43 76.99 -9.62 -25.74
C LEU I 43 76.49 -9.44 -24.31
N LEU I 44 75.63 -8.45 -24.09
CA LEU I 44 75.17 -8.13 -22.74
C LEU I 44 73.74 -8.61 -22.56
N PRO I 45 73.47 -9.53 -21.64
CA PRO I 45 72.09 -9.98 -21.38
C PRO I 45 71.35 -9.07 -20.40
N HIS I 46 70.92 -7.92 -20.89
CA HIS I 46 70.16 -6.97 -20.08
C HIS I 46 69.30 -6.14 -21.03
N THR I 47 68.01 -6.47 -21.11
CA THR I 47 67.10 -5.83 -22.04
C THR I 47 66.21 -4.78 -21.40
N HIS I 48 66.41 -4.50 -20.11
CA HIS I 48 65.72 -3.41 -19.41
C HIS I 48 64.21 -3.59 -19.40
N GLY I 49 63.77 -4.85 -19.38
CA GLY I 49 62.37 -5.16 -19.17
C GLY I 49 61.41 -4.57 -20.20
N ARG I 50 61.80 -4.57 -21.47
CA ARG I 50 60.94 -4.06 -22.52
C ARG I 50 60.06 -5.12 -23.14
N HIS I 51 60.15 -6.37 -22.68
CA HIS I 51 59.45 -7.48 -23.30
C HIS I 51 58.13 -7.83 -22.64
N ALA I 52 57.95 -7.46 -21.36
CA ALA I 52 56.78 -7.91 -20.62
C ALA I 52 55.49 -7.26 -21.11
N LYS I 53 55.58 -6.17 -21.88
CA LYS I 53 54.37 -5.45 -22.29
C LYS I 53 53.52 -6.29 -23.25
N LYS I 54 54.15 -6.95 -24.21
CA LYS I 54 53.41 -7.58 -25.29
C LYS I 54 53.22 -9.07 -25.06
N HIS I 55 52.12 -9.60 -25.60
CA HIS I 55 51.81 -11.01 -25.48
C HIS I 55 52.87 -11.85 -26.18
N PHE I 56 53.31 -12.92 -25.51
CA PHE I 56 54.35 -13.81 -26.00
C PHE I 56 55.67 -13.09 -26.23
N GLY I 57 55.85 -11.91 -25.62
CA GLY I 57 57.06 -11.15 -25.86
C GLY I 57 58.30 -11.78 -25.27
N LYS I 58 58.14 -12.58 -24.22
CA LYS I 58 59.27 -13.21 -23.56
C LYS I 58 59.92 -14.30 -24.40
N ALA I 59 59.31 -14.68 -25.52
CA ALA I 59 59.87 -15.72 -26.36
C ALA I 59 61.23 -15.32 -26.92
N ASN I 60 61.36 -14.08 -27.36
CA ASN I 60 62.61 -13.59 -27.94
C ASN I 60 63.45 -12.84 -26.90
N VAL I 61 63.77 -13.50 -25.80
CA VAL I 61 64.68 -13.00 -24.78
C VAL I 61 65.73 -14.06 -24.54
N HIS I 62 67.01 -13.66 -24.52
CA HIS I 62 68.09 -14.62 -24.37
C HIS I 62 67.94 -15.39 -23.07
N ILE I 63 68.25 -16.69 -23.12
CA ILE I 63 67.98 -17.58 -22.00
C ILE I 63 68.79 -17.19 -20.77
N VAL I 64 70.01 -16.69 -20.97
CA VAL I 64 70.85 -16.30 -19.85
C VAL I 64 70.21 -15.14 -19.08
N GLU I 65 69.64 -14.17 -19.79
CA GLU I 65 68.95 -13.09 -19.11
C GLU I 65 67.71 -13.60 -18.38
N ARG I 66 67.03 -14.60 -18.95
CA ARG I 66 65.91 -15.20 -18.25
C ARG I 66 66.35 -15.81 -16.92
N LEU I 67 67.47 -16.52 -16.92
CA LEU I 67 67.99 -17.07 -15.66
C LEU I 67 68.35 -15.96 -14.68
N ILE I 68 69.01 -14.90 -15.17
CA ILE I 68 69.40 -13.79 -14.30
C ILE I 68 68.17 -13.17 -13.65
N ASN I 69 67.10 -12.95 -14.43
CA ASN I 69 65.87 -12.42 -13.88
C ASN I 69 65.25 -13.38 -12.88
N LYS I 70 65.33 -14.69 -13.15
CA LYS I 70 64.71 -15.66 -12.27
C LYS I 70 65.37 -15.67 -10.89
N ILE I 71 66.70 -15.54 -10.84
CA ILE I 71 67.36 -15.58 -9.53
C ILE I 71 67.35 -14.25 -8.81
N MET I 72 66.80 -13.20 -9.41
CA MET I 72 66.79 -11.86 -8.81
C MET I 72 65.55 -11.72 -7.93
N ARG I 73 65.58 -12.39 -6.79
CA ARG I 73 64.39 -12.53 -5.95
C ARG I 73 64.81 -12.80 -4.51
N SER I 74 63.79 -13.05 -3.67
CA SER I 74 63.99 -13.41 -2.27
C SER I 74 63.84 -14.92 -2.06
N GLY I 75 62.79 -15.52 -2.61
CA GLY I 75 62.71 -16.97 -2.72
C GLY I 75 61.56 -17.69 -2.04
N GLY I 76 61.20 -17.30 -0.82
CA GLY I 76 60.23 -18.08 -0.07
C GLY I 76 59.10 -17.29 0.56
N SER I 77 58.57 -16.29 -0.15
CA SER I 77 57.73 -15.29 0.49
C SER I 77 56.46 -15.88 1.08
N HIS I 78 55.56 -16.42 0.25
CA HIS I 78 54.26 -16.86 0.74
C HIS I 78 54.01 -18.35 0.52
N TYR I 79 55.06 -19.15 0.32
CA TYR I 79 54.96 -20.59 0.37
C TYR I 79 56.30 -21.16 0.80
N LYS I 80 56.27 -22.38 1.31
CA LYS I 80 57.45 -22.97 1.92
C LYS I 80 58.23 -23.80 0.89
N VAL I 81 59.55 -23.64 0.91
CA VAL I 81 60.46 -24.42 0.09
C VAL I 81 61.30 -25.26 1.02
N ALA I 82 61.25 -26.58 0.84
CA ALA I 82 61.94 -27.52 1.72
C ALA I 82 61.53 -27.32 3.18
N GLY I 83 60.26 -26.99 3.39
CA GLY I 83 59.70 -26.87 4.72
C GLY I 83 60.00 -25.60 5.46
N HIS I 84 60.32 -24.51 4.76
CA HIS I 84 60.62 -23.24 5.43
C HIS I 84 60.20 -22.06 4.58
N PHE I 85 59.70 -21.02 5.24
CA PHE I 85 59.68 -19.69 4.64
C PHE I 85 61.10 -19.15 4.60
N MET I 86 61.45 -18.49 3.51
CA MET I 86 62.76 -17.85 3.36
C MET I 86 62.51 -16.38 3.01
N ARG I 87 62.27 -15.57 4.03
CA ARG I 87 62.03 -14.16 3.78
C ARG I 87 63.31 -13.35 4.00
N ARG I 88 63.99 -13.07 2.90
CA ARG I 88 65.23 -12.30 2.91
C ARG I 88 65.08 -10.84 3.34
N GLU I 89 63.97 -10.22 2.92
CA GLU I 89 63.67 -8.82 3.24
C GLU I 89 64.75 -7.85 2.76
N HIS I 90 65.29 -7.05 3.68
CA HIS I 90 66.29 -6.06 3.34
C HIS I 90 67.56 -6.67 2.72
N ARG I 91 68.01 -7.81 3.25
CA ARG I 91 69.20 -8.45 2.70
C ARG I 91 68.97 -9.23 1.40
N SER I 92 67.73 -9.23 0.92
CA SER I 92 67.35 -9.93 -0.31
C SER I 92 67.99 -9.30 -1.56
N LEU I 93 68.09 -10.12 -2.61
CA LEU I 93 68.70 -9.71 -3.88
C LEU I 93 67.75 -8.98 -4.83
N ASN I 94 66.51 -8.75 -4.40
CA ASN I 94 65.56 -8.06 -5.27
C ASN I 94 66.06 -6.69 -5.69
N SER I 95 65.86 -6.40 -6.97
CA SER I 95 66.25 -5.14 -7.63
C SER I 95 67.76 -4.85 -7.67
N LYS I 96 68.58 -5.90 -7.65
CA LYS I 96 70.02 -5.70 -7.76
C LYS I 96 70.53 -6.61 -8.88
N LYS I 97 70.51 -6.08 -10.10
CA LYS I 97 70.86 -6.90 -11.26
C LYS I 97 72.37 -7.07 -11.38
N VAL I 98 73.17 -6.21 -10.74
CA VAL I 98 74.61 -6.38 -10.79
C VAL I 98 75.04 -7.63 -10.05
N LYS I 99 74.51 -7.82 -8.84
CA LYS I 99 74.90 -8.96 -8.02
C LYS I 99 74.45 -10.27 -8.66
N ALA I 100 73.24 -10.30 -9.23
CA ALA I 100 72.78 -11.49 -9.92
C ALA I 100 73.66 -11.81 -11.13
N TYR I 101 74.07 -10.77 -11.86
CA TYR I 101 74.98 -10.95 -12.99
C TYR I 101 76.28 -11.60 -12.53
N GLU I 102 76.85 -11.10 -11.43
CA GLU I 102 78.09 -11.67 -10.92
C GLU I 102 77.89 -13.11 -10.47
N VAL I 103 76.77 -13.40 -9.82
CA VAL I 103 76.50 -14.76 -9.36
C VAL I 103 76.43 -15.71 -10.54
N VAL I 104 75.73 -15.33 -11.59
CA VAL I 104 75.62 -16.20 -12.76
C VAL I 104 76.98 -16.39 -13.42
N LYS I 105 77.77 -15.33 -13.51
CA LYS I 105 79.09 -15.46 -14.13
C LYS I 105 79.96 -16.44 -13.35
N GLU I 106 80.00 -16.31 -12.03
CA GLU I 106 80.83 -17.21 -11.24
C GLU I 106 80.31 -18.64 -11.31
N ALA I 107 78.99 -18.82 -11.33
CA ALA I 107 78.44 -20.17 -11.46
C ALA I 107 78.85 -20.80 -12.78
N PHE I 108 78.81 -20.03 -13.87
CA PHE I 108 79.23 -20.56 -15.16
C PHE I 108 80.70 -20.94 -15.14
N LYS I 109 81.55 -20.11 -14.51
CA LYS I 109 82.96 -20.46 -14.41
C LYS I 109 83.15 -21.77 -13.66
N ILE I 110 82.43 -21.94 -12.55
CA ILE I 110 82.54 -23.19 -11.77
C ILE I 110 82.10 -24.38 -12.60
N ILE I 111 80.97 -24.23 -13.32
CA ILE I 111 80.46 -25.33 -14.13
C ILE I 111 81.46 -25.73 -15.20
N GLU I 112 82.04 -24.73 -15.88
CA GLU I 112 83.01 -25.05 -16.92
C GLU I 112 84.24 -25.72 -16.34
N LYS I 113 84.69 -25.29 -15.17
CA LYS I 113 85.85 -25.91 -14.57
C LYS I 113 85.59 -27.36 -14.17
N ARG I 114 84.42 -27.64 -13.59
CA ARG I 114 84.18 -28.96 -13.02
C ARG I 114 83.89 -30.02 -14.08
N THR I 115 83.28 -29.65 -15.20
CA THR I 115 82.89 -30.62 -16.21
C THR I 115 83.69 -30.53 -17.50
N GLY I 116 84.24 -29.36 -17.82
CA GLY I 116 84.98 -29.19 -19.06
C GLY I 116 84.13 -29.01 -20.29
N LYS I 117 82.85 -28.71 -20.13
CA LYS I 117 81.94 -28.51 -21.25
C LYS I 117 81.48 -27.06 -21.29
N ASN I 118 80.80 -26.70 -22.38
CA ASN I 118 80.26 -25.36 -22.51
C ASN I 118 79.11 -25.17 -21.51
N PRO I 119 79.15 -24.14 -20.67
CA PRO I 119 78.13 -23.99 -19.63
C PRO I 119 76.71 -23.87 -20.17
N ILE I 120 76.54 -23.22 -21.32
CA ILE I 120 75.19 -23.06 -21.87
C ILE I 120 74.60 -24.42 -22.23
N GLN I 121 75.43 -25.33 -22.73
CA GLN I 121 74.96 -26.67 -23.03
C GLN I 121 74.45 -27.39 -21.79
N VAL I 122 75.19 -27.28 -20.69
CA VAL I 122 74.78 -27.90 -19.44
C VAL I 122 73.47 -27.29 -18.95
N LEU I 123 73.35 -25.97 -19.06
CA LEU I 123 72.09 -25.32 -18.66
C LEU I 123 70.93 -25.82 -19.48
N VAL I 124 71.12 -25.97 -20.80
CA VAL I 124 70.06 -26.47 -21.66
C VAL I 124 69.67 -27.88 -21.26
N TRP I 125 70.65 -28.73 -20.99
CA TRP I 125 70.36 -30.10 -20.55
C TRP I 125 69.56 -30.09 -19.25
N ALA I 126 69.93 -29.23 -18.31
CA ALA I 126 69.24 -29.17 -17.03
C ALA I 126 67.77 -28.77 -17.23
N ILE I 127 67.53 -27.72 -18.03
CA ILE I 127 66.14 -27.30 -18.20
C ILE I 127 65.36 -28.34 -18.99
N GLU I 128 66.01 -29.07 -19.90
CA GLU I 128 65.32 -30.13 -20.60
C GLU I 128 64.91 -31.25 -19.66
N ASN I 129 65.78 -31.61 -18.71
CA ASN I 129 65.44 -32.66 -17.76
C ASN I 129 64.46 -32.21 -16.69
N ALA I 130 64.35 -30.91 -16.43
CA ALA I 130 63.51 -30.44 -15.33
C ALA I 130 62.14 -29.94 -15.77
N ALA I 131 61.77 -30.08 -17.05
CA ALA I 131 60.51 -29.55 -17.54
C ALA I 131 59.45 -30.65 -17.56
N PRO I 132 58.37 -30.53 -16.80
CA PRO I 132 57.33 -31.58 -16.81
C PRO I 132 56.53 -31.56 -18.10
N ARG I 133 55.82 -32.67 -18.34
CA ARG I 133 55.05 -32.85 -19.55
C ARG I 133 53.55 -32.98 -19.32
N GLU I 134 53.12 -33.21 -18.08
CA GLU I 134 51.70 -33.36 -17.78
C GLU I 134 51.44 -32.79 -16.40
N ASP I 135 50.30 -32.12 -16.24
CA ASP I 135 49.98 -31.47 -14.98
C ASP I 135 48.54 -31.79 -14.64
N THR I 136 48.00 -31.10 -13.64
CA THR I 136 46.64 -31.34 -13.19
C THR I 136 45.96 -30.03 -12.83
N THR I 137 44.63 -30.05 -12.88
CA THR I 137 43.79 -28.94 -12.47
C THR I 137 42.77 -29.44 -11.46
N SER I 138 42.26 -28.54 -10.63
CA SER I 138 41.44 -28.91 -9.50
C SER I 138 39.95 -28.67 -9.76
N VAL I 139 39.12 -29.56 -9.23
CA VAL I 139 37.67 -29.43 -9.25
C VAL I 139 37.17 -29.63 -7.84
N MET I 140 35.96 -29.12 -7.57
CA MET I 140 35.35 -29.19 -6.25
C MET I 140 34.02 -29.92 -6.34
N PHE I 141 33.83 -30.92 -5.48
CA PHE I 141 32.57 -31.66 -5.43
C PHE I 141 32.30 -32.07 -3.99
N GLY I 142 31.11 -31.76 -3.49
CA GLY I 142 30.73 -32.18 -2.15
C GLY I 142 31.65 -31.67 -1.06
N GLY I 143 32.27 -30.51 -1.27
CA GLY I 143 33.22 -30.00 -0.31
C GLY I 143 34.54 -30.72 -0.29
N ILE I 144 34.89 -31.42 -1.37
CA ILE I 144 36.15 -32.14 -1.48
C ILE I 144 36.82 -31.75 -2.80
N ARG I 145 38.14 -31.68 -2.78
CA ARG I 145 38.93 -31.22 -3.91
C ARG I 145 39.53 -32.41 -4.64
N TYR I 146 39.41 -32.42 -5.97
CA TYR I 146 39.89 -33.51 -6.79
C TYR I 146 40.75 -32.98 -7.92
N HIS I 147 41.56 -33.86 -8.50
CA HIS I 147 42.49 -33.52 -9.57
C HIS I 147 42.07 -34.16 -10.88
N VAL I 148 42.35 -33.45 -11.98
CA VAL I 148 42.10 -33.94 -13.34
C VAL I 148 43.33 -33.65 -14.18
N ALA I 149 43.81 -34.64 -14.93
CA ALA I 149 45.04 -34.51 -15.67
C ALA I 149 44.85 -33.71 -16.96
N VAL I 150 45.81 -32.82 -17.23
CA VAL I 150 45.83 -32.01 -18.44
C VAL I 150 47.26 -31.91 -18.94
N ASP I 151 47.41 -31.31 -20.12
CA ASP I 151 48.71 -31.15 -20.76
C ASP I 151 49.24 -29.73 -20.55
N ILE I 152 50.55 -29.56 -20.74
CA ILE I 152 51.24 -28.30 -20.48
C ILE I 152 51.77 -27.75 -21.80
N SER I 153 51.60 -26.44 -21.99
CA SER I 153 52.16 -25.79 -23.16
C SER I 153 53.66 -25.54 -22.97
N PRO I 154 54.43 -25.43 -24.05
CA PRO I 154 55.89 -25.32 -23.91
C PRO I 154 56.38 -24.13 -23.10
N MET I 155 55.75 -22.97 -23.24
CA MET I 155 56.24 -21.78 -22.54
C MET I 155 56.09 -21.95 -21.03
N ARG I 156 54.96 -22.51 -20.58
CA ARG I 156 54.80 -22.78 -19.16
C ARG I 156 55.81 -23.81 -18.68
N ARG I 157 56.13 -24.80 -19.51
CA ARG I 157 57.17 -25.77 -19.15
C ARG I 157 58.49 -25.07 -18.88
N LEU I 158 58.87 -24.16 -19.78
CA LEU I 158 60.13 -23.43 -19.61
C LEU I 158 60.11 -22.59 -18.33
N ASP I 159 59.00 -21.90 -18.10
CA ASP I 159 58.89 -21.06 -16.90
C ASP I 159 59.03 -21.89 -15.63
N VAL I 160 58.34 -23.03 -15.57
CA VAL I 160 58.38 -23.87 -14.38
C VAL I 160 59.77 -24.43 -14.16
N ALA I 161 60.44 -24.85 -15.24
CA ALA I 161 61.79 -25.38 -15.10
C ALA I 161 62.73 -24.33 -14.52
N LEU I 162 62.68 -23.11 -15.07
CA LEU I 162 63.56 -22.05 -14.58
C LEU I 162 63.27 -21.72 -13.12
N ARG I 163 61.98 -21.61 -12.77
CA ARG I 163 61.65 -21.27 -11.38
C ARG I 163 62.11 -22.34 -10.42
N ASN I 164 61.94 -23.61 -10.77
CA ASN I 164 62.36 -24.68 -9.88
C ASN I 164 63.87 -24.73 -9.71
N ILE I 165 64.63 -24.50 -10.79
CA ILE I 165 66.08 -24.44 -10.65
C ILE I 165 66.47 -23.32 -9.71
N ALA I 166 65.86 -22.14 -9.88
CA ALA I 166 66.18 -21.02 -9.01
C ALA I 166 65.85 -21.31 -7.56
N LEU I 167 64.69 -21.93 -7.31
CA LEU I 167 64.28 -22.23 -5.94
C LEU I 167 65.22 -23.24 -5.29
N GLY I 168 65.62 -24.27 -6.03
CA GLY I 168 66.57 -25.23 -5.48
C GLY I 168 67.89 -24.57 -5.10
N ALA I 169 68.40 -23.73 -6.01
CA ALA I 169 69.64 -23.02 -5.70
C ALA I 169 69.49 -22.14 -4.47
N SER I 170 68.35 -21.45 -4.36
CA SER I 170 68.11 -20.60 -3.21
C SER I 170 68.07 -21.40 -1.91
N ALA I 171 67.42 -22.56 -1.95
CA ALA I 171 67.29 -23.37 -0.74
C ALA I 171 68.63 -23.96 -0.30
N LYS I 172 69.52 -24.26 -1.24
CA LYS I 172 70.77 -24.89 -0.85
C LYS I 172 71.71 -23.98 -0.05
N CYS I 173 71.68 -22.67 -0.30
CA CYS I 173 72.62 -21.75 0.33
C CYS I 173 72.03 -21.01 1.53
N TYR I 174 70.84 -21.38 1.99
CA TYR I 174 70.15 -20.65 3.04
C TYR I 174 70.69 -21.08 4.40
N ARG I 175 71.36 -20.17 5.09
CA ARG I 175 71.85 -20.37 6.45
C ARG I 175 72.80 -21.58 6.53
N THR I 176 73.58 -21.78 5.47
CA THR I 176 74.62 -22.80 5.46
C THR I 176 75.93 -22.15 5.02
N LYS I 177 76.99 -22.96 5.01
CA LYS I 177 78.31 -22.43 4.66
C LYS I 177 78.49 -22.29 3.15
N MET I 178 77.62 -22.91 2.35
CA MET I 178 77.73 -22.80 0.91
C MET I 178 77.30 -21.41 0.45
N SER I 179 77.91 -20.94 -0.64
CA SER I 179 77.58 -19.65 -1.23
C SER I 179 76.57 -19.82 -2.35
N PHE I 180 76.01 -18.69 -2.78
CA PHE I 180 74.94 -18.73 -3.77
C PHE I 180 75.43 -19.27 -5.11
N ALA I 181 76.61 -18.83 -5.56
CA ALA I 181 77.12 -19.29 -6.85
C ALA I 181 77.38 -20.78 -6.85
N GLU I 182 77.99 -21.29 -5.77
CA GLU I 182 78.27 -22.72 -5.67
C GLU I 182 76.99 -23.52 -5.66
N ALA I 183 75.96 -23.04 -4.94
CA ALA I 183 74.69 -23.74 -4.91
C ALA I 183 74.05 -23.80 -6.29
N LEU I 184 74.11 -22.70 -7.03
CA LEU I 184 73.54 -22.69 -8.37
C LEU I 184 74.26 -23.66 -9.28
N ALA I 185 75.59 -23.67 -9.24
CA ALA I 185 76.35 -24.60 -10.07
C ALA I 185 76.01 -26.04 -9.69
N GLU I 186 75.94 -26.34 -8.39
CA GLU I 186 75.65 -27.69 -7.94
C GLU I 186 74.26 -28.12 -8.39
N GLU I 187 73.27 -27.23 -8.27
CA GLU I 187 71.92 -27.56 -8.69
C GLU I 187 71.85 -27.85 -10.18
N ILE I 188 72.52 -27.02 -10.99
CA ILE I 188 72.49 -27.23 -12.44
C ILE I 188 73.15 -28.56 -12.80
N ILE I 189 74.31 -28.85 -12.20
CA ILE I 189 75.01 -30.09 -12.52
C ILE I 189 74.17 -31.30 -12.11
N LEU I 190 73.56 -31.25 -10.91
CA LEU I 190 72.74 -32.37 -10.47
C LEU I 190 71.55 -32.56 -11.39
N ALA I 191 70.89 -31.47 -11.79
CA ALA I 191 69.73 -31.60 -12.67
C ALA I 191 70.12 -32.14 -14.04
N ALA I 192 71.32 -31.83 -14.51
CA ALA I 192 71.73 -32.29 -15.83
C ALA I 192 71.93 -33.80 -15.87
N ASN I 193 72.21 -34.43 -14.73
CA ASN I 193 72.49 -35.86 -14.67
C ASN I 193 71.32 -36.68 -14.16
N LYS I 194 70.14 -36.09 -14.04
CA LYS I 194 68.94 -36.78 -13.55
C LYS I 194 69.16 -37.35 -12.15
N ASP I 195 69.95 -36.66 -11.36
CA ASP I 195 70.20 -37.09 -9.99
C ASP I 195 69.03 -36.68 -9.11
N PRO I 196 68.46 -37.61 -8.32
CA PRO I 196 67.30 -37.26 -7.48
C PRO I 196 67.59 -36.21 -6.43
N LYS I 197 68.86 -35.97 -6.08
CA LYS I 197 69.19 -34.95 -5.09
C LYS I 197 68.89 -33.53 -5.59
N SER I 198 68.67 -33.36 -6.89
CA SER I 198 68.28 -32.06 -7.42
C SER I 198 66.84 -31.76 -7.07
N TYR I 199 66.59 -30.55 -6.58
CA TYR I 199 65.23 -30.16 -6.21
C TYR I 199 64.32 -30.15 -7.42
N ALA I 200 64.79 -29.59 -8.54
CA ALA I 200 63.96 -29.45 -9.72
C ALA I 200 63.55 -30.80 -10.29
N TYR I 201 64.50 -31.74 -10.37
CA TYR I 201 64.19 -33.05 -10.94
C TYR I 201 63.20 -33.81 -10.08
N SER I 202 63.39 -33.79 -8.76
CA SER I 202 62.44 -34.44 -7.87
C SER I 202 61.06 -33.81 -7.98
N LYS I 203 61.00 -32.48 -8.09
CA LYS I 203 59.71 -31.81 -8.23
C LYS I 203 59.02 -32.23 -9.52
N LYS I 204 59.78 -32.32 -10.62
CA LYS I 204 59.19 -32.76 -11.88
C LYS I 204 58.66 -34.19 -11.78
N LEU I 205 59.44 -35.09 -11.15
CA LEU I 205 58.99 -36.46 -10.99
C LEU I 205 57.69 -36.52 -10.19
N GLU I 206 57.62 -35.77 -9.09
CA GLU I 206 56.41 -35.78 -8.27
C GLU I 206 55.21 -35.24 -9.03
N ILE I 207 55.40 -34.14 -9.78
CA ILE I 207 54.29 -33.57 -10.53
C ILE I 207 53.76 -34.58 -11.54
N GLU I 208 54.66 -35.22 -12.28
CA GLU I 208 54.21 -36.17 -13.29
C GLU I 208 53.57 -37.40 -12.66
N ARG I 209 54.07 -37.85 -11.52
CA ARG I 209 53.46 -38.99 -10.84
C ARG I 209 52.03 -38.66 -10.40
N ILE I 210 51.84 -37.49 -9.79
CA ILE I 210 50.51 -37.11 -9.34
C ILE I 210 49.57 -36.96 -10.53
N ALA I 211 50.05 -36.37 -11.62
CA ALA I 211 49.22 -36.23 -12.81
C ALA I 211 48.82 -37.60 -13.37
N GLU I 212 49.76 -38.54 -13.39
CA GLU I 212 49.47 -39.87 -13.92
C GLU I 212 48.43 -40.59 -13.06
N SER I 213 48.57 -40.48 -11.74
CA SER I 213 47.67 -41.21 -10.84
C SER I 213 46.27 -40.62 -10.77
N SER I 214 45.94 -39.65 -11.64
CA SER I 214 44.60 -39.06 -11.62
C SER I 214 44.04 -38.85 -13.02
N ARG I 215 44.37 -39.70 -13.97
CA ARG I 215 43.84 -39.56 -15.32
C ARG I 215 42.36 -39.87 -15.36
N THR J 2 -37.48 -26.71 -20.06
CA THR J 2 -38.33 -26.72 -21.25
C THR J 2 -38.93 -25.36 -21.51
N LEU J 3 -39.70 -25.26 -22.59
CA LEU J 3 -40.39 -24.02 -22.91
C LEU J 3 -41.52 -23.79 -21.93
N LEU J 4 -41.63 -22.56 -21.43
CA LEU J 4 -42.65 -22.22 -20.44
C LEU J 4 -43.48 -21.01 -20.82
N ASP J 5 -42.92 -20.05 -21.57
CA ASP J 5 -43.61 -18.79 -21.85
C ASP J 5 -43.22 -18.32 -23.24
N PRO J 6 -44.08 -18.57 -24.23
CA PRO J 6 -43.78 -18.07 -25.58
C PRO J 6 -43.69 -16.56 -25.67
N LEU J 7 -44.45 -15.82 -24.87
CA LEU J 7 -44.48 -14.37 -24.99
C LEU J 7 -43.16 -13.74 -24.52
N ALA J 8 -42.60 -14.24 -23.43
CA ALA J 8 -41.35 -13.67 -22.93
C ALA J 8 -40.21 -13.86 -23.93
N ASN J 9 -40.18 -15.02 -24.58
CA ASN J 9 -39.14 -15.29 -25.57
C ASN J 9 -39.20 -14.30 -26.72
N ALA J 10 -40.41 -13.97 -27.18
CA ALA J 10 -40.53 -13.04 -28.29
C ALA J 10 -39.98 -11.66 -27.94
N LEU J 11 -40.33 -11.15 -26.77
CA LEU J 11 -39.88 -9.81 -26.39
C LEU J 11 -38.37 -9.78 -26.13
N SER J 12 -37.84 -10.80 -25.46
CA SER J 12 -36.39 -10.85 -25.26
C SER J 12 -35.66 -10.96 -26.60
N HIS J 13 -36.20 -11.74 -27.54
CA HIS J 13 -35.61 -11.86 -28.85
C HIS J 13 -35.60 -10.51 -29.56
N ILE J 14 -36.72 -9.78 -29.49
CA ILE J 14 -36.80 -8.48 -30.15
C ILE J 14 -35.78 -7.51 -29.58
N THR J 15 -35.70 -7.43 -28.24
CA THR J 15 -34.78 -6.46 -27.65
C THR J 15 -33.32 -6.87 -27.86
N ASN J 16 -33.03 -8.17 -27.95
CA ASN J 16 -31.68 -8.59 -28.29
C ASN J 16 -31.33 -8.22 -29.72
N SER J 17 -32.29 -8.40 -30.65
CA SER J 17 -32.00 -8.14 -32.05
C SER J 17 -31.86 -6.64 -32.33
N GLU J 18 -32.65 -5.80 -31.65
CA GLU J 18 -32.61 -4.37 -31.95
C GLU J 18 -31.30 -3.73 -31.51
N ARG J 19 -30.55 -4.39 -30.61
CA ARG J 19 -29.32 -3.80 -30.13
C ARG J 19 -28.15 -4.02 -31.07
N VAL J 20 -28.31 -4.89 -32.07
CA VAL J 20 -27.27 -5.14 -33.07
C VAL J 20 -27.73 -4.75 -34.47
N GLY J 21 -28.82 -3.99 -34.57
CA GLY J 21 -29.22 -3.42 -35.85
C GLY J 21 -29.84 -4.38 -36.84
N LYS J 22 -30.47 -5.44 -36.37
CA LYS J 22 -31.21 -6.33 -37.27
C LYS J 22 -32.41 -5.58 -37.86
N ARG J 23 -32.76 -5.94 -39.09
CA ARG J 23 -33.89 -5.29 -39.75
C ARG J 23 -35.18 -6.11 -39.70
N GLU J 24 -35.09 -7.41 -39.44
CA GLU J 24 -36.29 -8.23 -39.32
C GLU J 24 -35.98 -9.45 -38.45
N VAL J 25 -37.04 -9.97 -37.83
CA VAL J 25 -36.93 -11.13 -36.94
C VAL J 25 -38.06 -12.10 -37.21
N TYR J 26 -37.87 -13.32 -36.71
CA TYR J 26 -38.86 -14.39 -36.79
C TYR J 26 -39.18 -14.88 -35.39
N ILE J 27 -40.46 -14.86 -35.02
CA ILE J 27 -40.95 -15.38 -33.76
C ILE J 27 -41.46 -16.79 -34.03
N LYS J 28 -40.84 -17.79 -33.39
CA LYS J 28 -41.00 -19.17 -33.82
C LYS J 28 -42.30 -19.81 -33.35
N PRO J 29 -42.62 -19.86 -32.04
CA PRO J 29 -43.98 -20.28 -31.67
C PRO J 29 -44.95 -19.12 -31.68
N ALA J 30 -45.89 -19.12 -32.60
CA ALA J 30 -46.85 -18.04 -32.69
C ALA J 30 -48.12 -18.37 -31.90
N SER J 31 -48.86 -17.34 -31.53
CA SER J 31 -50.12 -17.51 -30.82
C SER J 31 -50.94 -16.24 -30.99
N LYS J 32 -52.20 -16.32 -30.59
CA LYS J 32 -53.10 -15.17 -30.70
C LYS J 32 -52.64 -14.03 -29.82
N LEU J 33 -52.16 -14.33 -28.61
CA LEU J 33 -51.73 -13.29 -27.69
C LEU J 33 -50.55 -12.50 -28.27
N ILE J 34 -49.59 -13.21 -28.89
CA ILE J 34 -48.46 -12.53 -29.51
C ILE J 34 -48.93 -11.64 -30.65
N GLY J 35 -49.92 -12.10 -31.41
CA GLY J 35 -50.47 -11.26 -32.46
C GLY J 35 -51.11 -10.00 -31.93
N GLU J 36 -51.85 -10.11 -30.82
CA GLU J 36 -52.44 -8.93 -30.21
C GLU J 36 -51.38 -7.95 -29.72
N VAL J 37 -50.33 -8.47 -29.08
CA VAL J 37 -49.26 -7.60 -28.59
C VAL J 37 -48.57 -6.90 -29.76
N LEU J 38 -48.33 -7.64 -30.85
CA LEU J 38 -47.71 -7.03 -32.02
C LEU J 38 -48.61 -5.95 -32.62
N ARG J 39 -49.91 -6.19 -32.67
CA ARG J 39 -50.83 -5.16 -33.18
C ARG J 39 -50.76 -3.90 -32.35
N VAL J 40 -50.77 -4.05 -31.01
CA VAL J 40 -50.69 -2.89 -30.14
C VAL J 40 -49.37 -2.16 -30.34
N MET J 41 -48.27 -2.90 -30.44
CA MET J 41 -46.96 -2.28 -30.63
C MET J 41 -46.91 -1.52 -31.95
N GLN J 42 -47.51 -2.07 -33.01
CA GLN J 42 -47.50 -1.39 -34.30
C GLN J 42 -48.35 -0.14 -34.28
N LYS J 43 -49.45 -0.15 -33.52
CA LYS J 43 -50.31 1.02 -33.47
C LYS J 43 -49.55 2.26 -32.98
N TYR J 44 -48.61 2.07 -32.07
CA TYR J 44 -47.84 3.18 -31.52
C TYR J 44 -46.52 3.41 -32.25
N GLY J 45 -46.28 2.73 -33.36
CA GLY J 45 -45.14 3.01 -34.19
C GLY J 45 -43.83 2.41 -33.75
N TYR J 46 -43.84 1.40 -32.89
CA TYR J 46 -42.60 0.79 -32.44
C TYR J 46 -42.04 -0.20 -33.44
N ILE J 47 -42.87 -0.83 -34.27
CA ILE J 47 -42.43 -1.79 -35.27
C ILE J 47 -43.10 -1.45 -36.60
N GLY J 48 -42.64 -2.13 -37.64
CA GLY J 48 -43.21 -2.01 -38.96
C GLY J 48 -44.31 -3.02 -39.21
N GLU J 49 -44.42 -3.48 -40.44
CA GLU J 49 -45.41 -4.48 -40.78
C GLU J 49 -44.94 -5.86 -40.35
N PHE J 50 -45.91 -6.74 -40.05
CA PHE J 50 -45.62 -8.11 -39.68
C PHE J 50 -46.61 -9.03 -40.36
N GLU J 51 -46.21 -10.28 -40.55
CA GLU J 51 -47.06 -11.23 -41.26
C GLU J 51 -46.96 -12.60 -40.64
N PHE J 52 -47.98 -13.42 -40.89
CA PHE J 52 -48.09 -14.76 -40.36
C PHE J 52 -47.73 -15.78 -41.43
N ILE J 53 -46.84 -16.70 -41.10
CA ILE J 53 -46.37 -17.73 -42.02
C ILE J 53 -46.79 -19.09 -41.45
N ASP J 54 -47.39 -19.92 -42.28
CA ASP J 54 -48.00 -21.17 -41.84
C ASP J 54 -47.10 -22.34 -42.22
N ASP J 55 -46.56 -23.02 -41.23
CA ASP J 55 -46.01 -24.35 -41.37
C ASP J 55 -47.03 -25.35 -40.82
N GLY J 56 -46.66 -26.61 -40.75
CA GLY J 56 -47.58 -27.56 -40.15
C GLY J 56 -47.71 -27.44 -38.66
N ARG J 57 -46.80 -26.70 -38.04
CA ARG J 57 -46.73 -26.48 -36.61
C ARG J 57 -47.48 -25.20 -36.25
N ALA J 58 -47.23 -24.67 -35.05
CA ALA J 58 -47.99 -23.55 -34.51
C ALA J 58 -47.85 -22.25 -35.30
N GLY J 59 -47.06 -22.20 -36.36
CA GLY J 59 -46.93 -21.01 -37.17
C GLY J 59 -45.80 -20.11 -36.71
N VAL J 60 -45.42 -19.18 -37.59
CA VAL J 60 -44.31 -18.28 -37.36
C VAL J 60 -44.76 -16.85 -37.64
N TYR J 61 -44.17 -15.89 -36.94
CA TYR J 61 -44.41 -14.47 -37.21
C TYR J 61 -43.14 -13.85 -37.78
N ARG J 62 -43.29 -13.05 -38.83
CA ARG J 62 -42.18 -12.31 -39.42
C ARG J 62 -42.40 -10.82 -39.18
N VAL J 63 -41.43 -10.17 -38.56
CA VAL J 63 -41.59 -8.80 -38.06
C VAL J 63 -40.48 -7.92 -38.61
N GLN J 64 -40.84 -6.72 -39.06
CA GLN J 64 -39.89 -5.71 -39.52
C GLN J 64 -39.59 -4.74 -38.39
N LEU J 65 -38.31 -4.46 -38.19
CA LEU J 65 -37.87 -3.56 -37.13
C LEU J 65 -37.41 -2.24 -37.72
N LEU J 66 -37.64 -1.16 -36.96
CA LEU J 66 -37.34 0.19 -37.41
C LEU J 66 -36.29 0.89 -36.54
N GLY J 67 -35.76 0.22 -35.53
CA GLY J 67 -34.81 0.85 -34.62
C GLY J 67 -35.40 1.96 -33.77
N LYS J 68 -36.60 1.76 -33.24
CA LYS J 68 -37.27 2.76 -32.43
C LYS J 68 -37.62 2.25 -31.03
N ILE J 69 -36.95 1.20 -30.57
CA ILE J 69 -37.26 0.57 -29.29
C ILE J 69 -36.07 0.75 -28.37
N ASN J 70 -36.32 1.26 -27.16
CA ASN J 70 -35.28 1.31 -26.15
C ASN J 70 -35.21 0.00 -25.37
N LYS J 71 -36.36 -0.53 -24.96
CA LYS J 71 -36.41 -1.76 -24.20
C LYS J 71 -37.83 -2.32 -24.25
N ALA J 72 -37.93 -3.65 -24.26
CA ALA J 72 -39.21 -4.32 -24.27
C ALA J 72 -39.09 -5.59 -23.44
N GLY J 73 -40.09 -5.85 -22.61
CA GLY J 73 -40.01 -7.01 -21.74
C GLY J 73 -41.37 -7.48 -21.30
N ALA J 74 -41.39 -8.68 -20.73
CA ALA J 74 -42.61 -9.25 -20.19
C ALA J 74 -42.65 -9.03 -18.68
N ILE J 75 -43.87 -9.05 -18.13
CA ILE J 75 -44.10 -8.85 -16.71
C ILE J 75 -44.58 -10.18 -16.13
N LYS J 76 -43.81 -10.73 -15.20
CA LYS J 76 -44.15 -11.97 -14.52
C LYS J 76 -43.93 -11.79 -13.03
N PRO J 77 -44.90 -12.14 -12.19
CA PRO J 77 -46.22 -12.65 -12.55
C PRO J 77 -47.14 -11.56 -13.09
N ARG J 78 -48.26 -11.97 -13.71
CA ARG J 78 -49.20 -11.03 -14.30
C ARG J 78 -50.06 -10.45 -13.18
N PHE J 79 -49.59 -9.34 -12.61
CA PHE J 79 -50.27 -8.73 -11.49
C PHE J 79 -51.62 -8.17 -11.92
N PRO J 80 -52.67 -8.36 -11.14
CA PRO J 80 -53.91 -7.62 -11.38
C PRO J 80 -53.77 -6.18 -10.93
N VAL J 81 -54.45 -5.29 -11.66
CA VAL J 81 -54.35 -3.85 -11.42
C VAL J 81 -55.75 -3.25 -11.55
N LYS J 82 -56.07 -2.33 -10.65
CA LYS J 82 -57.37 -1.65 -10.65
C LYS J 82 -57.30 -0.38 -11.50
N ALA J 83 -58.49 0.17 -11.78
CA ALA J 83 -58.62 1.21 -12.78
C ALA J 83 -57.98 2.54 -12.37
N ARG J 84 -57.59 2.70 -11.11
CA ARG J 84 -56.97 3.93 -10.65
C ARG J 84 -55.64 3.69 -9.96
N ASP J 85 -54.88 2.68 -10.40
CA ASP J 85 -53.62 2.32 -9.78
C ASP J 85 -52.50 2.22 -10.81
N TYR J 86 -52.63 2.91 -11.93
CA TYR J 86 -51.63 2.77 -12.99
C TYR J 86 -50.36 3.55 -12.73
N GLU J 87 -50.38 4.54 -11.83
CA GLU J 87 -49.23 5.42 -11.70
C GLU J 87 -48.04 4.71 -11.07
N ARG J 88 -48.26 3.91 -10.03
CA ARG J 88 -47.12 3.28 -9.37
C ARG J 88 -46.45 2.25 -10.26
N TRP J 89 -47.23 1.53 -11.08
CA TRP J 89 -46.62 0.62 -12.05
C TRP J 89 -45.84 1.39 -13.11
N GLU J 90 -46.33 2.56 -13.50
CA GLU J 90 -45.57 3.41 -14.43
C GLU J 90 -44.24 3.82 -13.82
N LYS J 91 -44.24 4.23 -12.55
CA LYS J 91 -42.99 4.57 -11.90
C LYS J 91 -42.08 3.36 -11.77
N ARG J 92 -42.66 2.16 -11.64
CA ARG J 92 -41.84 0.96 -11.50
C ARG J 92 -41.19 0.57 -12.82
N PHE J 93 -41.88 0.77 -13.95
CA PHE J 93 -41.37 0.23 -15.21
C PHE J 93 -40.96 1.27 -16.24
N LEU J 94 -41.43 2.50 -16.16
CA LEU J 94 -41.24 3.48 -17.21
C LEU J 94 -40.37 4.64 -16.74
N PRO J 95 -39.68 5.34 -17.65
CA PRO J 95 -38.71 6.36 -17.23
C PRO J 95 -39.26 7.77 -17.06
N ALA J 96 -40.45 8.07 -17.58
CA ALA J 96 -41.03 9.40 -17.45
C ALA J 96 -42.54 9.27 -17.40
N PHE J 97 -43.24 10.39 -17.22
CA PHE J 97 -44.63 10.30 -16.78
C PHE J 97 -45.57 9.87 -17.90
N GLU J 98 -45.15 9.97 -19.17
CA GLU J 98 -45.92 9.39 -20.25
C GLU J 98 -45.01 8.75 -21.29
N PHE J 99 -43.97 8.05 -20.83
CA PHE J 99 -42.94 7.50 -21.69
C PHE J 99 -43.21 6.00 -21.88
N GLY J 100 -43.60 5.61 -23.08
CA GLY J 100 -43.87 4.22 -23.36
C GLY J 100 -45.25 3.81 -22.90
N ILE J 101 -45.50 2.50 -23.02
CA ILE J 101 -46.82 1.94 -22.73
C ILE J 101 -46.66 0.70 -21.85
N LEU J 102 -47.69 0.43 -21.05
CA LEU J 102 -47.88 -0.85 -20.41
C LEU J 102 -48.99 -1.57 -21.15
N ILE J 103 -48.85 -2.88 -21.36
CA ILE J 103 -49.81 -3.66 -22.10
C ILE J 103 -50.65 -4.47 -21.12
N VAL J 104 -51.97 -4.33 -21.21
CA VAL J 104 -52.91 -4.86 -20.23
C VAL J 104 -53.90 -5.74 -20.95
N SER J 105 -54.17 -6.90 -20.38
CA SER J 105 -55.22 -7.80 -20.82
C SER J 105 -56.45 -7.55 -19.95
N THR J 106 -57.53 -7.08 -20.56
CA THR J 106 -58.78 -6.80 -19.88
C THR J 106 -59.87 -7.66 -20.51
N SER J 107 -61.02 -7.70 -19.85
CA SER J 107 -62.14 -8.48 -20.38
C SER J 107 -62.74 -7.87 -21.64
N GLN J 108 -62.15 -6.80 -22.17
CA GLN J 108 -62.52 -6.26 -23.46
C GLN J 108 -61.40 -6.36 -24.48
N GLY J 109 -60.36 -7.14 -24.18
CA GLY J 109 -59.27 -7.37 -25.11
C GLY J 109 -57.94 -6.93 -24.55
N VAL J 110 -56.93 -6.93 -25.42
CA VAL J 110 -55.59 -6.50 -25.08
C VAL J 110 -55.41 -5.07 -25.56
N MET J 111 -54.90 -4.20 -24.70
CA MET J 111 -54.77 -2.79 -25.07
C MET J 111 -53.68 -2.16 -24.21
N SER J 112 -53.25 -0.97 -24.63
CA SER J 112 -52.32 -0.20 -23.81
C SER J 112 -53.05 0.34 -22.59
N HIS J 113 -52.27 0.68 -21.56
CA HIS J 113 -52.87 1.14 -20.32
C HIS J 113 -53.50 2.53 -20.46
N LYS J 114 -53.10 3.30 -21.47
CA LYS J 114 -53.73 4.60 -21.70
C LYS J 114 -55.18 4.44 -22.13
N GLU J 115 -55.42 3.55 -23.10
CA GLU J 115 -56.79 3.29 -23.52
C GLU J 115 -57.62 2.70 -22.40
N ALA J 116 -57.04 1.78 -21.62
CA ALA J 116 -57.76 1.19 -20.51
C ALA J 116 -58.12 2.24 -19.46
N ARG J 117 -57.20 3.15 -19.16
CA ARG J 117 -57.50 4.22 -18.21
C ARG J 117 -58.58 5.15 -18.77
N GLU J 118 -58.58 5.38 -20.07
CA GLU J 118 -59.65 6.16 -20.68
C GLU J 118 -60.99 5.47 -20.52
N LYS J 119 -61.05 4.16 -20.73
CA LYS J 119 -62.30 3.43 -20.58
C LYS J 119 -62.68 3.22 -19.12
N GLY J 120 -61.75 3.42 -18.20
CA GLY J 120 -62.04 3.22 -16.79
C GLY J 120 -62.13 1.78 -16.35
N ILE J 121 -61.23 0.92 -16.82
CA ILE J 121 -61.24 -0.49 -16.48
C ILE J 121 -59.83 -0.93 -16.11
N GLY J 122 -59.75 -2.04 -15.38
CA GLY J 122 -58.49 -2.66 -15.03
C GLY J 122 -58.25 -3.94 -15.78
N GLY J 123 -57.32 -4.74 -15.29
CA GLY J 123 -56.99 -5.99 -15.93
C GLY J 123 -55.71 -6.59 -15.36
N ARG J 124 -54.96 -7.25 -16.23
CA ARG J 124 -53.71 -7.91 -15.86
C ARG J 124 -52.57 -7.35 -16.71
N LEU J 125 -51.50 -6.94 -16.06
CA LEU J 125 -50.32 -6.47 -16.79
C LEU J 125 -49.61 -7.66 -17.42
N ILE J 126 -49.19 -7.52 -18.69
CA ILE J 126 -48.47 -8.60 -19.34
C ILE J 126 -47.14 -8.16 -19.95
N ALA J 127 -46.94 -6.90 -20.30
CA ALA J 127 -45.69 -6.51 -20.94
C ALA J 127 -45.49 -5.01 -20.82
N TYR J 128 -44.25 -4.58 -21.05
CA TYR J 128 -43.92 -3.16 -21.13
C TYR J 128 -43.00 -2.93 -22.31
N VAL J 129 -43.19 -1.80 -22.98
CA VAL J 129 -42.37 -1.38 -24.11
C VAL J 129 -42.10 0.12 -23.98
N TYR J 130 -40.86 0.53 -24.18
CA TYR J 130 -40.56 1.95 -24.28
C TYR J 130 -39.31 2.21 -25.10
N ALA K 2 -69.37 -27.12 42.59
CA ALA K 2 -70.05 -28.41 42.63
C ALA K 2 -70.09 -29.04 41.24
N ILE K 3 -71.25 -28.93 40.59
CA ILE K 3 -71.45 -29.46 39.25
C ILE K 3 -71.31 -28.30 38.28
N TRP K 4 -70.30 -28.37 37.42
CA TRP K 4 -69.96 -27.28 36.52
C TRP K 4 -70.16 -27.73 35.09
N GLN K 5 -70.85 -26.90 34.30
CA GLN K 5 -71.20 -27.23 32.92
C GLN K 5 -70.67 -26.19 31.94
N GLY K 6 -69.50 -25.62 32.22
CA GLY K 6 -68.98 -24.55 31.41
C GLY K 6 -68.42 -24.98 30.07
N ARG K 7 -67.31 -25.70 30.07
CA ARG K 7 -66.66 -26.11 28.84
C ARG K 7 -65.75 -27.29 29.13
N SER K 8 -65.34 -27.97 28.08
CA SER K 8 -64.43 -29.09 28.23
C SER K 8 -62.99 -28.61 28.35
N LEU K 9 -62.21 -29.34 29.14
CA LEU K 9 -60.80 -29.03 29.35
C LEU K 9 -59.90 -29.72 28.34
N ARG K 10 -60.46 -30.16 27.22
CA ARG K 10 -59.71 -30.88 26.20
C ARG K 10 -60.07 -30.34 24.83
N LYS K 11 -59.06 -30.05 24.02
CA LYS K 11 -59.28 -29.65 22.65
C LYS K 11 -59.62 -30.87 21.79
N PRO K 12 -60.32 -30.68 20.68
CA PRO K 12 -60.66 -31.83 19.82
C PRO K 12 -59.44 -32.55 19.28
N SER K 13 -58.28 -31.90 19.22
CA SER K 13 -57.06 -32.57 18.81
C SER K 13 -56.40 -33.36 19.93
N GLY K 14 -56.91 -33.27 21.16
CA GLY K 14 -56.37 -33.99 22.29
C GLY K 14 -55.53 -33.16 23.24
N GLY K 15 -55.17 -31.94 22.88
CA GLY K 15 -54.39 -31.11 23.76
C GLY K 15 -55.18 -30.60 24.95
N ARG K 16 -54.46 -30.22 26.00
CA ARG K 16 -55.09 -29.73 27.22
C ARG K 16 -55.27 -28.22 27.19
N ILE K 17 -56.20 -27.74 28.00
CA ILE K 17 -56.54 -26.33 28.08
C ILE K 17 -56.34 -25.87 29.52
N VAL K 18 -55.63 -24.76 29.69
CA VAL K 18 -55.42 -24.14 31.00
C VAL K 18 -56.57 -23.18 31.24
N LEU K 19 -57.28 -23.38 32.36
CA LEU K 19 -58.42 -22.52 32.67
C LEU K 19 -57.95 -21.12 32.98
N ALA K 20 -58.65 -20.13 32.44
CA ALA K 20 -58.20 -18.74 32.47
C ALA K 20 -59.06 -17.84 33.37
N ARG K 21 -60.06 -18.40 34.05
CA ARG K 21 -60.92 -17.60 34.92
C ARG K 21 -61.61 -18.52 35.90
N LYS K 22 -62.21 -17.92 36.92
CA LYS K 22 -62.98 -18.66 37.90
C LYS K 22 -64.32 -19.10 37.30
N LYS K 23 -64.99 -20.00 38.00
CA LYS K 23 -66.28 -20.49 37.55
C LYS K 23 -67.38 -19.49 37.87
N ARG K 24 -68.20 -19.16 36.88
CA ARG K 24 -69.31 -18.25 37.07
C ARG K 24 -70.50 -18.98 37.67
N LYS K 25 -71.30 -18.24 38.43
CA LYS K 25 -72.45 -18.84 39.10
C LYS K 25 -73.50 -19.33 38.11
N ARG K 26 -73.58 -18.70 36.93
CA ARG K 26 -74.60 -19.04 35.95
C ARG K 26 -74.30 -20.32 35.19
N GLU K 27 -73.16 -20.97 35.45
CA GLU K 27 -72.77 -22.18 34.73
C GLU K 27 -72.92 -23.44 35.55
N LEU K 28 -73.56 -23.38 36.71
CA LEU K 28 -73.60 -24.53 37.61
C LEU K 28 -74.85 -25.37 37.39
N GLY K 29 -74.71 -26.68 37.62
CA GLY K 29 -75.82 -27.60 37.58
C GLY K 29 -76.32 -27.95 38.97
N ARG K 30 -77.22 -28.92 39.01
CA ARG K 30 -77.82 -29.36 40.27
C ARG K 30 -77.88 -30.88 40.30
N GLU K 31 -78.12 -31.42 41.49
CA GLU K 31 -78.17 -32.86 41.67
C GLU K 31 -79.36 -33.44 40.92
N PRO K 32 -79.17 -34.58 40.23
CA PRO K 32 -80.30 -35.21 39.55
C PRO K 32 -81.34 -35.69 40.55
N SER K 33 -82.60 -35.60 40.14
CA SER K 33 -83.72 -36.08 40.94
C SER K 33 -84.11 -37.46 40.45
N ASN K 34 -83.86 -38.47 41.28
CA ASN K 34 -84.15 -39.85 40.91
C ASN K 34 -85.56 -40.19 41.39
N THR K 35 -86.53 -39.95 40.51
CA THR K 35 -87.94 -40.16 40.82
C THR K 35 -88.22 -41.63 41.07
N ARG K 36 -88.56 -41.98 42.30
CA ARG K 36 -88.86 -43.35 42.67
C ARG K 36 -90.37 -43.59 42.69
N VAL K 37 -90.73 -44.87 42.68
CA VAL K 37 -92.12 -45.28 42.84
C VAL K 37 -92.38 -45.43 44.34
N ALA K 38 -93.44 -44.80 44.83
CA ALA K 38 -93.73 -44.81 46.24
C ALA K 38 -95.24 -44.77 46.46
N GLU K 39 -95.64 -44.88 47.72
CA GLU K 39 -97.05 -44.85 48.07
C GLU K 39 -97.65 -43.44 47.95
N GLN K 40 -96.86 -42.41 48.24
CA GLN K 40 -97.34 -41.04 48.24
C GLN K 40 -96.36 -40.16 47.47
N ASP K 41 -96.90 -39.17 46.78
CA ASP K 41 -96.08 -38.30 45.94
C ASP K 41 -95.40 -37.22 46.79
N LYS K 42 -94.23 -36.79 46.32
CA LYS K 42 -93.40 -35.85 47.05
C LYS K 42 -92.68 -34.96 46.05
N ARG K 43 -92.83 -33.64 46.20
CA ARG K 43 -92.23 -32.70 45.27
C ARG K 43 -91.76 -31.47 46.01
N LYS K 44 -90.81 -30.76 45.40
CA LYS K 44 -90.30 -29.51 45.93
C LYS K 44 -90.22 -28.48 44.81
N ILE K 45 -89.89 -27.25 45.19
CA ILE K 45 -89.88 -26.12 44.27
C ILE K 45 -88.48 -25.49 44.30
N ILE K 46 -87.92 -25.26 43.11
CA ILE K 46 -86.56 -24.75 42.96
C ILE K 46 -86.64 -23.33 42.41
N ARG K 47 -85.95 -22.40 43.07
CA ARG K 47 -85.82 -21.04 42.58
C ARG K 47 -84.65 -20.96 41.62
N THR K 48 -84.88 -20.49 40.41
CA THR K 48 -83.95 -20.60 39.31
C THR K 48 -83.62 -19.21 38.73
N TYR K 49 -82.62 -19.23 37.85
CA TYR K 49 -82.07 -18.03 37.22
C TYR K 49 -83.15 -17.08 36.74
N GLY K 50 -82.97 -15.80 37.02
CA GLY K 50 -83.98 -14.82 36.71
C GLY K 50 -85.13 -14.79 37.69
N GLY K 51 -85.02 -15.49 38.81
CA GLY K 51 -86.12 -15.58 39.75
C GLY K 51 -87.30 -16.35 39.23
N ASN K 52 -87.07 -17.43 38.50
CA ASN K 52 -88.12 -18.29 38.00
C ASN K 52 -88.24 -19.51 38.92
N LYS K 53 -89.09 -20.46 38.53
CA LYS K 53 -89.32 -21.63 39.37
C LYS K 53 -89.40 -22.89 38.54
N LYS K 54 -88.97 -24.00 39.16
CA LYS K 54 -89.16 -25.34 38.62
C LYS K 54 -89.80 -26.21 39.68
N VAL K 55 -90.62 -27.17 39.25
CA VAL K 55 -91.26 -28.11 40.16
C VAL K 55 -90.58 -29.46 39.98
N ARG K 56 -89.92 -29.94 41.02
CA ARG K 56 -89.11 -31.15 40.97
C ARG K 56 -89.83 -32.25 41.73
N LEU K 57 -90.06 -33.37 41.05
CA LEU K 57 -90.78 -34.50 41.62
C LEU K 57 -89.77 -35.58 42.04
N THR K 58 -89.83 -35.98 43.31
CA THR K 58 -88.90 -36.98 43.83
C THR K 58 -89.55 -38.34 44.06
N ALA K 59 -90.84 -38.38 44.37
CA ALA K 59 -91.54 -39.63 44.56
C ALA K 59 -92.88 -39.56 43.85
N ALA K 60 -93.23 -40.61 43.13
CA ALA K 60 -94.43 -40.64 42.30
C ALA K 60 -95.33 -41.79 42.72
N ALA K 61 -96.64 -41.53 42.74
CA ALA K 61 -97.63 -42.54 43.07
C ALA K 61 -98.71 -42.70 42.01
N TYR K 62 -99.02 -41.66 41.24
CA TYR K 62 -100.03 -41.71 40.20
C TYR K 62 -99.43 -41.36 38.86
N ALA K 63 -100.21 -41.56 37.81
CA ALA K 63 -99.79 -41.23 36.46
C ALA K 63 -101.01 -40.88 35.62
N ASN K 64 -100.77 -40.14 34.55
CA ASN K 64 -101.80 -39.79 33.58
C ASN K 64 -101.54 -40.59 32.31
N VAL K 65 -102.50 -41.44 31.94
CA VAL K 65 -102.36 -42.34 30.81
C VAL K 65 -103.33 -41.92 29.72
N PHE K 66 -102.82 -41.75 28.51
CA PHE K 66 -103.61 -41.30 27.38
C PHE K 66 -103.70 -42.38 26.32
N ASP K 67 -104.84 -42.44 25.67
CA ASP K 67 -105.13 -43.38 24.59
C ASP K 67 -105.09 -42.65 23.26
N LYS K 68 -105.12 -43.42 22.16
CA LYS K 68 -105.13 -42.84 20.83
C LYS K 68 -106.40 -42.06 20.52
N SER K 69 -107.45 -42.25 21.32
CA SER K 69 -108.69 -41.50 21.14
C SER K 69 -108.64 -40.11 21.76
N GLY K 70 -107.64 -39.82 22.59
CA GLY K 70 -107.50 -38.53 23.20
C GLY K 70 -108.05 -38.40 24.60
N LYS K 71 -108.42 -39.50 25.25
CA LYS K 71 -108.94 -39.47 26.61
C LYS K 71 -107.84 -39.89 27.59
N GLY K 72 -107.91 -39.36 28.80
CA GLY K 72 -106.92 -39.63 29.82
C GLY K 72 -107.56 -40.08 31.12
N ARG K 73 -106.81 -40.89 31.86
CA ARG K 73 -107.26 -41.38 33.16
C ARG K 73 -106.13 -41.29 34.16
N LYS K 74 -106.47 -41.02 35.41
CA LYS K 74 -105.49 -40.95 36.49
C LYS K 74 -105.46 -42.28 37.22
N VAL K 75 -104.36 -43.03 37.06
CA VAL K 75 -104.20 -44.33 37.67
C VAL K 75 -102.87 -44.35 38.40
N ARG K 76 -102.72 -45.31 39.30
CA ARG K 76 -101.52 -45.41 40.11
C ARG K 76 -100.53 -46.39 39.50
N ILE K 77 -99.26 -46.22 39.87
CA ILE K 77 -98.14 -46.93 39.26
C ILE K 77 -97.83 -48.18 40.08
N ILE K 78 -97.60 -49.29 39.40
CA ILE K 78 -97.26 -50.55 40.07
C ILE K 78 -95.75 -50.68 40.16
N ARG K 79 -95.07 -50.67 39.02
CA ARG K 79 -93.61 -50.82 38.99
C ARG K 79 -93.10 -50.42 37.62
N VAL K 80 -91.77 -50.39 37.50
CA VAL K 80 -91.08 -50.05 36.27
C VAL K 80 -90.56 -51.34 35.63
N ILE K 81 -91.04 -51.64 34.43
CA ILE K 81 -90.64 -52.87 33.77
C ILE K 81 -89.21 -52.77 33.24
N GLU K 82 -88.89 -51.68 32.56
CA GLU K 82 -87.55 -51.49 32.02
C GLU K 82 -87.30 -50.02 31.77
N ASN K 83 -86.02 -49.68 31.61
CA ASN K 83 -85.62 -48.29 31.37
C ASN K 83 -84.35 -48.27 30.52
N PRO K 84 -84.46 -47.89 29.24
CA PRO K 84 -83.28 -47.90 28.37
C PRO K 84 -82.22 -46.90 28.75
N ALA K 85 -82.54 -45.91 29.58
CA ALA K 85 -81.57 -44.85 29.90
C ALA K 85 -80.37 -45.40 30.66
N ASN K 86 -80.62 -46.21 31.69
CA ASN K 86 -79.55 -46.75 32.51
C ASN K 86 -79.79 -48.23 32.72
N ARG K 87 -78.71 -48.99 32.90
CA ARG K 87 -78.81 -50.43 32.96
C ARG K 87 -79.43 -50.93 34.26
N GLN K 88 -79.39 -50.14 35.33
CA GLN K 88 -79.87 -50.59 36.62
C GLN K 88 -80.95 -49.67 37.19
N PHE K 89 -81.65 -48.92 36.34
CA PHE K 89 -82.74 -48.08 36.82
C PHE K 89 -83.99 -48.92 37.13
N ALA K 90 -84.24 -49.95 36.34
CA ALA K 90 -85.45 -50.75 36.51
C ALA K 90 -85.48 -51.44 37.87
N ARG K 91 -84.33 -51.95 38.31
CA ARG K 91 -84.27 -52.60 39.62
C ARG K 91 -84.59 -51.62 40.75
N ARG K 92 -84.09 -50.40 40.66
CA ARG K 92 -84.27 -49.40 41.70
C ARG K 92 -85.55 -48.59 41.55
N ASN K 93 -86.36 -48.88 40.52
CA ASN K 93 -87.63 -48.20 40.29
C ASN K 93 -87.43 -46.69 40.08
N ILE K 94 -86.56 -46.34 39.14
CA ILE K 94 -86.32 -44.96 38.78
C ILE K 94 -87.12 -44.64 37.53
N ILE K 95 -87.88 -43.55 37.58
CA ILE K 95 -88.74 -43.14 36.47
C ILE K 95 -88.09 -41.96 35.77
N THR K 96 -87.87 -42.10 34.47
CA THR K 96 -87.41 -41.02 33.62
C THR K 96 -88.23 -41.04 32.34
N LYS K 97 -87.98 -40.07 31.47
CA LYS K 97 -88.64 -40.04 30.18
C LYS K 97 -88.22 -41.26 29.36
N GLY K 98 -89.19 -41.89 28.72
CA GLY K 98 -88.93 -43.06 27.90
C GLY K 98 -88.98 -44.38 28.64
N ALA K 99 -89.19 -44.38 29.95
CA ALA K 99 -89.28 -45.63 30.69
C ALA K 99 -90.62 -46.31 30.43
N ILE K 100 -90.63 -47.62 30.62
CA ILE K 100 -91.84 -48.43 30.48
C ILE K 100 -92.31 -48.80 31.88
N ILE K 101 -93.55 -48.45 32.20
CA ILE K 101 -94.11 -48.73 33.51
C ILE K 101 -95.35 -49.57 33.34
N GLU K 102 -95.75 -50.27 34.39
CA GLU K 102 -96.99 -51.03 34.38
C GLU K 102 -97.96 -50.43 35.39
N THR K 103 -99.21 -50.30 34.98
CA THR K 103 -100.26 -49.71 35.80
C THR K 103 -101.39 -50.72 35.95
N GLU K 104 -102.50 -50.24 36.54
CA GLU K 104 -103.65 -51.11 36.74
C GLU K 104 -104.45 -51.32 35.46
N ILE K 105 -104.12 -50.61 34.38
CA ILE K 105 -104.82 -50.76 33.12
C ILE K 105 -103.88 -51.16 31.99
N GLY K 106 -102.64 -51.52 32.29
CA GLY K 106 -101.72 -52.04 31.30
C GLY K 106 -100.39 -51.31 31.33
N LYS K 107 -99.56 -51.65 30.35
CA LYS K 107 -98.25 -51.04 30.21
C LYS K 107 -98.35 -49.68 29.54
N ALA K 108 -97.42 -48.79 29.87
CA ALA K 108 -97.41 -47.45 29.30
C ALA K 108 -95.98 -46.95 29.22
N LYS K 109 -95.79 -45.96 28.35
CA LYS K 109 -94.47 -45.36 28.12
C LYS K 109 -94.51 -43.89 28.51
N VAL K 110 -93.55 -43.47 29.33
CA VAL K 110 -93.53 -42.12 29.89
C VAL K 110 -93.10 -41.14 28.80
N THR K 111 -93.81 -40.00 28.72
CA THR K 111 -93.55 -38.99 27.71
C THR K 111 -93.11 -37.65 28.27
N SER K 112 -93.18 -37.45 29.57
CA SER K 112 -92.80 -36.19 30.19
C SER K 112 -91.46 -36.33 30.92
N ARG K 113 -90.98 -35.21 31.43
CA ARG K 113 -89.74 -35.17 32.21
C ARG K 113 -90.09 -34.87 33.65
N PRO K 114 -90.16 -35.88 34.52
CA PRO K 114 -90.60 -35.64 35.90
C PRO K 114 -89.72 -34.67 36.67
N GLY K 115 -88.41 -34.65 36.41
CA GLY K 115 -87.53 -33.75 37.12
C GLY K 115 -87.70 -32.29 36.75
N GLN K 116 -88.34 -32.02 35.63
CA GLN K 116 -88.54 -30.65 35.14
C GLN K 116 -89.98 -30.18 35.24
N ASP K 117 -90.94 -31.10 35.20
CA ASP K 117 -92.36 -30.74 35.17
C ASP K 117 -93.09 -31.04 36.47
N GLY K 118 -92.70 -32.08 37.18
CA GLY K 118 -93.37 -32.46 38.41
C GLY K 118 -94.55 -33.39 38.26
N VAL K 119 -94.85 -33.84 37.04
CA VAL K 119 -95.93 -34.77 36.79
C VAL K 119 -95.42 -35.91 35.92
N VAL K 120 -96.18 -37.00 35.90
CA VAL K 120 -95.87 -38.17 35.09
C VAL K 120 -96.97 -38.35 34.07
N ASN K 121 -96.61 -38.31 32.79
CA ASN K 121 -97.54 -38.53 31.70
C ASN K 121 -97.04 -39.68 30.83
N ALA K 122 -97.94 -40.56 30.43
CA ALA K 122 -97.58 -41.74 29.67
C ALA K 122 -98.63 -42.03 28.62
N ILE K 123 -98.21 -42.72 27.57
CA ILE K 123 -99.10 -43.18 26.51
C ILE K 123 -99.27 -44.68 26.66
N LEU K 124 -100.50 -45.16 26.46
CA LEU K 124 -100.82 -46.57 26.63
C LEU K 124 -100.24 -47.40 25.49
N LEU K 125 -99.67 -48.54 25.83
CA LEU K 125 -99.10 -49.45 24.84
C LEU K 125 -100.10 -50.56 24.54
N GLU K 126 -100.33 -50.81 23.25
CA GLU K 126 -101.27 -51.83 22.82
C GLU K 126 -100.57 -53.18 22.71
N MET L 1 88.31 19.19 -41.50
CA MET L 1 88.07 19.23 -40.05
C MET L 1 86.58 19.08 -39.75
N ARG L 2 86.08 17.84 -39.88
CA ARG L 2 84.70 17.57 -39.56
C ARG L 2 84.51 17.42 -38.06
N ILE L 3 83.43 18.01 -37.55
CA ILE L 3 83.01 17.86 -36.16
C ILE L 3 81.51 17.58 -36.17
N ILE L 4 81.09 16.51 -35.50
CA ILE L 4 79.67 16.19 -35.43
C ILE L 4 79.25 16.04 -33.97
N GLN L 5 78.10 16.63 -33.64
CA GLN L 5 77.55 16.59 -32.29
C GLN L 5 76.24 15.81 -32.28
N THR L 6 76.05 15.00 -31.25
CA THR L 6 74.83 14.22 -31.09
C THR L 6 74.41 14.22 -29.62
N THR L 7 73.14 13.88 -29.39
CA THR L 7 72.53 13.95 -28.07
C THR L 7 71.81 12.64 -27.75
N GLY L 8 71.82 12.27 -26.48
CA GLY L 8 71.09 11.11 -26.01
C GLY L 8 70.44 11.38 -24.67
N LYS L 9 69.26 10.83 -24.47
CA LYS L 9 68.50 11.02 -23.25
C LYS L 9 67.98 9.68 -22.74
N ARG L 10 68.01 9.53 -21.41
CA ARG L 10 67.46 8.32 -20.78
C ARG L 10 67.15 8.67 -19.33
N LYS L 11 65.85 8.81 -19.02
CA LYS L 11 65.34 9.02 -17.66
C LYS L 11 66.16 10.01 -16.85
N THR L 12 66.16 11.29 -17.26
CA THR L 12 66.82 12.42 -16.61
C THR L 12 68.33 12.43 -16.80
N ALA L 13 68.90 11.51 -17.56
CA ALA L 13 70.32 11.57 -17.91
C ALA L 13 70.45 12.14 -19.31
N ILE L 14 71.38 13.09 -19.47
CA ILE L 14 71.59 13.77 -20.74
C ILE L 14 73.05 13.63 -21.13
N ALA L 15 73.29 13.18 -22.37
CA ALA L 15 74.64 12.98 -22.88
C ALA L 15 74.81 13.73 -24.19
N ARG L 16 75.92 14.45 -24.31
CA ARG L 16 76.29 15.16 -25.53
C ARG L 16 77.63 14.62 -26.00
N ALA L 17 77.68 14.20 -27.26
CA ALA L 17 78.86 13.55 -27.82
C ALA L 17 79.38 14.31 -29.03
N VAL L 18 80.70 14.40 -29.12
CA VAL L 18 81.38 15.06 -30.23
C VAL L 18 82.33 14.07 -30.87
N ILE L 19 82.21 13.90 -32.19
CA ILE L 19 82.99 12.93 -32.94
C ILE L 19 83.76 13.65 -34.04
N ARG L 20 85.00 13.21 -34.25
CA ARG L 20 85.92 13.76 -35.23
C ARG L 20 86.92 12.69 -35.62
N GLU L 21 87.73 12.99 -36.64
CA GLU L 21 88.78 12.08 -37.07
C GLU L 21 89.83 11.92 -35.97
N GLY L 22 90.27 10.70 -35.74
CA GLY L 22 91.22 10.42 -34.68
C GLY L 22 91.83 9.05 -34.75
N LYS L 23 92.33 8.58 -33.59
CA LYS L 23 93.09 7.35 -33.49
C LYS L 23 92.36 6.22 -32.77
N GLY L 24 91.17 6.46 -32.25
CA GLY L 24 90.42 5.46 -31.53
C GLY L 24 90.26 5.69 -30.03
N ARG L 25 90.44 6.91 -29.55
CA ARG L 25 90.36 7.23 -28.14
C ARG L 25 88.94 7.68 -27.81
N VAL L 26 88.34 7.04 -26.81
CA VAL L 26 86.98 7.36 -26.36
C VAL L 26 87.05 7.68 -24.87
N ARG L 27 86.50 8.83 -24.48
CA ARG L 27 86.53 9.28 -23.10
C ARG L 27 85.13 9.65 -22.64
N ILE L 28 84.80 9.24 -21.42
CA ILE L 28 83.52 9.57 -20.79
C ILE L 28 83.84 10.47 -19.60
N ASN L 29 83.48 11.74 -19.71
CA ASN L 29 83.79 12.74 -18.68
C ASN L 29 85.28 12.75 -18.36
N GLY L 30 86.10 12.58 -19.39
CA GLY L 30 87.54 12.60 -19.24
C GLY L 30 88.17 11.28 -18.91
N LYS L 31 87.40 10.25 -18.61
CA LYS L 31 87.99 8.97 -18.27
C LYS L 31 87.97 8.03 -19.46
N PRO L 32 89.07 7.31 -19.72
CA PRO L 32 89.05 6.31 -20.80
C PRO L 32 87.97 5.28 -20.57
N VAL L 33 87.31 4.87 -21.65
CA VAL L 33 86.18 3.96 -21.53
C VAL L 33 86.60 2.58 -21.05
N GLU L 34 87.88 2.22 -21.22
CA GLU L 34 88.34 0.91 -20.78
C GLU L 34 88.41 0.77 -19.27
N LEU L 35 88.29 1.87 -18.53
CA LEU L 35 88.37 1.86 -17.08
C LEU L 35 87.02 2.07 -16.41
N VAL L 36 85.92 2.02 -17.15
CA VAL L 36 84.61 2.24 -16.57
C VAL L 36 84.20 1.02 -15.75
N GLU L 37 83.67 1.27 -14.56
CA GLU L 37 83.18 0.21 -13.68
C GLU L 37 81.76 0.54 -13.24
N PRO L 38 80.95 -0.48 -12.94
CA PRO L 38 81.25 -1.92 -13.01
C PRO L 38 81.22 -2.45 -14.44
N GLU L 39 81.48 -3.76 -14.59
CA GLU L 39 81.58 -4.34 -15.92
C GLU L 39 80.28 -4.22 -16.69
N ILE L 40 79.14 -4.41 -16.01
CA ILE L 40 77.85 -4.38 -16.70
C ILE L 40 77.59 -3.01 -17.30
N ALA L 41 78.15 -1.96 -16.69
CA ALA L 41 78.02 -0.62 -17.27
C ALA L 41 78.97 -0.43 -18.45
N ARG L 42 80.17 -1.01 -18.36
CA ARG L 42 81.15 -0.84 -19.44
C ARG L 42 80.67 -1.49 -20.73
N PHE L 43 80.08 -2.68 -20.64
CA PHE L 43 79.64 -3.37 -21.84
C PHE L 43 78.48 -2.66 -22.52
N THR L 44 77.70 -1.89 -21.75
CA THR L 44 76.59 -1.14 -22.34
C THR L 44 77.11 -0.11 -23.34
N ILE L 45 78.20 0.59 -23.00
CA ILE L 45 78.75 1.60 -23.88
C ILE L 45 79.46 0.99 -25.07
N LEU L 46 80.11 -0.16 -24.89
CA LEU L 46 80.99 -0.71 -25.91
C LEU L 46 80.26 -1.42 -27.05
N GLU L 47 78.98 -1.76 -26.89
CA GLU L 47 78.30 -2.55 -27.91
C GLU L 47 78.25 -1.88 -29.27
N PRO L 48 77.87 -0.60 -29.41
CA PRO L 48 77.89 0.00 -30.75
C PRO L 48 79.26 -0.02 -31.40
N LEU L 49 80.32 0.19 -30.63
CA LEU L 49 81.66 0.17 -31.20
C LEU L 49 82.04 -1.22 -31.69
N ILE L 50 81.69 -2.26 -30.93
CA ILE L 50 82.02 -3.61 -31.35
C ILE L 50 81.22 -4.00 -32.59
N LEU L 51 79.95 -3.59 -32.65
CA LEU L 51 79.14 -3.89 -33.82
C LEU L 51 79.69 -3.21 -35.08
N ALA L 52 80.17 -1.97 -34.93
CA ALA L 52 80.64 -1.23 -36.10
C ALA L 52 81.83 -1.89 -36.76
N GLY L 53 82.76 -2.40 -35.96
CA GLY L 53 83.96 -3.04 -36.48
C GLY L 53 85.21 -2.30 -36.03
N GLU L 54 86.33 -3.00 -36.16
CA GLU L 54 87.59 -2.47 -35.64
C GLU L 54 88.17 -1.39 -36.54
N GLU L 55 87.98 -1.49 -37.86
CA GLU L 55 88.52 -0.50 -38.77
C GLU L 55 87.89 0.87 -38.52
N ILE L 56 86.57 0.92 -38.36
CA ILE L 56 85.90 2.18 -38.06
C ILE L 56 86.27 2.67 -36.67
N TRP L 57 86.40 1.75 -35.72
CA TRP L 57 86.68 2.12 -34.35
C TRP L 57 88.01 2.85 -34.22
N ASN L 58 89.05 2.38 -34.92
CA ASN L 58 90.37 2.94 -34.76
C ASN L 58 90.61 4.20 -35.58
N SER L 59 89.60 4.67 -36.32
CA SER L 59 89.77 5.81 -37.21
C SER L 59 89.10 7.08 -36.70
N VAL L 60 88.47 7.05 -35.53
CA VAL L 60 87.71 8.18 -35.01
C VAL L 60 88.06 8.40 -33.54
N ASP L 61 87.78 9.60 -33.06
CA ASP L 61 87.88 9.94 -31.64
C ASP L 61 86.55 10.48 -31.17
N ILE L 62 86.13 10.06 -29.98
CA ILE L 62 84.83 10.43 -29.43
C ILE L 62 85.03 10.94 -28.01
N ASP L 63 84.38 12.05 -27.68
CA ASP L 63 84.37 12.60 -26.34
C ASP L 63 82.92 12.86 -25.93
N VAL L 64 82.54 12.37 -24.75
CA VAL L 64 81.15 12.42 -24.30
C VAL L 64 81.09 13.12 -22.95
N LYS L 65 80.15 14.06 -22.82
CA LYS L 65 79.85 14.71 -21.55
C LYS L 65 78.43 14.32 -21.16
N VAL L 66 78.28 13.68 -20.01
CA VAL L 66 76.99 13.18 -19.55
C VAL L 66 76.74 13.67 -18.14
N GLN L 67 75.51 14.06 -17.86
CA GLN L 67 75.13 14.54 -16.53
C GLN L 67 73.71 14.11 -16.21
N GLY L 68 73.43 14.03 -14.91
CA GLY L 68 72.11 13.64 -14.44
C GLY L 68 71.95 12.12 -14.36
N GLY L 69 70.88 11.71 -13.69
CA GLY L 69 70.55 10.31 -13.63
C GLY L 69 71.50 9.51 -12.75
N GLY L 70 71.47 8.19 -12.95
CA GLY L 70 72.31 7.29 -12.17
C GLY L 70 73.41 6.64 -12.99
N PHE L 71 74.14 5.70 -12.39
CA PHE L 71 75.28 5.12 -13.08
C PHE L 71 74.85 4.24 -14.25
N MET L 72 73.67 3.63 -14.17
CA MET L 72 73.16 2.85 -15.28
C MET L 72 72.42 3.70 -16.31
N GLY L 73 71.76 4.77 -15.86
CA GLY L 73 71.11 5.66 -16.80
C GLY L 73 72.10 6.42 -17.66
N GLN L 74 73.24 6.81 -17.08
CA GLN L 74 74.23 7.57 -17.84
C GLN L 74 74.88 6.71 -18.93
N ALA L 75 75.11 5.43 -18.66
CA ALA L 75 75.74 4.57 -19.66
C ALA L 75 74.86 4.44 -20.89
N GLU L 76 73.55 4.30 -20.71
CA GLU L 76 72.65 4.07 -21.83
C GLU L 76 72.53 5.32 -22.70
N ALA L 77 72.51 6.51 -22.09
CA ALA L 77 72.48 7.73 -22.87
C ALA L 77 73.74 7.88 -23.71
N ALA L 78 74.90 7.57 -23.12
CA ALA L 78 76.14 7.59 -23.87
C ALA L 78 76.09 6.60 -25.03
N ARG L 79 75.52 5.42 -24.79
CA ARG L 79 75.38 4.42 -25.85
C ARG L 79 74.55 4.95 -27.00
N ILE L 80 73.41 5.60 -26.69
CA ILE L 80 72.55 6.14 -27.72
C ILE L 80 73.28 7.22 -28.52
N ALA L 81 73.94 8.14 -27.81
CA ALA L 81 74.65 9.22 -28.49
C ALA L 81 75.74 8.68 -29.39
N ILE L 82 76.49 7.68 -28.92
CA ILE L 82 77.57 7.10 -29.72
C ILE L 82 77.02 6.42 -30.96
N ALA L 83 75.91 5.69 -30.82
CA ALA L 83 75.33 5.02 -31.98
C ALA L 83 74.89 6.02 -33.04
N ARG L 84 74.21 7.09 -32.61
CA ARG L 84 73.77 8.10 -33.57
C ARG L 84 74.96 8.78 -34.23
N ALA L 85 75.99 9.12 -33.45
CA ALA L 85 77.18 9.75 -34.01
C ALA L 85 77.85 8.84 -35.03
N LEU L 86 77.92 7.54 -34.73
CA LEU L 86 78.53 6.60 -35.67
C LEU L 86 77.75 6.53 -36.97
N VAL L 87 76.42 6.38 -36.90
CA VAL L 87 75.66 6.23 -38.13
C VAL L 87 75.70 7.52 -38.95
N GLU L 88 75.80 8.67 -38.28
CA GLU L 88 75.85 9.92 -39.04
C GLU L 88 77.23 10.15 -39.66
N TRP L 89 78.30 9.80 -38.93
CA TRP L 89 79.64 10.09 -39.41
C TRP L 89 79.98 9.28 -40.67
N THR L 90 79.77 7.96 -40.63
CA THR L 90 80.08 7.15 -41.78
C THR L 90 79.00 7.24 -42.85
N GLY L 91 77.76 7.46 -42.45
CA GLY L 91 76.68 7.69 -43.40
C GLY L 91 76.40 6.55 -44.35
N ASP L 92 76.51 5.31 -43.87
CA ASP L 92 76.17 4.14 -44.67
C ASP L 92 74.98 3.43 -44.02
N MET L 93 74.07 2.94 -44.85
CA MET L 93 72.83 2.36 -44.36
C MET L 93 72.96 0.88 -44.01
N ASN L 94 74.06 0.23 -44.37
CA ASN L 94 74.27 -1.14 -43.91
C ASN L 94 74.47 -1.18 -42.40
N LEU L 95 75.25 -0.25 -41.86
CA LEU L 95 75.46 -0.19 -40.43
C LEU L 95 74.18 0.20 -39.70
N LYS L 96 73.44 1.16 -40.25
CA LYS L 96 72.17 1.55 -39.65
C LYS L 96 71.19 0.39 -39.62
N GLU L 97 71.15 -0.40 -40.70
CA GLU L 97 70.32 -1.59 -40.72
C GLU L 97 70.74 -2.60 -39.67
N LYS L 98 72.05 -2.77 -39.47
CA LYS L 98 72.52 -3.73 -38.47
C LYS L 98 72.14 -3.32 -37.06
N PHE L 99 72.21 -2.03 -36.74
CA PHE L 99 71.86 -1.57 -35.40
C PHE L 99 70.40 -1.85 -35.06
N ILE L 100 69.51 -1.62 -36.02
CA ILE L 100 68.08 -1.81 -35.77
C ILE L 100 67.77 -3.28 -35.50
N LYS L 101 68.46 -4.19 -36.19
CA LYS L 101 68.26 -5.61 -35.93
C LYS L 101 68.70 -5.99 -34.52
N TYR L 102 69.87 -5.49 -34.10
CA TYR L 102 70.40 -5.86 -32.79
C TYR L 102 69.61 -5.20 -31.66
N ASP L 103 69.34 -3.90 -31.79
CA ASP L 103 68.62 -3.17 -30.74
C ASP L 103 68.03 -1.91 -31.36
N ARG L 104 66.71 -1.87 -31.45
CA ARG L 104 66.03 -0.70 -32.04
C ARG L 104 66.27 0.54 -31.19
N THR L 105 66.24 0.38 -29.87
CA THR L 105 66.32 1.52 -28.96
C THR L 105 67.61 2.31 -29.13
N MET L 106 68.63 1.71 -29.75
CA MET L 106 69.87 2.43 -30.01
C MET L 106 69.62 3.71 -30.80
N LEU L 107 68.60 3.71 -31.66
CA LEU L 107 68.38 4.86 -32.53
C LEU L 107 67.11 5.64 -32.24
N VAL L 108 66.09 5.01 -31.65
CA VAL L 108 64.84 5.71 -31.39
C VAL L 108 64.69 6.17 -29.95
N GLY L 109 65.54 5.69 -29.04
CA GLY L 109 65.48 6.13 -27.67
C GLY L 109 64.42 5.40 -26.86
N ASP L 110 64.31 5.81 -25.59
CA ASP L 110 63.36 5.21 -24.67
C ASP L 110 62.53 6.29 -23.99
N PRO L 111 61.21 6.31 -24.20
CA PRO L 111 60.38 7.39 -23.67
C PRO L 111 59.86 7.17 -22.26
N ARG L 112 60.25 6.10 -21.56
CA ARG L 112 59.66 5.81 -20.26
C ARG L 112 60.17 6.77 -19.20
N ARG L 113 59.25 7.20 -18.33
CA ARG L 113 59.57 8.05 -17.18
C ARG L 113 58.80 7.55 -15.98
N THR L 114 59.14 8.07 -14.80
CA THR L 114 58.48 7.65 -13.57
C THR L 114 57.05 8.18 -13.52
N GLU L 115 56.19 7.45 -12.83
CA GLU L 115 54.80 7.86 -12.65
C GLU L 115 54.64 8.60 -11.34
N PRO L 116 53.96 9.75 -11.32
CA PRO L 116 53.82 10.50 -10.07
C PRO L 116 53.05 9.72 -9.02
N HIS L 117 53.39 9.97 -7.76
CA HIS L 117 52.79 9.25 -6.64
C HIS L 117 51.40 9.81 -6.30
N LYS L 118 50.64 9.03 -5.56
CA LYS L 118 49.26 9.31 -5.21
C LYS L 118 49.08 9.15 -3.71
N PRO L 119 48.01 9.70 -3.13
CA PRO L 119 47.76 9.53 -1.69
C PRO L 119 47.55 8.07 -1.33
N ASN L 120 47.27 7.83 -0.04
CA ASN L 120 47.22 6.48 0.52
C ASN L 120 48.57 5.80 0.41
N ARG L 121 49.51 6.17 1.30
CA ARG L 121 50.89 5.68 1.29
C ARG L 121 51.67 6.26 0.11
N SER L 122 51.69 7.58 0.04
CA SER L 122 52.26 8.29 -1.09
C SER L 122 53.76 8.01 -1.24
N THR L 123 54.48 7.93 -0.13
CA THR L 123 55.93 7.84 -0.21
C THR L 123 56.42 6.55 -0.85
N LYS L 124 55.59 5.51 -0.90
CA LYS L 124 56.06 4.23 -1.43
C LYS L 124 55.90 4.16 -2.95
N GLY L 125 54.75 4.58 -3.48
CA GLY L 125 54.53 4.55 -4.89
C GLY L 125 53.11 4.93 -5.28
N PRO L 126 52.88 5.10 -6.57
CA PRO L 126 51.54 5.50 -7.02
C PRO L 126 50.48 4.42 -6.82
N ARG L 127 50.87 3.16 -6.65
CA ARG L 127 49.90 2.07 -6.56
C ARG L 127 50.01 1.23 -5.30
N ALA L 128 51.16 1.23 -4.63
CA ALA L 128 51.27 0.53 -3.37
C ALA L 128 50.42 1.22 -2.31
N LYS L 129 49.78 0.43 -1.45
CA LYS L 129 48.82 0.97 -0.49
C LYS L 129 49.04 0.36 0.88
N ARG L 130 48.44 1.02 1.88
CA ARG L 130 48.48 0.57 3.25
C ARG L 130 47.71 -0.73 3.41
N GLN L 131 48.18 -1.59 4.33
CA GLN L 131 47.48 -2.84 4.59
C GLN L 131 46.12 -2.57 5.21
N LYS L 132 45.13 -3.33 4.76
CA LYS L 132 43.75 -3.11 5.14
C LYS L 132 43.34 -4.09 6.24
N SER L 133 42.63 -3.59 7.24
CA SER L 133 42.17 -4.40 8.36
C SER L 133 40.67 -4.18 8.56
N TYR L 134 40.01 -5.20 9.11
CA TYR L 134 38.57 -5.17 9.30
C TYR L 134 38.15 -5.24 10.77
N ARG L 135 38.97 -5.80 11.64
CA ARG L 135 38.64 -5.87 13.06
C ARG L 135 39.85 -5.46 13.91
N GLN M 2 75.38 52.23 -19.03
CA GLN M 2 74.67 52.91 -20.10
C GLN M 2 73.50 52.06 -20.61
N LYS M 3 73.23 50.97 -19.90
CA LYS M 3 72.14 50.07 -20.25
C LYS M 3 71.16 49.97 -19.11
N ALA M 4 69.89 49.76 -19.45
CA ALA M 4 68.83 49.59 -18.46
C ALA M 4 68.30 48.17 -18.53
N ARG M 5 68.00 47.60 -17.37
CA ARG M 5 67.48 46.25 -17.26
C ARG M 5 66.06 46.31 -16.71
N ILE M 6 65.14 45.61 -17.37
CA ILE M 6 63.72 45.64 -17.04
C ILE M 6 63.29 44.24 -16.64
N LYS M 7 62.61 44.12 -15.51
CA LYS M 7 62.09 42.85 -15.03
C LYS M 7 60.57 42.91 -14.95
N LEU M 8 59.92 41.90 -15.52
CA LEU M 8 58.47 41.83 -15.55
C LEU M 8 58.00 40.53 -14.90
N ALA M 9 56.87 40.61 -14.20
CA ALA M 9 56.31 39.44 -13.53
C ALA M 9 54.79 39.61 -13.46
N SER M 10 54.08 38.53 -13.75
CA SER M 10 52.62 38.57 -13.73
C SER M 10 52.08 37.16 -13.60
N THR M 11 50.84 37.07 -13.13
CA THR M 11 50.13 35.80 -13.08
C THR M 11 49.30 35.54 -14.33
N ASN M 12 49.20 36.50 -15.23
CA ASN M 12 48.48 36.35 -16.49
C ASN M 12 49.47 36.49 -17.63
N VAL M 13 49.55 35.46 -18.48
CA VAL M 13 50.58 35.42 -19.51
C VAL M 13 50.31 36.47 -20.58
N ARG M 14 49.05 36.69 -20.93
CA ARG M 14 48.72 37.57 -22.05
C ARG M 14 49.14 39.02 -21.79
N SER M 15 48.89 39.51 -20.58
CA SER M 15 49.26 40.89 -20.25
C SER M 15 50.77 41.06 -20.31
N LEU M 16 51.52 40.07 -19.85
CA LEU M 16 52.97 40.11 -19.94
C LEU M 16 53.41 40.22 -21.39
N GLU M 17 52.79 39.44 -22.27
CA GLU M 17 53.12 39.50 -23.69
C GLU M 17 52.80 40.88 -24.26
N GLU M 18 51.67 41.47 -23.86
CA GLU M 18 51.31 42.80 -24.36
C GLU M 18 52.36 43.83 -23.97
N VAL M 19 52.77 43.82 -22.70
CA VAL M 19 53.77 44.79 -22.24
C VAL M 19 55.09 44.58 -22.97
N ALA M 20 55.51 43.32 -23.12
CA ALA M 20 56.76 43.04 -23.82
C ALA M 20 56.71 43.51 -25.27
N ASN M 21 55.58 43.27 -25.95
CA ASN M 21 55.44 43.71 -27.33
C ASN M 21 55.46 45.22 -27.44
N GLN M 22 54.83 45.92 -26.50
CA GLN M 22 54.89 47.38 -26.52
C GLN M 22 56.33 47.88 -26.37
N ILE M 23 57.08 47.29 -25.44
CA ILE M 23 58.48 47.70 -25.28
C ILE M 23 59.28 47.40 -26.55
N LYS M 24 59.03 46.24 -27.16
CA LYS M 24 59.75 45.88 -28.38
C LYS M 24 59.44 46.85 -29.51
N GLN M 25 58.17 47.24 -29.65
CA GLN M 25 57.82 48.21 -30.69
C GLN M 25 58.44 49.57 -30.41
N ILE M 26 58.47 50.00 -29.15
CA ILE M 26 59.11 51.26 -28.81
C ILE M 26 60.58 51.23 -29.20
N ALA M 27 61.27 50.14 -28.88
CA ALA M 27 62.66 50.00 -29.29
C ALA M 27 62.81 49.94 -30.81
N GLU M 28 61.85 49.38 -31.52
CA GLU M 28 61.93 49.29 -32.98
C GLU M 28 61.75 50.65 -33.64
N ARG M 29 60.83 51.47 -33.13
CA ARG M 29 60.58 52.79 -33.71
C ARG M 29 61.73 53.76 -33.50
N THR M 30 62.85 53.31 -32.95
CA THR M 30 64.02 54.14 -32.74
C THR M 30 65.24 53.31 -33.06
N GLY M 31 66.36 53.97 -33.33
CA GLY M 31 67.58 53.24 -33.60
C GLY M 31 68.28 52.92 -32.29
N VAL M 32 68.03 51.73 -31.77
CA VAL M 32 68.51 51.32 -30.46
C VAL M 32 68.44 49.81 -30.39
N ARG M 33 69.53 49.20 -29.92
CA ARG M 33 69.61 47.75 -29.85
C ARG M 33 69.06 47.25 -28.52
N MET M 34 68.18 46.25 -28.59
CA MET M 34 67.50 45.71 -27.42
C MET M 34 67.71 44.20 -27.41
N SER M 35 68.19 43.67 -26.28
CA SER M 35 68.28 42.24 -26.12
C SER M 35 66.89 41.66 -25.91
N GLY M 36 66.57 40.60 -26.66
CA GLY M 36 65.22 40.08 -26.71
C GLY M 36 64.70 39.66 -25.35
N PRO M 37 63.37 39.57 -25.23
CA PRO M 37 62.77 39.17 -23.95
C PRO M 37 63.13 37.74 -23.60
N ILE M 38 63.87 37.57 -22.52
CA ILE M 38 64.37 36.27 -22.09
C ILE M 38 63.36 35.67 -21.11
N PRO M 39 62.83 34.48 -21.37
CA PRO M 39 61.91 33.86 -20.41
C PRO M 39 62.64 33.16 -19.27
N LEU M 40 62.40 33.61 -18.04
CA LEU M 40 62.96 33.00 -16.85
C LEU M 40 62.02 31.93 -16.32
N PRO M 41 62.52 31.00 -15.50
CA PRO M 41 61.68 29.89 -15.03
C PRO M 41 60.46 30.38 -14.26
N THR M 42 59.36 29.65 -14.44
CA THR M 42 58.09 30.02 -13.81
C THR M 42 58.09 29.62 -12.33
N LYS M 43 57.48 30.46 -11.51
CA LYS M 43 57.30 30.14 -10.09
C LYS M 43 55.99 29.40 -9.89
N ARG M 44 56.05 28.24 -9.24
CA ARG M 44 54.89 27.46 -8.91
C ARG M 44 54.76 27.37 -7.39
N ILE M 45 53.60 27.76 -6.87
CA ILE M 45 53.30 27.66 -5.45
C ILE M 45 52.21 26.62 -5.31
N ARG M 46 52.54 25.51 -4.65
CA ARG M 46 51.64 24.37 -4.53
C ARG M 46 51.34 24.12 -3.06
N ILE M 47 50.05 23.96 -2.74
CA ILE M 47 49.61 23.75 -1.37
C ILE M 47 48.62 22.58 -1.36
N VAL M 48 48.86 21.62 -0.48
CA VAL M 48 48.05 20.40 -0.40
C VAL M 48 47.35 20.38 0.94
N THR M 49 46.03 20.22 0.93
CA THR M 49 45.24 20.27 2.16
C THR M 49 44.25 19.12 2.21
N ARG M 50 43.96 18.68 3.42
CA ARG M 50 42.90 17.71 3.66
C ARG M 50 41.55 18.34 3.38
N LYS M 51 40.62 17.55 2.81
CA LYS M 51 39.35 18.11 2.39
C LYS M 51 38.36 18.25 3.54
N SER M 52 38.15 17.20 4.31
CA SER M 52 37.06 17.17 5.27
C SER M 52 37.35 18.11 6.45
N PRO M 53 36.30 18.71 7.03
CA PRO M 53 36.51 19.45 8.28
C PRO M 53 36.75 18.55 9.48
N ASP M 54 36.08 17.40 9.54
CA ASP M 54 36.26 16.45 10.62
C ASP M 54 37.33 15.43 10.24
N GLY M 55 37.45 14.35 11.00
CA GLY M 55 38.45 13.34 10.71
C GLY M 55 37.88 11.99 10.31
N GLU M 56 36.57 11.92 10.13
CA GLU M 56 35.91 10.67 9.78
C GLU M 56 35.87 10.50 8.27
N GLY M 57 35.97 9.26 7.82
CA GLY M 57 35.94 8.93 6.41
C GLY M 57 37.32 8.77 5.80
N SER M 58 37.32 8.39 4.53
CA SER M 58 38.57 8.24 3.80
C SER M 58 39.24 9.61 3.63
N ALA M 59 40.57 9.61 3.62
CA ALA M 59 41.31 10.85 3.51
C ALA M 59 41.52 11.21 2.04
N THR M 60 41.07 12.41 1.68
CA THR M 60 41.21 12.93 0.33
C THR M 60 41.84 14.32 0.40
N PHE M 61 42.49 14.73 -0.67
CA PHE M 61 43.33 15.92 -0.63
C PHE M 61 43.07 16.83 -1.83
N ASP M 62 43.23 18.12 -1.59
CA ASP M 62 43.21 19.16 -2.62
C ASP M 62 44.61 19.65 -2.87
N ARG M 63 44.93 19.91 -4.14
CA ARG M 63 46.22 20.42 -4.57
C ARG M 63 46.01 21.74 -5.30
N TRP M 64 46.13 22.85 -4.57
CA TRP M 64 45.97 24.17 -5.15
C TRP M 64 47.31 24.68 -5.67
N GLU M 65 47.28 25.43 -6.77
CA GLU M 65 48.49 25.86 -7.44
C GLU M 65 48.33 27.30 -7.93
N LEU M 66 49.41 28.07 -7.79
CA LEU M 66 49.49 29.44 -8.28
C LEU M 66 50.76 29.60 -9.10
N ARG M 67 50.66 30.20 -10.28
CA ARG M 67 51.77 30.29 -11.21
C ARG M 67 52.12 31.74 -11.49
N ILE M 68 53.41 32.05 -11.48
CA ILE M 68 53.93 33.39 -11.69
C ILE M 68 54.95 33.33 -12.82
N HIS M 69 54.70 34.08 -13.89
CA HIS M 69 55.57 34.10 -15.05
C HIS M 69 56.47 35.33 -15.02
N LYS M 70 57.64 35.19 -15.63
CA LYS M 70 58.66 36.23 -15.56
C LYS M 70 59.32 36.43 -16.92
N ARG M 71 59.78 37.66 -17.14
CA ARG M 71 60.49 38.03 -18.37
C ARG M 71 61.63 38.96 -18.01
N LEU M 72 62.64 39.02 -18.90
CA LEU M 72 63.80 39.88 -18.72
C LEU M 72 64.13 40.55 -20.03
N ILE M 73 64.41 41.86 -19.98
CA ILE M 73 64.72 42.67 -21.15
C ILE M 73 65.87 43.59 -20.81
N ASP M 74 66.84 43.71 -21.72
CA ASP M 74 67.93 44.66 -21.60
C ASP M 74 67.89 45.63 -22.77
N ILE M 75 68.13 46.91 -22.49
CA ILE M 75 68.10 47.95 -23.51
C ILE M 75 69.05 49.07 -23.09
N GLU M 76 69.68 49.70 -24.08
CA GLU M 76 70.65 50.75 -23.82
C GLU M 76 69.94 52.06 -23.52
N ALA M 77 70.47 52.81 -22.56
CA ALA M 77 69.81 54.00 -22.04
C ALA M 77 69.91 55.14 -23.06
N ASP M 78 68.80 55.42 -23.74
CA ASP M 78 68.69 56.57 -24.62
C ASP M 78 67.44 57.35 -24.22
N GLU M 79 67.60 58.65 -24.02
CA GLU M 79 66.52 59.45 -23.44
C GLU M 79 65.32 59.53 -24.38
N ARG M 80 65.54 59.50 -25.69
CA ARG M 80 64.42 59.56 -26.62
C ARG M 80 63.51 58.35 -26.46
N ALA M 81 64.09 57.16 -26.24
CA ALA M 81 63.29 55.97 -25.99
C ALA M 81 63.00 55.75 -24.51
N MET M 82 63.86 56.27 -23.62
CA MET M 82 63.64 56.07 -22.19
C MET M 82 62.36 56.72 -21.72
N ARG M 83 62.05 57.92 -22.20
CA ARG M 83 60.80 58.58 -21.81
C ARG M 83 59.58 57.81 -22.29
N GLN M 84 59.65 57.24 -23.50
CA GLN M 84 58.50 56.53 -24.05
C GLN M 84 58.13 55.32 -23.20
N ILE M 85 59.12 54.54 -22.78
CA ILE M 85 58.82 53.37 -21.95
C ILE M 85 58.45 53.81 -20.53
N MET M 86 58.93 54.98 -20.10
CA MET M 86 58.56 55.48 -18.79
C MET M 86 57.10 55.89 -18.71
N ARG M 87 56.47 56.19 -19.84
CA ARG M 87 55.10 56.67 -19.87
C ARG M 87 54.09 55.59 -20.22
N ILE M 88 54.53 54.36 -20.48
CA ILE M 88 53.60 53.28 -20.77
C ILE M 88 52.89 52.88 -19.49
N ARG M 89 51.63 52.49 -19.61
CA ARG M 89 50.81 52.13 -18.47
C ARG M 89 50.58 50.64 -18.46
N VAL M 90 51.03 49.97 -17.41
CA VAL M 90 50.93 48.53 -17.27
C VAL M 90 49.58 48.19 -16.63
N PRO M 91 49.02 47.01 -16.91
CA PRO M 91 47.80 46.59 -16.19
C PRO M 91 48.11 46.39 -14.71
N GLU M 92 47.02 46.30 -13.93
CA GLU M 92 47.18 46.22 -12.48
C GLU M 92 47.77 44.89 -12.01
N ASP M 93 47.75 43.87 -12.86
CA ASP M 93 48.24 42.55 -12.50
C ASP M 93 49.64 42.27 -13.02
N VAL M 94 50.38 43.31 -13.41
CA VAL M 94 51.74 43.16 -13.92
C VAL M 94 52.66 44.05 -13.10
N THR M 95 53.79 43.50 -12.67
CA THR M 95 54.78 44.24 -11.90
C THR M 95 56.00 44.50 -12.78
N ILE M 96 56.47 45.74 -12.78
CA ILE M 96 57.60 46.18 -13.61
C ILE M 96 58.64 46.84 -12.73
N GLU M 97 59.91 46.56 -12.98
CA GLU M 97 61.01 47.18 -12.25
C GLU M 97 62.10 47.54 -13.24
N ILE M 98 62.66 48.76 -13.09
CA ILE M 98 63.65 49.29 -14.00
C ILE M 98 64.89 49.68 -13.19
N GLU M 99 66.06 49.30 -13.70
CA GLU M 99 67.32 49.61 -13.05
C GLU M 99 68.38 49.88 -14.11
N LEU M 100 69.35 50.71 -13.77
CA LEU M 100 70.44 51.08 -14.66
C LEU M 100 71.71 50.36 -14.25
N ILE M 101 72.38 49.75 -15.22
CA ILE M 101 73.61 49.00 -14.95
C ILE M 101 74.78 49.65 -15.69
N LYS N 11 40.46 -72.40 -38.50
CA LYS N 11 39.73 -71.40 -39.26
C LYS N 11 39.76 -70.05 -38.53
N GLU N 12 38.57 -69.58 -38.15
CA GLU N 12 38.43 -68.32 -37.42
C GLU N 12 37.69 -68.60 -36.12
N LYS N 13 38.30 -68.22 -35.00
CA LYS N 13 37.67 -68.35 -33.70
C LYS N 13 37.11 -67.00 -33.31
N TRP N 14 35.77 -66.90 -33.26
CA TRP N 14 35.08 -65.68 -32.89
C TRP N 14 34.39 -65.87 -31.56
N GLY N 15 34.39 -64.82 -30.75
CA GLY N 15 33.76 -64.86 -29.45
C GLY N 15 32.74 -63.74 -29.28
N ILE N 16 32.29 -63.53 -28.04
CA ILE N 16 31.33 -62.49 -27.73
C ILE N 16 31.83 -61.69 -26.54
N ALA N 17 31.73 -60.37 -26.63
CA ALA N 17 32.08 -59.47 -25.53
C ALA N 17 30.79 -58.89 -24.96
N HIS N 18 30.46 -59.30 -23.74
CA HIS N 18 29.35 -58.74 -22.97
C HIS N 18 29.88 -57.58 -22.14
N ILE N 19 29.25 -56.42 -22.29
CA ILE N 19 29.64 -55.21 -21.57
C ILE N 19 28.45 -54.79 -20.72
N TYR N 20 28.69 -54.66 -19.41
CA TYR N 20 27.68 -54.25 -18.45
C TYR N 20 28.08 -52.89 -17.90
N SER N 21 27.29 -51.86 -18.19
CA SER N 21 27.67 -50.50 -17.83
C SER N 21 26.57 -49.85 -17.01
N SER N 22 26.93 -49.36 -15.83
CA SER N 22 26.03 -48.63 -14.95
C SER N 22 26.72 -47.35 -14.48
N TYR N 23 26.09 -46.67 -13.51
CA TYR N 23 26.67 -45.46 -12.95
C TYR N 23 27.68 -45.75 -11.85
N ASN N 24 27.82 -47.01 -11.43
CA ASN N 24 28.73 -47.36 -10.34
C ASN N 24 29.89 -48.24 -10.74
N ASN N 25 29.82 -48.93 -11.88
CA ASN N 25 30.86 -49.87 -12.25
C ASN N 25 30.74 -50.21 -13.73
N THR N 26 31.67 -51.03 -14.20
CA THR N 26 31.67 -51.53 -15.57
C THR N 26 32.30 -52.92 -15.58
N ILE N 27 31.68 -53.84 -16.30
CA ILE N 27 32.15 -55.22 -16.37
C ILE N 27 32.30 -55.60 -17.85
N ILE N 28 33.44 -56.21 -18.19
CA ILE N 28 33.73 -56.65 -19.54
C ILE N 28 34.02 -58.14 -19.49
N HIS N 29 33.27 -58.93 -20.25
CA HIS N 29 33.25 -60.38 -20.11
C HIS N 29 33.31 -60.98 -21.51
N ILE N 30 34.42 -61.65 -21.83
CA ILE N 30 34.59 -62.28 -23.15
C ILE N 30 34.38 -63.77 -23.00
N THR N 31 33.44 -64.29 -23.79
CA THR N 31 33.10 -65.71 -23.87
C THR N 31 33.23 -66.19 -25.31
N ASP N 32 32.93 -67.47 -25.53
CA ASP N 32 33.02 -68.04 -26.86
C ASP N 32 31.74 -67.74 -27.64
N ILE N 33 31.59 -68.36 -28.81
CA ILE N 33 30.50 -68.01 -29.71
C ILE N 33 29.15 -68.42 -29.14
N THR N 34 29.11 -69.50 -28.36
CA THR N 34 27.85 -69.97 -27.80
C THR N 34 27.54 -69.37 -26.44
N GLY N 35 28.50 -68.69 -25.82
CA GLY N 35 28.28 -68.03 -24.54
C GLY N 35 28.41 -68.92 -23.33
N ALA N 36 28.66 -70.22 -23.51
CA ALA N 36 28.67 -71.14 -22.39
C ALA N 36 30.05 -71.36 -21.79
N GLU N 37 31.10 -70.79 -22.39
CA GLU N 37 32.46 -70.92 -21.88
C GLU N 37 33.07 -69.54 -21.73
N THR N 38 33.64 -69.28 -20.56
CA THR N 38 34.19 -67.95 -20.24
C THR N 38 35.67 -67.90 -20.60
N ILE N 39 36.04 -66.90 -21.38
CA ILE N 39 37.44 -66.69 -21.74
C ILE N 39 38.13 -65.73 -20.79
N SER N 40 37.51 -64.58 -20.52
CA SER N 40 38.10 -63.63 -19.59
C SER N 40 37.01 -62.73 -19.03
N ARG N 41 37.32 -62.07 -17.91
CA ARG N 41 36.33 -61.27 -17.20
C ARG N 41 37.05 -60.26 -16.31
N TRP N 42 36.78 -58.98 -16.54
CA TRP N 42 37.44 -57.92 -15.77
C TRP N 42 36.45 -56.81 -15.47
N SER N 43 36.49 -56.29 -14.25
CA SER N 43 35.60 -55.23 -13.81
C SER N 43 36.42 -54.01 -13.42
N GLY N 44 35.72 -52.88 -13.26
CA GLY N 44 36.39 -51.64 -12.94
C GLY N 44 37.08 -51.64 -11.58
N GLY N 45 36.57 -52.45 -10.65
CA GLY N 45 37.16 -52.48 -9.32
C GLY N 45 38.43 -53.29 -9.23
N MET N 46 38.87 -53.91 -10.31
CA MET N 46 40.09 -54.70 -10.33
C MET N 46 41.28 -53.95 -10.90
N VAL N 47 41.12 -52.68 -11.27
CA VAL N 47 42.19 -51.95 -11.94
C VAL N 47 42.43 -50.60 -11.28
N VAL N 48 41.54 -50.18 -10.38
CA VAL N 48 41.66 -48.90 -9.69
C VAL N 48 41.51 -49.12 -8.19
N LYS N 49 41.88 -48.09 -7.43
CA LYS N 49 41.84 -48.15 -5.97
C LYS N 49 40.69 -47.36 -5.35
N ALA N 50 40.20 -46.33 -6.01
CA ALA N 50 39.16 -45.47 -5.46
C ALA N 50 37.81 -45.89 -5.98
N ASP N 51 36.84 -46.01 -5.06
CA ASP N 51 35.48 -46.36 -5.46
C ASP N 51 34.90 -45.32 -6.40
N ARG N 52 35.40 -44.08 -6.32
CA ARG N 52 34.87 -43.01 -7.15
C ARG N 52 35.27 -43.16 -8.61
N ASP N 53 36.33 -43.92 -8.89
CA ASP N 53 36.86 -44.04 -10.24
C ASP N 53 36.41 -45.30 -10.97
N GLU N 54 35.58 -46.14 -10.34
CA GLU N 54 35.16 -47.36 -11.00
C GLU N 54 34.41 -47.14 -12.31
N PRO N 55 33.45 -46.22 -12.43
CA PRO N 55 32.76 -46.03 -13.70
C PRO N 55 33.42 -45.08 -14.68
N SER N 56 34.64 -44.63 -14.42
CA SER N 56 35.30 -43.67 -15.30
C SER N 56 35.70 -44.35 -16.61
N PRO N 57 35.79 -43.57 -17.70
CA PRO N 57 36.24 -44.15 -18.97
C PRO N 57 37.63 -44.76 -18.92
N TYR N 58 38.54 -44.18 -18.13
CA TYR N 58 39.91 -44.68 -18.09
C TYR N 58 39.97 -46.09 -17.49
N ALA N 59 39.19 -46.34 -16.45
CA ALA N 59 39.12 -47.68 -15.89
C ALA N 59 38.55 -48.66 -16.90
N ALA N 60 37.58 -48.22 -17.69
CA ALA N 60 37.05 -49.05 -18.75
C ALA N 60 38.12 -49.41 -19.77
N MET N 61 38.94 -48.42 -20.14
CA MET N 61 40.03 -48.69 -21.08
C MET N 61 41.00 -49.73 -20.51
N LEU N 62 41.38 -49.58 -19.25
CA LEU N 62 42.33 -50.51 -18.64
C LEU N 62 41.76 -51.92 -18.60
N ALA N 63 40.51 -52.06 -18.14
CA ALA N 63 39.90 -53.39 -18.06
C ALA N 63 39.76 -54.01 -19.45
N ALA N 64 39.36 -53.22 -20.44
CA ALA N 64 39.22 -53.74 -21.79
C ALA N 64 40.56 -54.22 -22.33
N ARG N 65 41.63 -53.47 -22.06
CA ARG N 65 42.94 -53.90 -22.53
C ARG N 65 43.36 -55.22 -21.90
N ARG N 66 43.15 -55.36 -20.59
CA ARG N 66 43.50 -56.61 -19.93
C ARG N 66 42.72 -57.79 -20.51
N ALA N 67 41.40 -57.61 -20.67
CA ALA N 67 40.57 -58.68 -21.19
C ALA N 67 40.96 -59.04 -22.62
N ALA N 68 41.24 -58.04 -23.44
CA ALA N 68 41.62 -58.29 -24.83
C ALA N 68 42.93 -59.05 -24.91
N GLU N 69 43.91 -58.69 -24.09
CA GLU N 69 45.17 -59.44 -24.10
C GLU N 69 44.96 -60.88 -23.70
N GLU N 70 44.19 -61.11 -22.63
CA GLU N 70 43.96 -62.49 -22.19
C GLU N 70 43.23 -63.29 -23.26
N ALA N 71 42.28 -62.67 -23.96
CA ALA N 71 41.57 -63.38 -25.02
C ALA N 71 42.49 -63.66 -26.21
N LEU N 72 43.33 -62.70 -26.58
CA LEU N 72 44.20 -62.88 -27.73
C LEU N 72 45.21 -63.99 -27.49
N GLU N 73 45.71 -64.13 -26.26
CA GLU N 73 46.67 -65.19 -26.01
C GLU N 73 46.07 -66.58 -26.15
N LYS N 74 44.74 -66.70 -26.14
CA LYS N 74 44.08 -67.99 -26.21
C LYS N 74 43.55 -68.34 -27.60
N GLY N 75 43.75 -67.47 -28.58
CA GLY N 75 43.40 -67.78 -29.96
C GLY N 75 42.18 -67.10 -30.52
N ILE N 76 41.51 -66.24 -29.75
CA ILE N 76 40.37 -65.51 -30.28
C ILE N 76 40.85 -64.45 -31.26
N VAL N 77 40.10 -64.25 -32.33
CA VAL N 77 40.47 -63.30 -33.38
C VAL N 77 39.58 -62.06 -33.37
N GLY N 78 38.25 -62.26 -33.30
CA GLY N 78 37.33 -61.14 -33.29
C GLY N 78 36.16 -61.45 -32.38
N VAL N 79 35.35 -60.42 -32.11
CA VAL N 79 34.22 -60.55 -31.20
C VAL N 79 33.02 -59.78 -31.75
N HIS N 80 31.83 -60.24 -31.38
CA HIS N 80 30.61 -59.47 -31.49
C HIS N 80 30.29 -58.87 -30.13
N ILE N 81 29.75 -57.66 -30.13
CA ILE N 81 29.60 -56.86 -28.92
C ILE N 81 28.13 -56.82 -28.51
N ARG N 82 27.87 -57.08 -27.23
CA ARG N 82 26.54 -56.91 -26.64
C ARG N 82 26.69 -56.04 -25.40
N VAL N 83 26.13 -54.84 -25.44
CA VAL N 83 26.29 -53.84 -24.39
C VAL N 83 24.94 -53.59 -23.74
N ARG N 84 24.92 -53.54 -22.41
CA ARG N 84 23.67 -53.38 -21.68
C ARG N 84 23.83 -52.45 -20.48
N ALA N 85 22.74 -51.74 -20.20
CA ALA N 85 22.55 -51.03 -18.95
C ALA N 85 21.85 -51.95 -17.96
N PRO N 86 21.71 -51.56 -16.69
CA PRO N 86 21.00 -52.44 -15.74
C PRO N 86 19.59 -52.79 -16.17
N GLY N 87 18.85 -51.86 -16.74
CA GLY N 87 17.52 -52.15 -17.22
C GLY N 87 16.57 -52.54 -16.11
N GLY N 88 15.55 -53.31 -16.49
CA GLY N 88 14.52 -53.72 -15.56
C GLY N 88 13.76 -52.55 -14.99
N SER N 89 13.68 -52.47 -13.66
CA SER N 89 13.11 -51.30 -13.00
C SER N 89 14.15 -50.25 -12.67
N LYS N 90 15.41 -50.47 -13.04
CA LYS N 90 16.46 -49.49 -12.86
C LYS N 90 16.61 -48.66 -14.14
N SER N 91 17.69 -47.90 -14.25
CA SER N 91 17.86 -46.99 -15.37
C SER N 91 18.07 -47.77 -16.67
N LYS N 92 17.60 -47.19 -17.77
CA LYS N 92 17.70 -47.80 -19.08
C LYS N 92 18.86 -47.26 -19.92
N THR N 93 19.67 -46.37 -19.37
CA THR N 93 20.70 -45.72 -20.15
C THR N 93 22.08 -46.20 -19.72
N PRO N 94 22.93 -46.62 -20.67
CA PRO N 94 24.26 -47.08 -20.30
C PRO N 94 25.10 -45.95 -19.72
N GLY N 95 26.05 -46.33 -18.87
CA GLY N 95 26.93 -45.38 -18.25
C GLY N 95 27.97 -44.85 -19.21
N PRO N 96 28.89 -44.05 -18.67
CA PRO N 96 29.90 -43.39 -19.51
C PRO N 96 31.01 -44.31 -20.01
N GLY N 97 31.13 -45.52 -19.48
CA GLY N 97 32.25 -46.38 -19.81
C GLY N 97 32.04 -47.33 -20.97
N ALA N 98 30.85 -47.33 -21.57
CA ALA N 98 30.56 -48.29 -22.63
C ALA N 98 31.36 -47.99 -23.90
N GLN N 99 31.33 -46.74 -24.36
CA GLN N 99 32.01 -46.39 -25.61
C GLN N 99 33.52 -46.53 -25.47
N ALA N 100 34.06 -46.11 -24.33
CA ALA N 100 35.49 -46.26 -24.11
C ALA N 100 35.89 -47.73 -24.10
N ALA N 101 35.05 -48.59 -23.54
CA ALA N 101 35.32 -50.02 -23.59
C ALA N 101 35.29 -50.55 -25.01
N ILE N 102 34.32 -50.11 -25.81
CA ILE N 102 34.23 -50.59 -27.18
C ILE N 102 35.46 -50.18 -27.98
N ARG N 103 35.88 -48.92 -27.84
CA ARG N 103 37.04 -48.46 -28.59
C ARG N 103 38.32 -49.19 -28.19
N ALA N 104 38.49 -49.47 -26.90
CA ALA N 104 39.74 -50.06 -26.44
C ALA N 104 39.91 -51.49 -26.95
N LEU N 105 38.82 -52.23 -27.16
CA LEU N 105 38.94 -53.59 -27.66
C LEU N 105 39.52 -53.60 -29.07
N ALA N 106 39.04 -52.71 -29.94
CA ALA N 106 39.57 -52.66 -31.30
C ALA N 106 41.03 -52.24 -31.31
N ARG N 107 41.39 -51.27 -30.46
CA ARG N 107 42.76 -50.77 -30.46
C ARG N 107 43.74 -51.82 -29.98
N ALA N 108 43.27 -52.77 -29.18
CA ALA N 108 44.15 -53.82 -28.66
C ALA N 108 44.45 -54.90 -29.70
N GLY N 109 43.73 -54.95 -30.81
CA GLY N 109 44.02 -55.86 -31.89
C GLY N 109 42.88 -56.76 -32.32
N LEU N 110 41.79 -56.83 -31.57
CA LEU N 110 40.67 -57.68 -31.94
C LEU N 110 39.86 -57.05 -33.06
N LYS N 111 39.38 -57.89 -33.98
CA LYS N 111 38.42 -57.44 -34.97
C LYS N 111 37.04 -57.29 -34.31
N ILE N 112 36.20 -56.46 -34.92
CA ILE N 112 34.88 -56.15 -34.38
C ILE N 112 33.83 -56.60 -35.37
N GLY N 113 32.88 -57.41 -34.91
CA GLY N 113 31.77 -57.83 -35.74
C GLY N 113 30.62 -56.85 -35.65
N ARG N 114 29.42 -57.34 -35.38
CA ARG N 114 28.27 -56.46 -35.26
C ARG N 114 28.08 -56.02 -33.80
N VAL N 115 27.46 -54.85 -33.64
CA VAL N 115 27.29 -54.23 -32.34
C VAL N 115 25.80 -53.99 -32.12
N GLU N 116 25.30 -54.39 -30.95
CA GLU N 116 23.91 -54.17 -30.59
C GLU N 116 23.79 -54.07 -29.08
N ASP N 117 22.70 -53.46 -28.63
CA ASP N 117 22.43 -53.32 -27.21
C ASP N 117 21.29 -54.24 -26.80
N VAL N 118 21.44 -54.89 -25.65
CA VAL N 118 20.52 -55.94 -25.23
C VAL N 118 19.91 -55.61 -23.87
N THR N 119 19.73 -54.33 -23.59
CA THR N 119 19.15 -53.91 -22.32
C THR N 119 17.77 -54.50 -22.14
N PRO N 120 17.48 -55.15 -21.02
CA PRO N 120 16.14 -55.71 -20.81
C PRO N 120 15.11 -54.61 -20.54
N ILE N 121 14.05 -54.60 -21.34
CA ILE N 121 13.02 -53.57 -21.26
C ILE N 121 11.70 -54.24 -20.88
N PRO N 122 11.02 -53.79 -19.83
CA PRO N 122 9.75 -54.40 -19.46
C PRO N 122 8.59 -53.86 -20.28
N HIS N 123 7.59 -54.73 -20.48
CA HIS N 123 6.31 -54.30 -21.03
C HIS N 123 5.34 -54.06 -19.87
N ASP N 124 5.63 -52.98 -19.13
CA ASP N 124 4.96 -52.64 -17.87
C ASP N 124 5.14 -53.73 -16.81
N GLY N 125 6.36 -53.86 -16.30
CA GLY N 125 6.67 -54.86 -15.28
C GLY N 125 6.40 -54.40 -13.86
N THR N 126 7.40 -54.51 -13.00
CA THR N 126 7.22 -54.32 -11.57
C THR N 126 7.49 -52.88 -11.15
N ARG N 127 7.43 -52.66 -9.84
CA ARG N 127 7.43 -51.33 -9.25
C ARG N 127 8.82 -50.95 -8.76
N PRO N 128 9.31 -49.76 -9.08
CA PRO N 128 10.66 -49.34 -8.65
C PRO N 128 10.68 -48.80 -7.23
N LYS N 129 11.89 -48.59 -6.73
CA LYS N 129 12.10 -48.13 -5.37
C LYS N 129 11.86 -46.63 -5.26
N GLY N 130 11.73 -46.15 -4.01
CA GLY N 130 11.71 -44.74 -3.70
C GLY N 130 10.39 -44.21 -3.22
N GLY N 131 9.32 -45.00 -3.28
CA GLY N 131 8.01 -44.49 -2.97
C GLY N 131 7.45 -43.66 -4.11
N ARG N 132 6.31 -43.02 -3.85
CA ARG N 132 5.67 -42.24 -4.90
C ARG N 132 6.23 -40.84 -5.02
N ARG N 133 7.25 -40.48 -4.24
CA ARG N 133 7.90 -39.19 -4.36
C ARG N 133 9.36 -39.28 -4.78
N GLY N 134 9.94 -40.47 -4.79
CA GLY N 134 11.32 -40.65 -5.24
C GLY N 134 12.33 -40.20 -4.21
N ARG N 135 13.60 -40.24 -4.61
CA ARG N 135 14.67 -39.72 -3.77
C ARG N 135 14.49 -38.21 -3.60
N ARG N 136 14.57 -37.75 -2.36
CA ARG N 136 14.41 -36.34 -2.04
C ARG N 136 15.75 -35.83 -1.52
N VAL N 137 16.56 -35.33 -2.43
CA VAL N 137 17.87 -34.77 -2.10
C VAL N 137 17.94 -33.34 -2.62
N PRO O 2 -25.53 -20.39 -10.83
CA PRO O 2 -26.77 -20.03 -10.15
C PRO O 2 -27.78 -19.42 -11.12
N GLY O 3 -28.98 -19.99 -11.15
CA GLY O 3 -30.02 -19.51 -12.03
C GLY O 3 -30.77 -18.33 -11.46
N LYS O 4 -31.98 -18.12 -11.97
CA LYS O 4 -32.79 -17.00 -11.51
C LYS O 4 -33.25 -17.23 -10.08
N LYS O 5 -33.45 -16.14 -9.34
CA LYS O 5 -33.91 -16.24 -7.96
C LYS O 5 -35.30 -16.86 -7.90
N ALA O 6 -35.49 -17.77 -6.96
CA ALA O 6 -36.70 -18.56 -6.86
C ALA O 6 -37.20 -18.52 -5.42
N PRO O 7 -38.50 -18.73 -5.20
CA PRO O 7 -39.57 -18.88 -6.20
C PRO O 7 -40.14 -17.55 -6.68
N ASN O 8 -40.57 -17.50 -7.93
CA ASN O 8 -41.18 -16.31 -8.50
C ASN O 8 -42.64 -16.49 -8.87
N GLY O 9 -43.20 -17.67 -8.66
CA GLY O 9 -44.55 -17.94 -9.11
C GLY O 9 -45.60 -17.13 -8.38
N GLU O 10 -46.74 -16.97 -9.05
CA GLU O 10 -47.81 -16.17 -8.49
C GLU O 10 -48.43 -16.82 -7.27
N PHE O 11 -48.46 -18.16 -7.22
CA PHE O 11 -49.08 -18.89 -6.13
C PHE O 11 -48.04 -19.57 -5.23
N ALA O 12 -46.86 -18.96 -5.10
CA ALA O 12 -45.78 -19.52 -4.32
C ALA O 12 -45.44 -18.64 -3.10
N GLY O 13 -46.47 -18.05 -2.49
CA GLY O 13 -46.23 -17.16 -1.37
C GLY O 13 -45.70 -17.87 -0.13
N ARG O 14 -46.24 -19.04 0.17
CA ARG O 14 -45.86 -19.74 1.39
C ARG O 14 -44.38 -20.09 1.38
N LYS O 15 -43.87 -20.61 0.27
CA LYS O 15 -42.46 -20.97 0.18
C LYS O 15 -41.56 -19.75 0.28
N LEU O 16 -41.97 -18.64 -0.33
CA LEU O 16 -41.17 -17.42 -0.27
C LEU O 16 -41.08 -16.89 1.16
N LYS O 17 -42.21 -16.85 1.85
CA LYS O 17 -42.21 -16.42 3.25
C LYS O 17 -41.37 -17.35 4.11
N LEU O 18 -41.47 -18.66 3.88
CA LEU O 18 -40.67 -19.62 4.62
C LEU O 18 -39.18 -19.40 4.39
N LYS O 19 -38.78 -19.15 3.15
CA LYS O 19 -37.37 -18.91 2.85
C LYS O 19 -36.87 -17.67 3.57
N ARG O 20 -37.64 -16.58 3.51
CA ARG O 20 -37.20 -15.36 4.16
C ARG O 20 -37.08 -15.55 5.66
N LYS O 21 -38.03 -16.25 6.27
CA LYS O 21 -37.94 -16.51 7.70
C LYS O 21 -36.73 -17.39 8.03
N LYS O 22 -36.45 -18.37 7.17
CA LYS O 22 -35.35 -19.30 7.43
C LYS O 22 -34.02 -18.58 7.43
N PHE O 23 -33.78 -17.72 6.45
CA PHE O 23 -32.46 -17.12 6.37
C PHE O 23 -32.31 -15.86 7.21
N ARG O 24 -33.34 -15.44 7.92
CA ARG O 24 -33.19 -14.28 8.79
C ARG O 24 -32.45 -14.62 10.07
N TRP O 25 -32.41 -15.90 10.45
CA TRP O 25 -31.69 -16.30 11.65
C TRP O 25 -30.18 -16.22 11.50
N SER O 26 -29.68 -16.05 10.27
CA SER O 26 -28.26 -15.83 10.06
C SER O 26 -27.82 -14.42 10.36
N ASP O 27 -28.76 -13.52 10.67
CA ASP O 27 -28.45 -12.15 11.04
C ASP O 27 -28.25 -12.11 12.54
N ILE O 28 -27.04 -11.71 12.97
CA ILE O 28 -26.69 -11.80 14.37
C ILE O 28 -27.48 -10.79 15.20
N ARG O 29 -27.80 -9.62 14.64
CA ARG O 29 -28.57 -8.63 15.38
C ARG O 29 -29.98 -9.13 15.67
N TYR O 30 -30.61 -9.75 14.68
CA TYR O 30 -31.96 -10.26 14.88
C TYR O 30 -31.99 -11.39 15.90
N LYS O 31 -30.99 -12.28 15.84
CA LYS O 31 -30.98 -13.44 16.71
C LYS O 31 -30.85 -13.04 18.17
N ARG O 32 -29.98 -12.07 18.47
CA ARG O 32 -29.76 -11.68 19.86
C ARG O 32 -30.97 -10.96 20.44
N ARG O 33 -31.70 -10.20 19.62
CA ARG O 33 -32.87 -9.50 20.12
C ARG O 33 -34.00 -10.46 20.43
N VAL O 34 -34.29 -11.38 19.51
CA VAL O 34 -35.44 -12.26 19.70
C VAL O 34 -35.19 -13.25 20.82
N LEU O 35 -34.00 -13.83 20.88
CA LEU O 35 -33.67 -14.77 21.94
C LEU O 35 -33.30 -14.08 23.24
N ARG O 36 -33.17 -12.76 23.24
CA ARG O 36 -32.87 -11.98 24.44
C ARG O 36 -31.57 -12.44 25.10
N LEU O 37 -30.51 -12.52 24.30
CA LEU O 37 -29.24 -13.04 24.81
C LEU O 37 -28.54 -12.05 25.72
N LYS O 38 -28.68 -10.74 25.44
CA LYS O 38 -28.01 -9.75 26.27
C LYS O 38 -28.58 -9.71 27.67
N GLU O 39 -29.91 -9.78 27.80
CA GLU O 39 -30.54 -9.70 29.10
C GLU O 39 -30.13 -10.88 29.98
N LYS O 40 -29.72 -11.99 29.37
CA LYS O 40 -29.38 -13.17 30.13
C LYS O 40 -28.01 -13.05 30.80
N SER O 41 -27.12 -12.22 30.28
CA SER O 41 -25.76 -12.13 30.80
C SER O 41 -25.40 -10.73 31.30
N ASP O 42 -26.33 -9.79 31.29
CA ASP O 42 -26.01 -8.42 31.68
C ASP O 42 -25.97 -8.30 33.19
N PRO O 43 -24.83 -7.92 33.78
CA PRO O 43 -24.79 -7.68 35.22
C PRO O 43 -25.65 -6.51 35.67
N LEU O 44 -25.90 -5.52 34.80
CA LEU O 44 -26.72 -4.38 35.16
C LEU O 44 -28.21 -4.64 34.98
N GLU O 45 -28.58 -5.79 34.41
CA GLU O 45 -29.98 -6.19 34.28
C GLU O 45 -30.80 -5.17 33.50
N GLY O 46 -30.23 -4.67 32.41
CA GLY O 46 -30.95 -3.77 31.52
C GLY O 46 -31.08 -2.34 32.00
N ALA O 47 -30.47 -1.99 33.10
CA ALA O 47 -30.53 -0.62 33.59
C ALA O 47 -29.50 0.24 32.88
N PRO O 48 -29.75 1.56 32.80
CA PRO O 48 -28.72 2.46 32.25
C PRO O 48 -27.65 2.85 33.26
N GLN O 49 -27.94 2.77 34.56
CA GLN O 49 -26.99 3.13 35.60
C GLN O 49 -27.13 2.14 36.74
N ALA O 50 -26.15 2.12 37.63
CA ALA O 50 -26.21 1.22 38.77
C ALA O 50 -25.43 1.81 39.93
N ARG O 51 -25.71 1.30 41.12
CA ARG O 51 -25.08 1.75 42.36
C ARG O 51 -24.32 0.59 42.99
N GLY O 52 -23.13 0.88 43.50
CA GLY O 52 -22.30 -0.17 44.07
C GLY O 52 -21.39 0.36 45.15
N ILE O 53 -20.63 -0.56 45.76
CA ILE O 53 -19.73 -0.25 46.86
C ILE O 53 -18.31 -0.63 46.45
N VAL O 54 -17.36 0.27 46.72
CA VAL O 54 -15.98 0.09 46.31
C VAL O 54 -15.29 -0.93 47.21
N LEU O 55 -14.59 -1.89 46.61
CA LEU O 55 -13.81 -2.87 47.35
C LEU O 55 -12.33 -2.56 47.40
N GLU O 56 -11.71 -2.19 46.28
CA GLU O 56 -10.29 -1.88 46.25
C GLU O 56 -9.97 -1.07 45.01
N LYS O 57 -8.78 -0.47 45.02
CA LYS O 57 -8.26 0.29 43.90
C LYS O 57 -7.20 -0.53 43.17
N ILE O 58 -7.18 -0.39 41.84
CA ILE O 58 -6.24 -1.10 40.98
C ILE O 58 -5.78 -0.15 39.89
N ALA O 59 -4.87 -0.63 39.04
CA ALA O 59 -4.40 0.10 37.89
C ALA O 59 -4.19 -0.88 36.74
N VAL O 60 -4.53 -0.44 35.52
CA VAL O 60 -4.49 -1.29 34.34
C VAL O 60 -3.57 -0.66 33.32
N GLU O 61 -2.72 -1.47 32.69
CA GLU O 61 -1.82 -0.96 31.67
C GLU O 61 -2.54 -0.81 30.34
N ALA O 62 -2.18 0.24 29.61
CA ALA O 62 -2.72 0.46 28.28
C ALA O 62 -2.17 -0.57 27.30
N LYS O 63 -2.90 -0.77 26.21
CA LYS O 63 -2.47 -1.70 25.19
C LYS O 63 -1.43 -1.07 24.27
N GLN O 64 -0.69 -1.93 23.58
CA GLN O 64 0.32 -1.47 22.66
C GLN O 64 -0.33 -0.74 21.48
N PRO O 65 0.33 0.31 20.94
CA PRO O 65 1.64 0.79 21.39
C PRO O 65 1.58 1.97 22.34
N ASN O 66 0.50 2.10 23.11
CA ASN O 66 0.41 3.16 24.10
C ASN O 66 1.11 2.75 25.39
N SER O 67 1.34 3.74 26.25
CA SER O 67 1.99 3.52 27.53
C SER O 67 1.31 4.34 28.61
N GLY O 68 1.13 3.75 29.77
CA GLY O 68 0.51 4.44 30.89
C GLY O 68 -0.29 3.49 31.74
N MET O 69 -0.71 4.00 32.90
CA MET O 69 -1.53 3.26 33.84
C MET O 69 -2.87 3.97 33.98
N ARG O 70 -3.95 3.23 33.84
CA ARG O 70 -5.29 3.77 33.98
C ARG O 70 -5.87 3.34 35.32
N LYS O 71 -6.34 4.30 36.10
CA LYS O 71 -6.81 4.03 37.46
C LYS O 71 -8.26 3.58 37.43
N ALA O 72 -8.53 2.47 38.12
CA ALA O 72 -9.86 1.88 38.15
C ALA O 72 -10.15 1.36 39.55
N VAL O 73 -11.39 0.95 39.76
CA VAL O 73 -11.81 0.40 41.05
C VAL O 73 -12.65 -0.85 40.81
N ARG O 74 -12.69 -1.71 41.83
CA ARG O 74 -13.59 -2.86 41.85
C ARG O 74 -14.84 -2.48 42.62
N VAL O 75 -16.01 -2.76 42.04
CA VAL O 75 -17.28 -2.34 42.61
C VAL O 75 -18.17 -3.56 42.74
N GLN O 76 -18.78 -3.72 43.92
CA GLN O 76 -19.76 -4.77 44.15
C GLN O 76 -21.16 -4.15 44.06
N LEU O 77 -22.00 -4.72 43.19
CA LEU O 77 -23.30 -4.15 42.91
C LEU O 77 -24.29 -4.49 44.02
N ILE O 78 -25.11 -3.50 44.39
CA ILE O 78 -26.08 -3.69 45.46
C ILE O 78 -27.20 -4.62 45.02
N LYS O 79 -27.65 -4.49 43.77
CA LYS O 79 -28.87 -5.17 43.34
C LYS O 79 -28.71 -6.68 43.26
N ASN O 80 -27.52 -7.18 42.89
CA ASN O 80 -27.34 -8.62 42.77
C ASN O 80 -26.03 -9.16 43.33
N GLY O 81 -25.14 -8.30 43.82
CA GLY O 81 -23.93 -8.77 44.47
C GLY O 81 -22.77 -9.11 43.58
N LYS O 82 -22.88 -8.90 42.27
CA LYS O 82 -21.77 -9.18 41.37
C LYS O 82 -20.70 -8.09 41.48
N VAL O 83 -19.49 -8.41 41.03
CA VAL O 83 -18.35 -7.53 41.12
C VAL O 83 -17.87 -7.19 39.71
N VAL O 84 -17.71 -5.89 39.43
CA VAL O 84 -17.27 -5.40 38.14
C VAL O 84 -16.14 -4.40 38.34
N THR O 85 -15.55 -3.97 37.22
CA THR O 85 -14.47 -3.01 37.24
C THR O 85 -14.92 -1.72 36.57
N ALA O 86 -14.63 -0.59 37.21
CA ALA O 86 -15.07 0.72 36.72
C ALA O 86 -13.89 1.67 36.63
N PHE O 87 -13.80 2.38 35.50
CA PHE O 87 -12.75 3.35 35.27
C PHE O 87 -13.10 4.69 35.89
N CYS O 88 -12.09 5.42 36.35
CA CYS O 88 -12.28 6.72 36.99
C CYS O 88 -11.73 7.80 36.08
N PRO O 89 -12.59 8.51 35.35
CA PRO O 89 -12.10 9.53 34.41
C PRO O 89 -11.63 10.79 35.13
N GLY O 90 -10.66 11.47 34.52
CA GLY O 90 -10.17 12.73 35.04
C GLY O 90 -8.73 12.70 35.48
N ASP O 91 -8.15 13.87 35.68
CA ASP O 91 -6.76 13.98 36.10
C ASP O 91 -6.70 13.99 37.62
N GLY O 92 -6.13 12.95 38.20
CA GLY O 92 -6.06 12.82 39.64
C GLY O 92 -7.37 12.52 40.31
N ALA O 93 -8.33 11.94 39.59
CA ALA O 93 -9.65 11.67 40.16
C ALA O 93 -9.60 10.54 41.18
N ILE O 94 -8.60 9.67 41.10
CA ILE O 94 -8.52 8.53 42.01
C ILE O 94 -8.33 8.97 43.44
N LYS O 95 -7.85 10.19 43.67
CA LYS O 95 -7.60 10.67 45.03
C LYS O 95 -8.89 10.98 45.78
N PHE O 96 -10.02 11.10 45.08
CA PHE O 96 -11.30 11.37 45.73
C PHE O 96 -12.05 10.09 46.09
N ILE O 97 -11.51 8.93 45.73
CA ILE O 97 -12.15 7.65 46.02
C ILE O 97 -11.51 7.04 47.25
N ASP O 98 -12.34 6.54 48.16
CA ASP O 98 -11.87 5.80 49.31
C ASP O 98 -12.60 4.48 49.37
N GLU O 99 -11.93 3.48 49.93
CA GLU O 99 -12.53 2.17 50.07
C GLU O 99 -13.75 2.25 50.98
N HIS O 100 -14.79 1.49 50.63
CA HIS O 100 -16.10 1.41 51.29
C HIS O 100 -17.01 2.58 50.94
N ASP O 101 -16.63 3.43 49.97
CA ASP O 101 -17.55 4.43 49.47
C ASP O 101 -18.57 3.80 48.53
N GLU O 102 -19.67 4.50 48.31
CA GLU O 102 -20.66 4.07 47.34
C GLU O 102 -20.57 4.95 46.11
N VAL O 103 -20.73 4.34 44.93
CA VAL O 103 -20.56 5.02 43.66
C VAL O 103 -21.72 4.66 42.73
N ILE O 104 -21.92 5.53 41.74
CA ILE O 104 -22.85 5.30 40.65
C ILE O 104 -22.05 5.12 39.37
N ILE O 105 -22.32 4.05 38.64
CA ILE O 105 -21.58 3.73 37.43
C ILE O 105 -22.55 3.61 36.26
N GLU O 106 -22.02 3.81 35.06
CA GLU O 106 -22.78 3.66 33.83
C GLU O 106 -21.82 3.19 32.74
N GLY O 107 -22.37 2.99 31.54
CA GLY O 107 -21.56 2.46 30.45
C GLY O 107 -20.47 3.44 30.03
N ILE O 108 -19.36 2.88 29.52
CA ILE O 108 -18.24 3.71 29.14
C ILE O 108 -18.38 4.26 27.73
N GLY O 109 -19.18 3.63 26.87
CA GLY O 109 -19.53 4.19 25.59
C GLY O 109 -18.69 3.78 24.40
N GLY O 110 -18.23 2.53 24.36
CA GLY O 110 -17.45 2.06 23.24
C GLY O 110 -18.31 1.45 22.16
N PRO O 111 -17.68 0.87 21.14
CA PRO O 111 -18.45 0.22 20.07
C PRO O 111 -19.29 -0.94 20.59
N LYS O 112 -20.49 -1.06 20.02
CA LYS O 112 -21.43 -2.13 20.35
C LYS O 112 -21.73 -2.21 21.84
N GLY O 113 -21.78 -1.06 22.50
CA GLY O 113 -22.07 -1.03 23.92
C GLY O 113 -21.02 -1.66 24.81
N GLY O 114 -19.77 -1.72 24.36
CA GLY O 114 -18.73 -2.35 25.13
C GLY O 114 -17.63 -1.39 25.56
N SER O 115 -16.39 -1.86 25.56
CA SER O 115 -15.26 -1.06 25.98
C SER O 115 -14.81 -0.14 24.85
N MET O 116 -13.91 0.79 25.19
CA MET O 116 -13.43 1.77 24.23
C MET O 116 -11.93 1.98 24.41
N GLY O 117 -11.31 2.54 23.37
CA GLY O 117 -9.95 3.03 23.51
C GLY O 117 -8.94 1.92 23.74
N ASP O 118 -7.91 2.24 24.51
CA ASP O 118 -6.80 1.33 24.76
C ASP O 118 -6.94 0.58 26.08
N ILE O 119 -8.14 0.52 26.64
CA ILE O 119 -8.36 -0.26 27.85
C ILE O 119 -9.53 -1.21 27.66
N PRO O 120 -9.38 -2.27 26.86
CA PRO O 120 -10.42 -3.30 26.81
C PRO O 120 -10.48 -4.05 28.13
N GLY O 121 -11.66 -4.60 28.41
CA GLY O 121 -11.91 -5.28 29.66
C GLY O 121 -12.59 -4.41 30.71
N ILE O 122 -12.65 -3.11 30.49
CA ILE O 122 -13.37 -2.19 31.36
C ILE O 122 -14.56 -1.66 30.57
N ARG O 123 -15.76 -1.87 31.10
CA ARG O 123 -16.98 -1.51 30.41
C ARG O 123 -17.75 -0.38 31.08
N TYR O 124 -17.30 0.11 32.23
CA TYR O 124 -18.06 1.08 32.99
C TYR O 124 -17.14 2.20 33.46
N LYS O 125 -17.76 3.29 33.90
CA LYS O 125 -17.03 4.42 34.44
C LYS O 125 -17.80 4.99 35.62
N VAL O 126 -17.08 5.66 36.52
CA VAL O 126 -17.68 6.22 37.72
C VAL O 126 -18.26 7.59 37.42
N VAL O 127 -19.44 7.87 37.96
CA VAL O 127 -20.15 9.13 37.73
C VAL O 127 -20.32 9.92 39.02
N LYS O 128 -20.74 9.27 40.10
CA LYS O 128 -20.96 9.93 41.38
C LYS O 128 -20.20 9.22 42.48
N VAL O 129 -19.78 9.98 43.48
CA VAL O 129 -19.14 9.45 44.68
C VAL O 129 -19.86 10.02 45.89
N ASN O 130 -20.48 9.14 46.68
CA ASN O 130 -21.24 9.55 47.86
C ASN O 130 -22.26 10.64 47.50
N ARG O 131 -22.97 10.43 46.39
CA ARG O 131 -24.03 11.30 45.92
C ARG O 131 -23.53 12.68 45.50
N VAL O 132 -22.28 12.79 45.08
CA VAL O 132 -21.71 14.04 44.58
C VAL O 132 -21.06 13.77 43.24
N SER O 133 -21.29 14.65 42.28
CA SER O 133 -20.75 14.48 40.93
C SER O 133 -19.23 14.46 40.97
N LEU O 134 -18.63 13.47 40.30
CA LEU O 134 -17.19 13.34 40.27
C LEU O 134 -16.54 14.44 39.45
N LYS O 135 -17.20 14.87 38.37
CA LYS O 135 -16.64 15.91 37.51
C LYS O 135 -16.44 17.21 38.28
N GLU O 136 -17.40 17.57 39.13
CA GLU O 136 -17.24 18.74 39.98
C GLU O 136 -16.03 18.59 40.87
N LEU O 137 -15.94 17.47 41.60
CA LEU O 137 -14.83 17.24 42.50
C LEU O 137 -13.49 17.40 41.79
N VAL O 138 -13.39 16.86 40.58
CA VAL O 138 -12.15 17.02 39.81
C VAL O 138 -11.91 18.49 39.49
N LYS O 139 -12.96 19.20 39.06
CA LYS O 139 -12.78 20.61 38.72
C LYS O 139 -12.69 21.48 39.96
N GLY O 140 -13.30 21.07 41.06
CA GLY O 140 -13.41 21.91 42.24
C GLY O 140 -14.86 22.20 42.56
N ARG O 141 -15.17 23.45 42.89
CA ARG O 141 -16.56 23.91 42.96
C ARG O 141 -17.39 23.17 44.00
N LYS O 142 -16.79 22.21 44.69
CA LYS O 142 -17.51 21.33 45.59
C LYS O 142 -16.52 20.50 46.37
N GLU O 143 -16.93 20.07 47.56
CA GLU O 143 -16.09 19.29 48.45
C GLU O 143 -16.76 17.96 48.74
N LYS O 144 -15.95 16.91 48.85
CA LYS O 144 -16.47 15.58 49.14
C LYS O 144 -17.08 15.57 50.54
N PRO O 145 -18.31 15.10 50.70
CA PRO O 145 -18.97 15.13 52.00
C PRO O 145 -18.32 14.14 52.96
N ARG O 146 -18.68 14.26 54.23
CA ARG O 146 -18.15 13.47 55.34
C ARG O 146 -16.65 13.23 55.18
N ARG O 147 -15.92 14.34 55.04
CA ARG O 147 -14.46 14.35 54.91
C ARG O 147 -13.97 13.58 53.69
N ASP P 3 105.71 -22.19 23.40
CA ASP P 3 105.24 -20.92 22.86
C ASP P 3 103.74 -20.77 23.00
N PHE P 4 103.01 -21.36 22.06
CA PHE P 4 101.57 -21.21 22.00
C PHE P 4 100.89 -21.86 23.21
N ARG P 5 99.94 -21.13 23.79
CA ARG P 5 99.13 -21.63 24.89
C ARG P 5 97.67 -21.46 24.53
N HIS P 6 96.89 -22.53 24.66
CA HIS P 6 95.48 -22.47 24.29
C HIS P 6 94.63 -21.69 25.29
N ILE P 7 95.13 -21.50 26.51
CA ILE P 7 94.44 -20.71 27.52
C ILE P 7 95.44 -19.76 28.16
N VAL P 8 95.08 -18.48 28.22
CA VAL P 8 95.89 -17.46 28.89
C VAL P 8 94.98 -16.72 29.86
N ARG P 9 95.44 -16.54 31.09
CA ARG P 9 94.66 -15.86 32.12
C ARG P 9 95.17 -14.44 32.29
N VAL P 10 94.29 -13.47 32.15
CA VAL P 10 94.62 -12.05 32.32
C VAL P 10 93.61 -11.44 33.27
N ALA P 11 94.11 -10.82 34.35
CA ALA P 11 93.28 -10.12 35.33
C ALA P 11 92.16 -10.99 35.88
N GLY P 12 92.45 -12.27 36.11
CA GLY P 12 91.46 -13.16 36.68
C GLY P 12 90.45 -13.71 35.69
N VAL P 13 90.68 -13.55 34.39
CA VAL P 13 89.79 -14.05 33.37
C VAL P 13 90.59 -14.91 32.39
N ASP P 14 90.05 -16.08 32.05
CA ASP P 14 90.70 -16.97 31.10
C ASP P 14 90.36 -16.54 29.68
N LEU P 15 91.38 -16.38 28.86
CA LEU P 15 91.23 -15.88 27.50
C LEU P 15 91.52 -16.98 26.49
N ASP P 16 90.73 -17.01 25.42
CA ASP P 16 90.99 -17.94 24.32
C ASP P 16 92.32 -17.60 23.66
N GLY P 17 93.06 -18.63 23.27
CA GLY P 17 94.35 -18.42 22.64
C GLY P 17 94.30 -18.40 21.12
N ASN P 18 93.18 -18.83 20.55
CA ASN P 18 93.00 -18.87 19.11
C ASN P 18 92.38 -17.60 18.55
N LYS P 19 91.91 -16.71 19.40
CA LYS P 19 91.33 -15.45 18.94
C LYS P 19 92.40 -14.38 18.81
N GLN P 20 92.09 -13.36 18.01
CA GLN P 20 92.93 -12.18 17.97
C GLN P 20 92.88 -11.48 19.32
N LEU P 21 93.99 -10.81 19.67
CA LEU P 21 94.12 -10.22 21.00
C LEU P 21 93.03 -9.19 21.26
N ARG P 22 92.73 -8.35 20.26
CA ARG P 22 91.73 -7.31 20.44
C ARG P 22 90.36 -7.90 20.76
N TRP P 23 90.01 -9.03 20.13
CA TRP P 23 88.73 -9.66 20.42
C TRP P 23 88.81 -10.58 21.63
N ALA P 24 89.99 -11.14 21.91
CA ALA P 24 90.13 -11.98 23.09
C ALA P 24 89.94 -11.16 24.36
N LEU P 25 90.43 -9.91 24.36
CA LEU P 25 90.35 -9.09 25.57
C LEU P 25 88.93 -8.70 25.92
N THR P 26 87.98 -8.83 25.00
CA THR P 26 86.61 -8.40 25.27
C THR P 26 85.87 -9.33 26.23
N ALA P 27 86.44 -10.50 26.54
CA ALA P 27 85.79 -11.39 27.51
C ALA P 27 85.75 -10.80 28.90
N ILE P 28 86.61 -9.84 29.19
CA ILE P 28 86.60 -9.15 30.48
C ILE P 28 85.40 -8.21 30.52
N LYS P 29 84.63 -8.29 31.60
CA LYS P 29 83.49 -7.39 31.76
C LYS P 29 84.01 -6.00 32.09
N GLY P 30 83.68 -5.03 31.24
CA GLY P 30 84.19 -3.69 31.36
C GLY P 30 85.16 -3.29 30.27
N VAL P 31 85.43 -4.16 29.30
CA VAL P 31 86.33 -3.86 28.19
C VAL P 31 85.58 -4.20 26.90
N GLY P 32 85.34 -3.19 26.06
CA GLY P 32 84.77 -3.40 24.75
C GLY P 32 85.84 -3.47 23.69
N ILE P 33 85.39 -3.49 22.43
CA ILE P 33 86.32 -3.63 21.32
C ILE P 33 87.18 -2.38 21.17
N ASN P 34 86.59 -1.20 21.37
CA ASN P 34 87.35 0.04 21.20
C ASN P 34 88.40 0.21 22.29
N PHE P 35 88.01 0.01 23.55
CA PHE P 35 88.96 0.16 24.64
C PHE P 35 90.07 -0.87 24.54
N ALA P 36 89.74 -2.09 24.10
CA ALA P 36 90.76 -3.11 23.91
C ALA P 36 91.76 -2.69 22.84
N THR P 37 91.28 -2.12 21.74
CA THR P 37 92.20 -1.64 20.71
C THR P 37 93.08 -0.53 21.26
N MET P 38 92.51 0.37 22.06
CA MET P 38 93.32 1.44 22.65
C MET P 38 94.43 0.88 23.52
N VAL P 39 94.10 -0.09 24.39
CA VAL P 39 95.11 -0.61 25.29
C VAL P 39 96.16 -1.41 24.53
N CYS P 40 95.74 -2.11 23.46
CA CYS P 40 96.71 -2.82 22.65
C CYS P 40 97.68 -1.85 21.98
N ARG P 41 97.18 -0.74 21.46
CA ARG P 41 98.07 0.22 20.82
C ARG P 41 98.98 0.91 21.82
N VAL P 42 98.46 1.20 23.02
CA VAL P 42 99.30 1.83 24.05
C VAL P 42 100.40 0.87 24.49
N ALA P 43 100.08 -0.41 24.64
CA ALA P 43 101.07 -1.40 25.07
C ALA P 43 102.10 -1.69 23.99
N GLY P 44 101.91 -1.20 22.77
CA GLY P 44 102.85 -1.48 21.70
C GLY P 44 102.78 -2.90 21.18
N LEU P 45 101.58 -3.46 21.08
CA LEU P 45 101.37 -4.81 20.59
C LEU P 45 100.46 -4.75 19.37
N ASP P 46 100.70 -5.66 18.42
CA ASP P 46 99.86 -5.74 17.24
C ASP P 46 98.49 -6.25 17.65
N PRO P 47 97.41 -5.50 17.41
CA PRO P 47 96.08 -5.97 17.82
C PRO P 47 95.64 -7.24 17.12
N PHE P 48 96.25 -7.60 16.00
CA PHE P 48 95.85 -8.77 15.23
C PHE P 48 96.62 -10.03 15.59
N MET P 49 97.55 -9.96 16.54
CA MET P 49 98.29 -11.15 16.93
C MET P 49 97.39 -12.12 17.68
N LYS P 50 97.71 -13.41 17.58
CA LYS P 50 96.99 -14.41 18.35
C LYS P 50 97.27 -14.21 19.83
N ALA P 51 96.23 -14.37 20.65
CA ALA P 51 96.39 -14.20 22.09
C ALA P 51 97.29 -15.26 22.71
N GLY P 52 97.49 -16.39 22.03
CA GLY P 52 98.27 -17.47 22.58
C GLY P 52 99.77 -17.29 22.53
N TYR P 53 100.26 -16.24 21.89
CA TYR P 53 101.69 -15.98 21.81
C TYR P 53 102.17 -14.98 22.86
N LEU P 54 101.31 -14.57 23.78
CA LEU P 54 101.72 -13.62 24.80
C LEU P 54 102.75 -14.25 25.74
N THR P 55 103.62 -13.39 26.27
CA THR P 55 104.58 -13.76 27.29
C THR P 55 104.12 -13.20 28.63
N ASP P 56 104.83 -13.58 29.69
CA ASP P 56 104.45 -13.14 31.03
C ASP P 56 104.63 -11.64 31.20
N GLU P 57 105.74 -11.08 30.68
CA GLU P 57 105.97 -9.65 30.83
C GLU P 57 104.90 -8.84 30.11
N GLN P 58 104.46 -9.31 28.94
CA GLN P 58 103.41 -8.61 28.21
C GLN P 58 102.09 -8.63 28.98
N VAL P 59 101.76 -9.77 29.60
CA VAL P 59 100.54 -9.85 30.41
C VAL P 59 100.65 -8.90 31.59
N LYS P 60 101.82 -8.85 32.23
CA LYS P 60 102.01 -7.93 33.35
C LYS P 60 101.83 -6.49 32.89
N LYS P 61 102.39 -6.14 31.73
CA LYS P 61 102.24 -4.79 31.21
C LYS P 61 100.78 -4.45 30.93
N ILE P 62 100.04 -5.40 30.35
CA ILE P 62 98.63 -5.16 30.06
C ILE P 62 97.84 -4.94 31.34
N GLU P 63 98.08 -5.77 32.35
CA GLU P 63 97.37 -5.61 33.61
C GLU P 63 97.72 -4.28 34.28
N GLU P 64 98.99 -3.89 34.22
CA GLU P 64 99.40 -2.61 34.77
C GLU P 64 98.68 -1.46 34.06
N ILE P 65 98.57 -1.54 32.73
CA ILE P 65 97.84 -0.51 31.99
C ILE P 65 96.39 -0.49 32.42
N LEU P 66 95.78 -1.67 32.56
CA LEU P 66 94.40 -1.75 32.99
C LEU P 66 94.18 -1.17 34.38
N GLN P 67 95.21 -1.19 35.23
CA GLN P 67 95.06 -0.62 36.57
C GLN P 67 94.81 0.89 36.51
N ASP P 68 95.67 1.62 35.80
CA ASP P 68 95.55 3.09 35.72
C ASP P 68 95.76 3.51 34.27
N PRO P 69 94.73 3.39 33.43
CA PRO P 69 94.91 3.71 32.01
C PRO P 69 95.29 5.16 31.76
N VAL P 70 94.74 6.10 32.51
CA VAL P 70 94.98 7.52 32.25
C VAL P 70 96.46 7.85 32.40
N ALA P 71 97.12 7.24 33.39
CA ALA P 71 98.53 7.49 33.60
C ALA P 71 99.40 6.94 32.48
N HIS P 72 98.84 6.12 31.59
CA HIS P 72 99.62 5.54 30.50
C HIS P 72 99.29 6.12 29.14
N GLY P 73 98.54 7.22 29.09
CA GLY P 73 98.30 7.92 27.85
C GLY P 73 96.93 7.76 27.22
N ILE P 74 96.00 7.09 27.89
CA ILE P 74 94.64 6.96 27.36
C ILE P 74 93.87 8.25 27.67
N PRO P 75 93.12 8.80 26.71
CA PRO P 75 92.41 10.05 26.97
C PRO P 75 91.38 9.91 28.08
N ARG P 76 91.14 11.02 28.79
CA ARG P 76 90.23 11.03 29.92
C ARG P 76 88.77 10.81 29.52
N TRP P 77 88.43 10.98 28.25
CA TRP P 77 87.05 10.82 27.81
C TRP P 77 86.74 9.41 27.32
N ALA P 78 87.69 8.48 27.46
CA ALA P 78 87.50 7.11 27.01
C ALA P 78 87.29 6.12 28.14
N VAL P 79 87.36 6.55 29.39
CA VAL P 79 87.16 5.66 30.52
C VAL P 79 85.67 5.51 30.79
N ASN P 80 85.31 4.46 31.52
CA ASN P 80 83.90 4.15 31.75
C ASN P 80 83.37 4.71 33.07
N ARG P 81 84.17 5.47 33.81
CA ARG P 81 83.69 6.18 35.01
C ARG P 81 84.52 7.44 35.21
N PRO P 82 84.28 8.47 34.42
CA PRO P 82 84.99 9.73 34.62
C PRO P 82 84.36 10.55 35.73
N LYS P 83 85.20 11.33 36.42
CA LYS P 83 84.73 12.26 37.45
C LYS P 83 83.98 11.51 38.56
N ASP P 84 84.72 10.67 39.27
CA ASP P 84 84.14 9.76 40.25
C ASP P 84 83.40 10.53 41.33
N TYR P 85 82.30 9.94 41.82
CA TYR P 85 81.43 10.62 42.76
C TYR P 85 82.10 10.85 44.11
N GLU P 86 83.07 10.01 44.49
CA GLU P 86 83.65 10.16 45.82
C GLU P 86 84.99 10.90 45.76
N THR P 87 85.93 10.38 44.99
CA THR P 87 87.26 10.98 44.91
C THR P 87 87.34 12.12 43.92
N GLY P 88 86.48 12.13 42.90
CA GLY P 88 86.54 13.15 41.88
C GLY P 88 87.50 12.87 40.74
N ARG P 89 88.15 11.72 40.74
CA ARG P 89 89.10 11.38 39.69
C ARG P 89 88.40 10.63 38.55
N ASP P 90 89.17 10.33 37.51
CA ASP P 90 88.68 9.58 36.36
C ASP P 90 89.17 8.14 36.48
N LEU P 91 88.25 7.20 36.56
CA LEU P 91 88.57 5.82 36.87
C LEU P 91 87.98 4.88 35.82
N HIS P 92 88.59 3.70 35.72
CA HIS P 92 88.09 2.61 34.90
C HIS P 92 87.97 1.37 35.76
N LEU P 93 86.81 0.73 35.73
CA LEU P 93 86.51 -0.40 36.60
C LEU P 93 86.14 -1.62 35.78
N ILE P 94 86.47 -2.79 36.31
CA ILE P 94 86.18 -4.06 35.66
C ILE P 94 85.78 -5.12 36.68
N THR P 95 85.05 -6.13 36.22
CA THR P 95 84.60 -7.25 37.06
C THR P 95 83.74 -6.85 38.28
N ALA P 96 84.10 -7.36 39.44
CA ALA P 96 83.35 -7.11 40.67
C ALA P 96 83.28 -5.65 41.11
N LYS P 97 84.37 -4.92 41.01
CA LYS P 97 84.36 -3.52 41.42
C LYS P 97 83.36 -2.73 40.62
N LEU P 98 83.28 -2.98 39.32
CA LEU P 98 82.28 -2.32 38.48
C LEU P 98 80.86 -2.65 38.95
N ASP P 99 80.61 -3.92 39.23
CA ASP P 99 79.28 -4.33 39.65
C ASP P 99 78.90 -3.66 40.97
N MET P 100 79.81 -3.63 41.93
CA MET P 100 79.47 -3.04 43.22
C MET P 100 79.37 -1.51 43.12
N ALA P 101 80.12 -0.89 42.20
CA ALA P 101 79.95 0.54 41.98
C ALA P 101 78.56 0.86 41.43
N ILE P 102 78.09 0.08 40.46
CA ILE P 102 76.76 0.30 39.91
C ILE P 102 75.70 0.06 40.99
N ARG P 103 75.87 -1.01 41.78
CA ARG P 103 74.94 -1.29 42.86
C ARG P 103 74.90 -0.15 43.86
N GLU P 104 76.07 0.42 44.18
CA GLU P 104 76.13 1.54 45.11
C GLU P 104 75.43 2.77 44.55
N ASP P 105 75.58 3.03 43.25
CA ASP P 105 74.88 4.15 42.65
C ASP P 105 73.36 3.99 42.78
N ILE P 106 72.87 2.79 42.47
CA ILE P 106 71.42 2.57 42.56
C ILE P 106 70.96 2.66 44.01
N MET P 107 71.76 2.15 44.94
CA MET P 107 71.39 2.24 46.35
C MET P 107 71.35 3.69 46.83
N ARG P 108 72.30 4.51 46.38
CA ARG P 108 72.28 5.92 46.73
C ARG P 108 71.02 6.59 46.20
N LEU P 109 70.63 6.26 44.97
CA LEU P 109 69.38 6.80 44.44
C LEU P 109 68.20 6.37 45.29
N ARG P 110 68.19 5.11 45.75
CA ARG P 110 67.06 4.61 46.53
C ARG P 110 66.99 5.24 47.92
N ARG P 111 68.15 5.54 48.53
CA ARG P 111 68.15 6.04 49.90
C ARG P 111 67.42 7.38 50.01
N ILE P 112 67.65 8.28 49.05
CA ILE P 112 67.05 9.62 49.11
C ILE P 112 65.63 9.63 48.59
N ARG P 113 65.09 8.49 48.18
CA ARG P 113 63.71 8.37 47.68
C ARG P 113 63.49 9.25 46.46
N ALA P 114 64.44 9.20 45.53
CA ALA P 114 64.31 9.91 44.27
C ALA P 114 63.45 9.11 43.30
N TYR P 115 62.96 9.79 42.26
CA TYR P 115 62.05 9.17 41.31
C TYR P 115 62.67 7.95 40.65
N ARG P 116 63.92 8.08 40.19
CA ARG P 116 64.59 6.96 39.55
C ARG P 116 64.80 5.80 40.53
N GLY P 117 64.99 6.11 41.81
CA GLY P 117 65.11 5.05 42.80
C GLY P 117 63.84 4.24 42.94
N ILE P 118 62.69 4.92 42.99
CA ILE P 118 61.42 4.22 43.05
C ILE P 118 61.21 3.39 41.79
N ARG P 119 61.55 3.94 40.63
CA ARG P 119 61.41 3.19 39.38
C ARG P 119 62.28 1.94 39.38
N HIS P 120 63.50 2.06 39.91
CA HIS P 120 64.37 0.89 40.04
C HIS P 120 63.77 -0.14 40.98
N GLU P 121 63.20 0.32 42.09
CA GLU P 121 62.62 -0.61 43.06
C GLU P 121 61.46 -1.38 42.44
N LEU P 122 60.56 -0.70 41.73
CA LEU P 122 59.37 -1.35 41.22
C LEU P 122 59.62 -2.14 39.94
N GLY P 123 60.82 -2.09 39.39
CA GLY P 123 61.09 -2.78 38.14
C GLY P 123 60.33 -2.23 36.95
N LEU P 124 60.27 -0.91 36.83
CA LEU P 124 59.57 -0.21 35.77
C LEU P 124 60.57 0.59 34.95
N PRO P 125 60.23 0.97 33.71
CA PRO P 125 61.16 1.75 32.90
C PRO P 125 61.53 3.06 33.57
N VAL P 126 62.78 3.46 33.39
CA VAL P 126 63.35 4.60 34.11
C VAL P 126 63.50 5.83 33.24
N ARG P 127 63.75 5.69 31.94
CA ARG P 127 64.11 6.80 31.07
C ARG P 127 62.94 7.31 30.25
N GLY P 128 61.74 7.30 30.83
CA GLY P 128 60.62 8.02 30.27
C GLY P 128 59.87 7.34 29.15
N GLN P 129 59.93 6.03 29.04
CA GLN P 129 59.20 5.33 27.99
C GLN P 129 57.71 5.28 28.33
N ARG P 130 56.91 5.06 27.28
CA ARG P 130 55.49 4.77 27.48
C ARG P 130 55.31 3.32 27.90
N THR P 131 54.30 3.06 28.72
CA THR P 131 54.10 1.73 29.29
C THR P 131 52.74 1.14 29.00
N ARG P 132 51.90 1.81 28.20
CA ARG P 132 50.57 1.29 27.95
C ARG P 132 50.58 0.11 26.98
N SER P 133 51.43 0.15 25.96
CA SER P 133 51.42 -0.85 24.91
C SER P 133 52.53 -1.90 25.07
N ASN P 134 53.78 -1.46 25.12
CA ASN P 134 54.92 -2.37 25.16
C ASN P 134 55.36 -2.61 26.61
N PHE P 135 56.52 -3.24 26.75
CA PHE P 135 57.08 -3.57 28.07
C PHE P 135 56.15 -4.52 28.84
N ARG P 136 55.45 -5.39 28.11
CA ARG P 136 54.55 -6.34 28.73
C ARG P 136 55.28 -7.65 28.99
N ARG P 137 55.28 -8.08 30.24
CA ARG P 137 55.91 -9.34 30.64
C ARG P 137 55.05 -9.95 31.73
N GLY P 138 54.18 -10.89 31.35
CA GLY P 138 53.27 -11.51 32.28
C GLY P 138 52.36 -12.50 31.59
N GLN P 139 51.17 -12.73 32.15
CA GLN P 139 50.22 -13.67 31.59
C GLN P 139 48.89 -12.97 31.40
N THR P 140 48.14 -13.43 30.38
CA THR P 140 46.87 -12.81 30.05
C THR P 140 45.86 -13.02 31.18
N VAL P 141 45.11 -11.97 31.48
CA VAL P 141 44.06 -12.02 32.49
C VAL P 141 42.71 -12.12 31.80
N GLY P 142 41.88 -13.05 32.28
CA GLY P 142 40.58 -13.30 31.68
C GLY P 142 39.50 -12.40 32.24
N VAL P 143 38.47 -12.18 31.44
CA VAL P 143 37.35 -11.34 31.85
C VAL P 143 36.25 -12.18 32.48
N ALA Q 2 45.97 47.62 40.55
CA ALA Q 2 45.29 47.63 39.26
C ALA Q 2 44.53 46.32 39.04
N LYS Q 3 43.27 46.42 38.66
CA LYS Q 3 42.44 45.24 38.41
C LYS Q 3 42.42 44.81 36.95
N ALA Q 4 42.77 45.70 36.02
CA ALA Q 4 42.81 45.33 34.62
C ALA Q 4 43.95 44.39 34.29
N ASP Q 5 44.97 44.30 35.16
CA ASP Q 5 46.10 43.43 34.89
C ASP Q 5 45.73 41.96 35.04
N TYR Q 6 44.55 41.67 35.58
CA TYR Q 6 44.09 40.31 35.78
C TYR Q 6 43.25 39.80 34.61
N ASN Q 7 43.38 40.40 33.44
CA ASN Q 7 42.72 39.93 32.24
C ASN Q 7 43.65 39.90 31.03
N LYS Q 8 44.77 40.59 31.08
CA LYS Q 8 45.68 40.63 29.95
C LYS Q 8 46.48 39.34 29.84
N ARG Q 9 46.75 38.93 28.60
CA ARG Q 9 47.53 37.72 28.34
C ARG Q 9 49.00 38.06 28.20
N LYS Q 10 49.84 37.04 28.38
CA LYS Q 10 51.28 37.22 28.22
C LYS Q 10 51.64 37.32 26.75
N PRO Q 11 52.66 38.10 26.38
CA PRO Q 11 53.05 38.20 24.98
C PRO Q 11 53.97 37.09 24.51
N ARG Q 12 53.41 35.94 24.15
CA ARG Q 12 54.23 34.83 23.69
C ARG Q 12 54.73 35.07 22.28
N LYS Q 13 55.94 34.56 22.01
CA LYS Q 13 56.55 34.69 20.70
C LYS Q 13 56.73 33.37 19.96
N PHE Q 14 56.49 32.23 20.61
CA PHE Q 14 56.51 30.93 19.94
C PHE Q 14 55.57 30.00 20.67
N GLY Q 15 55.22 28.90 20.00
CA GLY Q 15 54.24 27.97 20.48
C GLY Q 15 52.92 28.09 19.74
N LYS Q 16 52.03 27.14 20.01
CA LYS Q 16 50.75 27.12 19.32
C LYS Q 16 49.90 28.35 19.65
N GLY Q 17 50.16 28.98 20.78
CA GLY Q 17 49.40 30.15 21.19
C GLY Q 17 49.85 31.46 20.60
N ALA Q 18 50.88 31.45 19.76
CA ALA Q 18 51.41 32.68 19.18
C ALA Q 18 50.86 32.95 17.78
N ARG Q 19 49.95 32.12 17.28
CA ARG Q 19 49.45 32.27 15.91
C ARG Q 19 47.96 31.97 15.90
N ARG Q 20 47.18 32.85 15.29
CA ARG Q 20 45.75 32.66 15.13
C ARG Q 20 45.35 32.94 13.68
N CYS Q 21 44.31 32.27 13.22
CA CYS Q 21 43.79 32.53 11.89
C CYS Q 21 43.27 33.96 11.82
N ILE Q 22 43.64 34.67 10.74
CA ILE Q 22 43.23 36.05 10.58
C ILE Q 22 41.78 36.18 10.15
N ARG Q 23 41.09 35.07 9.94
CA ARG Q 23 39.71 35.07 9.47
C ARG Q 23 38.73 34.52 10.48
N CYS Q 24 39.15 33.55 11.30
CA CYS Q 24 38.26 32.98 12.30
C CYS Q 24 38.86 32.92 13.71
N GLY Q 25 40.17 33.10 13.87
CA GLY Q 25 40.77 33.15 15.19
C GLY Q 25 41.09 31.81 15.82
N GLN Q 26 41.03 30.72 15.05
CA GLN Q 26 41.30 29.40 15.59
C GLN Q 26 42.79 29.21 15.86
N TYR Q 27 43.11 28.42 16.88
CA TYR Q 27 44.46 27.93 17.11
C TYR Q 27 44.61 26.54 16.51
N GLY Q 28 45.82 26.23 16.06
CA GLY Q 28 46.12 24.89 15.60
C GLY Q 28 46.61 24.80 14.18
N PRO Q 29 45.80 24.21 13.31
CA PRO Q 29 46.25 23.95 11.93
C PRO Q 29 46.35 25.18 11.07
N ILE Q 30 47.41 25.96 11.26
CA ILE Q 30 47.62 27.20 10.53
C ILE Q 30 48.62 26.96 9.41
N ILE Q 31 48.29 27.44 8.21
CA ILE Q 31 49.18 27.33 7.05
C ILE Q 31 50.11 28.53 7.07
N ARG Q 32 51.41 28.27 7.24
CA ARG Q 32 52.40 29.33 7.37
C ARG Q 32 53.22 29.55 6.11
N ILE Q 33 52.80 28.98 4.99
CA ILE Q 33 53.60 29.02 3.77
C ILE Q 33 53.54 30.41 3.15
N HIS Q 34 54.72 30.99 2.92
CA HIS Q 34 54.86 32.27 2.21
C HIS Q 34 54.07 33.40 2.89
N GLY Q 35 53.98 33.34 4.21
CA GLY Q 35 53.39 34.43 4.96
C GLY Q 35 51.89 34.36 5.14
N LEU Q 36 51.22 33.38 4.56
CA LEU Q 36 49.80 33.19 4.84
C LEU Q 36 49.60 32.86 6.31
N MET Q 37 48.51 33.35 6.87
CA MET Q 37 48.09 32.98 8.23
C MET Q 37 46.61 32.61 8.14
N LEU Q 38 46.34 31.37 7.76
CA LEU Q 38 44.98 30.90 7.57
C LEU Q 38 44.85 29.47 8.02
N CYS Q 39 43.69 29.12 8.58
CA CYS Q 39 43.42 27.74 8.92
C CYS Q 39 43.28 26.91 7.65
N ARG Q 40 43.46 25.60 7.80
CA ARG Q 40 43.22 24.70 6.67
C ARG Q 40 41.75 24.72 6.26
N HIS Q 41 40.86 25.03 7.21
CA HIS Q 41 39.44 25.13 6.89
C HIS Q 41 39.15 26.37 6.07
N CYS Q 42 39.69 27.52 6.48
CA CYS Q 42 39.38 28.77 5.80
C CYS Q 42 40.06 28.86 4.44
N PHE Q 43 41.21 28.22 4.28
CA PHE Q 43 41.93 28.32 3.02
C PHE Q 43 41.20 27.65 1.88
N ARG Q 44 40.46 26.57 2.15
CA ARG Q 44 39.77 25.87 1.09
C ARG Q 44 38.70 26.73 0.44
N GLU Q 45 38.00 27.54 1.24
CA GLU Q 45 36.87 28.29 0.72
C GLU Q 45 37.21 29.67 0.19
N VAL Q 46 38.45 30.13 0.36
CA VAL Q 46 38.88 31.40 -0.19
C VAL Q 46 40.01 31.25 -1.20
N ALA Q 47 40.47 30.02 -1.45
CA ALA Q 47 41.55 29.82 -2.41
C ALA Q 47 41.23 30.33 -3.81
N PRO Q 48 40.06 30.08 -4.40
CA PRO Q 48 39.79 30.65 -5.73
C PRO Q 48 39.85 32.16 -5.77
N LYS Q 49 39.42 32.84 -4.70
CA LYS Q 49 39.48 34.30 -4.69
C LYS Q 49 40.92 34.80 -4.67
N LEU Q 50 41.85 34.01 -4.15
CA LEU Q 50 43.24 34.40 -4.12
C LEU Q 50 43.97 34.12 -5.42
N GLY Q 51 43.36 33.40 -6.35
CA GLY Q 51 43.98 33.09 -7.61
C GLY Q 51 44.49 31.67 -7.77
N PHE Q 52 44.32 30.82 -6.76
CA PHE Q 52 44.73 29.43 -6.86
C PHE Q 52 43.73 28.65 -7.68
N ARG Q 53 44.21 27.57 -8.32
CA ARG Q 53 43.37 26.68 -9.11
C ARG Q 53 43.82 25.24 -8.92
N LYS Q 54 42.91 24.32 -9.21
CA LYS Q 54 43.20 22.89 -9.15
C LYS Q 54 43.44 22.40 -10.57
N TYR Q 55 44.69 22.48 -11.01
CA TYR Q 55 45.03 22.02 -12.36
C TYR Q 55 45.06 20.50 -12.44
N GLU Q 56 45.57 19.83 -11.41
CA GLU Q 56 45.68 18.38 -11.43
C GLU Q 56 45.79 17.83 -10.02
N ALA R 2 -33.43 -31.69 -24.15
CA ALA R 2 -32.34 -32.65 -24.08
C ALA R 2 -32.86 -34.04 -23.77
N ARG R 3 -31.96 -35.02 -23.74
CA ARG R 3 -32.36 -36.38 -23.39
C ARG R 3 -32.83 -36.43 -21.94
N MET R 4 -33.69 -37.39 -21.65
CA MET R 4 -34.31 -37.45 -20.32
C MET R 4 -33.27 -37.65 -19.23
N HIS R 5 -32.28 -38.51 -19.47
CA HIS R 5 -31.30 -38.83 -18.44
C HIS R 5 -29.88 -38.46 -18.84
N ALA R 6 -29.49 -38.69 -20.09
CA ALA R 6 -28.11 -38.46 -20.51
C ALA R 6 -27.81 -37.00 -20.83
N ARG R 7 -28.83 -36.14 -20.93
CA ARG R 7 -28.68 -34.70 -21.14
C ARG R 7 -27.95 -34.35 -22.43
N LYS R 8 -28.02 -35.21 -23.45
CA LYS R 8 -27.48 -34.84 -24.74
C LYS R 8 -28.52 -34.10 -25.56
N ARG R 9 -28.09 -33.53 -26.69
CA ARG R 9 -28.93 -32.65 -27.49
C ARG R 9 -28.98 -33.10 -28.95
N GLY R 10 -29.24 -34.37 -29.19
CA GLY R 10 -29.45 -34.82 -30.55
C GLY R 10 -30.66 -34.16 -31.18
N LYS R 11 -30.57 -33.95 -32.49
CA LYS R 11 -31.61 -33.24 -33.22
C LYS R 11 -32.19 -34.04 -34.37
N SER R 12 -31.72 -35.27 -34.61
CA SER R 12 -32.16 -36.03 -35.78
C SER R 12 -33.64 -36.36 -35.69
N GLY R 13 -34.32 -36.25 -36.82
CA GLY R 13 -35.75 -36.54 -36.87
C GLY R 13 -36.28 -36.27 -38.26
N SER R 14 -37.59 -36.44 -38.40
CA SER R 14 -38.24 -36.27 -39.68
C SER R 14 -38.63 -34.80 -39.89
N LYS R 15 -38.66 -34.39 -41.17
CA LYS R 15 -38.99 -33.03 -41.57
C LYS R 15 -40.18 -33.09 -42.52
N ARG R 16 -41.38 -33.08 -41.97
CA ARG R 16 -42.58 -33.24 -42.75
C ARG R 16 -42.98 -31.92 -43.40
N PRO R 17 -43.14 -31.88 -44.74
CA PRO R 17 -43.56 -30.63 -45.37
C PRO R 17 -45.00 -30.32 -45.04
N PRO R 18 -45.38 -29.04 -45.03
CA PRO R 18 -46.78 -28.68 -44.74
C PRO R 18 -47.66 -28.94 -45.96
N ARG R 19 -48.57 -29.92 -45.82
CA ARG R 19 -49.52 -30.22 -46.88
C ARG R 19 -50.80 -30.72 -46.23
N THR R 20 -51.91 -30.55 -46.95
CA THR R 20 -53.23 -30.93 -46.46
C THR R 20 -53.83 -32.10 -47.24
N ALA R 21 -53.90 -31.97 -48.55
CA ALA R 21 -54.48 -33.00 -49.40
C ALA R 21 -53.42 -34.00 -49.83
N PRO R 22 -53.82 -35.23 -50.13
CA PRO R 22 -52.87 -36.21 -50.63
C PRO R 22 -52.34 -35.77 -51.99
N PRO R 23 -51.12 -36.19 -52.34
CA PRO R 23 -50.53 -35.75 -53.62
C PRO R 23 -51.31 -36.29 -54.81
N ILE R 24 -51.07 -35.66 -55.96
CA ILE R 24 -51.74 -36.06 -57.20
C ILE R 24 -51.33 -37.46 -57.62
N TRP R 25 -50.03 -37.77 -57.55
CA TRP R 25 -49.53 -39.04 -58.06
C TRP R 25 -49.92 -40.24 -57.20
N LEU R 26 -50.49 -40.01 -56.03
CA LEU R 26 -50.98 -41.10 -55.18
C LEU R 26 -52.32 -41.58 -55.72
N GLU R 27 -52.44 -42.90 -55.94
CA GLU R 27 -53.62 -43.44 -56.61
C GLU R 27 -54.45 -44.37 -55.73
N TYR R 28 -53.92 -44.82 -54.60
CA TYR R 28 -54.70 -45.67 -53.71
C TYR R 28 -55.87 -44.90 -53.12
N THR R 29 -56.99 -45.60 -52.92
CA THR R 29 -58.13 -45.03 -52.24
C THR R 29 -58.05 -45.37 -50.76
N VAL R 30 -59.04 -44.90 -49.98
CA VAL R 30 -59.03 -45.14 -48.54
C VAL R 30 -59.20 -46.63 -48.24
N GLU R 31 -60.09 -47.31 -48.96
CA GLU R 31 -60.36 -48.71 -48.67
C GLU R 31 -59.14 -49.59 -48.94
N ASP R 32 -58.40 -49.31 -50.02
CA ASP R 32 -57.19 -50.06 -50.31
C ASP R 32 -56.19 -49.92 -49.18
N ILE R 33 -56.05 -48.71 -48.65
CA ILE R 33 -55.11 -48.48 -47.55
C ILE R 33 -55.52 -49.25 -46.31
N GLU R 34 -56.82 -49.25 -45.99
CA GLU R 34 -57.29 -50.01 -44.83
C GLU R 34 -57.04 -51.50 -45.00
N ASN R 35 -57.28 -52.02 -46.20
CA ASN R 35 -57.02 -53.44 -46.44
C ASN R 35 -55.54 -53.76 -46.29
N LEU R 36 -54.67 -52.89 -46.82
CA LEU R 36 -53.23 -53.08 -46.66
C LEU R 36 -52.84 -53.08 -45.19
N VAL R 37 -53.37 -52.14 -44.41
CA VAL R 37 -53.02 -52.05 -42.99
C VAL R 37 -53.46 -53.31 -42.26
N VAL R 38 -54.68 -53.78 -42.53
CA VAL R 38 -55.16 -54.99 -41.86
C VAL R 38 -54.30 -56.19 -42.22
N LYS R 39 -53.94 -56.32 -43.50
CA LYS R 39 -53.10 -57.43 -43.93
C LYS R 39 -51.74 -57.39 -43.24
N LEU R 40 -51.11 -56.22 -43.21
CA LEU R 40 -49.79 -56.10 -42.58
C LEU R 40 -49.87 -56.39 -41.08
N ARG R 41 -50.95 -55.94 -40.43
CA ARG R 41 -51.11 -56.25 -39.01
C ARG R 41 -51.26 -57.75 -38.79
N LYS R 42 -52.05 -58.41 -39.64
CA LYS R 42 -52.19 -59.85 -39.50
C LYS R 42 -50.89 -60.60 -39.77
N GLU R 43 -49.98 -60.01 -40.55
CA GLU R 43 -48.66 -60.61 -40.69
C GLU R 43 -47.84 -60.51 -39.41
N GLY R 44 -48.24 -59.68 -38.45
CA GLY R 44 -47.58 -59.62 -37.17
C GLY R 44 -46.61 -58.48 -36.98
N TYR R 45 -46.86 -57.30 -37.55
CA TYR R 45 -45.95 -56.18 -37.44
C TYR R 45 -46.43 -55.20 -36.38
N SER R 46 -45.48 -54.39 -35.90
CA SER R 46 -45.80 -53.32 -34.97
C SER R 46 -46.43 -52.14 -35.70
N THR R 47 -47.06 -51.26 -34.94
CA THR R 47 -47.71 -50.09 -35.53
C THR R 47 -46.71 -49.19 -36.22
N ALA R 48 -45.55 -48.98 -35.59
CA ALA R 48 -44.52 -48.16 -36.21
C ALA R 48 -43.94 -48.82 -37.45
N MET R 49 -43.92 -50.15 -37.49
CA MET R 49 -43.34 -50.85 -38.63
C MET R 49 -44.27 -50.83 -39.83
N ILE R 50 -45.58 -50.87 -39.60
CA ILE R 50 -46.55 -50.85 -40.69
C ILE R 50 -46.41 -49.57 -41.50
N GLY R 51 -46.30 -48.43 -40.82
CA GLY R 51 -46.13 -47.18 -41.52
C GLY R 51 -44.82 -47.12 -42.29
N THR R 52 -43.76 -47.70 -41.73
CA THR R 52 -42.47 -47.74 -42.42
C THR R 52 -42.59 -48.54 -43.72
N ILE R 53 -43.26 -49.69 -43.66
CA ILE R 53 -43.42 -50.51 -44.86
C ILE R 53 -44.28 -49.78 -45.89
N LEU R 54 -45.38 -49.15 -45.43
CA LEU R 54 -46.24 -48.42 -46.35
C LEU R 54 -45.49 -47.29 -47.04
N ARG R 55 -44.63 -46.58 -46.31
CA ARG R 55 -43.86 -45.50 -46.91
C ARG R 55 -42.82 -46.04 -47.89
N ASP R 56 -42.06 -47.06 -47.47
CA ASP R 56 -40.94 -47.51 -48.27
C ASP R 56 -41.39 -48.22 -49.54
N GLN R 57 -42.33 -49.15 -49.43
CA GLN R 57 -42.62 -50.06 -50.53
C GLN R 57 -43.82 -49.65 -51.37
N TYR R 58 -44.88 -49.14 -50.75
CA TYR R 58 -46.10 -48.80 -51.48
C TYR R 58 -46.19 -47.33 -51.85
N GLY R 59 -45.16 -46.54 -51.54
CA GLY R 59 -45.17 -45.13 -51.90
C GLY R 59 -46.28 -44.34 -51.25
N ILE R 60 -46.66 -44.69 -50.03
CA ILE R 60 -47.73 -43.99 -49.32
C ILE R 60 -47.11 -43.20 -48.18
N PRO R 61 -46.98 -41.88 -48.29
CA PRO R 61 -46.66 -41.08 -47.11
C PRO R 61 -47.77 -41.24 -46.07
N THR R 62 -47.52 -40.72 -44.87
CA THR R 62 -48.35 -40.98 -43.71
C THR R 62 -49.85 -41.02 -44.02
N VAL R 63 -50.56 -42.01 -43.47
CA VAL R 63 -51.98 -42.12 -43.68
C VAL R 63 -52.77 -40.98 -43.06
N LYS R 64 -52.09 -40.09 -42.34
CA LYS R 64 -52.77 -38.93 -41.77
C LYS R 64 -52.90 -37.84 -42.82
N LEU R 65 -53.37 -38.23 -44.01
CA LEU R 65 -53.71 -37.31 -45.07
C LEU R 65 -55.15 -37.48 -45.53
N PHE R 66 -55.85 -38.48 -45.01
CA PHE R 66 -57.24 -38.75 -45.34
C PHE R 66 -58.11 -38.50 -44.13
N ARG R 67 -59.26 -37.85 -44.36
CA ARG R 67 -60.24 -37.70 -43.30
C ARG R 67 -60.83 -39.05 -42.95
N ASP R 68 -61.24 -39.19 -41.69
CA ASP R 68 -61.92 -40.40 -41.26
C ASP R 68 -63.29 -40.44 -41.91
N PRO R 69 -63.60 -41.46 -42.71
CA PRO R 69 -64.92 -41.50 -43.37
C PRO R 69 -66.08 -41.53 -42.39
N ASP R 70 -65.91 -42.14 -41.22
CA ASP R 70 -67.00 -42.24 -40.26
C ASP R 70 -67.10 -41.00 -39.40
N ASN R 71 -65.95 -40.49 -38.92
CA ASN R 71 -65.94 -39.30 -38.10
C ASN R 71 -65.27 -38.18 -38.89
N PRO R 72 -66.03 -37.26 -39.48
CA PRO R 72 -65.40 -36.20 -40.29
C PRO R 72 -64.59 -35.21 -39.49
N ASN R 73 -64.67 -35.22 -38.16
CA ASN R 73 -63.98 -34.22 -37.35
C ASN R 73 -62.51 -34.53 -37.14
N ARG R 74 -62.04 -35.72 -37.53
CA ARG R 74 -60.66 -36.11 -37.25
C ARG R 74 -60.07 -36.82 -38.46
N LYS R 75 -58.75 -36.87 -38.49
CA LYS R 75 -58.02 -37.52 -39.55
C LYS R 75 -57.73 -38.98 -39.19
N LEU R 76 -57.20 -39.72 -40.15
CA LEU R 76 -57.01 -41.15 -39.99
C LEU R 76 -55.62 -41.46 -39.43
N THR R 77 -55.56 -42.43 -38.53
CA THR R 77 -54.30 -42.95 -38.02
C THR R 77 -54.36 -44.48 -38.02
N ILE R 78 -53.19 -45.09 -37.89
CA ILE R 78 -53.10 -46.55 -37.97
C ILE R 78 -53.84 -47.19 -36.81
N THR R 79 -53.68 -46.65 -35.60
CA THR R 79 -54.35 -47.22 -34.43
C THR R 79 -55.86 -47.14 -34.56
N ARG R 80 -56.37 -46.03 -35.09
CA ARG R 80 -57.82 -45.91 -35.29
C ARG R 80 -58.32 -46.93 -36.30
N ILE R 81 -57.56 -47.14 -37.38
CA ILE R 81 -57.94 -48.15 -38.37
C ILE R 81 -58.00 -49.53 -37.73
N LEU R 82 -57.00 -49.85 -36.91
CA LEU R 82 -56.99 -51.15 -36.25
C LEU R 82 -58.14 -51.28 -35.25
N GLU R 83 -58.48 -50.19 -34.57
CA GLU R 83 -59.61 -50.21 -33.64
C GLU R 83 -60.91 -50.48 -34.38
N LYS R 84 -61.04 -49.94 -35.59
CA LYS R 84 -62.27 -50.15 -36.36
C LYS R 84 -62.48 -51.61 -36.74
N HIS R 85 -61.43 -52.44 -36.64
CA HIS R 85 -61.55 -53.86 -36.94
C HIS R 85 -61.29 -54.77 -35.75
N GLY R 86 -60.93 -54.22 -34.59
CA GLY R 86 -60.69 -55.03 -33.41
C GLY R 86 -59.32 -55.67 -33.33
N LEU R 87 -58.33 -55.12 -34.01
CA LEU R 87 -56.97 -55.66 -33.99
C LEU R 87 -56.02 -54.81 -33.16
N ALA R 88 -56.55 -53.83 -32.42
CA ALA R 88 -55.70 -52.91 -31.67
C ALA R 88 -55.08 -53.61 -30.46
N PRO R 89 -53.88 -53.20 -30.06
CA PRO R 89 -53.23 -53.82 -28.91
C PRO R 89 -53.98 -53.54 -27.62
N GLU R 90 -53.92 -54.50 -26.69
CA GLU R 90 -54.53 -54.29 -25.38
C GLU R 90 -53.71 -53.33 -24.52
N ILE R 91 -52.39 -53.44 -24.59
CA ILE R 91 -51.49 -52.58 -23.83
C ILE R 91 -50.81 -51.64 -24.83
N PRO R 92 -50.64 -50.36 -24.50
CA PRO R 92 -49.96 -49.45 -25.43
C PRO R 92 -48.57 -49.96 -25.77
N GLU R 93 -48.17 -49.76 -27.03
CA GLU R 93 -47.02 -50.48 -27.58
C GLU R 93 -45.71 -50.10 -26.88
N ASP R 94 -45.49 -48.82 -26.62
CA ASP R 94 -44.23 -48.40 -26.01
C ASP R 94 -44.07 -48.99 -24.62
N LEU R 95 -45.16 -49.01 -23.85
CA LEU R 95 -45.12 -49.65 -22.53
C LEU R 95 -44.78 -51.13 -22.64
N MET R 96 -45.38 -51.81 -23.62
CA MET R 96 -45.09 -53.23 -23.82
C MET R 96 -43.63 -53.45 -24.19
N PHE R 97 -43.08 -52.60 -25.06
CA PHE R 97 -41.69 -52.74 -25.45
C PHE R 97 -40.76 -52.52 -24.27
N LEU R 98 -41.04 -51.50 -23.45
CA LEU R 98 -40.20 -51.26 -22.29
C LEU R 98 -40.27 -52.43 -21.30
N ILE R 99 -41.47 -52.94 -21.05
CA ILE R 99 -41.61 -54.08 -20.15
C ILE R 99 -40.85 -55.29 -20.69
N LYS R 100 -40.92 -55.51 -22.00
CA LYS R 100 -40.20 -56.63 -22.60
C LYS R 100 -38.69 -56.46 -22.46
N ARG R 101 -38.19 -55.24 -22.63
CA ARG R 101 -36.76 -54.99 -22.43
C ARG R 101 -36.37 -55.25 -20.98
N ALA R 102 -37.22 -54.85 -20.03
CA ALA R 102 -36.88 -55.05 -18.62
C ALA R 102 -36.81 -56.52 -18.23
N VAL R 103 -37.72 -57.34 -18.77
CA VAL R 103 -37.74 -58.76 -18.39
C VAL R 103 -36.46 -59.46 -18.84
N ASN R 104 -36.01 -59.17 -20.07
CA ASN R 104 -34.80 -59.81 -20.57
C ASN R 104 -33.57 -59.41 -19.76
N LEU R 105 -33.50 -58.15 -19.36
CA LEU R 105 -32.33 -57.68 -18.62
C LEU R 105 -32.26 -58.26 -17.22
N ARG R 106 -33.41 -58.55 -16.60
CA ARG R 106 -33.40 -59.08 -15.25
C ARG R 106 -32.77 -60.47 -15.18
N LYS R 107 -33.05 -61.31 -16.17
CA LYS R 107 -32.47 -62.65 -16.14
C LYS R 107 -30.99 -62.63 -16.49
N HIS R 108 -30.51 -61.56 -17.12
CA HIS R 108 -29.07 -61.38 -17.28
C HIS R 108 -28.41 -61.06 -15.95
N LEU R 109 -29.05 -60.22 -15.13
CA LEU R 109 -28.46 -59.81 -13.87
C LEU R 109 -28.48 -60.91 -12.82
N GLU R 110 -29.19 -62.02 -13.07
CA GLU R 110 -29.13 -63.14 -12.14
C GLU R 110 -27.81 -63.88 -12.26
N GLN R 111 -27.28 -64.02 -13.45
CA GLN R 111 -26.01 -64.69 -13.66
C GLN R 111 -24.81 -63.76 -13.53
N HIS R 112 -25.03 -62.44 -13.52
CA HIS R 112 -23.95 -61.46 -13.41
C HIS R 112 -24.30 -60.46 -12.32
N PRO R 113 -24.28 -60.88 -11.05
CA PRO R 113 -24.66 -59.97 -9.97
C PRO R 113 -23.73 -58.79 -9.79
N LYS R 114 -22.50 -58.85 -10.32
CA LYS R 114 -21.54 -57.78 -10.14
C LYS R 114 -21.51 -56.79 -11.30
N ASP R 115 -22.41 -56.93 -12.27
CA ASP R 115 -22.49 -55.99 -13.40
C ASP R 115 -23.31 -54.79 -12.96
N LEU R 116 -22.66 -53.88 -12.24
CA LEU R 116 -23.36 -52.75 -11.65
C LEU R 116 -23.72 -51.69 -12.67
N HIS R 117 -22.95 -51.56 -13.75
CA HIS R 117 -23.25 -50.53 -14.74
C HIS R 117 -24.52 -50.87 -15.53
N SER R 118 -24.78 -52.15 -15.74
CA SER R 118 -26.01 -52.55 -16.43
C SER R 118 -27.23 -52.39 -15.52
N MET R 119 -27.03 -52.48 -14.20
CA MET R 119 -28.16 -52.36 -13.28
C MET R 119 -28.77 -50.97 -13.31
N ARG R 120 -27.93 -49.93 -13.46
CA ARG R 120 -28.44 -48.57 -13.55
C ARG R 120 -29.34 -48.41 -14.77
N GLY R 121 -29.02 -49.08 -15.87
CA GLY R 121 -29.91 -49.08 -17.02
C GLY R 121 -31.27 -49.66 -16.68
N LEU R 122 -31.28 -50.73 -15.89
CA LEU R 122 -32.55 -51.31 -15.44
C LEU R 122 -33.34 -50.31 -14.60
N GLN R 123 -32.67 -49.60 -13.70
CA GLN R 123 -33.36 -48.61 -12.88
C GLN R 123 -33.97 -47.51 -13.73
N LEU R 124 -33.23 -47.02 -14.73
CA LEU R 124 -33.76 -45.99 -15.61
C LEU R 124 -34.95 -46.50 -16.42
N ILE R 125 -34.87 -47.73 -16.91
CA ILE R 125 -35.98 -48.32 -17.66
C ILE R 125 -37.23 -48.39 -16.80
N GLU R 126 -37.08 -48.83 -15.54
CA GLU R 126 -38.24 -48.93 -14.68
C GLU R 126 -38.80 -47.55 -14.30
N SER R 127 -37.94 -46.54 -14.20
CA SER R 127 -38.44 -45.18 -14.02
C SER R 127 -39.31 -44.75 -15.19
N LYS R 128 -38.86 -45.02 -16.41
CA LYS R 128 -39.67 -44.71 -17.58
C LYS R 128 -41.00 -45.45 -17.55
N ILE R 129 -40.96 -46.74 -17.17
CA ILE R 129 -42.19 -47.54 -17.11
C ILE R 129 -43.17 -46.93 -16.13
N ARG R 130 -42.70 -46.50 -14.96
CA ARG R 130 -43.60 -45.93 -13.97
C ARG R 130 -44.19 -44.60 -14.45
N ARG R 131 -43.39 -43.76 -15.10
CA ARG R 131 -43.95 -42.54 -15.68
C ARG R 131 -45.09 -42.87 -16.64
N LEU R 132 -44.84 -43.83 -17.54
CA LEU R 132 -45.86 -44.17 -18.54
C LEU R 132 -47.11 -44.74 -17.90
N VAL R 133 -46.95 -45.59 -16.88
CA VAL R 133 -48.13 -46.21 -16.29
C VAL R 133 -48.95 -45.16 -15.54
N LYS R 134 -48.30 -44.18 -14.91
CA LYS R 134 -49.06 -43.09 -14.30
C LYS R 134 -49.86 -42.33 -15.35
N TYR R 135 -49.21 -41.99 -16.47
CA TYR R 135 -49.92 -41.25 -17.51
C TYR R 135 -51.10 -42.04 -18.04
N TYR R 136 -50.93 -43.34 -18.28
CA TYR R 136 -52.01 -44.13 -18.88
C TYR R 136 -53.13 -44.38 -17.88
N LYS R 137 -52.82 -44.48 -16.60
CA LYS R 137 -53.88 -44.55 -15.59
C LYS R 137 -54.70 -43.27 -15.59
N ARG R 138 -54.04 -42.12 -15.74
CA ARG R 138 -54.79 -40.86 -15.72
C ARG R 138 -55.78 -40.78 -16.86
N LYS R 139 -55.41 -41.24 -18.04
CA LYS R 139 -56.27 -41.11 -19.22
C LYS R 139 -57.29 -42.23 -19.36
N GLY R 140 -57.21 -43.26 -18.53
CA GLY R 140 -58.16 -44.35 -18.60
C GLY R 140 -57.84 -45.45 -19.58
N LYS R 141 -56.59 -45.51 -20.07
CA LYS R 141 -56.20 -46.59 -20.97
C LYS R 141 -55.85 -47.87 -20.24
N LEU R 142 -55.69 -47.83 -18.92
CA LEU R 142 -55.40 -49.00 -18.10
C LEU R 142 -56.38 -49.04 -16.94
N PRO R 143 -56.71 -50.25 -16.45
CA PRO R 143 -57.53 -50.35 -15.25
C PRO R 143 -56.80 -49.74 -14.06
N LYS R 144 -57.59 -49.18 -13.13
CA LYS R 144 -57.01 -48.52 -11.97
C LYS R 144 -56.23 -49.48 -11.08
N ASP R 145 -56.60 -50.76 -11.05
CA ASP R 145 -55.91 -51.74 -10.23
C ASP R 145 -54.69 -52.34 -10.90
N TRP R 146 -54.47 -52.06 -12.19
CA TRP R 146 -53.33 -52.60 -12.91
C TRP R 146 -52.04 -52.13 -12.26
N ARG R 147 -51.12 -53.07 -12.04
CA ARG R 147 -49.87 -52.77 -11.36
C ARG R 147 -48.71 -53.46 -12.07
N TYR R 148 -47.54 -52.86 -11.95
CA TYR R 148 -46.31 -53.40 -12.53
C TYR R 148 -45.50 -54.07 -11.43
N ASP R 149 -45.37 -55.39 -11.54
CA ASP R 149 -44.55 -56.15 -10.60
C ASP R 149 -43.59 -57.05 -11.39
N PRO R 150 -42.29 -56.81 -11.29
CA PRO R 150 -41.33 -57.65 -12.03
C PRO R 150 -41.38 -59.12 -11.64
N GLU R 151 -41.79 -59.43 -10.41
CA GLU R 151 -41.85 -60.81 -9.96
C GLU R 151 -42.92 -61.62 -10.70
N GLN R 152 -43.82 -60.97 -11.43
CA GLN R 152 -44.88 -61.66 -12.16
C GLN R 152 -44.32 -62.60 -13.23
N ARG S 3 -91.46 -29.86 -1.03
CA ARG S 3 -91.28 -28.98 0.12
C ARG S 3 -90.09 -28.04 -0.10
N ASP S 4 -90.15 -26.86 0.50
CA ASP S 4 -89.12 -25.85 0.39
C ASP S 4 -88.65 -25.43 1.78
N ILE S 5 -87.35 -25.20 1.90
CA ILE S 5 -86.75 -24.73 3.15
C ILE S 5 -85.96 -23.46 2.96
N GLY S 6 -86.13 -22.78 1.82
CA GLY S 6 -85.50 -21.50 1.58
C GLY S 6 -84.25 -21.53 0.74
N LEU S 7 -83.87 -22.70 0.21
CA LEU S 7 -82.61 -22.78 -0.53
C LEU S 7 -82.86 -22.81 -2.04
N ARG S 8 -84.08 -23.11 -2.46
CA ARG S 8 -84.44 -23.23 -3.87
C ARG S 8 -83.62 -24.32 -4.56
N ILE S 9 -83.65 -25.52 -4.00
CA ILE S 9 -83.02 -26.69 -4.60
C ILE S 9 -83.96 -27.87 -4.49
N GLN S 10 -83.58 -28.98 -5.13
CA GLN S 10 -84.45 -30.14 -5.16
C GLN S 10 -84.32 -30.94 -3.86
N PRO S 11 -85.43 -31.39 -3.29
CA PRO S 11 -85.37 -32.25 -2.11
C PRO S 11 -84.91 -33.65 -2.49
N PRO S 12 -84.49 -34.45 -1.52
CA PRO S 12 -84.05 -35.81 -1.82
C PRO S 12 -85.20 -36.70 -2.26
N ALA S 13 -84.84 -37.82 -2.89
CA ALA S 13 -85.84 -38.68 -3.52
C ALA S 13 -86.71 -39.38 -2.48
N GLU S 14 -86.10 -39.93 -1.44
CA GLU S 14 -86.81 -40.73 -0.45
C GLU S 14 -86.87 -40.00 0.89
N LYS S 15 -87.59 -40.60 1.82
CA LYS S 15 -87.81 -40.00 3.13
C LYS S 15 -87.02 -40.72 4.21
N CYS S 16 -86.97 -40.12 5.39
CA CYS S 16 -86.29 -40.69 6.55
C CYS S 16 -87.08 -40.37 7.80
N ASP S 17 -86.62 -40.90 8.93
CA ASP S 17 -87.26 -40.69 10.22
C ASP S 17 -86.36 -39.96 11.20
N ASP S 18 -85.20 -39.48 10.77
CA ASP S 18 -84.29 -38.80 11.66
C ASP S 18 -84.85 -37.45 12.06
N PRO S 19 -85.06 -37.18 13.36
CA PRO S 19 -85.54 -35.85 13.76
C PRO S 19 -84.57 -34.73 13.45
N LYS S 20 -83.29 -35.04 13.19
CA LYS S 20 -82.30 -34.03 12.84
C LYS S 20 -82.20 -33.81 11.34
N CYS S 21 -83.19 -34.25 10.58
CA CYS S 21 -83.16 -34.00 9.14
C CYS S 21 -83.89 -32.71 8.82
N PRO S 22 -83.25 -31.75 8.15
CA PRO S 22 -83.96 -30.52 7.78
C PRO S 22 -85.11 -30.73 6.82
N TRP S 23 -85.10 -31.79 6.02
CA TRP S 23 -86.17 -32.01 5.05
C TRP S 23 -87.38 -32.68 5.68
N HIS S 24 -87.16 -33.68 6.53
CA HIS S 24 -88.25 -34.48 7.07
C HIS S 24 -88.40 -34.38 8.58
N GLY S 25 -87.45 -33.76 9.28
CA GLY S 25 -87.54 -33.66 10.73
C GLY S 25 -87.89 -32.29 11.24
N HIS S 26 -87.33 -31.91 12.39
CA HIS S 26 -87.63 -30.64 13.02
C HIS S 26 -86.46 -29.67 12.98
N LEU S 27 -85.35 -30.04 12.35
CA LEU S 27 -84.17 -29.19 12.34
C LEU S 27 -84.42 -27.94 11.48
N LYS S 28 -83.89 -26.82 11.93
CA LYS S 28 -83.98 -25.56 11.21
C LYS S 28 -82.60 -25.08 10.81
N ILE S 29 -82.51 -24.44 9.65
CA ILE S 29 -81.24 -23.95 9.12
C ILE S 29 -81.29 -22.43 9.01
N HIS S 30 -80.19 -21.79 9.37
CA HIS S 30 -80.10 -20.33 9.35
C HIS S 30 -78.65 -19.89 9.45
N GLY S 31 -78.18 -19.10 8.50
CA GLY S 31 -76.83 -18.56 8.51
C GLY S 31 -76.12 -18.81 7.20
N ARG S 32 -74.85 -19.21 7.30
CA ARG S 32 -74.00 -19.41 6.13
C ARG S 32 -74.37 -20.70 5.41
N VAL S 33 -74.08 -20.72 4.11
CA VAL S 33 -74.22 -21.91 3.27
C VAL S 33 -72.93 -22.09 2.50
N PHE S 34 -72.32 -23.26 2.60
CA PHE S 34 -71.05 -23.54 1.93
C PHE S 34 -71.17 -24.75 1.02
N GLU S 35 -70.16 -24.89 0.17
CA GLU S 35 -70.06 -25.99 -0.80
C GLU S 35 -68.68 -26.60 -0.71
N GLY S 36 -68.60 -27.93 -0.70
CA GLY S 36 -67.31 -28.54 -0.49
C GLY S 36 -67.23 -29.99 -0.94
N ILE S 37 -66.10 -30.61 -0.62
CA ILE S 37 -65.79 -31.99 -1.00
C ILE S 37 -65.65 -32.83 0.25
N VAL S 38 -66.29 -33.99 0.26
CA VAL S 38 -66.22 -34.90 1.40
C VAL S 38 -64.87 -35.62 1.37
N VAL S 39 -64.18 -35.63 2.51
CA VAL S 39 -62.90 -36.29 2.65
C VAL S 39 -62.90 -37.40 3.69
N SER S 40 -64.01 -37.61 4.40
CA SER S 40 -64.09 -38.68 5.38
C SER S 40 -65.54 -38.95 5.71
N ASP S 41 -65.87 -40.24 5.89
CA ASP S 41 -67.22 -40.63 6.30
C ASP S 41 -67.19 -41.79 7.30
N LYS S 42 -66.12 -41.94 8.07
CA LYS S 42 -66.02 -43.06 8.99
C LYS S 42 -67.08 -43.07 10.07
N PRO S 43 -67.33 -41.99 10.81
CA PRO S 43 -68.29 -42.07 11.90
C PRO S 43 -69.72 -42.19 11.40
N ARG S 44 -70.60 -42.61 12.29
CA ARG S 44 -72.02 -42.75 11.94
C ARG S 44 -72.64 -41.37 11.77
N LYS S 45 -73.27 -41.15 10.61
CA LYS S 45 -74.01 -39.92 10.32
C LYS S 45 -73.13 -38.68 10.42
N THR S 46 -71.85 -38.80 10.09
CA THR S 46 -70.94 -37.66 10.18
C THR S 46 -70.01 -37.67 8.98
N VAL S 47 -69.75 -36.48 8.42
CA VAL S 47 -68.80 -36.33 7.35
C VAL S 47 -67.89 -35.15 7.64
N THR S 48 -66.73 -35.16 7.00
CA THR S 48 -65.79 -34.05 7.04
C THR S 48 -65.69 -33.44 5.65
N VAL S 49 -65.89 -32.14 5.55
CA VAL S 49 -65.96 -31.43 4.28
C VAL S 49 -64.83 -30.43 4.22
N GLU S 50 -64.14 -30.37 3.08
CA GLU S 50 -62.98 -29.51 2.90
C GLU S 50 -63.24 -28.51 1.79
N ARG S 51 -62.89 -27.26 2.03
CA ARG S 51 -63.04 -26.18 1.06
C ARG S 51 -61.71 -25.46 0.90
N GLN S 52 -61.37 -25.11 -0.33
CA GLN S 52 -60.09 -24.47 -0.62
C GLN S 52 -60.28 -23.03 -1.06
N TYR S 53 -59.33 -22.19 -0.70
CA TYR S 53 -59.38 -20.78 -1.09
C TYR S 53 -57.97 -20.21 -1.11
N TYR S 54 -57.86 -18.98 -1.58
CA TYR S 54 -56.58 -18.29 -1.70
C TYR S 54 -56.50 -17.14 -0.71
N HIS S 55 -55.33 -16.97 -0.11
CA HIS S 55 -55.05 -15.89 0.81
C HIS S 55 -53.92 -15.05 0.25
N TYR S 56 -54.12 -13.72 0.25
CA TYR S 56 -53.21 -12.79 -0.38
C TYR S 56 -52.22 -12.25 0.65
N LEU S 57 -50.93 -12.39 0.36
CA LEU S 57 -49.87 -11.89 1.24
C LEU S 57 -49.46 -10.50 0.75
N LYS S 58 -49.70 -9.49 1.59
CA LYS S 58 -49.55 -8.11 1.15
C LYS S 58 -48.09 -7.76 0.87
N LYS S 59 -47.17 -8.22 1.73
CA LYS S 59 -45.77 -7.84 1.57
C LYS S 59 -45.17 -8.43 0.30
N TYR S 60 -45.47 -9.69 0.01
CA TYR S 60 -44.90 -10.38 -1.14
C TYR S 60 -45.78 -10.33 -2.37
N GLU S 61 -46.90 -9.59 -2.31
CA GLU S 61 -47.87 -9.43 -3.39
C GLU S 61 -48.10 -10.73 -4.16
N ARG S 62 -48.33 -11.82 -3.44
CA ARG S 62 -48.58 -13.13 -4.03
C ARG S 62 -49.61 -13.85 -3.17
N TYR S 63 -50.03 -15.02 -3.63
CA TYR S 63 -51.08 -15.79 -2.99
C TYR S 63 -50.53 -17.08 -2.40
N GLU S 64 -51.30 -17.64 -1.47
CA GLU S 64 -51.04 -18.98 -0.97
C GLU S 64 -52.38 -19.70 -0.81
N LEU S 65 -52.33 -21.02 -0.81
CA LEU S 65 -53.52 -21.86 -0.79
C LEU S 65 -53.82 -22.29 0.64
N ARG S 66 -55.06 -22.13 1.07
CA ARG S 66 -55.50 -22.55 2.40
C ARG S 66 -56.74 -23.40 2.27
N ARG S 67 -56.95 -24.26 3.27
CA ARG S 67 -58.08 -25.18 3.27
C ARG S 67 -58.77 -25.17 4.62
N SER S 68 -60.09 -25.33 4.59
CA SER S 68 -60.94 -25.31 5.77
C SER S 68 -61.71 -26.61 5.87
N ARG S 69 -61.70 -27.22 7.04
CA ARG S 69 -62.36 -28.50 7.28
C ARG S 69 -63.48 -28.33 8.30
N ILE S 70 -64.66 -28.85 7.96
CA ILE S 70 -65.86 -28.69 8.77
C ILE S 70 -66.54 -30.04 8.92
N HIS S 71 -66.96 -30.37 10.15
CA HIS S 71 -67.69 -31.60 10.41
C HIS S 71 -69.18 -31.33 10.31
N ALA S 72 -69.89 -32.20 9.59
CA ALA S 72 -71.31 -32.00 9.31
C ALA S 72 -72.10 -33.27 9.54
N HIS S 73 -73.38 -33.09 9.85
CA HIS S 73 -74.31 -34.20 10.06
C HIS S 73 -74.78 -34.77 8.72
N ASN S 74 -74.90 -36.09 8.66
CA ASN S 74 -75.22 -36.79 7.42
C ASN S 74 -76.55 -37.52 7.55
N PRO S 75 -77.66 -36.95 7.05
CA PRO S 75 -78.94 -37.62 7.21
C PRO S 75 -79.00 -38.90 6.39
N PRO S 76 -79.74 -39.91 6.85
CA PRO S 76 -79.84 -41.16 6.08
C PRO S 76 -80.48 -41.00 4.72
N CYS S 77 -81.37 -40.03 4.54
CA CYS S 77 -82.03 -39.84 3.26
C CYS S 77 -81.08 -39.35 2.18
N ILE S 78 -79.93 -38.81 2.55
CA ILE S 78 -78.94 -38.31 1.60
C ILE S 78 -77.73 -39.24 1.52
N ASN S 79 -77.06 -39.46 2.65
CA ASN S 79 -76.01 -40.46 2.77
C ASN S 79 -74.88 -40.23 1.78
N ALA S 80 -74.19 -39.11 1.97
CA ALA S 80 -73.06 -38.77 1.12
C ALA S 80 -71.87 -39.68 1.41
N LYS S 81 -70.99 -39.83 0.40
CA LYS S 81 -69.83 -40.70 0.49
C LYS S 81 -68.57 -39.88 0.24
N VAL S 82 -67.43 -40.57 0.21
CA VAL S 82 -66.15 -39.88 0.02
C VAL S 82 -66.00 -39.48 -1.43
N GLY S 83 -65.70 -38.20 -1.65
CA GLY S 83 -65.26 -37.72 -2.95
C GLY S 83 -66.26 -36.88 -3.72
N ASP S 84 -67.48 -36.71 -3.23
CA ASP S 84 -68.50 -35.99 -3.99
C ASP S 84 -68.74 -34.60 -3.42
N ARG S 85 -69.29 -33.73 -4.25
CA ARG S 85 -69.58 -32.35 -3.89
C ARG S 85 -70.87 -32.27 -3.10
N VAL S 86 -70.83 -31.54 -1.99
CA VAL S 86 -71.99 -31.41 -1.11
C VAL S 86 -72.22 -29.95 -0.77
N LEU S 87 -73.45 -29.65 -0.35
CA LEU S 87 -73.85 -28.33 0.11
C LEU S 87 -74.23 -28.44 1.58
N ILE S 88 -73.70 -27.55 2.42
CA ILE S 88 -73.91 -27.61 3.86
C ILE S 88 -74.44 -26.27 4.35
N ALA S 89 -75.23 -26.32 5.43
CA ALA S 89 -75.87 -25.14 6.00
C ALA S 89 -75.68 -25.13 7.50
N GLU S 90 -75.71 -23.94 8.09
CA GLU S 90 -75.44 -23.78 9.52
C GLU S 90 -76.70 -24.00 10.35
N THR S 91 -76.53 -24.62 11.51
CA THR S 91 -77.63 -24.92 12.41
C THR S 91 -77.21 -24.64 13.85
N ARG S 92 -78.05 -25.05 14.78
CA ARG S 92 -77.70 -25.01 16.19
C ARG S 92 -76.68 -26.09 16.50
N PRO S 93 -75.95 -25.97 17.61
CA PRO S 93 -74.97 -27.00 17.96
C PRO S 93 -75.61 -28.38 18.09
N LEU S 94 -74.97 -29.37 17.48
CA LEU S 94 -75.44 -30.74 17.50
C LEU S 94 -74.55 -31.67 18.31
N SER S 95 -73.24 -31.41 18.34
CA SER S 95 -72.32 -32.14 19.18
C SER S 95 -71.19 -31.19 19.55
N LYS S 96 -70.08 -31.74 20.04
CA LYS S 96 -68.95 -30.90 20.41
C LYS S 96 -68.38 -30.17 19.19
N THR S 97 -68.37 -30.82 18.03
CA THR S 97 -67.74 -30.26 16.85
C THR S 97 -68.67 -30.10 15.65
N LYS S 98 -69.90 -30.61 15.72
CA LYS S 98 -70.80 -30.59 14.58
C LYS S 98 -71.74 -29.40 14.70
N HIS S 99 -71.73 -28.53 13.69
CA HIS S 99 -72.62 -27.37 13.66
C HIS S 99 -73.24 -27.15 12.29
N PHE S 100 -73.08 -28.09 11.35
CA PHE S 100 -73.62 -27.99 10.01
C PHE S 100 -74.34 -29.28 9.65
N VAL S 101 -75.16 -29.20 8.62
CA VAL S 101 -75.89 -30.37 8.12
C VAL S 101 -75.83 -30.37 6.60
N VAL S 102 -75.67 -31.56 6.02
CA VAL S 102 -75.66 -31.69 4.57
C VAL S 102 -77.08 -31.61 4.04
N VAL S 103 -77.30 -30.75 3.06
CA VAL S 103 -78.64 -30.53 2.51
C VAL S 103 -78.78 -31.00 1.07
N ALA S 104 -77.69 -31.23 0.35
CA ALA S 104 -77.80 -31.64 -1.04
C ALA S 104 -76.47 -32.19 -1.51
N VAL S 105 -76.54 -33.20 -2.38
CA VAL S 105 -75.37 -33.72 -3.08
C VAL S 105 -75.43 -33.18 -4.51
N LEU S 106 -74.40 -32.43 -4.90
CA LEU S 106 -74.40 -31.75 -6.19
C LEU S 106 -73.87 -32.64 -7.31
N GLU S 107 -72.87 -33.47 -7.02
CA GLU S 107 -72.26 -34.32 -8.04
C GLU S 107 -71.69 -35.55 -7.36
N ARG S 108 -72.37 -36.68 -7.52
CA ARG S 108 -71.89 -37.93 -6.94
C ARG S 108 -70.57 -38.34 -7.58
N ALA S 109 -69.70 -38.94 -6.78
CA ALA S 109 -68.40 -39.37 -7.27
C ALA S 109 -68.53 -40.55 -8.22
N GLY T 2 36.85 1.54 -26.47
CA GLY T 2 35.86 1.63 -27.53
C GLY T 2 36.01 2.87 -28.39
N LYS T 3 36.26 2.66 -29.67
CA LYS T 3 36.43 3.76 -30.62
C LYS T 3 35.10 4.05 -31.32
N ILE T 4 34.17 4.58 -30.54
CA ILE T 4 32.84 4.91 -31.04
C ILE T 4 32.81 6.39 -31.40
N ARG T 5 32.39 6.70 -32.62
CA ARG T 5 32.33 8.08 -33.06
C ARG T 5 31.25 8.83 -32.30
N GLN T 6 31.48 10.13 -32.09
CA GLN T 6 30.55 10.95 -31.34
C GLN T 6 29.45 11.50 -32.23
N GLY T 7 28.30 11.77 -31.61
CA GLY T 7 27.12 12.14 -32.39
C GLY T 7 27.28 13.44 -33.14
N PHE T 8 27.77 14.48 -32.46
CA PHE T 8 27.85 15.79 -33.11
C PHE T 8 28.92 15.80 -34.20
N ILE T 9 29.96 14.99 -34.05
CA ILE T 9 30.93 14.81 -35.12
C ILE T 9 30.25 14.30 -36.37
N LYS T 10 29.45 13.24 -36.23
CA LYS T 10 28.73 12.70 -37.37
C LYS T 10 27.78 13.72 -37.96
N ARG T 11 27.06 14.45 -37.12
CA ARG T 11 26.08 15.41 -37.61
C ARG T 11 26.76 16.50 -38.44
N VAL T 12 27.83 17.10 -37.92
CA VAL T 12 28.49 18.17 -38.64
C VAL T 12 29.16 17.64 -39.90
N ALA T 13 29.70 16.41 -39.85
CA ALA T 13 30.32 15.83 -41.03
C ALA T 13 29.30 15.61 -42.14
N ARG T 14 28.12 15.10 -41.78
CA ARG T 14 27.07 14.90 -42.79
C ARG T 14 26.60 16.23 -43.35
N GLU T 15 26.46 17.25 -42.50
CA GLU T 15 26.04 18.55 -42.99
C GLU T 15 27.06 19.13 -43.97
N LEU T 16 28.35 19.01 -43.66
CA LEU T 16 29.37 19.53 -44.56
C LEU T 16 29.38 18.78 -45.89
N PHE T 17 29.18 17.46 -45.85
CA PHE T 17 29.27 16.66 -47.07
C PHE T 17 28.18 17.05 -48.07
N ASN T 18 26.95 17.25 -47.60
CA ASN T 18 25.86 17.57 -48.51
C ASN T 18 25.97 19.00 -49.03
N LYS T 19 26.45 19.92 -48.20
CA LYS T 19 26.52 21.32 -48.61
C LYS T 19 27.51 21.51 -49.75
N TYR T 20 28.66 20.85 -49.70
CA TYR T 20 29.69 20.95 -50.73
C TYR T 20 30.10 19.56 -51.17
N PRO T 21 29.24 18.87 -51.92
CA PRO T 21 29.59 17.51 -52.36
C PRO T 21 30.88 17.44 -53.16
N ASN T 22 31.13 18.43 -54.02
CA ASN T 22 32.31 18.45 -54.87
C ASN T 22 33.44 19.25 -54.21
N GLU T 23 33.78 18.92 -52.98
CA GLU T 23 34.83 19.63 -52.27
C GLU T 23 35.82 18.73 -51.55
N PHE T 24 35.51 17.45 -51.34
CA PHE T 24 36.35 16.55 -50.57
C PHE T 24 36.76 15.37 -51.43
N THR T 25 37.97 14.89 -51.20
CA THR T 25 38.53 13.76 -51.92
C THR T 25 38.79 12.62 -50.93
N ARG T 26 39.46 11.56 -51.42
CA ARG T 26 39.83 10.44 -50.58
C ARG T 26 41.20 10.62 -49.93
N ASP T 27 41.68 11.86 -49.84
CA ASP T 27 42.97 12.16 -49.22
C ASP T 27 42.72 12.85 -47.89
N PHE T 28 43.39 12.37 -46.84
CA PHE T 28 43.13 12.88 -45.50
C PHE T 28 43.58 14.33 -45.35
N GLU T 29 44.74 14.68 -45.90
CA GLU T 29 45.27 16.04 -45.72
C GLU T 29 44.37 17.08 -46.37
N HIS T 30 43.90 16.81 -47.59
CA HIS T 30 43.04 17.75 -48.29
C HIS T 30 41.76 18.00 -47.50
N ASN T 31 41.14 16.93 -47.01
CA ASN T 31 39.94 17.06 -46.20
C ASN T 31 40.22 17.80 -44.91
N LYS T 32 41.39 17.58 -44.31
CA LYS T 32 41.74 18.28 -43.08
C LYS T 32 41.80 19.79 -43.32
N LYS T 33 42.47 20.20 -44.40
CA LYS T 33 42.54 21.63 -44.70
C LYS T 33 41.17 22.20 -45.02
N LYS T 34 40.35 21.46 -45.77
CA LYS T 34 39.03 21.94 -46.12
C LYS T 34 38.16 22.13 -44.88
N VAL T 35 38.20 21.16 -43.96
CA VAL T 35 37.43 21.28 -42.73
C VAL T 35 37.94 22.45 -41.91
N GLU T 36 39.25 22.66 -41.88
CA GLU T 36 39.81 23.80 -41.17
C GLU T 36 39.27 25.12 -41.72
N GLU T 37 39.16 25.22 -43.04
CA GLU T 37 38.78 26.50 -43.64
C GLU T 37 37.28 26.72 -43.68
N LEU T 38 36.47 25.66 -43.67
CA LEU T 38 35.04 25.80 -43.88
C LEU T 38 34.23 25.89 -42.60
N THR T 39 34.84 25.77 -41.43
CA THR T 39 34.11 25.83 -40.17
C THR T 39 34.85 26.74 -39.20
N ASN T 40 34.32 26.83 -37.98
CA ASN T 40 34.92 27.63 -36.92
C ASN T 40 35.48 26.75 -35.81
N VAL T 41 35.80 25.49 -36.13
CA VAL T 41 36.34 24.58 -35.14
C VAL T 41 37.72 25.05 -34.70
N THR T 42 37.98 25.00 -33.40
CA THR T 42 39.25 25.44 -32.85
C THR T 42 40.11 24.30 -32.30
N SER T 43 39.51 23.17 -31.93
CA SER T 43 40.25 22.05 -31.38
C SER T 43 40.85 21.23 -32.52
N LYS T 44 42.16 20.94 -32.40
CA LYS T 44 42.84 20.18 -33.43
C LYS T 44 42.36 18.73 -33.48
N LYS T 45 41.97 18.18 -32.33
CA LYS T 45 41.49 16.80 -32.29
C LYS T 45 40.16 16.67 -33.03
N ILE T 46 39.21 17.58 -32.75
CA ILE T 46 37.89 17.52 -33.36
C ILE T 46 38.00 17.65 -34.87
N ARG T 47 38.91 18.51 -35.35
CA ARG T 47 39.12 18.66 -36.78
C ARG T 47 39.55 17.34 -37.40
N ASN T 48 40.47 16.62 -36.75
CA ASN T 48 40.93 15.34 -37.28
C ASN T 48 39.81 14.32 -37.31
N ARG T 49 38.99 14.27 -36.25
CA ARG T 49 37.87 13.33 -36.24
C ARG T 49 36.92 13.61 -37.40
N ILE T 50 36.57 14.88 -37.60
CA ILE T 50 35.63 15.24 -38.65
C ILE T 50 36.21 14.91 -40.02
N ALA T 51 37.49 15.23 -40.24
CA ALA T 51 38.10 14.96 -41.53
C ALA T 51 38.15 13.47 -41.82
N GLY T 52 38.48 12.65 -40.82
CA GLY T 52 38.50 11.21 -41.03
C GLY T 52 37.13 10.66 -41.39
N TYR T 53 36.09 11.11 -40.68
CA TYR T 53 34.75 10.62 -41.01
C TYR T 53 34.32 11.06 -42.39
N ILE T 54 34.68 12.29 -42.80
CA ILE T 54 34.35 12.75 -44.14
C ILE T 54 35.05 11.91 -45.19
N THR T 55 36.31 11.56 -44.95
CA THR T 55 37.03 10.69 -45.87
C THR T 55 36.32 9.35 -46.02
N LYS T 56 35.89 8.77 -44.89
CA LYS T 56 35.16 7.51 -44.96
C LYS T 56 33.87 7.66 -45.76
N LEU T 57 33.15 8.76 -45.54
CA LEU T 57 31.91 8.98 -46.28
C LEU T 57 32.16 9.09 -47.77
N VAL T 58 33.21 9.80 -48.17
CA VAL T 58 33.52 9.96 -49.58
C VAL T 58 33.80 8.60 -50.21
N ARG T 59 34.68 7.82 -49.58
CA ARG T 59 35.00 6.52 -50.16
C ARG T 59 33.81 5.57 -50.13
N MET T 60 32.88 5.76 -49.20
CA MET T 60 31.73 4.88 -49.12
C MET T 60 30.70 5.21 -50.21
N LYS T 61 30.45 6.50 -50.45
CA LYS T 61 29.52 6.87 -51.50
C LYS T 61 30.10 6.59 -52.88
N GLU T 62 31.40 6.81 -53.06
CA GLU T 62 32.03 6.51 -54.34
C GLU T 62 31.88 5.03 -54.69
N GLU T 63 32.07 4.16 -53.69
CA GLU T 63 31.83 2.74 -53.91
C GLU T 63 30.37 2.42 -54.20
N GLY T 64 29.46 3.31 -53.82
CA GLY T 64 28.05 3.11 -54.09
C GLY T 64 27.31 2.28 -53.07
N LYS T 65 27.93 1.98 -51.93
CA LYS T 65 27.31 1.18 -50.87
C LYS T 65 26.89 -0.20 -51.38
N LYS U 4 83.30 7.31 56.58
CA LYS U 4 81.85 7.29 56.42
C LYS U 4 81.31 8.70 56.24
N GLU U 5 82.20 9.69 56.27
CA GLU U 5 81.81 11.07 56.08
C GLU U 5 81.34 11.28 54.63
N PHE U 6 80.72 12.42 54.38
CA PHE U 6 80.17 12.74 53.08
C PHE U 6 81.18 13.56 52.28
N ARG U 7 81.41 13.14 51.04
CA ARG U 7 82.26 13.88 50.11
C ARG U 7 81.60 13.85 48.73
N TYR U 8 81.64 14.97 48.02
CA TYR U 8 80.95 15.07 46.74
C TYR U 8 81.87 14.92 45.55
N ARG U 9 83.06 15.51 45.58
CA ARG U 9 84.09 15.28 44.56
C ARG U 9 85.45 15.22 45.23
N GLY U 10 85.48 14.73 46.47
CA GLY U 10 86.66 14.85 47.30
C GLY U 10 86.62 16.03 48.25
N TYR U 11 85.47 16.70 48.38
CA TYR U 11 85.31 17.86 49.24
C TYR U 11 84.32 17.56 50.34
N THR U 12 84.59 18.07 51.54
CA THR U 12 83.65 17.92 52.64
C THR U 12 82.51 18.91 52.48
N LEU U 13 81.48 18.74 53.32
CA LEU U 13 80.33 19.64 53.28
C LEU U 13 80.73 21.07 53.62
N GLU U 14 81.61 21.24 54.60
CA GLU U 14 82.07 22.57 54.98
C GLU U 14 82.80 23.24 53.82
N GLN U 15 83.62 22.49 53.10
CA GLN U 15 84.31 23.05 51.94
C GLN U 15 83.32 23.47 50.87
N LEU U 16 82.25 22.70 50.66
CA LEU U 16 81.23 23.10 49.71
C LEU U 16 80.49 24.35 50.17
N MET U 17 80.35 24.54 51.49
CA MET U 17 79.67 25.73 51.99
C MET U 17 80.41 27.00 51.59
N ASN U 18 81.74 26.98 51.69
CA ASN U 18 82.55 28.17 51.41
C ASN U 18 83.02 28.18 49.95
N MET U 19 82.07 28.10 49.03
CA MET U 19 82.36 28.13 47.62
C MET U 19 81.45 29.13 46.92
N SER U 20 82.02 29.87 45.98
CA SER U 20 81.23 30.77 45.15
C SER U 20 80.32 29.95 44.23
N LEU U 21 79.25 30.59 43.77
CA LEU U 21 78.29 29.89 42.92
C LEU U 21 78.93 29.43 41.62
N GLU U 22 79.81 30.25 41.05
CA GLU U 22 80.52 29.84 39.84
C GLU U 22 81.45 28.66 40.11
N GLU U 23 82.14 28.68 41.26
CA GLU U 23 83.05 27.59 41.59
C GLU U 23 82.29 26.28 41.78
N LEU U 24 81.13 26.34 42.42
CA LEU U 24 80.35 25.12 42.65
C LEU U 24 79.87 24.51 41.35
N ALA U 25 79.55 25.32 40.35
CA ALA U 25 78.96 24.81 39.11
C ALA U 25 79.93 23.90 38.36
N LYS U 26 81.23 24.04 38.60
CA LYS U 26 82.20 23.20 37.90
C LYS U 26 82.20 21.76 38.40
N LEU U 27 81.50 21.48 39.51
CA LEU U 27 81.42 20.14 40.04
C LEU U 27 80.11 19.43 39.72
N LEU U 28 79.06 20.18 39.42
CA LEU U 28 77.77 19.60 39.07
C LEU U 28 77.80 19.04 37.66
N PRO U 29 76.84 18.17 37.30
CA PRO U 29 76.76 17.70 35.92
C PRO U 29 76.45 18.80 34.92
N ALA U 30 76.40 18.44 33.63
CA ALA U 30 76.28 19.44 32.59
C ALA U 30 74.96 20.20 32.67
N ARG U 31 73.86 19.50 32.93
CA ARG U 31 72.55 20.14 32.97
C ARG U 31 72.47 21.19 34.06
N GLN U 32 72.91 20.86 35.26
CA GLN U 32 72.88 21.81 36.36
C GLN U 32 73.82 22.98 36.10
N ARG U 33 74.99 22.70 35.51
CA ARG U 33 75.92 23.78 35.20
C ARG U 33 75.32 24.76 34.20
N ARG U 34 74.65 24.25 33.16
CA ARG U 34 74.00 25.15 32.21
C ARG U 34 72.88 25.92 32.88
N SER U 35 72.07 25.27 33.72
CA SER U 35 70.97 25.97 34.37
C SER U 35 71.47 27.09 35.27
N LEU U 36 72.54 26.83 36.02
CA LEU U 36 73.10 27.88 36.87
C LEU U 36 73.76 28.98 36.06
N LYS U 37 74.37 28.62 34.93
CA LYS U 37 75.07 29.61 34.12
C LYS U 37 74.10 30.61 33.50
N ARG U 38 72.85 30.21 33.28
CA ARG U 38 71.85 31.10 32.70
C ARG U 38 71.13 31.95 33.75
N GLY U 39 71.42 31.75 35.02
CA GLY U 39 70.82 32.54 36.07
C GLY U 39 69.52 31.94 36.60
N LEU U 40 69.06 32.49 37.71
CA LEU U 40 67.86 32.02 38.37
C LEU U 40 66.64 32.84 37.97
N THR U 41 65.50 32.17 37.91
CA THR U 41 64.24 32.86 37.68
C THR U 41 63.84 33.65 38.91
N PRO U 42 62.99 34.67 38.76
CA PRO U 42 62.62 35.50 39.92
C PRO U 42 62.00 34.70 41.06
N GLU U 43 61.17 33.68 40.74
CA GLU U 43 60.60 32.85 41.79
C GLU U 43 61.68 32.15 42.58
N GLN U 44 62.68 31.62 41.89
CA GLN U 44 63.80 30.97 42.59
C GLN U 44 64.58 31.99 43.41
N LYS U 45 64.65 33.24 42.95
CA LYS U 45 65.29 34.28 43.74
C LYS U 45 64.55 34.50 45.05
N LYS U 46 63.22 34.58 45.00
CA LYS U 46 62.46 34.74 46.22
C LYS U 46 62.62 33.55 47.16
N LEU U 47 62.60 32.34 46.59
CA LEU U 47 62.76 31.14 47.41
C LEU U 47 64.13 31.12 48.08
N LEU U 48 65.18 31.48 47.33
CA LEU U 48 66.53 31.53 47.90
C LEU U 48 66.63 32.58 48.99
N ARG U 49 65.98 33.72 48.80
CA ARG U 49 65.98 34.74 49.84
C ARG U 49 65.33 34.21 51.12
N LYS U 50 64.20 33.50 50.97
CA LYS U 50 63.55 32.93 52.15
C LYS U 50 64.44 31.90 52.82
N ILE U 51 65.12 31.07 52.04
CA ILE U 51 65.98 30.04 52.61
C ILE U 51 67.13 30.67 53.39
N ARG U 52 67.78 31.68 52.81
CA ARG U 52 68.87 32.35 53.51
C ARG U 52 68.38 33.04 54.77
N LEU U 53 67.19 33.66 54.70
CA LEU U 53 66.62 34.29 55.88
C LEU U 53 66.37 33.27 56.99
N ALA U 54 65.87 32.09 56.62
CA ALA U 54 65.67 31.04 57.60
C ALA U 54 66.99 30.58 58.20
N LYS U 55 68.03 30.49 57.37
CA LYS U 55 69.34 30.08 57.87
C LYS U 55 69.90 31.11 58.84
N LYS U 56 69.63 32.39 58.61
CA LYS U 56 70.14 33.44 59.50
C LYS U 56 69.52 33.38 60.89
N GLY U 57 68.47 32.60 61.10
CA GLY U 57 67.81 32.52 62.39
C GLY U 57 66.46 33.17 62.45
N LYS U 58 65.95 33.67 61.32
CA LYS U 58 64.65 34.30 61.25
C LYS U 58 63.70 33.40 60.46
N TYR U 59 62.48 33.87 60.27
CA TYR U 59 61.47 33.13 59.52
C TYR U 59 61.27 31.73 60.07
N ASN U 60 60.74 31.63 61.29
CA ASN U 60 60.48 30.33 61.91
C ASN U 60 59.12 29.79 61.52
N LYS U 61 58.92 29.60 60.22
CA LYS U 61 57.66 29.10 59.66
C LYS U 61 57.96 28.03 58.62
N PRO U 62 56.98 27.19 58.31
CA PRO U 62 57.17 26.21 57.22
C PRO U 62 57.43 26.92 55.90
N ILE U 63 58.30 26.31 55.09
CA ILE U 63 58.66 26.84 53.79
C ILE U 63 57.95 25.99 52.74
N ARG U 64 57.01 26.61 52.02
CA ARG U 64 56.23 25.93 51.00
C ARG U 64 56.45 26.62 49.66
N THR U 65 56.53 25.83 48.59
CA THR U 65 56.87 26.41 47.30
C THR U 65 56.17 25.67 46.17
N HIS U 66 56.06 26.37 45.03
CA HIS U 66 55.63 25.79 43.77
C HIS U 66 56.81 25.48 42.86
N CYS U 67 58.02 25.90 43.22
CA CYS U 67 59.18 25.83 42.32
C CYS U 67 59.70 24.40 42.31
N ARG U 68 59.08 23.55 41.49
CA ARG U 68 59.50 22.17 41.37
C ARG U 68 60.82 22.02 40.64
N ASP U 69 61.28 23.05 39.94
CA ASP U 69 62.49 22.99 39.14
C ASP U 69 63.67 23.71 39.79
N MET U 70 63.64 23.87 41.11
CA MET U 70 64.76 24.46 41.82
C MET U 70 65.83 23.40 42.10
N ILE U 71 67.08 23.76 41.87
CA ILE U 71 68.20 22.86 42.08
C ILE U 71 68.63 22.92 43.53
N VAL U 72 68.83 21.75 44.14
CA VAL U 72 69.22 21.67 45.54
C VAL U 72 70.67 22.11 45.67
N LEU U 73 70.92 23.02 46.60
CA LEU U 73 72.23 23.61 46.85
C LEU U 73 72.77 23.19 48.20
N PRO U 74 74.09 23.20 48.38
CA PRO U 74 74.66 22.76 49.67
C PRO U 74 74.19 23.57 50.86
N GLU U 75 73.89 24.86 50.68
CA GLU U 75 73.45 25.68 51.80
C GLU U 75 72.02 25.39 52.22
N MET U 76 71.30 24.56 51.47
CA MET U 76 69.94 24.18 51.83
C MET U 76 69.87 22.94 52.70
N VAL U 77 71.00 22.32 53.01
CA VAL U 77 71.00 21.06 53.76
C VAL U 77 70.59 21.32 55.20
N GLY U 78 69.66 20.51 55.70
CA GLY U 78 69.20 20.59 57.07
C GLY U 78 67.80 21.13 57.23
N LEU U 79 67.22 21.71 56.20
CA LEU U 79 65.89 22.27 56.28
C LEU U 79 64.85 21.28 55.80
N THR U 80 63.58 21.67 55.93
CA THR U 80 62.46 20.90 55.43
C THR U 80 61.61 21.80 54.54
N ILE U 81 61.31 21.35 53.33
CA ILE U 81 60.63 22.14 52.33
C ILE U 81 59.40 21.38 51.86
N TYR U 82 58.31 22.09 51.61
CA TYR U 82 57.05 21.52 51.19
C TYR U 82 56.83 21.85 49.72
N VAL U 83 56.96 20.83 48.86
CA VAL U 83 56.90 21.00 47.42
C VAL U 83 55.52 20.61 46.92
N HIS U 84 54.90 21.49 46.16
CA HIS U 84 53.59 21.21 45.58
C HIS U 84 53.70 20.07 44.59
N ASN U 85 52.73 19.14 44.64
CA ASN U 85 52.72 17.99 43.74
C ASN U 85 51.50 17.99 42.83
N GLY U 86 50.78 19.12 42.76
CA GLY U 86 49.58 19.19 41.95
C GLY U 86 48.36 19.48 42.78
N LYS U 87 48.26 18.87 43.97
CA LYS U 87 47.15 19.13 44.86
C LYS U 87 47.53 19.34 46.31
N GLU U 88 48.77 19.08 46.72
CA GLU U 88 49.16 19.24 48.11
C GLU U 88 50.66 19.44 48.21
N PHE U 89 51.09 19.96 49.35
CA PHE U 89 52.51 20.18 49.64
C PHE U 89 53.01 19.02 50.49
N VAL U 90 54.02 18.31 49.99
CA VAL U 90 54.56 17.16 50.72
C VAL U 90 55.89 17.56 51.35
N PRO U 91 56.20 17.08 52.55
CA PRO U 91 57.44 17.49 53.21
C PRO U 91 58.64 16.71 52.70
N VAL U 92 59.75 17.42 52.48
CA VAL U 92 61.00 16.84 52.03
C VAL U 92 62.09 17.25 52.99
N GLU U 93 62.81 16.28 53.55
CA GLU U 93 63.92 16.54 54.45
C GLU U 93 65.21 16.46 53.64
N ILE U 94 65.91 17.59 53.51
CA ILE U 94 67.07 17.66 52.62
C ILE U 94 68.26 16.98 53.29
N LYS U 95 68.81 15.98 52.61
CA LYS U 95 69.99 15.24 53.02
C LYS U 95 71.17 15.66 52.16
N PRO U 96 72.40 15.48 52.66
CA PRO U 96 73.57 15.90 51.86
C PRO U 96 73.66 15.25 50.50
N GLU U 97 73.21 14.00 50.36
CA GLU U 97 73.29 13.32 49.07
C GLU U 97 72.26 13.80 48.06
N MET U 98 71.48 14.83 48.39
CA MET U 98 70.51 15.39 47.45
C MET U 98 71.08 16.54 46.63
N ILE U 99 72.37 16.85 46.78
CA ILE U 99 72.95 17.99 46.09
C ILE U 99 72.95 17.72 44.60
N GLY U 100 72.42 18.67 43.83
CA GLY U 100 72.41 18.59 42.38
C GLY U 100 71.12 18.12 41.76
N HIS U 101 70.12 17.77 42.54
CA HIS U 101 68.86 17.27 42.02
C HIS U 101 67.77 18.34 42.10
N TYR U 102 66.78 18.21 41.22
CA TYR U 102 65.62 19.09 41.28
C TYR U 102 64.71 18.70 42.44
N LEU U 103 63.99 19.69 42.97
CA LEU U 103 63.08 19.43 44.06
C LEU U 103 61.96 18.48 43.64
N GLY U 104 61.44 18.66 42.42
CA GLY U 104 60.31 17.87 41.98
C GLY U 104 60.59 16.38 41.92
N GLU U 105 61.87 15.98 41.95
CA GLU U 105 62.19 14.57 41.96
C GLU U 105 61.73 13.87 43.23
N PHE U 106 61.44 14.63 44.30
CA PHE U 106 61.09 14.04 45.57
C PHE U 106 59.61 14.21 45.92
N ALA U 107 58.80 14.69 44.98
CA ALA U 107 57.36 14.89 45.21
C ALA U 107 56.60 14.26 44.06
N PRO U 108 56.33 12.95 44.14
CA PRO U 108 55.65 12.27 43.04
C PRO U 108 54.26 12.85 42.78
N THR U 109 53.88 12.87 41.50
CA THR U 109 52.62 13.46 41.07
C THR U 109 51.54 12.44 40.77
N ARG U 110 51.90 11.18 40.57
CA ARG U 110 50.93 10.13 40.25
C ARG U 110 50.92 9.09 41.35
N LYS U 111 49.75 8.47 41.55
CA LYS U 111 49.58 7.44 42.56
C LYS U 111 49.87 6.07 41.96
N ARG U 112 50.48 5.21 42.77
CA ARG U 112 50.85 3.88 42.30
C ARG U 112 49.60 3.08 41.91
N VAL U 113 49.74 2.26 40.87
CA VAL U 113 48.61 1.59 40.26
C VAL U 113 48.46 0.19 40.84
N GLN U 114 47.24 -0.15 41.24
CA GLN U 114 46.86 -1.51 41.64
C GLN U 114 45.66 -1.92 40.78
N HIS U 115 45.88 -2.89 39.91
CA HIS U 115 44.88 -3.22 38.89
C HIS U 115 43.76 -4.08 39.47
N GLY U 116 42.53 -3.78 39.01
CA GLY U 116 41.37 -4.59 39.34
C GLY U 116 41.03 -5.57 38.24
N ALA U 117 39.83 -6.11 38.32
CA ALA U 117 39.39 -7.10 37.35
C ALA U 117 39.11 -6.42 36.00
N PRO U 118 39.58 -7.00 34.90
CA PRO U 118 39.27 -6.42 33.58
C PRO U 118 37.77 -6.37 33.34
N GLY U 119 37.32 -5.28 32.73
CA GLY U 119 35.91 -5.03 32.52
C GLY U 119 35.41 -5.57 31.20
N ILE U 120 34.16 -5.24 30.90
CA ILE U 120 33.54 -5.68 29.64
C ILE U 120 34.14 -4.90 28.48
N GLY U 121 34.55 -5.63 27.44
CA GLY U 121 35.24 -5.04 26.32
C GLY U 121 36.75 -5.07 26.41
N ALA U 122 37.31 -5.68 27.45
CA ALA U 122 38.76 -5.80 27.58
C ALA U 122 39.33 -6.87 26.66
N THR U 123 38.53 -7.82 26.20
CA THR U 123 38.98 -8.84 25.26
C THR U 123 38.00 -8.90 24.10
N ARG U 124 38.39 -9.65 23.07
CA ARG U 124 37.54 -9.77 21.88
C ARG U 124 36.22 -10.44 22.21
N SER U 125 36.25 -11.47 23.05
CA SER U 125 35.07 -12.25 23.38
C SER U 125 34.17 -11.59 24.41
N SER U 126 34.65 -10.54 25.10
CA SER U 126 33.88 -9.91 26.15
C SER U 126 33.04 -8.73 25.66
N MET U 127 33.13 -8.37 24.39
CA MET U 127 32.37 -7.24 23.85
C MET U 127 30.94 -7.65 23.55
N ALA V 2 100.43 11.50 -19.23
CA ALA V 2 99.53 10.86 -18.28
C ALA V 2 99.15 11.81 -17.16
N THR V 3 97.88 11.80 -16.79
CA THR V 3 97.36 12.63 -15.71
C THR V 3 96.60 11.77 -14.72
N VAL V 4 96.05 12.42 -13.69
CA VAL V 4 95.26 11.71 -12.69
C VAL V 4 94.02 11.09 -13.31
N TYR V 5 93.49 11.72 -14.36
CA TYR V 5 92.26 11.23 -14.99
C TYR V 5 92.45 9.89 -15.70
N ASP V 6 93.69 9.43 -15.91
CA ASP V 6 93.95 8.26 -16.73
C ASP V 6 94.08 6.97 -15.93
N VAL V 7 93.92 7.01 -14.61
CA VAL V 7 94.16 5.81 -13.80
C VAL V 7 93.00 5.65 -12.82
N PRO V 8 92.73 4.41 -12.39
CA PRO V 8 91.73 4.19 -11.35
C PRO V 8 92.10 4.88 -10.06
N GLY V 9 91.08 5.37 -9.36
CA GLY V 9 91.34 6.20 -8.18
C GLY V 9 92.00 5.45 -7.03
N ASP V 10 91.52 4.24 -6.72
CA ASP V 10 91.97 3.57 -5.52
C ASP V 10 93.42 3.12 -5.63
N LEU V 11 93.83 2.64 -6.80
CA LEU V 11 95.23 2.27 -6.97
C LEU V 11 96.14 3.48 -6.80
N LEU V 12 95.75 4.61 -7.37
CA LEU V 12 96.53 5.83 -7.22
C LEU V 12 96.60 6.26 -5.77
N VAL V 13 95.49 6.15 -5.04
CA VAL V 13 95.49 6.52 -3.63
C VAL V 13 96.44 5.63 -2.85
N GLU V 14 96.43 4.33 -3.15
CA GLU V 14 97.35 3.41 -2.48
C GLU V 14 98.80 3.79 -2.73
N ARG V 15 99.15 4.04 -3.99
CA ARG V 15 100.52 4.39 -4.33
C ARG V 15 100.94 5.70 -3.66
N VAL V 16 100.06 6.70 -3.68
CA VAL V 16 100.38 7.99 -3.07
C VAL V 16 100.52 7.85 -1.56
N ALA V 17 99.68 7.02 -0.94
CA ALA V 17 99.80 6.80 0.50
C ALA V 17 101.14 6.15 0.85
N GLN V 18 101.57 5.19 0.03
CA GLN V 18 102.87 4.59 0.27
C GLN V 18 103.99 5.61 0.09
N ARG V 19 103.86 6.50 -0.90
CA ARG V 19 104.91 7.48 -1.16
C ARG V 19 104.96 8.58 -0.10
N LEU V 20 103.82 8.91 0.51
CA LEU V 20 103.76 10.06 1.41
C LEU V 20 104.53 9.85 2.71
N LYS V 21 104.92 8.63 3.03
CA LYS V 21 105.62 8.38 4.29
C LYS V 21 107.03 8.94 4.31
N GLU V 22 107.54 9.40 3.16
CA GLU V 22 108.88 9.96 3.09
C GLU V 22 108.92 11.46 3.37
N ILE V 23 107.77 12.11 3.46
CA ILE V 23 107.70 13.56 3.66
C ILE V 23 107.75 13.83 5.16
N PRO V 24 108.77 14.52 5.68
CA PRO V 24 108.86 14.71 7.13
C PRO V 24 107.72 15.51 7.73
N GLU V 25 107.05 16.36 6.96
CA GLU V 25 106.01 17.22 7.50
C GLU V 25 104.69 16.51 7.74
N ILE V 26 104.55 15.27 7.26
CA ILE V 26 103.31 14.51 7.43
C ILE V 26 103.52 13.56 8.60
N LYS V 27 102.81 13.82 9.70
CA LYS V 27 102.88 12.98 10.87
C LYS V 27 101.49 12.90 11.49
N PRO V 28 101.04 11.71 11.90
CA PRO V 28 99.77 11.61 12.59
C PRO V 28 99.81 12.38 13.91
N PRO V 29 98.71 13.02 14.29
CA PRO V 29 98.69 13.73 15.56
C PRO V 29 98.74 12.77 16.73
N GLU V 30 98.88 13.33 17.93
CA GLU V 30 99.05 12.51 19.12
C GLU V 30 97.77 11.81 19.56
N TRP V 31 96.61 12.34 19.19
CA TRP V 31 95.34 11.70 19.51
C TRP V 31 94.86 10.75 18.43
N ALA V 32 95.66 10.51 17.39
CA ALA V 32 95.26 9.62 16.32
C ALA V 32 94.89 8.20 16.75
N PRO V 33 95.64 7.53 17.63
CA PRO V 33 95.33 6.12 17.91
C PRO V 33 94.04 5.88 18.68
N PHE V 34 93.24 6.91 18.99
CA PHE V 34 92.12 6.74 19.90
C PHE V 34 90.77 7.18 19.34
N VAL V 35 90.68 7.55 18.07
CA VAL V 35 89.46 8.22 17.59
C VAL V 35 88.87 7.45 16.42
N LYS V 36 87.58 7.68 16.20
CA LYS V 36 86.88 7.22 15.01
C LYS V 36 86.89 8.32 13.96
N THR V 37 86.64 7.91 12.71
CA THR V 37 86.58 8.86 11.60
C THR V 37 85.13 9.25 11.29
N GLY V 38 84.45 9.77 12.31
CA GLY V 38 83.09 10.24 12.12
C GLY V 38 82.06 9.62 13.04
N ARG V 39 80.99 10.37 13.32
CA ARG V 39 79.95 9.91 14.23
C ARG V 39 79.14 8.75 13.66
N HIS V 40 79.18 8.53 12.36
CA HIS V 40 78.40 7.46 11.75
C HIS V 40 79.13 6.12 11.75
N LYS V 41 80.41 6.10 12.12
CA LYS V 41 81.15 4.86 12.24
C LYS V 41 80.88 4.21 13.59
N GLU V 42 81.40 3.00 13.75
CA GLU V 42 81.17 2.22 14.97
C GLU V 42 82.45 1.77 15.66
N ARG V 43 83.49 1.45 14.89
CA ARG V 43 84.73 0.92 15.45
C ARG V 43 85.90 1.70 14.90
N LEU V 44 87.03 1.62 15.61
CA LEU V 44 88.22 2.35 15.23
C LEU V 44 88.80 1.78 13.95
N PRO V 45 89.57 2.59 13.21
CA PRO V 45 90.23 2.07 12.01
C PRO V 45 91.18 0.94 12.34
N GLU V 46 91.23 -0.05 11.46
CA GLU V 46 92.01 -1.26 11.69
C GLU V 46 93.44 -1.16 11.19
N GLN V 47 93.69 -0.39 10.13
CA GLN V 47 95.04 -0.20 9.61
C GLN V 47 95.84 0.67 10.57
N GLU V 48 97.08 0.28 10.82
CA GLU V 48 97.92 1.05 11.73
C GLU V 48 98.43 2.35 11.10
N ASP V 49 98.25 2.51 9.80
CA ASP V 49 98.70 3.70 9.08
C ASP V 49 97.57 4.30 8.24
N TRP V 50 96.39 4.42 8.83
CA TRP V 50 95.26 5.00 8.14
C TRP V 50 95.43 6.49 7.88
N TRP V 51 96.28 7.16 8.67
CA TRP V 51 96.48 8.60 8.51
C TRP V 51 97.00 8.93 7.12
N TYR V 52 97.96 8.15 6.62
CA TYR V 52 98.52 8.40 5.31
C TYR V 52 97.50 8.18 4.21
N TYR V 53 96.65 7.15 4.36
CA TYR V 53 95.59 6.93 3.38
C TYR V 53 94.63 8.11 3.34
N ARG V 54 94.22 8.59 4.51
CA ARG V 54 93.31 9.73 4.54
C ARG V 54 93.94 10.97 3.92
N VAL V 55 95.22 11.22 4.23
CA VAL V 55 95.90 12.39 3.67
C VAL V 55 96.01 12.30 2.16
N ALA V 56 96.37 11.11 1.65
CA ALA V 56 96.47 10.94 0.21
C ALA V 56 95.12 11.14 -0.47
N SER V 57 94.06 10.60 0.13
CA SER V 57 92.73 10.81 -0.43
C SER V 57 92.37 12.28 -0.47
N ILE V 58 92.67 13.02 0.61
CA ILE V 58 92.36 14.45 0.65
C ILE V 58 93.15 15.19 -0.43
N LEU V 59 94.41 14.83 -0.62
CA LEU V 59 95.22 15.49 -1.63
C LEU V 59 94.65 15.28 -3.02
N ARG V 60 94.30 14.03 -3.35
CA ARG V 60 93.70 13.76 -4.66
C ARG V 60 92.35 14.48 -4.80
N ARG V 61 91.60 14.59 -3.70
CA ARG V 61 90.33 15.30 -3.73
C ARG V 61 90.54 16.77 -4.06
N VAL V 62 91.54 17.39 -3.45
CA VAL V 62 91.82 18.80 -3.72
C VAL V 62 92.28 18.98 -5.15
N TYR V 63 93.04 18.01 -5.68
CA TYR V 63 93.49 18.10 -7.07
C TYR V 63 92.31 18.21 -8.04
N LEU V 64 91.24 17.47 -7.79
CA LEU V 64 90.15 17.35 -8.76
C LEU V 64 89.07 18.41 -8.59
N ASP V 65 88.86 18.93 -7.38
CA ASP V 65 87.71 19.78 -7.11
C ASP V 65 88.06 21.12 -6.48
N GLY V 66 89.33 21.50 -6.44
CA GLY V 66 89.71 22.76 -5.84
C GLY V 66 89.20 23.94 -6.63
N PRO V 67 88.95 25.07 -5.95
CA PRO V 67 89.07 25.27 -4.50
C PRO V 67 87.91 24.65 -3.71
N VAL V 68 88.19 24.23 -2.48
CA VAL V 68 87.19 23.56 -1.64
C VAL V 68 87.59 23.73 -0.19
N GLY V 69 86.60 23.81 0.69
CA GLY V 69 86.82 24.05 2.09
C GLY V 69 86.51 22.85 2.97
N ILE V 70 86.43 23.11 4.27
CA ILE V 70 86.29 22.05 5.26
C ILE V 70 84.90 21.42 5.18
N GLU V 71 83.86 22.25 5.05
CA GLU V 71 82.50 21.75 5.17
C GLU V 71 82.15 20.77 4.05
N ARG V 72 82.54 21.09 2.81
CA ARG V 72 82.22 20.21 1.71
C ARG V 72 82.97 18.89 1.82
N LEU V 73 84.21 18.93 2.29
CA LEU V 73 84.94 17.69 2.56
C LEU V 73 84.27 16.88 3.66
N ARG V 74 83.77 17.56 4.70
CA ARG V 74 83.01 16.86 5.74
C ARG V 74 81.81 16.16 5.14
N THR V 75 81.14 16.81 4.19
CA THR V 75 80.03 16.15 3.49
C THR V 75 80.52 14.94 2.73
N TYR V 76 81.70 15.04 2.08
CA TYR V 76 82.18 13.94 1.26
C TYR V 76 82.48 12.69 2.10
N TYR V 77 83.00 12.87 3.30
CA TYR V 77 83.43 11.75 4.12
C TYR V 77 82.37 11.26 5.09
N GLY V 78 81.14 11.74 4.97
CA GLY V 78 80.04 11.23 5.76
C GLY V 78 79.56 9.89 5.22
N GLY V 79 78.43 9.46 5.75
CA GLY V 79 77.89 8.18 5.32
C GLY V 79 76.64 7.81 6.08
N ARG V 80 76.19 6.57 5.85
CA ARG V 80 74.98 6.07 6.45
C ARG V 80 75.27 5.48 7.83
N LYS V 81 74.37 5.76 8.77
CA LYS V 81 74.49 5.32 10.15
C LYS V 81 73.29 4.45 10.51
N ASN V 82 73.58 3.35 11.20
CA ASN V 82 72.59 2.45 11.78
C ASN V 82 72.25 2.93 13.19
N ARG V 83 70.96 3.18 13.43
CA ARG V 83 70.51 3.83 14.65
C ARG V 83 69.67 2.90 15.52
N GLY V 84 70.09 1.64 15.61
CA GLY V 84 69.36 0.72 16.47
C GLY V 84 68.00 0.38 15.90
N HIS V 85 66.95 0.77 16.64
CA HIS V 85 65.59 0.49 16.21
C HIS V 85 65.05 1.54 15.24
N ALA V 86 65.78 2.60 14.98
CA ALA V 86 65.34 3.64 14.06
C ALA V 86 65.95 3.44 12.68
N PRO V 87 65.31 3.94 11.63
CA PRO V 87 65.85 3.78 10.28
C PRO V 87 67.18 4.50 10.11
N GLU V 88 67.96 4.00 9.16
CA GLU V 88 69.30 4.51 8.90
C GLU V 88 69.25 5.93 8.35
N ARG V 89 70.31 6.70 8.62
CA ARG V 89 70.31 8.08 8.15
C ARG V 89 71.71 8.52 7.75
N PHE V 90 71.77 9.54 6.90
CA PHE V 90 73.06 10.09 6.47
C PHE V 90 73.56 11.11 7.48
N TYR V 91 74.88 11.13 7.68
CA TYR V 91 75.51 12.09 8.57
C TYR V 91 76.87 12.51 8.03
N LYS V 92 77.30 13.70 8.43
CA LYS V 92 78.60 14.23 8.07
C LYS V 92 79.69 13.68 8.99
N ALA V 93 80.93 13.97 8.63
CA ALA V 93 82.07 13.53 9.43
C ALA V 93 82.54 14.67 10.33
N GLY V 94 83.60 14.39 11.09
CA GLY V 94 84.18 15.39 11.97
C GLY V 94 85.06 16.37 11.22
N GLY V 95 85.59 17.33 11.97
CA GLY V 95 86.36 18.39 11.35
C GLY V 95 87.85 18.39 11.66
N SER V 96 88.25 17.85 12.81
CA SER V 96 89.63 17.95 13.23
C SER V 96 90.58 17.25 12.27
N ILE V 97 90.22 16.04 11.83
CA ILE V 97 91.09 15.26 10.97
C ILE V 97 91.34 16.00 9.66
N ILE V 98 90.28 16.51 9.04
CA ILE V 98 90.40 17.18 7.75
C ILE V 98 91.23 18.45 7.88
N ARG V 99 90.96 19.25 8.92
CA ARG V 99 91.69 20.49 9.09
C ARG V 99 93.17 20.24 9.33
N LYS V 100 93.49 19.27 10.18
CA LYS V 100 94.89 18.96 10.44
C LYS V 100 95.58 18.45 9.19
N ALA V 101 94.91 17.60 8.41
CA ALA V 101 95.50 17.09 7.18
C ALA V 101 95.77 18.23 6.20
N LEU V 102 94.83 19.16 6.05
CA LEU V 102 95.02 20.26 5.13
C LEU V 102 96.18 21.16 5.58
N GLN V 103 96.27 21.42 6.89
CA GLN V 103 97.37 22.25 7.37
C GLN V 103 98.71 21.58 7.15
N GLN V 104 98.79 20.27 7.38
CA GLN V 104 100.05 19.56 7.12
C GLN V 104 100.41 19.57 5.64
N LEU V 105 99.42 19.37 4.77
CA LEU V 105 99.69 19.43 3.33
C LEU V 105 100.19 20.81 2.92
N GLU V 106 99.59 21.87 3.48
CA GLU V 106 100.07 23.20 3.18
C GLU V 106 101.49 23.41 3.67
N ALA V 107 101.81 22.90 4.87
CA ALA V 107 103.18 22.99 5.37
C ALA V 107 104.15 22.23 4.47
N ALA V 108 103.69 21.17 3.83
CA ALA V 108 104.53 20.42 2.90
C ALA V 108 104.68 21.13 1.55
N GLY V 109 103.91 22.18 1.30
CA GLY V 109 104.02 22.92 0.06
C GLY V 109 103.21 22.37 -1.10
N PHE V 110 102.24 21.51 -0.84
CA PHE V 110 101.47 20.90 -1.92
C PHE V 110 100.18 21.65 -2.23
N VAL V 111 99.60 22.35 -1.25
CA VAL V 111 98.38 23.12 -1.45
C VAL V 111 98.60 24.53 -0.91
N GLU V 112 97.73 25.44 -1.35
CA GLU V 112 97.78 26.81 -0.89
C GLU V 112 96.34 27.31 -0.70
N LYS V 113 96.21 28.42 0.01
CA LYS V 113 94.92 28.91 0.46
C LYS V 113 94.50 30.10 -0.40
N VAL V 114 93.32 30.01 -1.00
CA VAL V 114 92.71 31.10 -1.74
C VAL V 114 91.70 31.78 -0.83
N PRO V 115 91.88 33.06 -0.47
CA PRO V 115 91.06 33.67 0.57
C PRO V 115 89.60 33.75 0.18
N GLY V 116 88.73 33.35 1.09
CA GLY V 116 87.30 33.35 0.85
C GLY V 116 86.80 32.28 -0.08
N LYS V 117 87.68 31.42 -0.59
CA LYS V 117 87.30 30.40 -1.55
C LYS V 117 87.71 28.99 -1.14
N GLY V 118 88.85 28.82 -0.49
CA GLY V 118 89.23 27.50 -0.05
C GLY V 118 90.70 27.18 -0.24
N ARG V 119 91.01 25.98 -0.73
CA ARG V 119 92.39 25.57 -0.96
C ARG V 119 92.53 24.95 -2.33
N VAL V 120 93.64 25.25 -2.98
CA VAL V 120 93.92 24.78 -4.34
C VAL V 120 95.29 24.11 -4.37
N ILE V 121 95.53 23.40 -5.46
CA ILE V 121 96.75 22.62 -5.62
C ILE V 121 97.84 23.49 -6.24
N THR V 122 99.02 23.47 -5.65
CA THR V 122 100.17 24.20 -6.15
C THR V 122 100.82 23.44 -7.30
N PRO V 123 101.63 24.12 -8.12
CA PRO V 123 102.34 23.39 -9.19
C PRO V 123 103.18 22.24 -8.68
N LYS V 124 103.82 22.40 -7.51
CA LYS V 124 104.62 21.32 -6.95
C LYS V 124 103.77 20.08 -6.67
N GLY V 125 102.60 20.27 -6.07
CA GLY V 125 101.73 19.14 -5.79
C GLY V 125 101.19 18.50 -7.06
N ARG V 126 100.86 19.33 -8.07
CA ARG V 126 100.39 18.77 -9.33
C ARG V 126 101.45 17.91 -9.99
N SER V 127 102.70 18.38 -10.00
CA SER V 127 103.80 17.56 -10.53
C SER V 127 103.96 16.28 -9.71
N PHE V 128 103.87 16.39 -8.38
CA PHE V 128 104.04 15.23 -7.51
C PHE V 128 103.00 14.16 -7.82
N LEU V 129 101.74 14.57 -8.04
CA LEU V 129 100.70 13.59 -8.34
C LEU V 129 100.84 13.04 -9.75
N ASP V 130 101.12 13.91 -10.73
CA ASP V 130 101.17 13.46 -12.12
C ASP V 130 102.33 12.50 -12.37
N LYS V 131 103.46 12.68 -11.67
CA LYS V 131 104.57 11.76 -11.86
C LYS V 131 104.21 10.35 -11.43
N ILE V 132 103.57 10.22 -10.25
CA ILE V 132 103.14 8.92 -9.78
C ILE V 132 102.09 8.33 -10.70
N ALA V 133 101.18 9.17 -11.20
CA ALA V 133 100.17 8.67 -12.14
C ALA V 133 100.82 8.13 -13.40
N THR V 134 101.82 8.83 -13.93
CA THR V 134 102.53 8.35 -15.11
C THR V 134 103.23 7.03 -14.85
N GLU V 135 103.87 6.90 -13.69
CA GLU V 135 104.53 5.64 -13.36
C GLU V 135 103.53 4.49 -13.28
N LEU V 136 102.39 4.73 -12.62
CA LEU V 136 101.38 3.70 -12.49
C LEU V 136 100.82 3.31 -13.86
N LYS V 137 100.60 4.28 -14.74
CA LYS V 137 100.09 3.96 -16.07
C LYS V 137 101.11 3.18 -16.88
N LYS V 138 102.40 3.51 -16.75
CA LYS V 138 103.43 2.73 -17.44
C LYS V 138 103.40 1.29 -16.97
N GLU V 139 103.26 1.07 -15.66
CA GLU V 139 103.14 -0.30 -15.17
C GLU V 139 101.88 -0.98 -15.68
N LEU V 140 100.78 -0.22 -15.77
CA LEU V 140 99.46 -0.83 -15.96
C LEU V 140 99.26 -1.31 -17.38
N GLU V 141 99.74 -0.57 -18.37
CA GLU V 141 99.45 -0.87 -19.76
C GLU V 141 100.18 -2.10 -20.28
N GLU V 142 101.07 -2.69 -19.48
CA GLU V 142 101.69 -3.95 -19.90
C GLU V 142 100.68 -5.09 -19.95
N ILE V 143 99.62 -5.01 -19.16
CA ILE V 143 98.62 -6.06 -19.11
C ILE V 143 97.30 -5.65 -19.73
N ILE V 144 97.11 -4.38 -20.06
CA ILE V 144 95.93 -3.91 -20.78
C ILE V 144 96.41 -3.16 -22.01
N PRO V 145 96.62 -3.83 -23.15
CA PRO V 145 97.24 -3.17 -24.30
C PRO V 145 96.42 -2.01 -24.86
N GLU V 146 95.13 -1.94 -24.57
CA GLU V 146 94.30 -0.86 -25.09
C GLU V 146 94.65 0.50 -24.50
N LEU V 147 95.41 0.54 -23.42
CA LEU V 147 95.78 1.80 -22.78
C LEU V 147 96.94 2.50 -23.46
N LYS V 148 97.61 1.85 -24.42
CA LYS V 148 98.73 2.50 -25.10
C LYS V 148 98.26 3.65 -25.98
N LYS V 149 97.02 3.61 -26.45
CA LYS V 149 96.51 4.71 -27.26
C LYS V 149 96.40 6.00 -26.46
N TYR V 150 95.96 5.91 -25.20
CA TYR V 150 95.80 7.08 -24.36
C TYR V 150 97.13 7.54 -23.80
N MET W 1 -67.72 55.48 29.43
CA MET W 1 -67.99 54.22 28.77
C MET W 1 -69.30 54.29 27.98
N GLU W 2 -69.38 53.53 26.89
CA GLU W 2 -70.58 53.47 26.06
C GLU W 2 -71.13 52.05 26.09
N ILE W 3 -72.41 51.93 26.41
CA ILE W 3 -73.07 50.63 26.47
C ILE W 3 -73.93 50.44 25.23
N LYS W 4 -73.77 49.31 24.57
CA LYS W 4 -74.52 48.98 23.37
C LYS W 4 -75.21 47.64 23.58
N ILE W 5 -76.52 47.60 23.41
CA ILE W 5 -77.29 46.37 23.58
C ILE W 5 -77.21 45.57 22.29
N THR W 6 -76.78 44.32 22.40
CA THR W 6 -76.64 43.46 21.22
C THR W 6 -77.90 42.66 20.94
N GLU W 7 -78.49 42.08 21.98
CA GLU W 7 -79.66 41.22 21.79
C GLU W 7 -80.46 41.14 23.08
N VAL W 8 -81.78 41.15 22.96
CA VAL W 8 -82.70 40.94 24.08
C VAL W 8 -83.63 39.82 23.70
N LYS W 9 -83.72 38.80 24.55
CA LYS W 9 -84.52 37.61 24.28
C LYS W 9 -85.50 37.37 25.40
N GLU W 10 -86.69 36.91 25.05
CA GLU W 10 -87.76 36.65 26.02
C GLU W 10 -87.85 35.16 26.30
N ASN W 11 -87.96 34.81 27.57
CA ASN W 11 -88.07 33.43 28.03
C ASN W 11 -89.32 33.31 28.88
N LYS W 12 -90.43 32.91 28.25
CA LYS W 12 -91.68 32.81 28.99
C LYS W 12 -91.68 31.63 29.97
N LEU W 13 -90.98 30.55 29.63
CA LEU W 13 -90.99 29.37 30.49
C LEU W 13 -90.37 29.68 31.85
N ILE W 14 -89.23 30.36 31.85
CA ILE W 14 -88.64 30.77 33.12
C ILE W 14 -89.34 31.98 33.69
N GLY W 15 -89.70 32.95 32.85
CA GLY W 15 -90.27 34.19 33.32
C GLY W 15 -89.21 35.26 33.51
N ARG W 16 -88.40 35.48 32.49
CA ARG W 16 -87.30 36.44 32.56
C ARG W 16 -86.92 36.86 31.15
N LYS W 17 -86.11 37.90 31.07
CA LYS W 17 -85.50 38.33 29.82
C LYS W 17 -84.00 38.35 29.97
N GLU W 18 -83.30 38.01 28.90
CA GLU W 18 -81.85 37.85 28.90
C GLU W 18 -81.23 38.92 28.00
N ILE W 19 -80.24 39.63 28.53
CA ILE W 19 -79.69 40.81 27.88
C ILE W 19 -78.20 40.61 27.67
N TYR W 20 -77.75 40.81 26.44
CA TYR W 20 -76.34 40.79 26.07
C TYR W 20 -75.91 42.18 25.65
N PHE W 21 -74.72 42.61 26.08
CA PHE W 21 -74.31 43.98 25.79
C PHE W 21 -72.80 44.06 25.69
N GLU W 22 -72.34 45.15 25.08
CA GLU W 22 -70.93 45.48 24.98
C GLU W 22 -70.69 46.84 25.62
N ILE W 23 -69.50 46.99 26.21
CA ILE W 23 -69.09 48.25 26.83
C ILE W 23 -67.79 48.70 26.17
N TYR W 24 -67.80 49.90 25.61
CA TYR W 24 -66.63 50.48 24.97
C TYR W 24 -66.01 51.51 25.90
N HIS W 25 -64.73 51.34 26.20
CA HIS W 25 -64.07 52.15 27.22
C HIS W 25 -62.56 52.21 27.04
N PRO W 26 -62.06 52.88 25.99
CA PRO W 26 -60.61 52.97 25.82
C PRO W 26 -59.97 53.78 26.94
N GLY W 27 -58.79 53.33 27.38
CA GLY W 27 -58.03 54.04 28.39
C GLY W 27 -58.65 54.05 29.78
N GLU W 28 -59.57 53.14 30.07
CA GLU W 28 -60.28 53.09 31.34
C GLU W 28 -60.25 51.68 31.88
N PRO W 29 -60.38 51.52 33.20
CA PRO W 29 -60.44 50.17 33.77
C PRO W 29 -61.78 49.51 33.47
N THR W 30 -61.84 48.21 33.75
CA THR W 30 -63.06 47.46 33.51
C THR W 30 -64.18 48.00 34.41
N PRO W 31 -65.36 48.28 33.86
CA PRO W 31 -66.42 48.89 34.66
C PRO W 31 -66.86 48.01 35.81
N SER W 32 -67.24 48.63 36.91
CA SER W 32 -67.73 47.92 38.08
C SER W 32 -69.16 47.43 37.85
N ARG W 33 -69.58 46.47 38.68
CA ARG W 33 -70.92 45.92 38.54
C ARG W 33 -71.99 46.96 38.87
N LYS W 34 -71.73 47.80 39.88
CA LYS W 34 -72.73 48.80 40.27
C LYS W 34 -72.99 49.79 39.15
N ASP W 35 -71.92 50.30 38.52
CA ASP W 35 -72.08 51.27 37.45
C ASP W 35 -72.85 50.67 36.28
N VAL W 36 -72.51 49.43 35.91
CA VAL W 36 -73.18 48.78 34.79
C VAL W 36 -74.65 48.56 35.10
N LYS W 37 -74.97 48.12 36.32
CA LYS W 37 -76.36 47.91 36.69
C LYS W 37 -77.14 49.21 36.65
N GLY W 38 -76.57 50.29 37.18
CA GLY W 38 -77.25 51.57 37.14
C GLY W 38 -77.49 52.03 35.70
N LYS W 39 -76.48 51.90 34.86
CA LYS W 39 -76.62 52.30 33.46
C LYS W 39 -77.71 51.48 32.77
N LEU W 40 -77.73 50.17 33.01
CA LEU W 40 -78.73 49.31 32.36
C LEU W 40 -80.14 49.64 32.83
N VAL W 41 -80.34 49.81 34.14
CA VAL W 41 -81.69 50.10 34.60
C VAL W 41 -82.13 51.47 34.14
N ALA W 42 -81.20 52.42 33.99
CA ALA W 42 -81.56 53.71 33.41
C ALA W 42 -81.96 53.56 31.95
N MET W 43 -81.24 52.72 31.21
CA MET W 43 -81.43 52.62 29.76
C MET W 43 -82.71 51.90 29.37
N LEU W 44 -83.19 50.95 30.17
CA LEU W 44 -84.32 50.13 29.78
C LEU W 44 -85.51 50.19 30.73
N ASP W 45 -85.47 51.05 31.75
CA ASP W 45 -86.56 51.19 32.71
C ASP W 45 -86.85 49.87 33.40
N LEU W 46 -85.87 49.39 34.15
CA LEU W 46 -85.95 48.14 34.88
C LEU W 46 -85.92 48.38 36.38
N ASN W 47 -86.63 47.56 37.12
CA ASN W 47 -86.54 47.59 38.57
C ASN W 47 -85.18 47.05 38.99
N PRO W 48 -84.35 47.83 39.71
CA PRO W 48 -83.02 47.34 40.08
C PRO W 48 -83.05 46.18 41.05
N GLU W 49 -84.17 45.93 41.75
CA GLU W 49 -84.20 44.88 42.75
C GLU W 49 -84.25 43.48 42.15
N THR W 50 -84.79 43.33 40.94
CA THR W 50 -84.91 42.02 40.30
C THR W 50 -84.05 41.93 39.05
N THR W 51 -82.88 42.57 39.06
CA THR W 51 -81.94 42.53 37.95
C THR W 51 -80.62 41.95 38.46
N VAL W 52 -80.13 40.94 37.76
CA VAL W 52 -78.87 40.29 38.10
C VAL W 52 -77.92 40.41 36.92
N ILE W 53 -76.65 40.64 37.21
CA ILE W 53 -75.60 40.67 36.20
C ILE W 53 -74.86 39.34 36.26
N GLN W 54 -75.02 38.52 35.22
CA GLN W 54 -74.36 37.22 35.21
C GLN W 54 -72.85 37.38 35.12
N TYR W 55 -72.37 38.15 34.14
CA TYR W 55 -70.92 38.33 34.07
C TYR W 55 -70.54 39.53 33.23
N ILE W 56 -69.33 40.03 33.51
CA ILE W 56 -68.65 41.04 32.72
C ILE W 56 -67.25 40.50 32.42
N ARG W 57 -66.89 40.39 31.14
CA ARG W 57 -65.65 39.77 30.74
C ARG W 57 -64.85 40.72 29.86
N SER W 58 -63.56 40.84 30.15
CA SER W 58 -62.62 41.60 29.35
C SER W 58 -61.72 40.66 28.56
N TYR W 59 -61.14 41.18 27.49
CA TYR W 59 -60.34 40.39 26.57
C TYR W 59 -58.91 40.92 26.50
N PHE W 60 -58.08 40.23 25.72
CA PHE W 60 -56.65 40.44 25.75
C PHE W 60 -56.24 41.86 25.36
N GLY W 61 -56.45 42.24 24.11
CA GLY W 61 -56.00 43.55 23.68
C GLY W 61 -57.12 44.41 23.16
N SER W 62 -58.28 44.30 23.79
CA SER W 62 -59.49 44.98 23.34
C SER W 62 -59.72 46.25 24.15
N TYR W 63 -60.48 47.17 23.55
CA TYR W 63 -60.95 48.36 24.23
C TYR W 63 -62.37 48.18 24.75
N LYS W 64 -62.94 47.00 24.60
CA LYS W 64 -64.33 46.76 24.96
C LYS W 64 -64.46 45.46 25.73
N SER W 65 -65.56 45.36 26.47
CA SER W 65 -65.88 44.20 27.29
C SER W 65 -67.27 43.71 26.95
N LYS W 66 -67.53 42.44 27.24
CA LYS W 66 -68.82 41.83 26.95
C LYS W 66 -69.52 41.44 28.25
N GLY W 67 -70.82 41.69 28.29
CA GLY W 67 -71.58 41.46 29.51
C GLY W 67 -72.88 40.74 29.23
N TYR W 68 -73.30 39.94 30.21
CA TYR W 68 -74.55 39.21 30.14
C TYR W 68 -75.29 39.37 31.45
N ALA W 69 -76.59 39.68 31.37
CA ALA W 69 -77.42 39.95 32.53
C ALA W 69 -78.83 39.39 32.31
N LYS W 70 -79.58 39.29 33.40
CA LYS W 70 -80.92 38.73 33.38
C LYS W 70 -81.86 39.61 34.18
N TYR W 71 -83.13 39.64 33.78
CA TYR W 71 -84.14 40.45 34.45
C TYR W 71 -85.39 39.60 34.68
N TYR W 72 -85.86 39.57 35.93
CA TYR W 72 -87.00 38.76 36.33
C TYR W 72 -88.20 39.64 36.62
N TYR W 73 -89.38 39.16 36.25
CA TYR W 73 -90.62 39.89 36.51
C TYR W 73 -91.16 39.70 37.92
N ASP W 74 -90.67 38.72 38.66
CA ASP W 74 -91.17 38.45 40.00
C ASP W 74 -89.99 38.12 40.91
N LYS W 75 -89.99 38.71 42.11
CA LYS W 75 -88.89 38.51 43.04
C LYS W 75 -88.84 37.07 43.55
N ASP W 76 -90.01 36.49 43.86
CA ASP W 76 -90.04 35.12 44.34
C ASP W 76 -89.52 34.15 43.29
N ARG W 77 -89.89 34.38 42.02
CA ARG W 77 -89.37 33.53 40.95
C ARG W 77 -87.85 33.64 40.85
N MET W 78 -87.31 34.85 41.00
CA MET W 78 -85.87 35.04 40.96
C MET W 78 -85.20 34.29 42.10
N LEU W 79 -85.76 34.37 43.31
CA LEU W 79 -85.19 33.63 44.43
C LEU W 79 -85.27 32.13 44.22
N TYR W 80 -86.33 31.66 43.58
CA TYR W 80 -86.52 30.23 43.38
C TYR W 80 -85.62 29.67 42.28
N ILE W 81 -85.29 30.47 41.27
CA ILE W 81 -84.53 29.96 40.12
C ILE W 81 -83.02 30.14 40.31
N GLU W 82 -82.59 31.33 40.68
CA GLU W 82 -81.17 31.65 40.67
C GLU W 82 -80.41 30.93 41.78
N PRO W 83 -79.14 30.60 41.56
CA PRO W 83 -78.32 30.05 42.64
C PRO W 83 -78.04 31.11 43.69
N GLU W 84 -77.73 30.63 44.90
CA GLU W 84 -77.51 31.55 46.01
C GLU W 84 -76.26 32.40 45.80
N TYR W 85 -75.19 31.81 45.26
CA TYR W 85 -73.92 32.52 45.19
C TYR W 85 -74.00 33.73 44.29
N ILE W 86 -74.73 33.63 43.17
CA ILE W 86 -74.79 34.75 42.24
C ILE W 86 -75.56 35.92 42.86
N LEU W 87 -76.56 35.63 43.68
CA LEU W 87 -77.28 36.71 44.37
C LEU W 87 -76.38 37.42 45.38
N ILE W 88 -75.54 36.68 46.09
CA ILE W 88 -74.62 37.30 47.03
C ILE W 88 -73.59 38.13 46.28
N ARG W 89 -73.06 37.60 45.18
CA ARG W 89 -72.02 38.31 44.44
C ARG W 89 -72.53 39.61 43.84
N ASP W 90 -73.80 39.70 43.50
CA ASP W 90 -74.38 40.91 42.94
C ASP W 90 -74.97 41.82 44.00
N GLY W 91 -74.85 41.47 45.27
CA GLY W 91 -75.32 42.32 46.35
C GLY W 91 -76.81 42.32 46.59
N ILE W 92 -77.56 41.41 45.97
CA ILE W 92 -79.00 41.40 46.15
C ILE W 92 -79.37 40.94 47.56
N ILE W 93 -78.72 39.89 48.05
CA ILE W 93 -78.96 39.39 49.40
C ILE W 93 -77.65 39.41 50.17
N GLU W 94 -77.75 39.12 51.46
CA GLU W 94 -76.62 39.22 52.38
C GLU W 94 -76.16 37.83 52.78
N LYS W 95 -74.84 37.62 52.75
CA LYS W 95 -74.28 36.33 53.14
C LYS W 95 -74.33 36.17 54.65
N LYS W 96 -74.48 34.93 55.10
CA LYS W 96 -74.57 34.64 56.52
C LYS W 96 -73.18 34.43 57.12
N ARG X 5 -37.46 -17.74 -45.84
CA ARG X 5 -36.33 -18.55 -46.28
C ARG X 5 -36.48 -20.00 -45.82
N ASN X 6 -35.54 -20.47 -45.00
CA ASN X 6 -35.56 -21.82 -44.47
C ASN X 6 -36.38 -21.94 -43.19
N VAL X 7 -37.33 -21.02 -42.98
CA VAL X 7 -38.17 -21.09 -41.78
C VAL X 7 -39.03 -22.34 -41.81
N ILE X 8 -39.62 -22.65 -42.96
CA ILE X 8 -40.40 -23.87 -43.13
C ILE X 8 -39.42 -25.01 -43.38
N PRO X 9 -39.49 -26.10 -42.61
CA PRO X 9 -38.58 -27.23 -42.84
C PRO X 9 -39.01 -28.01 -44.07
N MET X 10 -38.03 -28.34 -44.92
CA MET X 10 -38.30 -29.05 -46.16
C MET X 10 -37.43 -30.31 -46.21
N PRO X 11 -38.00 -31.46 -46.55
CA PRO X 11 -37.22 -32.70 -46.58
C PRO X 11 -36.21 -32.73 -47.71
N ARG X 12 -35.16 -33.53 -47.51
CA ARG X 12 -34.15 -33.76 -48.53
C ARG X 12 -34.35 -35.08 -49.27
N SER X 13 -35.31 -35.89 -48.85
CA SER X 13 -35.60 -37.15 -49.51
C SER X 13 -36.66 -36.96 -50.59
N ARG X 14 -36.81 -37.96 -51.44
CA ARG X 14 -37.73 -37.88 -52.57
C ARG X 14 -38.44 -39.22 -52.74
N PHE X 15 -39.56 -39.17 -53.45
CA PHE X 15 -40.25 -40.37 -53.92
C PHE X 15 -39.91 -40.57 -55.39
N LEU X 16 -39.70 -41.83 -55.78
CA LEU X 16 -39.22 -42.15 -57.11
C LEU X 16 -40.14 -43.15 -57.77
N ARG X 17 -40.33 -43.00 -59.08
CA ARG X 17 -41.05 -43.96 -59.90
C ARG X 17 -40.02 -44.80 -60.65
N VAL X 18 -39.99 -46.10 -60.38
CA VAL X 18 -38.97 -46.99 -60.92
C VAL X 18 -39.65 -48.17 -61.62
N LYS X 19 -38.87 -48.88 -62.41
CA LYS X 19 -39.34 -50.04 -63.16
C LYS X 19 -38.48 -51.25 -62.84
N CYS X 20 -39.13 -52.37 -62.51
CA CYS X 20 -38.40 -53.59 -62.22
C CYS X 20 -37.71 -54.11 -63.48
N ILE X 21 -36.45 -54.54 -63.33
CA ILE X 21 -35.70 -55.04 -64.47
C ILE X 21 -36.25 -56.38 -64.93
N ASP X 22 -36.60 -57.26 -63.99
CA ASP X 22 -37.06 -58.60 -64.32
C ASP X 22 -38.54 -58.61 -64.72
N CYS X 23 -39.42 -58.21 -63.79
CA CYS X 23 -40.85 -58.28 -64.05
C CYS X 23 -41.30 -57.23 -65.06
N GLY X 24 -40.68 -56.06 -65.05
CA GLY X 24 -41.15 -54.95 -65.86
C GLY X 24 -42.21 -54.09 -65.18
N ASN X 25 -42.59 -54.42 -63.96
CA ASN X 25 -43.58 -53.65 -63.22
C ASN X 25 -43.02 -52.29 -62.84
N GLU X 26 -43.92 -51.34 -62.61
CA GLU X 26 -43.57 -50.00 -62.16
C GLU X 26 -44.12 -49.76 -60.76
N GLN X 27 -43.31 -49.14 -59.91
CA GLN X 27 -43.72 -48.86 -58.54
C GLN X 27 -43.25 -47.46 -58.17
N ILE X 28 -43.65 -47.04 -56.97
CA ILE X 28 -43.18 -45.80 -56.36
C ILE X 28 -42.53 -46.16 -55.03
N VAL X 29 -41.30 -45.69 -54.82
CA VAL X 29 -40.51 -46.07 -53.66
C VAL X 29 -39.91 -44.83 -53.02
N PHE X 30 -39.48 -44.99 -51.77
CA PHE X 30 -38.88 -43.92 -50.99
C PHE X 30 -37.36 -43.95 -51.16
N SER X 31 -36.74 -42.77 -51.21
CA SER X 31 -35.32 -42.70 -51.52
C SER X 31 -34.43 -42.99 -50.32
N HIS X 32 -34.98 -42.98 -49.10
CA HIS X 32 -34.24 -43.24 -47.88
C HIS X 32 -34.93 -44.37 -47.12
N PRO X 33 -34.94 -45.59 -47.65
CA PRO X 33 -35.67 -46.67 -46.99
C PRO X 33 -34.95 -47.15 -45.74
N ALA X 34 -35.73 -47.70 -44.82
CA ALA X 34 -35.20 -48.36 -43.64
C ALA X 34 -35.38 -49.87 -43.69
N THR X 35 -35.87 -50.39 -44.81
CA THR X 35 -36.06 -51.82 -45.01
C THR X 35 -35.60 -52.17 -46.42
N ARG X 36 -35.64 -53.46 -46.73
CA ARG X 36 -35.35 -53.90 -48.09
C ARG X 36 -36.62 -53.80 -48.92
N VAL X 37 -36.55 -53.06 -50.02
CA VAL X 37 -37.69 -52.83 -50.89
C VAL X 37 -37.66 -53.84 -52.02
N ARG X 38 -38.75 -54.58 -52.19
CA ARG X 38 -38.83 -55.61 -53.20
C ARG X 38 -40.06 -55.39 -54.07
N CYS X 39 -39.99 -55.90 -55.29
CA CYS X 39 -41.07 -55.72 -56.26
C CYS X 39 -42.35 -56.37 -55.77
N ASN X 40 -43.47 -55.68 -55.96
CA ASN X 40 -44.76 -56.18 -55.51
C ASN X 40 -45.25 -57.37 -56.31
N VAL X 41 -44.62 -57.70 -57.44
CA VAL X 41 -45.08 -58.79 -58.28
C VAL X 41 -44.11 -59.96 -58.20
N CYS X 42 -42.85 -59.74 -58.62
CA CYS X 42 -41.88 -60.82 -58.69
C CYS X 42 -41.06 -61.00 -57.43
N GLY X 43 -41.02 -60.00 -56.56
CA GLY X 43 -40.26 -60.10 -55.33
C GLY X 43 -38.78 -59.78 -55.43
N ALA X 44 -38.31 -59.37 -56.61
CA ALA X 44 -36.91 -58.99 -56.76
C ALA X 44 -36.60 -57.72 -55.97
N THR X 45 -35.36 -57.62 -55.51
CA THR X 45 -34.93 -56.48 -54.72
C THR X 45 -34.80 -55.24 -55.59
N LEU X 46 -35.37 -54.12 -55.13
CA LEU X 46 -35.30 -52.85 -55.84
C LEU X 46 -34.35 -51.85 -55.19
N VAL X 47 -34.42 -51.68 -53.87
CA VAL X 47 -33.58 -50.73 -53.16
C VAL X 47 -32.99 -51.42 -51.94
N GLU X 48 -31.69 -51.20 -51.70
CA GLU X 48 -31.01 -51.73 -50.53
C GLU X 48 -30.81 -50.64 -49.50
N PRO X 49 -31.13 -50.88 -48.23
CA PRO X 49 -30.95 -49.83 -47.22
C PRO X 49 -29.50 -49.68 -46.78
N THR X 50 -29.16 -48.45 -46.43
CA THR X 50 -27.81 -48.11 -45.95
C THR X 50 -27.96 -47.16 -44.77
N GLY X 51 -26.86 -46.52 -44.39
CA GLY X 51 -26.94 -45.52 -43.33
C GLY X 51 -27.74 -44.30 -43.72
N GLY X 52 -27.58 -43.84 -44.96
CA GLY X 52 -28.33 -42.70 -45.44
C GLY X 52 -29.21 -43.01 -46.62
N LYS X 53 -28.82 -42.53 -47.80
CA LYS X 53 -29.58 -42.77 -49.01
C LYS X 53 -29.40 -44.19 -49.49
N GLY X 54 -30.49 -44.78 -50.01
CA GLY X 54 -30.46 -46.15 -50.42
C GLY X 54 -29.79 -46.36 -51.77
N ILE X 55 -29.49 -47.62 -52.06
CA ILE X 55 -28.87 -48.02 -53.32
C ILE X 55 -29.95 -48.57 -54.22
N ILE X 56 -30.06 -48.03 -55.43
CA ILE X 56 -31.15 -48.37 -56.34
C ILE X 56 -30.62 -49.35 -57.39
N ARG X 57 -31.27 -50.50 -57.48
CA ARG X 57 -30.92 -51.52 -58.46
C ARG X 57 -31.88 -51.57 -59.66
N ALA X 58 -32.85 -50.65 -59.69
CA ALA X 58 -33.84 -50.61 -60.75
C ALA X 58 -33.56 -49.43 -61.67
N LYS X 59 -34.47 -49.23 -62.62
CA LYS X 59 -34.36 -48.13 -63.57
C LYS X 59 -35.24 -46.98 -63.13
N ILE X 60 -34.66 -45.79 -63.02
CA ILE X 60 -35.40 -44.62 -62.57
C ILE X 60 -36.12 -43.99 -63.76
N LEU X 61 -37.42 -43.80 -63.62
CA LEU X 61 -38.23 -43.15 -64.66
C LEU X 61 -38.47 -41.67 -64.39
N GLU X 62 -38.76 -41.30 -63.15
CA GLU X 62 -39.15 -39.93 -62.85
C GLU X 62 -38.97 -39.68 -61.36
N VAL X 63 -38.51 -38.48 -61.02
CA VAL X 63 -38.40 -38.04 -59.64
C VAL X 63 -39.65 -37.22 -59.32
N LEU X 64 -40.50 -37.75 -58.45
CA LEU X 64 -41.75 -37.10 -58.11
C LEU X 64 -41.52 -35.91 -57.19
N GLU X 65 -42.50 -35.02 -57.14
CA GLU X 65 -42.43 -33.84 -56.31
C GLU X 65 -42.40 -34.19 -54.82
N ASP Y 4 57.69 -44.02 -23.13
CA ASP Y 4 58.68 -43.60 -22.14
C ASP Y 4 59.17 -42.19 -22.42
N GLU Y 5 59.03 -41.74 -23.67
CA GLU Y 5 59.44 -40.41 -24.07
C GLU Y 5 58.31 -39.57 -24.64
N GLY Y 6 57.12 -40.15 -24.80
CA GLY Y 6 56.00 -39.41 -25.32
C GLY Y 6 56.05 -39.25 -26.83
N TYR Y 7 55.02 -38.57 -27.35
CA TYR Y 7 54.85 -38.39 -28.77
C TYR Y 7 54.55 -36.92 -29.03
N PRO Y 8 55.24 -36.29 -29.98
CA PRO Y 8 54.94 -34.89 -30.31
C PRO Y 8 53.66 -34.76 -31.14
N ALA Y 9 52.94 -33.69 -30.85
CA ALA Y 9 51.72 -33.34 -31.58
C ALA Y 9 51.73 -31.85 -31.87
N GLU Y 10 51.11 -31.46 -32.97
CA GLU Y 10 51.09 -30.06 -33.40
C GLU Y 10 49.69 -29.48 -33.25
N VAL Y 11 49.61 -28.29 -32.68
CA VAL Y 11 48.33 -27.62 -32.48
C VAL Y 11 47.91 -26.97 -33.80
N ILE Y 12 46.68 -27.23 -34.22
CA ILE Y 12 46.18 -26.69 -35.47
C ILE Y 12 44.95 -25.80 -35.30
N GLU Y 13 44.29 -25.81 -34.15
CA GLU Y 13 43.09 -25.00 -33.97
C GLU Y 13 42.85 -24.73 -32.49
N ILE Y 14 42.32 -23.56 -32.20
CA ILE Y 14 41.94 -23.16 -30.84
C ILE Y 14 40.42 -23.17 -30.76
N ILE Y 15 39.89 -23.82 -29.72
CA ILE Y 15 38.44 -23.96 -29.59
C ILE Y 15 37.90 -22.95 -28.59
N GLY Y 16 38.35 -23.01 -27.35
CA GLY Y 16 37.88 -22.06 -26.36
C GLY Y 16 38.42 -22.38 -24.98
N ARG Y 17 38.19 -21.44 -24.07
CA ARG Y 17 38.60 -21.56 -22.68
C ARG Y 17 37.61 -22.41 -21.90
N THR Y 18 38.10 -23.06 -20.85
CA THR Y 18 37.27 -23.86 -19.97
C THR Y 18 37.93 -23.94 -18.61
N GLY Y 19 37.46 -24.84 -17.77
CA GLY Y 19 37.95 -24.99 -16.43
C GLY Y 19 37.15 -24.20 -15.41
N THR Y 20 37.44 -24.44 -14.14
CA THR Y 20 36.72 -23.78 -13.07
C THR Y 20 36.93 -22.26 -13.11
N THR Y 21 38.17 -21.83 -13.34
CA THR Y 21 38.51 -20.41 -13.34
C THR Y 21 39.00 -19.91 -14.68
N GLY Y 22 38.61 -20.58 -15.77
CA GLY Y 22 39.07 -20.19 -17.09
C GLY Y 22 40.55 -20.39 -17.33
N ASP Y 23 41.14 -21.40 -16.71
CA ASP Y 23 42.58 -21.63 -16.78
C ASP Y 23 42.98 -22.62 -17.86
N VAL Y 24 42.03 -23.29 -18.50
CA VAL Y 24 42.30 -24.40 -19.40
C VAL Y 24 41.78 -24.04 -20.78
N THR Y 25 42.53 -24.40 -21.82
CA THR Y 25 42.15 -24.17 -23.20
C THR Y 25 41.97 -25.52 -23.90
N GLN Y 26 40.97 -25.61 -24.78
CA GLN Y 26 40.76 -26.82 -25.55
C GLN Y 26 41.23 -26.60 -26.99
N VAL Y 27 42.03 -27.54 -27.49
CA VAL Y 27 42.66 -27.41 -28.80
C VAL Y 27 42.48 -28.70 -29.58
N LYS Y 28 42.72 -28.61 -30.88
CA LYS Y 28 42.81 -29.77 -31.76
C LYS Y 28 44.26 -29.95 -32.20
N VAL Y 29 44.75 -31.18 -32.10
CA VAL Y 29 46.15 -31.49 -32.40
C VAL Y 29 46.21 -32.64 -33.39
N ARG Y 30 47.32 -32.70 -34.11
CA ARG Y 30 47.61 -33.76 -35.07
C ARG Y 30 48.86 -34.49 -34.63
N ILE Y 31 48.78 -35.80 -34.51
CA ILE Y 31 49.91 -36.60 -34.06
C ILE Y 31 50.99 -36.60 -35.14
N LEU Y 32 52.24 -36.40 -34.73
CA LEU Y 32 53.35 -36.35 -35.66
C LEU Y 32 54.18 -37.62 -35.70
N GLU Y 33 54.03 -38.50 -34.70
CA GLU Y 33 54.89 -39.66 -34.58
C GLU Y 33 54.18 -40.73 -33.78
N GLY Y 34 54.47 -41.99 -34.12
CA GLY Y 34 53.94 -43.11 -33.36
C GLY Y 34 52.95 -43.93 -34.15
N ARG Y 35 52.22 -44.76 -33.40
CA ARG Y 35 51.29 -45.71 -34.00
C ARG Y 35 50.18 -45.00 -34.77
N ASP Y 36 49.60 -43.96 -34.19
CA ASP Y 36 48.48 -43.24 -34.79
C ASP Y 36 48.91 -41.91 -35.39
N LYS Y 37 50.07 -41.88 -36.01
CA LYS Y 37 50.55 -40.68 -36.68
C LYS Y 37 49.56 -40.23 -37.76
N GLY Y 38 49.25 -38.94 -37.76
CA GLY Y 38 48.35 -38.37 -38.74
C GLY Y 38 46.94 -38.12 -38.25
N ARG Y 39 46.54 -38.73 -37.13
CA ARG Y 39 45.19 -38.55 -36.61
C ARG Y 39 45.04 -37.20 -35.93
N VAL Y 40 43.81 -36.70 -35.90
CA VAL Y 40 43.49 -35.42 -35.29
C VAL Y 40 42.56 -35.66 -34.10
N ILE Y 41 42.97 -35.22 -32.92
CA ILE Y 41 42.18 -35.38 -31.71
C ILE Y 41 42.22 -34.08 -30.91
N ARG Y 42 41.24 -33.92 -30.03
CA ARG Y 42 41.14 -32.71 -29.21
C ARG Y 42 41.64 -32.99 -27.79
N ARG Y 43 42.22 -31.96 -27.19
CA ARG Y 43 42.93 -32.08 -25.93
C ARG Y 43 42.74 -30.82 -25.09
N ASN Y 44 43.00 -30.94 -23.80
CA ASN Y 44 42.97 -29.82 -22.86
C ASN Y 44 44.39 -29.45 -22.47
N VAL Y 45 44.68 -28.15 -22.48
CA VAL Y 45 46.03 -27.64 -22.27
C VAL Y 45 45.99 -26.56 -21.19
N ARG Y 46 47.00 -26.57 -20.33
CA ARG Y 46 47.16 -25.56 -19.28
C ARG Y 46 48.34 -24.67 -19.64
N GLY Y 47 48.12 -23.37 -19.67
CA GLY Y 47 49.13 -22.42 -20.03
C GLY Y 47 48.84 -21.76 -21.37
N PRO Y 48 49.47 -20.62 -21.64
CA PRO Y 48 49.25 -19.95 -22.91
C PRO Y 48 49.73 -20.80 -24.09
N VAL Y 49 48.96 -20.77 -25.17
CA VAL Y 49 49.23 -21.62 -26.32
C VAL Y 49 48.72 -20.91 -27.57
N ARG Y 50 49.39 -21.15 -28.69
CA ARG Y 50 49.01 -20.58 -29.98
C ARG Y 50 49.22 -21.61 -31.06
N VAL Y 51 48.63 -21.34 -32.24
CA VAL Y 51 48.71 -22.26 -33.36
C VAL Y 51 50.16 -22.42 -33.78
N GLY Y 52 50.59 -23.66 -34.00
CA GLY Y 52 51.96 -23.96 -34.35
C GLY Y 52 52.79 -24.54 -33.23
N ASP Y 53 52.31 -24.50 -32.00
CA ASP Y 53 53.05 -25.09 -30.89
C ASP Y 53 53.05 -26.61 -30.99
N ILE Y 54 53.96 -27.23 -30.25
CA ILE Y 54 54.11 -28.67 -30.23
C ILE Y 54 54.04 -29.15 -28.79
N LEU Y 55 53.13 -30.08 -28.52
CA LEU Y 55 52.98 -30.70 -27.23
C LEU Y 55 53.61 -32.09 -27.23
N ILE Y 56 53.91 -32.58 -26.03
CA ILE Y 56 54.49 -33.90 -25.85
C ILE Y 56 53.48 -34.72 -25.04
N LEU Y 57 52.69 -35.55 -25.73
CA LEU Y 57 51.68 -36.36 -25.06
C LEU Y 57 52.32 -37.63 -24.53
N ARG Y 58 51.95 -38.02 -23.32
CA ARG Y 58 52.44 -39.27 -22.75
C ARG Y 58 51.63 -40.48 -23.18
N GLU Y 59 50.40 -40.29 -23.65
CA GLU Y 59 49.63 -41.34 -24.28
C GLU Y 59 48.61 -40.68 -25.20
N THR Y 60 48.21 -41.41 -26.23
CA THR Y 60 47.44 -40.82 -27.33
C THR Y 60 46.08 -41.48 -27.53
N GLU Y 61 45.47 -42.00 -26.47
CA GLU Y 61 44.16 -42.63 -26.59
C GLU Y 61 43.05 -41.89 -25.86
N ARG Y 62 43.38 -40.98 -24.95
CA ARG Y 62 42.39 -40.21 -24.23
C ARG Y 62 42.04 -38.96 -25.02
N GLU Y 63 40.75 -38.69 -25.17
CA GLU Y 63 40.26 -37.51 -25.88
C GLU Y 63 39.37 -36.70 -24.95
N ALA Y 64 39.55 -35.39 -24.96
CA ALA Y 64 38.77 -34.51 -24.12
C ALA Y 64 37.33 -34.43 -24.61
N ARG Y 65 36.41 -34.34 -23.66
CA ARG Y 65 35.00 -34.15 -23.99
C ARG Y 65 34.79 -32.79 -24.63
N GLU Y 66 33.96 -32.75 -25.66
CA GLU Y 66 33.72 -31.51 -26.39
C GLU Y 66 33.04 -30.49 -25.50
N ILE Y 67 33.45 -29.23 -25.62
CA ILE Y 67 32.80 -28.13 -24.93
C ILE Y 67 32.10 -27.26 -25.96
N LYS Y 68 31.14 -26.47 -25.49
CA LYS Y 68 30.39 -25.58 -26.38
C LYS Y 68 31.25 -24.42 -26.85
N GLY Z 2 35.51 59.80 56.34
CA GLY Z 2 35.08 61.08 56.85
C GLY Z 2 35.95 62.24 56.39
N GLN Z 3 36.61 62.90 57.34
CA GLN Z 3 37.48 64.02 57.03
C GLN Z 3 38.87 63.76 57.59
N LYS Z 4 39.89 63.93 56.75
CA LYS Z 4 41.28 63.79 57.17
C LYS Z 4 42.03 65.03 56.68
N TRP Z 5 41.99 66.09 57.48
CA TRP Z 5 42.77 67.29 57.21
C TRP Z 5 43.10 67.94 58.56
N LYS Z 6 44.26 67.59 59.10
CA LYS Z 6 44.70 68.06 60.42
C LYS Z 6 46.18 67.76 60.55
N LEU Z 7 46.70 67.90 61.77
CA LEU Z 7 48.09 67.66 62.16
C LEU Z 7 49.03 68.70 61.59
N TYR Z 8 48.54 69.66 60.81
CA TYR Z 8 49.35 70.78 60.34
C TYR Z 8 49.11 71.95 61.28
N ILE Z 9 50.16 72.41 61.94
CA ILE Z 9 50.02 73.43 62.96
C ILE Z 9 49.58 74.73 62.28
N VAL Z 10 48.33 75.10 62.51
CA VAL Z 10 47.76 76.33 61.96
C VAL Z 10 47.13 77.11 63.11
N LYS Z 11 47.49 78.37 63.23
CA LYS Z 11 46.99 79.24 64.28
C LYS Z 11 46.21 80.40 63.66
N ASP Z 12 45.83 81.37 64.50
CA ASP Z 12 45.03 82.49 64.05
C ASP Z 12 45.88 83.46 63.24
N GLY Z 13 46.12 83.13 61.97
CA GLY Z 13 46.90 83.98 61.09
C GLY Z 13 48.14 83.32 60.49
N LYS Z 14 48.61 82.19 61.03
CA LYS Z 14 49.80 81.53 60.51
C LYS Z 14 49.46 80.10 60.11
N VAL Z 15 49.88 79.71 58.91
CA VAL Z 15 49.68 78.37 58.39
C VAL Z 15 51.04 77.76 58.08
N ILE Z 16 51.29 76.58 58.61
CA ILE Z 16 52.53 75.86 58.33
C ILE Z 16 52.25 74.37 58.48
N ARG Z 17 52.83 73.57 57.58
CA ARG Z 17 52.51 72.16 57.48
C ARG Z 17 53.52 71.31 58.24
N LYS Z 18 53.02 70.23 58.85
CA LYS Z 18 53.89 69.31 59.57
C LYS Z 18 54.57 68.32 58.64
N ASN Z 19 53.82 67.79 57.67
CA ASN Z 19 54.35 66.84 56.71
C ASN Z 19 54.82 67.61 55.47
N LYS Z 20 56.08 67.44 55.10
CA LYS Z 20 56.64 68.14 53.95
C LYS Z 20 56.09 67.54 52.66
N PHE Z 21 56.40 68.22 51.56
CA PHE Z 21 55.97 67.76 50.25
C PHE Z 21 57.11 67.04 49.55
N CYS Z 22 56.77 66.28 48.52
CA CYS Z 22 57.77 65.55 47.76
C CYS Z 22 58.71 66.53 47.07
N PRO Z 23 60.03 66.42 47.26
CA PRO Z 23 60.95 67.28 46.50
C PRO Z 23 60.83 67.11 45.00
N ARG Z 24 60.40 65.94 44.53
CA ARG Z 24 60.18 65.75 43.09
C ARG Z 24 58.95 66.53 42.62
N CYS Z 25 58.04 66.86 43.54
CA CYS Z 25 56.80 67.56 43.21
C CYS Z 25 56.76 68.89 43.96
N GLY Z 26 55.60 69.54 43.92
CA GLY Z 26 55.42 70.81 44.57
C GLY Z 26 54.75 70.69 45.92
N PRO Z 27 54.49 71.82 46.56
CA PRO Z 27 53.83 71.80 47.87
C PRO Z 27 52.35 71.42 47.74
N GLY Z 28 51.79 71.01 48.88
CA GLY Z 28 50.41 70.55 48.91
C GLY Z 28 50.35 69.05 49.06
N VAL Z 29 51.21 68.34 48.34
CA VAL Z 29 51.36 66.91 48.52
C VAL Z 29 51.97 66.67 49.90
N PHE Z 30 51.46 65.66 50.59
CA PHE Z 30 51.87 65.39 51.96
C PHE Z 30 52.32 63.94 52.11
N MET Z 31 53.36 63.75 52.91
CA MET Z 31 53.91 62.43 53.18
C MET Z 31 53.11 61.77 54.31
N ALA Z 32 53.46 60.53 54.65
CA ALA Z 32 52.78 59.83 55.73
C ALA Z 32 53.52 60.11 57.04
N ASP Z 33 53.17 59.37 58.08
CA ASP Z 33 53.76 59.53 59.41
C ASP Z 33 54.34 58.20 59.88
N HIS Z 34 55.11 57.56 59.00
CA HIS Z 34 55.76 56.30 59.37
C HIS Z 34 56.76 56.52 60.50
N GLY Z 35 57.47 57.63 60.48
CA GLY Z 35 58.45 57.97 61.50
C GLY Z 35 59.80 57.33 61.27
N ASP Z 36 59.82 56.11 60.72
CA ASP Z 36 61.08 55.51 60.33
C ASP Z 36 61.67 56.21 59.12
N ARG Z 37 60.84 56.44 58.10
CA ARG Z 37 61.27 57.12 56.88
C ARG Z 37 60.10 57.92 56.35
N TRP Z 38 60.39 58.76 55.35
CA TRP Z 38 59.36 59.58 54.71
C TRP Z 38 58.68 58.73 53.64
N ALA Z 39 57.46 58.27 53.94
CA ALA Z 39 56.73 57.43 53.00
C ALA Z 39 56.39 58.18 51.73
N CYS Z 40 56.14 59.48 51.84
CA CYS Z 40 55.98 60.39 50.70
C CYS Z 40 54.68 60.14 49.94
N GLY Z 41 53.95 59.09 50.30
CA GLY Z 41 52.65 58.87 49.71
C GLY Z 41 52.67 58.32 48.29
N ARG Z 42 53.52 58.87 47.44
CA ARG Z 42 53.55 58.50 46.03
C ARG Z 42 54.92 58.09 45.51
N CYS Z 43 56.00 58.72 45.96
CA CYS Z 43 57.33 58.38 45.48
C CYS Z 43 58.15 57.61 46.50
N GLY Z 44 58.16 58.03 47.76
CA GLY Z 44 58.91 57.34 48.78
C GLY Z 44 60.35 57.80 48.88
N TYR Z 45 60.87 57.88 50.10
CA TYR Z 45 62.27 58.22 50.30
C TYR Z 45 62.81 57.41 51.47
N THR Z 46 63.99 56.84 51.27
CA THR Z 46 64.70 56.08 52.29
C THR Z 46 65.76 57.02 52.89
N GLU Z 47 65.35 57.82 53.87
CA GLU Z 47 66.21 58.81 54.47
C GLU Z 47 66.41 58.61 55.97
N TRP Z 48 65.63 57.73 56.62
CA TRP Z 48 65.70 57.51 58.06
C TRP Z 48 65.48 58.83 58.82
N LYS Z 49 64.27 59.35 58.66
CA LYS Z 49 63.90 60.61 59.28
C LYS Z 49 64.10 60.53 60.79
N LYS Z 50 64.71 61.58 61.34
CA LYS Z 50 65.09 61.60 62.75
C LYS Z 50 63.86 61.68 63.65
N ALA AA 2 60.50 36.58 -0.87
CA ALA AA 2 60.92 37.21 -2.11
C ALA AA 2 59.72 37.72 -2.90
N ILE AA 3 59.72 37.46 -4.21
CA ILE AA 3 58.67 37.98 -5.08
C ILE AA 3 57.33 37.30 -4.78
N GLU AA 4 57.36 36.02 -4.41
CA GLU AA 4 56.12 35.31 -4.13
C GLU AA 4 55.39 35.93 -2.95
N ARG AA 5 56.13 36.33 -1.91
CA ARG AA 5 55.52 36.92 -0.73
C ARG AA 5 54.78 38.21 -1.07
N TYR AA 6 55.27 38.97 -2.06
CA TYR AA 6 54.61 40.21 -2.44
C TYR AA 6 53.24 39.95 -3.05
N PHE AA 7 53.15 38.99 -3.97
CA PHE AA 7 51.88 38.71 -4.63
C PHE AA 7 50.83 38.20 -3.65
N ILE AA 8 51.21 37.33 -2.72
CA ILE AA 8 50.25 36.76 -1.79
C ILE AA 8 49.75 37.81 -0.82
N ARG AA 9 50.62 38.73 -0.40
CA ARG AA 9 50.23 39.75 0.57
C ARG AA 9 49.12 40.64 0.01
N GLU AA 10 49.23 41.02 -1.26
CA GLU AA 10 48.21 41.89 -1.85
C GLU AA 10 46.89 41.17 -2.02
N ALA AA 11 46.93 39.88 -2.36
CA ALA AA 11 45.69 39.14 -2.60
C ALA AA 11 44.87 38.99 -1.32
N VAL AA 12 45.53 38.86 -0.17
CA VAL AA 12 44.81 38.68 1.08
C VAL AA 12 44.08 39.96 1.47
N LYS AA 13 44.71 41.12 1.25
CA LYS AA 13 44.07 42.39 1.59
C LYS AA 13 42.75 42.56 0.86
N GLU AA 14 42.75 42.25 -0.44
CA GLU AA 14 41.51 42.37 -1.21
C GLU AA 14 40.44 41.43 -0.70
N MET AA 15 40.82 40.20 -0.34
CA MET AA 15 39.84 39.25 0.17
C MET AA 15 39.22 39.75 1.48
N LEU AA 16 40.04 40.25 2.39
CA LEU AA 16 39.51 40.74 3.67
C LEU AA 16 38.61 41.96 3.46
N ILE AA 17 39.05 42.90 2.63
CA ILE AA 17 38.24 44.08 2.36
C ILE AA 17 36.92 43.70 1.72
N ASP AA 18 36.96 42.77 0.76
CA ASP AA 18 35.75 42.34 0.08
C ASP AA 18 34.78 41.69 1.04
N GLU AA 19 35.27 40.83 1.93
CA GLU AA 19 34.36 40.22 2.90
C GLU AA 19 33.76 41.25 3.84
N PHE AA 20 34.58 42.20 4.30
CA PHE AA 20 34.06 43.25 5.19
C PHE AA 20 32.97 44.06 4.52
N LEU AA 21 33.22 44.49 3.27
CA LEU AA 21 32.21 45.27 2.56
C LEU AA 21 30.96 44.44 2.27
N GLU AA 22 31.13 43.17 1.93
CA GLU AA 22 29.98 42.31 1.65
C GLU AA 22 29.09 42.19 2.88
N LYS AA 23 29.69 42.03 4.06
CA LYS AA 23 28.89 41.97 5.27
C LYS AA 23 28.30 43.33 5.63
N GLU AA 24 29.03 44.40 5.34
CA GLU AA 24 28.61 45.73 5.77
C GLU AA 24 27.51 46.29 4.87
N LEU AA 25 27.74 46.30 3.57
CA LEU AA 25 26.82 46.91 2.60
C LEU AA 25 25.81 45.90 2.08
N ARG AA 26 25.14 45.19 2.98
CA ARG AA 26 24.22 44.13 2.53
C ARG AA 26 22.92 44.70 1.99
N ARG AA 27 22.39 45.75 2.59
CA ARG AA 27 21.13 46.33 2.14
C ARG AA 27 21.28 47.15 0.86
N ALA AA 28 22.49 47.51 0.48
CA ALA AA 28 22.72 48.34 -0.70
C ALA AA 28 22.92 47.52 -1.96
N GLY AA 29 22.76 46.21 -1.91
CA GLY AA 29 22.98 45.38 -3.08
C GLY AA 29 24.41 45.36 -3.55
N TYR AA 30 25.33 45.10 -2.62
CA TYR AA 30 26.75 45.09 -2.94
C TYR AA 30 27.05 44.08 -4.05
N GLY AA 31 27.91 44.46 -4.99
CA GLY AA 31 28.19 43.62 -6.12
C GLY AA 31 29.65 43.53 -6.51
N GLY AA 32 30.55 43.63 -5.55
CA GLY AA 32 31.98 43.52 -5.81
C GLY AA 32 32.68 44.86 -5.70
N LEU AA 33 34.00 44.81 -5.86
CA LEU AA 33 34.82 45.99 -5.76
C LEU AA 33 36.00 45.88 -6.71
N ASP AA 34 36.76 46.97 -6.82
CA ASP AA 34 37.97 47.00 -7.63
C ASP AA 34 38.94 47.98 -6.99
N ILE AA 35 40.22 47.62 -6.99
CA ILE AA 35 41.27 48.44 -6.39
C ILE AA 35 42.33 48.71 -7.44
N LYS AA 36 42.65 49.98 -7.65
CA LYS AA 36 43.67 50.41 -8.58
C LYS AA 36 44.68 51.28 -7.86
N LYS AA 37 45.94 51.17 -8.22
CA LYS AA 37 47.02 51.89 -7.55
C LYS AA 37 47.53 53.01 -8.47
N THR AA 38 47.52 54.23 -7.96
CA THR AA 38 47.99 55.41 -8.67
C THR AA 38 49.10 56.06 -7.87
N PRO AA 39 49.96 56.86 -8.51
CA PRO AA 39 51.06 57.50 -7.77
C PRO AA 39 50.58 58.37 -6.62
N LEU AA 40 49.38 58.93 -6.71
CA LEU AA 40 48.79 59.71 -5.64
C LEU AA 40 48.24 58.84 -4.51
N GLY AA 41 47.82 57.62 -4.80
CA GLY AA 41 47.22 56.77 -3.79
C GLY AA 41 46.50 55.55 -4.35
N THR AA 42 45.28 55.33 -3.90
CA THR AA 42 44.49 54.17 -4.31
C THR AA 42 43.11 54.61 -4.73
N LYS AA 43 42.65 54.13 -5.87
CA LYS AA 43 41.28 54.32 -6.32
C LYS AA 43 40.49 53.05 -6.02
N VAL AA 44 39.44 53.17 -5.21
CA VAL AA 44 38.62 52.04 -4.80
C VAL AA 44 37.22 52.23 -5.38
N ILE AA 45 36.84 51.38 -6.32
CA ILE AA 45 35.55 51.43 -6.98
C ILE AA 45 34.65 50.38 -6.35
N ILE AA 46 33.45 50.80 -5.95
CA ILE AA 46 32.47 49.92 -5.32
C ILE AA 46 31.24 49.84 -6.20
N PHE AA 47 30.79 48.62 -6.48
CA PHE AA 47 29.60 48.39 -7.29
C PHE AA 47 28.42 48.09 -6.37
N ALA AA 48 27.30 48.77 -6.61
CA ALA AA 48 26.12 48.62 -5.77
C ALA AA 48 24.88 48.93 -6.59
N ALA AA 49 23.73 48.53 -6.06
CA ALA AA 49 22.45 48.79 -6.71
C ALA AA 49 21.75 50.02 -6.16
N ASN AA 50 22.06 50.42 -4.92
CA ASN AA 50 21.46 51.59 -4.29
C ASN AA 50 22.60 52.48 -3.77
N PRO AA 51 23.20 53.29 -4.65
CA PRO AA 51 24.31 54.15 -4.19
C PRO AA 51 23.93 55.13 -3.11
N GLY AA 52 22.64 55.45 -2.96
CA GLY AA 52 22.23 56.34 -1.90
C GLY AA 52 22.54 55.80 -0.52
N TYR AA 53 22.29 54.50 -0.30
CA TYR AA 53 22.62 53.89 0.98
C TYR AA 53 24.13 53.89 1.22
N VAL AA 54 24.90 53.64 0.17
CA VAL AA 54 26.36 53.64 0.30
C VAL AA 54 26.85 55.02 0.71
N ILE AA 55 26.43 56.06 0.00
CA ILE AA 55 26.84 57.42 0.35
C ILE AA 55 26.24 57.81 1.69
N GLY AA 56 24.96 57.48 1.91
CA GLY AA 56 24.35 57.66 3.21
C GLY AA 56 24.03 59.10 3.58
N ARG AA 57 23.14 59.73 2.82
CA ARG AA 57 22.63 61.06 3.13
C ARG AA 57 23.75 62.10 3.18
N GLY AA 58 24.37 62.32 2.03
CA GLY AA 58 25.36 63.37 1.89
C GLY AA 58 26.58 63.18 2.76
N GLY AA 59 27.39 62.18 2.43
CA GLY AA 59 28.57 61.91 3.23
C GLY AA 59 28.22 61.20 4.53
N ARG AA 60 29.12 61.34 5.51
CA ARG AA 60 28.96 60.79 6.85
C ARG AA 60 29.01 59.26 6.85
N ARG AA 61 29.10 58.66 5.68
CA ARG AA 61 29.26 57.22 5.57
C ARG AA 61 30.47 56.91 4.69
N ILE AA 62 30.64 57.69 3.61
CA ILE AA 62 31.80 57.52 2.75
C ILE AA 62 33.07 57.89 3.50
N ARG AA 63 33.03 58.98 4.27
CA ARG AA 63 34.20 59.35 5.07
C ARG AA 63 34.51 58.29 6.10
N GLU AA 64 33.47 57.70 6.71
CA GLU AA 64 33.69 56.63 7.67
C GLU AA 64 34.33 55.42 7.01
N LEU AA 65 33.87 55.06 5.81
CA LEU AA 65 34.46 53.94 5.10
C LEU AA 65 35.91 54.21 4.73
N THR AA 66 36.23 55.43 4.28
CA THR AA 66 37.60 55.76 3.96
C THR AA 66 38.48 55.67 5.20
N ARG AA 67 38.00 56.20 6.33
CA ARG AA 67 38.78 56.13 7.56
C ARG AA 67 39.02 54.70 7.99
N ILE AA 68 37.98 53.85 7.90
CA ILE AA 68 38.12 52.45 8.30
C ILE AA 68 39.12 51.75 7.38
N LEU AA 69 39.02 51.99 6.07
CA LEU AA 69 39.92 51.34 5.13
C LEU AA 69 41.36 51.76 5.39
N GLU AA 70 41.60 53.04 5.69
CA GLU AA 70 42.96 53.48 5.90
C GLU AA 70 43.51 52.97 7.23
N ARG AA 71 42.69 52.96 8.28
CA ARG AA 71 43.19 52.54 9.58
C ARG AA 71 43.21 51.03 9.74
N GLN AA 72 42.04 50.39 9.67
CA GLN AA 72 41.95 48.97 9.96
C GLN AA 72 42.71 48.13 8.94
N PHE AA 73 42.64 48.49 7.67
CA PHE AA 73 43.38 47.81 6.62
C PHE AA 73 44.56 48.66 6.18
N GLY AA 74 45.36 48.12 5.27
CA GLY AA 74 46.62 48.73 4.93
C GLY AA 74 46.61 49.68 3.74
N LEU AA 75 45.42 50.07 3.28
CA LEU AA 75 45.33 50.99 2.16
C LEU AA 75 45.87 52.36 2.54
N GLU AA 76 46.64 52.96 1.64
CA GLU AA 76 47.24 54.27 1.87
C GLU AA 76 46.53 55.30 1.00
N ASN AA 77 46.10 56.40 1.63
CA ASN AA 77 45.41 57.50 0.95
C ASN AA 77 44.28 56.99 0.07
N PRO AA 78 43.25 56.38 0.65
CA PRO AA 78 42.17 55.81 -0.15
C PRO AA 78 41.27 56.88 -0.73
N GLN AA 79 40.54 56.49 -1.77
CA GLN AA 79 39.62 57.40 -2.46
C GLN AA 79 38.52 56.56 -3.06
N ILE AA 80 37.31 56.64 -2.50
CA ILE AA 80 36.22 55.72 -2.82
C ILE AA 80 35.31 56.36 -3.85
N ASP AA 81 35.07 55.63 -4.94
CA ASP AA 81 34.07 55.98 -5.93
C ASP AA 81 33.02 54.88 -5.97
N VAL AA 82 31.76 55.28 -6.14
CA VAL AA 82 30.63 54.36 -6.15
C VAL AA 82 30.02 54.36 -7.55
N GLN AA 83 29.85 53.16 -8.10
CA GLN AA 83 29.27 53.03 -9.44
C GLN AA 83 28.07 52.08 -9.41
N GLU AA 84 27.58 51.72 -10.59
CA GLU AA 84 26.38 50.90 -10.72
C GLU AA 84 26.74 49.55 -11.31
N ILE AA 85 26.03 48.51 -10.85
CA ILE AA 85 26.29 47.15 -11.31
C ILE AA 85 25.96 47.03 -12.79
N LYS AA 86 26.79 46.29 -13.51
CA LYS AA 86 26.67 46.24 -14.96
C LYS AA 86 25.45 45.43 -15.40
N ASN AA 87 25.42 44.14 -15.04
CA ASN AA 87 24.35 43.24 -15.44
C ASN AA 87 23.80 42.56 -14.18
N PRO AA 88 22.89 43.23 -13.48
CA PRO AA 88 22.40 42.67 -12.21
C PRO AA 88 21.71 41.32 -12.36
N TYR AA 89 21.08 41.06 -13.49
CA TYR AA 89 20.37 39.80 -13.67
C TYR AA 89 21.27 38.68 -14.19
N LEU AA 90 22.54 38.96 -14.45
CA LEU AA 90 23.50 37.92 -14.80
C LEU AA 90 24.50 37.66 -13.70
N ASN AA 91 24.33 38.27 -12.52
CA ASN AA 91 25.22 38.10 -11.39
C ASN AA 91 24.52 37.21 -10.36
N ALA AA 92 25.11 36.08 -10.04
CA ALA AA 92 24.45 35.11 -9.18
C ALA AA 92 24.43 35.56 -7.73
N LYS AA 93 25.48 36.23 -7.28
CA LYS AA 93 25.56 36.67 -5.89
C LYS AA 93 24.44 37.65 -5.56
N VAL AA 94 24.22 38.62 -6.46
CA VAL AA 94 23.18 39.62 -6.23
C VAL AA 94 21.81 38.95 -6.14
N GLN AA 95 21.53 38.04 -7.06
CA GLN AA 95 20.24 37.37 -7.07
C GLN AA 95 20.05 36.51 -5.82
N ALA AA 96 21.09 35.83 -5.38
CA ALA AA 96 20.99 35.02 -4.17
C ALA AA 96 20.68 35.90 -2.96
N VAL AA 97 21.35 37.04 -2.84
CA VAL AA 97 21.09 37.93 -1.71
C VAL AA 97 19.66 38.47 -1.79
N ARG AA 98 19.20 38.81 -3.00
CA ARG AA 98 17.84 39.30 -3.14
C ARG AA 98 16.81 38.26 -2.72
N ILE AA 99 17.03 37.00 -3.12
CA ILE AA 99 16.10 35.94 -2.73
C ILE AA 99 16.11 35.75 -1.22
N ALA AA 100 17.29 35.82 -0.61
CA ALA AA 100 17.37 35.67 0.84
C ALA AA 100 16.60 36.79 1.55
N GLN AA 101 16.76 38.03 1.07
CA GLN AA 101 16.03 39.14 1.68
C GLN AA 101 14.53 38.98 1.48
N ALA AA 102 14.10 38.53 0.30
CA ALA AA 102 12.68 38.30 0.07
C ALA AA 102 12.13 37.25 1.03
N LEU AA 103 12.90 36.19 1.27
CA LEU AA 103 12.48 35.19 2.25
C LEU AA 103 12.39 35.80 3.64
N GLU AA 104 13.35 36.63 4.01
CA GLU AA 104 13.33 37.24 5.34
C GLU AA 104 12.13 38.17 5.50
N ARG AA 105 11.65 38.76 4.41
CA ARG AA 105 10.46 39.61 4.50
C ARG AA 105 9.23 38.81 4.90
N GLY AA 106 9.09 37.59 4.38
CA GLY AA 106 7.98 36.74 4.74
C GLY AA 106 7.28 36.09 3.57
N ILE AA 107 7.88 36.18 2.39
CA ILE AA 107 7.27 35.63 1.18
C ILE AA 107 7.48 34.12 1.13
N HIS AA 108 6.47 33.41 0.62
CA HIS AA 108 6.60 31.97 0.41
C HIS AA 108 7.70 31.69 -0.59
N PHE AA 109 8.47 30.62 -0.34
CA PHE AA 109 9.71 30.43 -1.09
C PHE AA 109 9.44 30.11 -2.55
N ARG AA 110 8.33 29.44 -2.85
CA ARG AA 110 8.02 29.12 -4.25
C ARG AA 110 7.80 30.39 -5.06
N ARG AA 111 7.06 31.35 -4.51
CA ARG AA 111 6.83 32.61 -5.21
C ARG AA 111 8.13 33.33 -5.50
N ALA AA 112 9.01 33.41 -4.50
CA ALA AA 112 10.28 34.11 -4.68
C ALA AA 112 11.12 33.42 -5.75
N ALA AA 113 11.21 32.09 -5.69
CA ALA AA 113 12.01 31.36 -6.66
C ALA AA 113 11.47 31.56 -8.08
N TYR AA 114 10.15 31.46 -8.25
CA TYR AA 114 9.58 31.60 -9.58
C TYR AA 114 9.73 33.01 -10.12
N ALA AA 115 9.54 34.02 -9.26
CA ALA AA 115 9.74 35.39 -9.71
C ALA AA 115 11.18 35.62 -10.16
N ALA AA 116 12.14 35.13 -9.37
CA ALA AA 116 13.54 35.31 -9.72
C ALA AA 116 13.88 34.61 -11.03
N MET AA 117 13.42 33.37 -11.21
CA MET AA 117 13.69 32.66 -12.44
C MET AA 117 13.07 33.36 -13.63
N ARG AA 118 11.84 33.85 -13.48
CA ARG AA 118 11.17 34.55 -14.57
C ARG AA 118 11.96 35.78 -14.99
N ALA AA 119 12.39 36.59 -14.01
CA ALA AA 119 13.15 37.79 -14.35
C ALA AA 119 14.47 37.43 -15.02
N ILE AA 120 15.18 36.45 -14.48
CA ILE AA 120 16.51 36.10 -15.01
C ILE AA 120 16.40 35.60 -16.44
N MET AA 121 15.43 34.71 -16.70
CA MET AA 121 15.27 34.21 -18.05
C MET AA 121 14.77 35.30 -18.99
N SER AA 122 13.96 36.23 -18.49
CA SER AA 122 13.51 37.34 -19.31
C SER AA 122 14.65 38.24 -19.75
N ASN AA 123 15.64 38.46 -18.88
CA ASN AA 123 16.74 39.33 -19.24
C ASN AA 123 17.80 38.64 -20.10
N GLY AA 124 17.48 37.50 -20.71
CA GLY AA 124 18.36 36.90 -21.70
C GLY AA 124 19.45 35.99 -21.17
N ALA AA 125 19.07 34.97 -20.42
CA ALA AA 125 20.02 33.98 -19.91
C ALA AA 125 19.69 32.62 -20.50
N ARG AA 126 20.73 31.82 -20.75
CA ARG AA 126 20.53 30.51 -21.36
C ARG AA 126 19.98 29.50 -20.36
N GLY AA 127 20.32 29.63 -19.10
CA GLY AA 127 19.84 28.68 -18.10
C GLY AA 127 20.13 29.18 -16.70
N VAL AA 128 19.28 28.72 -15.77
CA VAL AA 128 19.38 29.13 -14.38
C VAL AA 128 18.93 27.96 -13.51
N GLU AA 129 19.55 27.83 -12.34
CA GLU AA 129 19.12 26.84 -11.35
C GLU AA 129 19.19 27.45 -9.96
N ILE AA 130 18.17 27.17 -9.16
CA ILE AA 130 18.07 27.70 -7.80
C ILE AA 130 17.79 26.54 -6.85
N ARG AA 131 18.52 26.50 -5.73
CA ARG AA 131 18.32 25.46 -4.73
C ARG AA 131 18.11 26.11 -3.37
N ILE AA 132 17.09 25.67 -2.65
CA ILE AA 132 16.74 26.24 -1.35
C ILE AA 132 16.64 25.11 -0.34
N SER AA 133 17.34 25.26 0.78
CA SER AA 133 17.40 24.21 1.80
C SER AA 133 17.19 24.80 3.19
N GLY AA 134 16.54 24.04 4.06
CA GLY AA 134 16.33 24.45 5.43
C GLY AA 134 15.03 23.88 5.97
N LYS AA 135 14.60 24.45 7.10
CA LYS AA 135 13.37 24.02 7.77
C LYS AA 135 12.17 24.73 7.14
N LEU AA 136 11.88 24.33 5.90
CA LEU AA 136 10.71 24.85 5.18
C LEU AA 136 9.50 24.01 5.55
N THR AA 137 8.47 24.65 6.09
CA THR AA 137 7.19 24.01 6.38
C THR AA 137 7.36 22.80 7.30
N GLY AA 138 7.81 23.07 8.53
CA GLY AA 138 7.93 22.05 9.54
C GLY AA 138 9.30 22.05 10.17
N GLU AA 139 9.49 21.10 11.09
CA GLU AA 139 10.75 20.98 11.82
C GLU AA 139 11.69 19.94 11.24
N ARG AA 140 11.29 19.21 10.21
CA ARG AA 140 12.16 18.29 9.50
C ARG AA 140 12.68 18.99 8.25
N ALA AA 141 13.99 19.10 8.13
CA ALA AA 141 14.58 19.90 7.07
C ALA AA 141 14.34 19.26 5.70
N LYS AA 142 14.44 20.09 4.66
CA LYS AA 142 14.10 19.68 3.31
C LYS AA 142 14.89 20.54 2.33
N SER AA 143 15.01 20.05 1.10
CA SER AA 143 15.64 20.79 0.02
C SER AA 143 14.77 20.74 -1.22
N VAL AA 144 14.68 21.86 -1.93
CA VAL AA 144 13.92 21.93 -3.17
C VAL AA 144 14.78 22.60 -4.23
N ARG AA 145 14.47 22.29 -5.49
CA ARG AA 145 15.29 22.67 -6.64
C ARG AA 145 14.40 23.15 -7.78
N PHE AA 146 14.77 24.29 -8.37
CA PHE AA 146 14.05 24.88 -9.48
C PHE AA 146 15.02 25.08 -10.64
N TYR AA 147 14.53 24.86 -11.86
CA TYR AA 147 15.43 24.77 -13.00
C TYR AA 147 14.66 25.03 -14.29
N GLN AA 148 15.35 25.64 -15.25
CA GLN AA 148 14.90 25.72 -16.64
C GLN AA 148 16.02 26.27 -17.50
N GLY AA 149 16.15 25.73 -18.70
CA GLY AA 149 17.15 26.18 -19.66
C GLY AA 149 18.27 25.18 -19.86
N TYR AA 150 19.39 25.70 -20.35
CA TYR AA 150 20.60 24.92 -20.56
C TYR AA 150 21.61 25.28 -19.48
N LEU AA 151 22.21 24.27 -18.85
CA LEU AA 151 23.15 24.51 -17.76
C LEU AA 151 24.15 23.38 -17.68
N ALA AA 152 25.45 23.68 -17.74
CA ALA AA 152 26.45 22.61 -17.67
C ALA AA 152 27.07 22.41 -16.29
N LYS AA 153 26.68 21.33 -15.64
CA LYS AA 153 27.15 20.96 -14.30
C LYS AA 153 28.61 20.51 -14.06
N VAL AA 154 29.18 19.73 -14.99
CA VAL AA 154 30.53 19.20 -14.78
C VAL AA 154 31.54 19.44 -15.92
N GLY AA 155 32.83 19.40 -15.57
CA GLY AA 155 33.88 19.62 -16.54
C GLY AA 155 34.41 21.04 -16.48
N ASN AA 156 35.42 21.29 -17.31
CA ASN AA 156 36.02 22.61 -17.36
C ASN AA 156 35.05 23.71 -17.78
N PRO AA 157 34.20 23.55 -18.81
CA PRO AA 157 33.28 24.65 -19.14
C PRO AA 157 32.37 25.06 -17.99
N ALA AA 158 31.94 24.10 -17.17
CA ALA AA 158 31.11 24.45 -16.02
C ALA AA 158 31.88 25.29 -15.02
N GLU AA 159 33.20 25.13 -14.99
CA GLU AA 159 34.01 25.89 -14.04
C GLU AA 159 34.17 27.34 -14.47
N THR AA 160 34.34 27.57 -15.77
CA THR AA 160 34.77 28.87 -16.26
C THR AA 160 33.66 29.70 -16.89
N LEU AA 161 32.48 29.14 -17.12
CA LEU AA 161 31.41 29.86 -17.78
C LEU AA 161 30.23 30.18 -16.87
N VAL AA 162 29.86 29.27 -15.98
CA VAL AA 162 28.68 29.46 -15.14
C VAL AA 162 29.04 30.35 -13.96
N SER AA 163 28.14 31.26 -13.60
CA SER AA 163 28.30 32.11 -12.44
C SER AA 163 27.51 31.54 -11.28
N LYS AA 164 28.13 31.50 -10.10
CA LYS AA 164 27.57 30.84 -8.92
C LYS AA 164 27.49 31.82 -7.77
N GLY AA 165 26.49 31.63 -6.92
CA GLY AA 165 26.33 32.48 -5.74
C GLY AA 165 25.62 31.73 -4.63
N TYR AA 166 25.95 32.10 -3.40
CA TYR AA 166 25.36 31.48 -2.22
C TYR AA 166 25.00 32.55 -1.20
N ALA AA 167 23.91 32.34 -0.49
CA ALA AA 167 23.48 33.30 0.52
C ALA AA 167 22.74 32.59 1.64
N GLN AA 168 22.72 33.24 2.81
CA GLN AA 168 22.07 32.72 4.00
C GLN AA 168 20.92 33.64 4.39
N ALA AA 169 19.79 33.05 4.75
CA ALA AA 169 18.62 33.78 5.23
C ALA AA 169 18.34 33.39 6.66
N LEU AA 170 18.33 34.36 7.56
CA LEU AA 170 18.12 34.12 8.98
C LEU AA 170 16.67 34.43 9.32
N LEU AA 171 15.89 33.38 9.56
CA LEU AA 171 14.50 33.51 9.93
C LEU AA 171 14.35 33.28 11.44
N LYS AA 172 13.10 33.23 11.89
CA LYS AA 172 12.83 33.03 13.30
C LYS AA 172 13.19 31.63 13.76
N LEU AA 173 13.03 30.63 12.88
CA LEU AA 173 13.24 29.24 13.26
C LEU AA 173 14.63 28.72 12.95
N GLY AA 174 15.46 29.48 12.23
CA GLY AA 174 16.79 29.05 11.88
C GLY AA 174 17.21 29.67 10.58
N VAL AA 175 18.27 29.13 9.99
CA VAL AA 175 18.85 29.66 8.76
C VAL AA 175 18.36 28.85 7.58
N ILE AA 176 18.31 29.50 6.42
CA ILE AA 176 17.92 28.89 5.16
C ILE AA 176 19.02 29.16 4.15
N GLY AA 177 19.49 28.13 3.47
CA GLY AA 177 20.53 28.30 2.47
C GLY AA 177 19.97 28.42 1.07
N VAL AA 178 20.52 29.37 0.31
CA VAL AA 178 20.09 29.66 -1.05
C VAL AA 178 21.29 29.58 -1.97
N LYS AA 179 21.18 28.79 -3.04
CA LYS AA 179 22.22 28.66 -4.05
C LYS AA 179 21.66 29.01 -5.42
N VAL AA 180 22.43 29.75 -6.21
CA VAL AA 180 22.01 30.20 -7.53
C VAL AA 180 23.13 29.95 -8.54
N ALA AA 181 22.78 29.43 -9.71
CA ALA AA 181 23.72 29.26 -10.81
C ALA AA 181 23.09 29.78 -12.09
N ILE AA 182 23.86 30.55 -12.87
CA ILE AA 182 23.37 31.23 -14.06
C ILE AA 182 24.37 31.04 -15.19
N MET AA 183 23.87 30.81 -16.41
CA MET AA 183 24.73 30.73 -17.57
C MET AA 183 24.52 31.94 -18.49
N PRO AA 184 25.57 32.65 -18.85
CA PRO AA 184 25.42 33.87 -19.65
C PRO AA 184 24.95 33.55 -21.06
N PRO AA 185 24.37 34.53 -21.76
CA PRO AA 185 23.88 34.26 -23.13
C PRO AA 185 24.99 34.03 -24.14
N ASP AA 186 26.20 34.49 -23.88
CA ASP AA 186 27.30 34.39 -24.83
C ASP AA 186 28.15 33.14 -24.66
N ALA AA 187 27.80 32.28 -23.71
CA ALA AA 187 28.56 31.06 -23.48
C ALA AA 187 28.38 30.09 -24.63
N ARG AA 188 29.49 29.50 -25.09
CA ARG AA 188 29.47 28.52 -26.17
C ARG AA 188 30.20 27.27 -25.71
N LEU AA 189 29.51 26.14 -25.75
CA LEU AA 189 30.09 24.87 -25.35
C LEU AA 189 31.01 24.32 -26.44
N PRO AA 190 31.93 23.43 -26.09
CA PRO AA 190 32.89 22.94 -27.09
C PRO AA 190 32.26 22.25 -28.29
N ASP AA 191 31.11 21.60 -28.13
CA ASP AA 191 30.49 20.86 -29.22
C ASP AA 191 29.43 21.66 -29.96
N GLU AA 192 29.60 22.97 -30.04
CA GLU AA 192 28.70 23.85 -30.81
C GLU AA 192 29.52 24.42 -31.97
N ILE AA 193 29.47 23.74 -33.11
CA ILE AA 193 30.25 24.09 -34.28
C ILE AA 193 29.32 24.62 -35.36
N GLU AA 194 29.73 25.70 -36.01
CA GLU AA 194 28.94 26.34 -37.05
C GLU AA 194 29.69 26.27 -38.37
N ILE AA 195 28.92 26.11 -39.45
CA ILE AA 195 29.47 26.00 -40.79
C ILE AA 195 29.51 27.38 -41.42
N ILE AA 196 30.68 27.77 -41.93
CA ILE AA 196 30.83 29.07 -42.56
C ILE AA 196 30.30 28.97 -43.99
N GLU AA 197 29.32 29.80 -44.32
CA GLU AA 197 28.71 29.77 -45.65
C GLU AA 197 29.59 30.48 -46.68
N MET BA 1 -15.78 -34.22 9.85
CA MET BA 1 -15.84 -32.79 10.13
C MET BA 1 -16.30 -32.01 8.91
N LYS BA 2 -16.77 -30.79 9.14
CA LYS BA 2 -17.18 -29.94 8.05
C LYS BA 2 -15.98 -29.26 7.41
N ARG BA 3 -16.14 -28.85 6.16
CA ARG BA 3 -15.05 -28.30 5.37
C ARG BA 3 -14.96 -26.78 5.57
N ARG BA 4 -13.76 -26.31 5.87
CA ARG BA 4 -13.44 -24.88 5.91
C ARG BA 4 -12.16 -24.67 5.11
N PRO BA 5 -12.26 -24.60 3.79
CA PRO BA 5 -11.03 -24.48 2.97
C PRO BA 5 -10.23 -23.24 3.28
N ARG BA 6 -10.82 -22.25 3.95
CA ARG BA 6 -10.07 -21.09 4.40
C ARG BA 6 -9.01 -21.46 5.42
N LYS BA 7 -9.24 -22.53 6.18
CA LYS BA 7 -8.28 -22.96 7.20
C LYS BA 7 -7.03 -23.56 6.61
N TRP BA 8 -7.06 -24.01 5.36
CA TRP BA 8 -5.91 -24.67 4.77
C TRP BA 8 -4.81 -23.68 4.39
N LYS BA 9 -5.13 -22.40 4.26
CA LYS BA 9 -4.12 -21.41 3.96
C LYS BA 9 -3.14 -21.28 5.11
N LYS BA 10 -1.86 -21.18 4.76
CA LYS BA 10 -0.78 -21.40 5.72
C LYS BA 10 -0.27 -20.12 6.37
N LYS BA 11 -0.79 -18.96 5.99
CA LYS BA 11 -0.26 -17.71 6.52
C LYS BA 11 -0.67 -17.48 7.96
N GLY BA 12 0.30 -17.52 8.88
CA GLY BA 12 0.03 -17.22 10.27
C GLY BA 12 -0.59 -18.34 11.08
N ARG BA 13 -0.37 -19.60 10.70
CA ARG BA 13 -0.95 -20.72 11.43
C ARG BA 13 -0.19 -21.98 11.08
N MET BA 14 -0.45 -23.05 11.84
CA MET BA 14 0.15 -24.33 11.54
C MET BA 14 -0.77 -25.14 10.61
N ARG BA 15 -0.24 -26.27 10.16
CA ARG BA 15 -0.93 -27.06 9.14
C ARG BA 15 -2.24 -27.61 9.67
N TRP BA 16 -3.29 -27.55 8.85
CA TRP BA 16 -4.62 -27.95 9.29
C TRP BA 16 -4.69 -29.45 9.55
N LYS BA 17 -3.97 -30.24 8.77
CA LYS BA 17 -3.98 -31.70 8.93
C LYS BA 17 -3.61 -32.09 10.36
N TRP BA 18 -2.54 -31.51 10.89
CA TRP BA 18 -2.08 -31.87 12.21
C TRP BA 18 -2.95 -31.29 13.32
N ILE BA 19 -3.58 -30.13 13.07
CA ILE BA 19 -4.57 -29.62 14.02
C ILE BA 19 -5.74 -30.59 14.14
N LYS BA 20 -6.20 -31.10 12.99
CA LYS BA 20 -7.26 -32.10 13.00
C LYS BA 20 -6.84 -33.35 13.75
N LYS BA 21 -5.62 -33.81 13.52
CA LYS BA 21 -5.12 -34.98 14.25
C LYS BA 21 -5.09 -34.72 15.76
N ARG BA 22 -4.65 -33.53 16.16
CA ARG BA 22 -4.58 -33.20 17.58
C ARG BA 22 -5.97 -33.16 18.21
N ILE BA 23 -6.94 -32.56 17.51
CA ILE BA 23 -8.30 -32.51 18.03
C ILE BA 23 -8.87 -33.92 18.17
N ARG BA 24 -8.63 -34.77 17.18
CA ARG BA 24 -9.13 -36.14 17.27
C ARG BA 24 -8.49 -36.90 18.43
N ARG BA 25 -7.20 -36.67 18.67
CA ARG BA 25 -6.58 -37.26 19.86
C ARG BA 25 -7.25 -36.77 21.13
N LEU BA 26 -7.56 -35.47 21.19
CA LEU BA 26 -8.17 -34.92 22.40
C LEU BA 26 -9.56 -35.50 22.62
N LYS BA 27 -10.33 -35.70 21.55
CA LYS BA 27 -11.70 -36.19 21.71
C LYS BA 27 -11.74 -37.64 22.17
N ARG BA 28 -10.71 -38.42 21.87
CA ARG BA 28 -10.66 -39.80 22.36
C ARG BA 28 -10.63 -39.85 23.88
N GLN BA 29 -9.83 -38.99 24.50
CA GLN BA 29 -9.65 -39.04 25.95
C GLN BA 29 -10.95 -38.70 26.68
N ARG BA 30 -11.68 -37.70 26.21
CA ARG BA 30 -12.96 -37.35 26.82
C ARG BA 30 -13.93 -38.51 26.72
N LYS BA 31 -13.96 -39.18 25.57
CA LYS BA 31 -14.88 -40.31 25.40
C LYS BA 31 -14.56 -41.45 26.35
N LYS BA 32 -13.27 -41.73 26.58
CA LYS BA 32 -12.90 -42.80 27.50
C LYS BA 32 -13.33 -42.49 28.93
N GLU BA 33 -13.13 -41.25 29.37
CA GLU BA 33 -13.53 -40.88 30.72
C GLU BA 33 -15.04 -40.87 30.88
N ARG BA 34 -15.77 -40.59 29.80
CA ARG BA 34 -17.23 -40.63 29.85
C ARG BA 34 -17.75 -42.04 30.07
N GLY BA 35 -17.07 -43.06 29.55
CA GLY BA 35 -17.53 -44.42 29.71
C GLY BA 35 -17.29 -44.99 31.08
N LEU BA 36 -16.45 -44.34 31.88
CA LEU BA 36 -16.15 -44.81 33.23
C LEU BA 36 -17.21 -44.35 34.22
N ALA CA 2 32.53 80.44 54.87
CA ALA CA 2 33.09 79.58 55.90
C ALA CA 2 31.99 78.93 56.72
N LYS CA 3 31.51 79.64 57.73
CA LYS CA 3 30.44 79.14 58.60
C LYS CA 3 29.68 80.33 59.16
N PRO CA 4 28.35 80.27 59.25
CA PRO CA 4 27.60 81.40 59.83
C PRO CA 4 28.01 81.72 61.25
N SER CA 5 28.47 80.74 62.02
CA SER CA 5 28.93 81.01 63.38
C SER CA 5 30.37 81.52 63.34
N TYR CA 6 30.63 82.51 62.50
CA TYR CA 6 31.94 83.16 62.45
C TYR CA 6 31.69 84.56 61.89
N VAL CA 7 31.64 85.55 62.77
CA VAL CA 7 31.24 86.91 62.40
C VAL CA 7 32.46 87.59 61.78
N LYS CA 8 32.52 87.60 60.45
CA LYS CA 8 33.53 88.34 59.71
C LYS CA 8 33.05 89.75 59.36
N PHE CA 9 31.90 89.85 58.71
CA PHE CA 9 31.21 91.11 58.51
C PHE CA 9 29.75 90.79 58.17
N GLU CA 10 29.01 91.80 57.71
CA GLU CA 10 27.59 91.63 57.44
C GLU CA 10 27.41 90.89 56.12
N VAL CA 11 26.17 90.89 55.61
CA VAL CA 11 25.85 90.21 54.36
C VAL CA 11 25.45 91.23 53.30
N PRO CA 12 26.41 91.89 52.65
CA PRO CA 12 26.04 92.85 51.60
C PRO CA 12 25.33 92.16 50.45
N LYS CA 13 24.32 92.85 49.90
CA LYS CA 13 23.57 92.27 48.79
C LYS CA 13 24.42 92.20 47.53
N GLU CA 14 25.23 93.24 47.27
CA GLU CA 14 26.03 93.27 46.04
C GLU CA 14 27.04 92.14 46.01
N LEU CA 15 27.56 91.73 47.18
CA LEU CA 15 28.47 90.59 47.21
C LEU CA 15 27.79 89.34 46.68
N ALA CA 16 26.58 89.06 47.14
CA ALA CA 16 25.82 87.92 46.63
C ALA CA 16 25.49 88.08 45.15
N GLU CA 17 25.12 89.30 44.74
CA GLU CA 17 24.78 89.54 43.34
C GLU CA 17 25.95 89.23 42.42
N LYS CA 18 27.14 89.66 42.80
CA LYS CA 18 28.32 89.46 41.95
C LYS CA 18 29.01 88.12 42.18
N ALA CA 19 28.67 87.40 43.25
CA ALA CA 19 29.28 86.10 43.51
C ALA CA 19 28.43 84.93 43.02
N LEU CA 20 27.11 85.10 42.95
CA LEU CA 20 26.23 84.04 42.48
C LEU CA 20 25.80 84.24 41.04
N GLN CA 21 25.28 85.43 40.70
CA GLN CA 21 24.72 85.71 39.39
C GLN CA 21 25.78 86.02 38.33
N ALA CA 22 27.06 85.76 38.61
CA ALA CA 22 28.13 86.00 37.65
C ALA CA 22 28.94 84.74 37.35
N VAL CA 23 28.42 83.57 37.74
CA VAL CA 23 29.15 82.33 37.55
C VAL CA 23 28.41 81.45 36.56
N GLU CA 24 27.09 81.57 36.50
CA GLU CA 24 26.32 80.84 35.50
C GLU CA 24 26.71 81.29 34.10
N ILE CA 25 26.85 82.59 33.90
CA ILE CA 25 27.35 83.11 32.63
C ILE CA 25 28.84 82.84 32.45
N ALA CA 26 29.53 82.39 33.49
CA ALA CA 26 30.92 82.00 33.43
C ALA CA 26 31.11 80.49 33.49
N ARG CA 27 30.07 79.75 33.89
CA ARG CA 27 30.18 78.30 33.97
C ARG CA 27 30.41 77.67 32.60
N ASP CA 28 29.66 78.12 31.59
CA ASP CA 28 29.77 77.57 30.24
C ASP CA 28 31.03 78.03 29.52
N THR CA 29 31.73 79.04 30.02
CA THR CA 29 32.94 79.58 29.40
C THR CA 29 34.08 79.58 30.40
N GLY CA 30 34.13 78.55 31.24
CA GLY CA 30 35.18 78.47 32.23
C GLY CA 30 35.27 77.07 32.80
N LYS CA 31 36.15 76.93 33.80
CA LYS CA 31 36.37 75.66 34.46
C LYS CA 31 35.95 75.78 35.92
N ILE CA 32 35.55 74.64 36.51
CA ILE CA 32 35.02 74.61 37.87
C ILE CA 32 35.76 73.53 38.64
N ARG CA 33 36.15 73.85 39.88
CA ARG CA 33 36.84 72.92 40.76
C ARG CA 33 36.24 73.06 42.16
N LYS CA 34 35.43 72.09 42.55
CA LYS CA 34 34.77 72.12 43.85
C LYS CA 34 35.68 71.49 44.90
N GLY CA 35 35.14 71.28 46.10
CA GLY CA 35 35.86 70.59 47.15
C GLY CA 35 36.84 71.46 47.90
N THR CA 36 36.77 71.42 49.24
CA THR CA 36 37.71 72.19 50.03
C THR CA 36 39.13 71.67 49.91
N ASN CA 37 39.32 70.34 49.93
CA ASN CA 37 40.67 69.79 49.84
C ASN CA 37 41.30 70.08 48.49
N GLU CA 38 40.54 69.94 47.40
CA GLU CA 38 41.07 70.23 46.07
C GLU CA 38 41.40 71.71 45.93
N THR CA 39 40.50 72.58 46.39
CA THR CA 39 40.73 74.01 46.26
C THR CA 39 41.85 74.49 47.17
N THR CA 40 42.11 73.77 48.26
CA THR CA 40 43.17 74.16 49.18
C THR CA 40 44.53 74.17 48.49
N LYS CA 41 44.81 73.13 47.70
CA LYS CA 41 46.03 73.13 46.89
C LYS CA 41 45.97 74.22 45.85
N ALA CA 42 44.80 74.45 45.25
CA ALA CA 42 44.66 75.49 44.23
C ALA CA 42 44.93 76.86 44.81
N VAL CA 43 44.35 77.17 45.97
CA VAL CA 43 44.57 78.48 46.58
C VAL CA 43 46.00 78.62 47.08
N GLU CA 44 46.57 77.54 47.63
CA GLU CA 44 47.95 77.60 48.10
C GLU CA 44 48.91 77.84 46.95
N ARG CA 45 48.67 77.22 45.81
CA ARG CA 45 49.49 77.43 44.62
C ARG CA 45 48.98 78.55 43.73
N GLY CA 46 47.88 79.19 44.10
CA GLY CA 46 47.32 80.28 43.30
C GLY CA 46 46.59 79.83 42.06
N GLN CA 47 46.22 78.55 41.96
CA GLN CA 47 45.54 78.07 40.76
C GLN CA 47 44.16 78.69 40.62
N ALA CA 48 43.43 78.82 41.72
CA ALA CA 48 42.08 79.37 41.68
C ALA CA 48 42.10 80.85 41.32
N LYS CA 49 41.01 81.31 40.71
CA LYS CA 49 40.85 82.71 40.33
C LYS CA 49 39.69 83.39 41.04
N LEU CA 50 38.58 82.68 41.28
CA LEU CA 50 37.45 83.21 42.04
C LEU CA 50 37.12 82.23 43.14
N VAL CA 51 37.45 82.58 44.38
CA VAL CA 51 37.21 81.73 45.54
C VAL CA 51 35.93 82.20 46.19
N ILE CA 52 34.83 81.49 45.93
CA ILE CA 52 33.53 81.82 46.53
C ILE CA 52 33.31 80.84 47.66
N ILE CA 53 33.59 81.29 48.89
CA ILE CA 53 33.52 80.45 50.08
C ILE CA 53 32.13 80.61 50.68
N ALA CA 54 31.33 79.56 50.60
CA ALA CA 54 30.02 79.52 51.22
C ALA CA 54 30.13 79.17 52.70
N GLU CA 55 29.15 79.61 53.47
CA GLU CA 55 29.13 79.39 54.91
C GLU CA 55 28.24 78.19 55.23
N ASP CA 56 28.79 77.00 55.01
CA ASP CA 56 28.05 75.77 55.24
C ASP CA 56 28.88 74.65 55.84
N VAL CA 57 30.16 74.88 56.15
CA VAL CA 57 31.08 73.82 56.53
C VAL CA 57 31.34 73.91 58.02
N ASP CA 58 30.92 72.89 58.76
CA ASP CA 58 31.14 72.81 60.20
C ASP CA 58 31.88 71.53 60.55
N PRO CA 59 32.75 71.56 61.57
CA PRO CA 59 33.09 72.75 62.36
C PRO CA 59 34.11 73.63 61.67
N GLU CA 60 34.75 74.52 62.44
CA GLU CA 60 35.80 75.39 61.92
C GLU CA 60 37.15 74.65 61.93
N GLU CA 61 37.17 73.50 61.27
CA GLU CA 61 38.36 72.66 61.20
C GLU CA 61 38.96 72.68 59.81
N ILE CA 62 38.19 72.34 58.78
CA ILE CA 62 38.65 72.45 57.40
C ILE CA 62 38.40 73.84 56.84
N VAL CA 63 37.61 74.67 57.51
CA VAL CA 63 37.38 76.03 57.07
C VAL CA 63 38.45 76.99 57.59
N ALA CA 64 39.19 76.61 58.64
CA ALA CA 64 40.21 77.48 59.21
C ALA CA 64 41.53 77.33 58.47
N HIS CA 65 41.47 77.38 57.15
CA HIS CA 65 42.66 77.40 56.31
C HIS CA 65 42.67 78.55 55.32
N LEU CA 66 41.50 78.93 54.79
CA LEU CA 66 41.44 79.95 53.74
C LEU CA 66 41.53 81.36 54.30
N PRO CA 67 40.82 81.70 55.38
CA PRO CA 67 41.02 83.02 56.00
C PRO CA 67 42.45 83.21 56.50
N PRO CA 68 43.07 82.23 57.16
CA PRO CA 68 44.48 82.42 57.55
C PRO CA 68 45.43 82.53 56.37
N LEU CA 69 45.04 82.03 55.19
CA LEU CA 69 45.90 82.09 54.02
C LEU CA 69 45.52 83.23 53.07
N CYS CA 70 44.47 83.99 53.38
CA CYS CA 70 44.02 85.04 52.47
C CYS CA 70 45.07 86.14 52.34
N GLU CA 71 45.73 86.49 53.44
CA GLU CA 71 46.74 87.53 53.40
C GLU CA 71 48.03 87.11 52.70
N GLU CA 72 48.17 85.83 52.37
CA GLU CA 72 49.40 85.34 51.74
C GLU CA 72 49.41 85.50 50.23
N LYS CA 73 48.24 85.49 49.59
CA LYS CA 73 48.14 85.64 48.15
C LYS CA 73 47.06 86.68 47.83
N GLU CA 74 46.91 86.99 46.55
CA GLU CA 74 45.85 87.90 46.15
C GLU CA 74 44.48 87.32 46.46
N ILE CA 75 44.27 86.05 46.13
CA ILE CA 75 43.08 85.25 46.44
C ILE CA 75 41.81 86.09 46.36
N PRO CA 76 41.38 86.50 45.15
CA PRO CA 76 40.10 87.21 45.05
C PRO CA 76 38.96 86.33 45.49
N TYR CA 77 38.35 86.64 46.64
CA TYR CA 77 37.38 85.76 47.24
C TYR CA 77 36.13 86.52 47.66
N ILE CA 78 34.99 85.86 47.50
CA ILE CA 78 33.69 86.36 47.92
C ILE CA 78 33.03 85.29 48.77
N TYR CA 79 31.88 85.63 49.35
CA TYR CA 79 31.13 84.71 50.20
C TYR CA 79 29.76 84.44 49.60
N VAL CA 80 29.24 83.25 49.89
CA VAL CA 80 27.99 82.76 49.31
C VAL CA 80 27.01 82.50 50.44
N PRO CA 81 25.76 82.94 50.34
CA PRO CA 81 24.81 82.67 51.44
C PRO CA 81 24.36 81.22 51.52
N SER CA 82 24.07 80.59 50.38
CA SER CA 82 23.50 79.26 50.34
C SER CA 82 24.40 78.30 49.58
N LYS CA 83 24.19 77.00 49.83
CA LYS CA 83 24.97 75.95 49.19
C LYS CA 83 24.18 75.08 48.24
N LYS CA 84 22.86 74.95 48.43
CA LYS CA 84 22.07 74.02 47.64
C LYS CA 84 22.09 74.39 46.15
N GLU CA 85 21.92 75.67 45.84
CA GLU CA 85 21.94 76.14 44.47
C GLU CA 85 23.33 76.59 44.03
N LEU CA 86 24.31 76.56 44.93
CA LEU CA 86 25.67 76.94 44.56
C LEU CA 86 26.23 76.01 43.50
N GLY CA 87 26.00 74.70 43.67
CA GLY CA 87 26.36 73.76 42.63
C GLY CA 87 25.55 73.92 41.37
N ALA CA 88 24.28 74.31 41.52
CA ALA CA 88 23.43 74.53 40.34
C ALA CA 88 23.94 75.69 39.50
N ALA CA 89 24.45 76.74 40.15
CA ALA CA 89 24.97 77.88 39.41
C ALA CA 89 26.16 77.47 38.55
N ALA CA 90 27.04 76.63 39.09
CA ALA CA 90 28.18 76.11 38.32
C ALA CA 90 28.60 74.79 38.94
N GLY CA 91 28.31 73.69 38.26
CA GLY CA 91 28.67 72.38 38.77
C GLY CA 91 27.60 71.33 38.59
N ILE CA 92 27.25 70.63 39.66
CA ILE CA 92 26.30 69.53 39.62
C ILE CA 92 25.33 69.70 40.78
N GLU CA 93 24.26 68.90 40.74
CA GLU CA 93 23.15 69.02 41.67
C GLU CA 93 23.46 68.47 43.05
N VAL CA 94 24.45 69.05 43.73
CA VAL CA 94 24.82 68.68 45.08
C VAL CA 94 25.04 69.96 45.89
N ALA CA 95 25.43 69.77 47.14
CA ALA CA 95 25.75 70.88 48.03
C ALA CA 95 27.24 71.18 47.91
N ALA CA 96 27.56 72.36 47.37
CA ALA CA 96 28.93 72.77 47.13
C ALA CA 96 29.37 73.81 48.15
N ALA CA 97 30.67 73.82 48.43
CA ALA CA 97 31.25 74.74 49.40
C ALA CA 97 32.15 75.79 48.77
N SER CA 98 32.83 75.47 47.67
CA SER CA 98 33.71 76.43 47.01
C SER CA 98 33.85 76.02 45.55
N VAL CA 99 33.29 76.81 44.65
CA VAL CA 99 33.36 76.56 43.22
C VAL CA 99 34.36 77.55 42.64
N ALA CA 100 35.57 77.08 42.38
CA ALA CA 100 36.65 77.92 41.87
C ALA CA 100 36.59 77.93 40.34
N ILE CA 101 36.41 79.11 39.76
CA ILE CA 101 36.43 79.30 38.32
C ILE CA 101 37.70 80.05 37.96
N ILE CA 102 38.49 79.47 37.06
CA ILE CA 102 39.77 80.04 36.65
C ILE CA 102 39.65 80.48 35.20
N GLU CA 103 39.97 81.75 34.94
CA GLU CA 103 39.89 82.37 33.63
C GLU CA 103 38.50 82.19 33.01
N PRO CA 104 37.47 82.84 33.55
CA PRO CA 104 36.15 82.77 32.94
C PRO CA 104 36.01 83.76 31.79
N GLY CA 105 35.02 83.48 30.93
CA GLY CA 105 34.81 84.32 29.76
C GLY CA 105 33.77 85.40 30.02
N LYS CA 106 34.15 86.65 29.74
CA LYS CA 106 33.23 87.79 29.79
C LYS CA 106 32.58 87.93 31.16
N ALA CA 107 33.38 87.73 32.20
CA ALA CA 107 32.94 87.88 33.59
C ALA CA 107 33.98 88.66 34.36
N ARG CA 108 34.45 89.77 33.80
CA ARG CA 108 35.59 90.51 34.32
C ARG CA 108 35.19 91.79 35.05
N ASP CA 109 34.30 92.59 34.48
CA ASP CA 109 34.01 93.91 35.05
C ASP CA 109 33.33 93.79 36.41
N LEU CA 110 32.26 93.00 36.50
CA LEU CA 110 31.54 92.88 37.76
C LEU CA 110 32.39 92.21 38.83
N VAL CA 111 33.14 91.18 38.44
CA VAL CA 111 34.02 90.48 39.39
C VAL CA 111 35.09 91.43 39.91
N GLU CA 112 35.69 92.22 39.02
CA GLU CA 112 36.70 93.17 39.45
C GLU CA 112 36.11 94.23 40.37
N GLU CA 113 34.91 94.72 40.05
CA GLU CA 113 34.28 95.72 40.90
C GLU CA 113 33.98 95.17 42.28
N ILE CA 114 33.45 93.95 42.35
CA ILE CA 114 33.15 93.38 43.67
C ILE CA 114 34.44 93.04 44.42
N ALA CA 115 35.50 92.65 43.70
CA ALA CA 115 36.78 92.42 44.35
C ALA CA 115 37.33 93.70 44.96
N MET CA 116 37.23 94.82 44.23
CA MET CA 116 37.65 96.10 44.78
C MET CA 116 36.79 96.49 45.97
N LYS CA 117 35.49 96.21 45.89
CA LYS CA 117 34.60 96.51 47.01
C LYS CA 117 35.02 95.72 48.25
N VAL CA 118 35.36 94.45 48.08
CA VAL CA 118 35.82 93.64 49.22
C VAL CA 118 37.16 94.16 49.73
N ARG CA 119 38.05 94.56 48.83
CA ARG CA 119 39.34 95.10 49.23
C ARG CA 119 39.17 96.35 50.10
N GLU CA 120 38.28 97.26 49.68
CA GLU CA 120 38.04 98.47 50.45
C GLU CA 120 37.03 98.27 51.57
N LEU CA 121 36.45 97.07 51.70
CA LEU CA 121 35.50 96.77 52.76
C LEU CA 121 36.20 96.22 54.00
N MET CA 122 36.87 95.08 53.86
CA MET CA 122 37.57 94.44 54.96
C MET CA 122 38.51 93.36 54.44
N LYS CA 123 39.75 93.38 54.89
CA LYS CA 123 40.73 92.38 54.50
C LYS CA 123 41.70 92.08 55.63
N VAL FA 37 21.93 5.27 47.66
CA VAL FA 37 21.66 6.43 48.51
C VAL FA 37 20.25 6.40 49.13
N PRO FA 38 19.21 6.08 48.34
CA PRO FA 38 17.89 5.89 48.95
C PRO FA 38 17.87 4.67 49.85
N LEU FA 39 16.99 4.72 50.85
CA LEU FA 39 16.84 3.65 51.82
C LEU FA 39 15.38 3.20 51.89
N PRO FA 40 15.14 1.93 52.23
CA PRO FA 40 13.76 1.44 52.33
C PRO FA 40 12.97 2.18 53.40
N GLU FA 41 11.68 2.36 53.15
CA GLU FA 41 10.79 3.06 54.05
C GLU FA 41 9.51 2.26 54.25
N GLY FA 42 9.08 2.15 55.49
CA GLY FA 42 7.86 1.41 55.79
C GLY FA 42 8.02 -0.06 55.46
N ASN FA 43 7.10 -0.59 54.65
CA ASN FA 43 7.14 -1.99 54.26
C ASN FA 43 8.29 -2.32 53.32
N GLN FA 44 8.95 -1.31 52.74
CA GLN FA 44 10.05 -1.57 51.84
C GLN FA 44 11.21 -2.23 52.57
N LEU FA 45 11.92 -3.10 51.85
CA LEU FA 45 13.06 -3.81 52.41
C LEU FA 45 13.97 -4.24 51.27
N PHE FA 46 15.13 -4.77 51.62
CA PHE FA 46 16.10 -5.23 50.64
C PHE FA 46 15.75 -6.63 50.14
N GLY FA 47 16.03 -6.88 48.86
CA GLY FA 47 15.77 -8.17 48.28
C GLY FA 47 16.83 -8.50 47.23
N VAL FA 48 16.94 -9.79 46.93
CA VAL FA 48 17.90 -10.29 45.96
C VAL FA 48 17.14 -10.97 44.83
N VAL FA 49 17.45 -10.59 43.60
CA VAL FA 49 16.81 -11.21 42.45
C VAL FA 49 17.26 -12.65 42.32
N GLU FA 50 16.29 -13.57 42.22
CA GLU FA 50 16.57 -15.00 42.17
C GLU FA 50 16.33 -15.62 40.80
N GLN FA 51 15.27 -15.23 40.11
CA GLN FA 51 14.94 -15.82 38.82
C GLN FA 51 14.07 -14.84 38.03
N ALA FA 52 14.22 -14.90 36.71
CA ALA FA 52 13.42 -14.10 35.80
C ALA FA 52 12.35 -15.00 35.18
N LEU FA 53 11.08 -14.66 35.40
CA LEU FA 53 9.97 -15.44 34.91
C LEU FA 53 9.42 -14.94 33.59
N GLY FA 54 9.98 -13.88 33.03
CA GLY FA 54 9.49 -13.33 31.78
C GLY FA 54 8.27 -12.45 31.97
N ALA FA 55 7.88 -11.79 30.88
CA ALA FA 55 6.73 -10.89 30.86
C ALA FA 55 6.84 -9.80 31.91
N GLY FA 56 8.05 -9.34 32.19
CA GLY FA 56 8.26 -8.33 33.21
C GLY FA 56 7.95 -8.80 34.62
N TRP FA 57 8.24 -10.07 34.92
CA TRP FA 57 8.05 -10.63 36.25
C TRP FA 57 9.38 -11.16 36.76
N MET FA 58 9.62 -10.98 38.06
CA MET FA 58 10.87 -11.44 38.65
C MET FA 58 10.62 -12.16 39.95
N ASP FA 59 11.59 -12.97 40.35
CA ASP FA 59 11.51 -13.70 41.60
C ASP FA 59 12.52 -13.06 42.52
N VAL FA 60 12.07 -12.62 43.70
CA VAL FA 60 12.97 -11.96 44.64
C VAL FA 60 12.87 -12.45 46.08
N ARG FA 61 14.01 -12.90 46.60
CA ARG FA 61 14.13 -13.35 47.98
C ARG FA 61 14.39 -12.14 48.87
N CYS FA 62 13.55 -11.97 49.88
CA CYS FA 62 13.63 -10.81 50.76
C CYS FA 62 14.53 -11.11 51.96
N GLU FA 63 14.78 -10.07 52.75
CA GLU FA 63 15.65 -10.17 53.92
C GLU FA 63 14.93 -10.70 55.16
N ASP FA 64 13.77 -11.32 54.99
CA ASP FA 64 13.06 -11.95 56.11
C ASP FA 64 12.74 -13.42 55.87
N GLY FA 65 12.87 -13.91 54.65
CA GLY FA 65 12.64 -15.30 54.35
C GLY FA 65 11.42 -15.62 53.49
N LYS FA 66 10.92 -14.65 52.72
CA LYS FA 66 9.75 -14.84 51.88
C LYS FA 66 10.14 -14.63 50.42
N ILE FA 67 9.82 -15.59 49.58
CA ILE FA 67 10.04 -15.45 48.14
C ILE FA 67 8.79 -14.79 47.53
N ARG FA 68 9.00 -13.68 46.83
CA ARG FA 68 7.90 -12.88 46.32
C ARG FA 68 7.99 -12.78 44.80
N ARG FA 69 6.86 -12.96 44.14
CA ARG FA 69 6.76 -12.83 42.68
C ARG FA 69 6.44 -11.37 42.38
N CYS FA 70 7.47 -10.61 42.05
CA CYS FA 70 7.36 -9.16 41.90
C CYS FA 70 7.18 -8.75 40.45
N ARG FA 71 6.53 -7.60 40.26
CA ARG FA 71 6.26 -7.03 38.96
C ARG FA 71 7.09 -5.78 38.76
N ILE FA 72 7.62 -5.59 37.57
CA ILE FA 72 8.49 -4.47 37.24
C ILE FA 72 7.62 -3.30 36.79
N PRO FA 73 7.60 -2.18 37.51
CA PRO FA 73 6.81 -1.03 37.07
C PRO FA 73 7.33 -0.47 35.76
N GLY FA 74 6.41 0.08 34.96
CA GLY FA 74 6.74 0.55 33.62
C GLY FA 74 7.63 1.78 33.60
N LYS FA 75 7.60 2.60 34.66
CA LYS FA 75 8.41 3.81 34.66
C LYS FA 75 9.90 3.49 34.65
N LEU FA 76 10.32 2.50 35.44
CA LEU FA 76 11.72 2.10 35.50
C LEU FA 76 12.02 0.89 34.62
N ARG FA 77 11.01 0.29 34.00
CA ARG FA 77 11.24 -0.86 33.13
C ARG FA 77 11.82 -0.46 31.78
N ARG FA 78 11.63 0.79 31.36
CA ARG FA 78 12.06 1.25 30.05
C ARG FA 78 13.42 1.94 30.09
N ARG FA 79 14.08 1.98 31.24
CA ARG FA 79 15.33 2.72 31.37
C ARG FA 79 16.51 1.88 31.84
N VAL FA 80 16.30 0.97 32.80
CA VAL FA 80 17.39 0.26 33.46
C VAL FA 80 17.24 -1.23 33.19
N TRP FA 81 18.30 -1.84 32.66
CA TRP FA 81 18.38 -3.28 32.53
C TRP FA 81 18.75 -3.90 33.87
N ILE FA 82 18.11 -5.01 34.20
CA ILE FA 82 18.34 -5.71 35.46
C ILE FA 82 18.62 -7.18 35.15
N ARG FA 83 19.67 -7.72 35.78
CA ARG FA 83 20.05 -9.10 35.61
C ARG FA 83 19.78 -9.89 36.88
N VAL FA 84 19.97 -11.20 36.80
CA VAL FA 84 19.72 -12.08 37.94
C VAL FA 84 20.83 -11.90 38.97
N GLY FA 85 20.43 -11.68 40.22
CA GLY FA 85 21.39 -11.54 41.31
C GLY FA 85 21.80 -10.10 41.58
N ASP FA 86 20.82 -9.22 41.76
CA ASP FA 86 21.08 -7.82 42.05
C ASP FA 86 20.25 -7.37 43.23
N LEU FA 87 20.77 -6.39 43.96
CA LEU FA 87 20.07 -5.84 45.12
C LEU FA 87 19.07 -4.78 44.67
N VAL FA 88 17.82 -4.92 45.11
CA VAL FA 88 16.74 -4.01 44.75
C VAL FA 88 15.89 -3.73 45.98
N ILE FA 89 15.02 -2.74 45.86
CA ILE FA 89 14.09 -2.36 46.92
C ILE FA 89 12.72 -2.94 46.58
N VAL FA 90 12.19 -3.74 47.49
CA VAL FA 90 10.94 -4.47 47.29
C VAL FA 90 9.86 -3.82 48.15
N GLN FA 91 8.78 -3.37 47.50
CA GLN FA 91 7.63 -2.81 48.19
C GLN FA 91 6.47 -3.78 48.10
N PRO FA 92 6.00 -4.36 49.21
CA PRO FA 92 4.87 -5.27 49.14
C PRO FA 92 3.59 -4.58 48.70
N TRP FA 93 2.72 -5.34 48.05
CA TRP FA 93 1.44 -4.81 47.62
C TRP FA 93 0.54 -4.54 48.83
N PRO FA 94 -0.34 -3.54 48.74
CA PRO FA 94 -1.28 -3.30 49.85
C PRO FA 94 -2.23 -4.46 50.12
N VAL FA 95 -2.45 -5.32 49.13
CA VAL FA 95 -3.30 -6.50 49.28
C VAL FA 95 -2.44 -7.73 49.10
N GLN FA 96 -2.56 -8.69 50.03
CA GLN FA 96 -1.79 -9.93 50.01
C GLN FA 96 -0.28 -9.62 50.04
N SER FA 97 0.14 -8.98 51.13
CA SER FA 97 1.54 -8.60 51.28
C SER FA 97 2.39 -9.77 51.79
N ASP FA 98 2.26 -10.92 51.13
CA ASP FA 98 3.03 -12.10 51.48
C ASP FA 98 3.68 -12.81 50.31
N LYS FA 99 3.17 -12.64 49.10
CA LYS FA 99 3.72 -13.31 47.92
C LYS FA 99 3.93 -12.38 46.73
N ARG FA 100 3.36 -11.19 46.72
CA ARG FA 100 3.46 -10.28 45.58
C ARG FA 100 4.02 -8.94 46.05
N GLY FA 101 4.78 -8.31 45.15
CA GLY FA 101 5.37 -7.03 45.44
C GLY FA 101 5.83 -6.35 44.19
N ASP FA 102 6.48 -5.20 44.36
CA ASP FA 102 7.04 -4.44 43.26
C ASP FA 102 8.49 -4.11 43.56
N ILE FA 103 9.25 -3.85 42.50
CA ILE FA 103 10.65 -3.44 42.59
C ILE FA 103 10.71 -1.95 42.26
N VAL FA 104 11.21 -1.15 43.19
CA VAL FA 104 11.14 0.29 43.05
C VAL FA 104 12.50 0.96 42.85
N TYR FA 105 13.60 0.28 43.13
CA TYR FA 105 14.92 0.88 42.96
C TYR FA 105 15.98 -0.21 42.93
N ARG FA 106 17.02 0.02 42.12
CA ARG FA 106 18.15 -0.89 42.01
C ARG FA 106 19.44 -0.13 42.28
N TYR FA 107 20.37 -0.77 42.98
CA TYR FA 107 21.65 -0.18 43.32
C TYR FA 107 22.73 -0.62 42.34
N THR FA 108 23.80 0.16 42.29
CA THR FA 108 24.96 -0.13 41.45
C THR FA 108 26.10 -0.69 42.29
N GLN FA 109 27.16 -1.12 41.60
CA GLN FA 109 28.29 -1.74 42.28
C GLN FA 109 28.95 -0.78 43.25
N THR FA 110 29.14 0.48 42.84
CA THR FA 110 29.69 1.48 43.75
C THR FA 110 28.76 1.70 44.94
N GLN FA 111 27.45 1.76 44.69
CA GLN FA 111 26.49 1.89 45.78
C GLN FA 111 26.49 0.67 46.67
N VAL FA 112 26.68 -0.53 46.09
CA VAL FA 112 26.76 -1.75 46.89
C VAL FA 112 27.96 -1.68 47.82
N ASP FA 113 29.11 -1.25 47.30
CA ASP FA 113 30.30 -1.13 48.13
C ASP FA 113 30.12 -0.06 49.21
N TRP FA 114 29.45 1.05 48.86
CA TRP FA 114 29.19 2.09 49.85
C TRP FA 114 28.30 1.58 50.98
N LEU FA 115 27.26 0.82 50.63
CA LEU FA 115 26.39 0.23 51.65
C LEU FA 115 27.15 -0.78 52.50
N LEU FA 116 28.04 -1.56 51.87
CA LEU FA 116 28.85 -2.51 52.63
C LEU FA 116 29.75 -1.79 53.62
N ARG FA 117 30.36 -0.68 53.21
CA ARG FA 117 31.19 0.10 54.13
C ARG FA 117 30.35 0.72 55.25
N LYS FA 118 29.15 1.19 54.91
CA LYS FA 118 28.28 1.76 55.93
C LYS FA 118 27.87 0.71 56.96
N GLY FA 119 27.58 -0.51 56.51
CA GLY FA 119 27.20 -1.58 57.41
C GLY FA 119 25.71 -1.91 57.36
N LYS FA 120 25.09 -1.68 56.20
CA LYS FA 120 23.67 -1.96 56.03
C LYS FA 120 23.41 -3.28 55.30
N ILE FA 121 24.38 -3.76 54.52
CA ILE FA 121 24.26 -5.04 53.84
C ILE FA 121 25.46 -5.90 54.22
N THR FA 122 25.26 -7.22 54.21
CA THR FA 122 26.28 -8.17 54.62
C THR FA 122 26.54 -9.16 53.49
N GLN FA 123 27.64 -9.90 53.64
CA GLN FA 123 27.99 -10.91 52.65
C GLN FA 123 26.99 -12.05 52.62
N GLU FA 124 26.44 -12.42 53.79
CA GLU FA 124 25.46 -13.51 53.84
C GLU FA 124 24.22 -13.17 53.05
N PHE FA 125 23.73 -11.93 53.16
CA PHE FA 125 22.55 -11.53 52.40
C PHE FA 125 22.81 -11.56 50.90
N LEU FA 126 23.99 -11.11 50.48
CA LEU FA 126 24.34 -11.17 49.07
C LEU FA 126 24.43 -12.61 48.58
N THR FA 127 25.00 -13.50 49.39
CA THR FA 127 25.13 -14.91 49.02
C THR FA 127 23.91 -15.74 49.42
N GLY FA 128 22.97 -15.17 50.17
CA GLY FA 128 21.78 -15.89 50.57
C GLY FA 128 22.06 -17.00 51.58
#